data_2M5D
#
_entry.id   2M5D
#
loop_
_entity.id
_entity.type
_entity.pdbx_description
1 polymer 'Beta-lactamase 2'
2 non-polymer 'ZINC ION'
3 non-polymer '(2R)-phenyl(sulfanyl)ethanoic acid'
#
_entity_poly.entity_id   1
_entity_poly.type   'polypeptide(L)'
_entity_poly.pdbx_seq_one_letter_code
;SQKVEKTVIKNETGTISISQLNKNVWVHTELGSFNGEAVPSNGLVLNTSKGLVLVDSSWDDKLTKELIEMVEKKFQKRVT
DVIITHAHADRIGGIKTLKERGIKAHSTALTAELAKKNGYEEPLGDLQTVTNLKFGNMKVETFYPGKGHTEDNIVVWLPQ
YNILVGGCLVKSTSAKDLGNVADAYVNEWSTSIENVLKRYRNINAVVPGHGEVGDKGLLLHTLDLLK
;
_entity_poly.pdbx_strand_id   A
#
# COMPACT_ATOMS: atom_id res chain seq x y z
N SER A 1 -23.16 -17.92 8.59
CA SER A 1 -23.74 -17.13 7.52
C SER A 1 -23.07 -17.45 6.19
N GLN A 2 -23.79 -17.18 5.09
CA GLN A 2 -23.26 -17.43 3.76
C GLN A 2 -24.19 -16.87 2.69
N LYS A 3 -23.67 -16.71 1.48
CA LYS A 3 -24.46 -16.18 0.37
C LYS A 3 -25.04 -14.81 0.73
N VAL A 4 -24.24 -13.76 0.52
CA VAL A 4 -24.69 -12.41 0.81
C VAL A 4 -24.11 -11.41 -0.19
N GLU A 5 -24.86 -10.36 -0.47
CA GLU A 5 -24.42 -9.34 -1.42
C GLU A 5 -24.02 -8.06 -0.69
N LYS A 6 -23.05 -8.19 0.22
CA LYS A 6 -22.58 -7.05 0.99
C LYS A 6 -21.08 -6.84 0.77
N THR A 7 -20.64 -5.59 0.88
CA THR A 7 -19.23 -5.25 0.70
C THR A 7 -18.82 -4.08 1.59
N VAL A 8 -17.56 -3.69 1.50
CA VAL A 8 -17.04 -2.57 2.27
C VAL A 8 -17.16 -2.85 3.77
N ILE A 9 -16.07 -3.31 4.37
CA ILE A 9 -16.05 -3.61 5.79
C ILE A 9 -15.65 -2.40 6.61
N LYS A 10 -16.10 -2.35 7.86
CA LYS A 10 -15.78 -1.23 8.75
C LYS A 10 -15.65 -1.71 10.19
N ASN A 11 -14.86 -0.99 10.98
CA ASN A 11 -14.64 -1.35 12.38
C ASN A 11 -15.63 -0.62 13.28
N GLU A 12 -15.74 -1.08 14.52
CA GLU A 12 -16.66 -0.48 15.49
C GLU A 12 -16.46 1.03 15.56
N THR A 13 -15.20 1.46 15.42
CA THR A 13 -14.88 2.88 15.47
C THR A 13 -14.99 3.52 14.10
N GLY A 14 -14.71 2.74 13.06
CA GLY A 14 -14.79 3.26 11.70
C GLY A 14 -13.44 3.74 11.19
N THR A 15 -12.49 3.88 12.09
CA THR A 15 -11.15 4.34 11.72
C THR A 15 -10.60 3.53 10.55
N ILE A 16 -10.96 2.26 10.49
CA ILE A 16 -10.50 1.38 9.43
C ILE A 16 -11.68 0.80 8.65
N SER A 17 -11.47 0.56 7.36
CA SER A 17 -12.51 0.01 6.49
C SER A 17 -11.93 -0.44 5.16
N ILE A 18 -12.74 -1.16 4.38
CA ILE A 18 -12.31 -1.65 3.08
C ILE A 18 -13.38 -1.41 2.02
N SER A 19 -13.12 -1.89 0.81
CA SER A 19 -14.06 -1.72 -0.29
C SER A 19 -13.69 -2.63 -1.46
N GLN A 20 -14.68 -3.32 -2.01
CA GLN A 20 -14.46 -4.22 -3.14
C GLN A 20 -14.13 -3.44 -4.41
N LEU A 21 -12.93 -3.67 -4.94
CA LEU A 21 -12.50 -2.98 -6.15
C LEU A 21 -12.59 -3.90 -7.36
N ASN A 22 -12.18 -5.15 -7.18
CA ASN A 22 -12.22 -6.13 -8.25
C ASN A 22 -12.60 -7.51 -7.72
N LYS A 23 -12.48 -8.53 -8.57
CA LYS A 23 -12.80 -9.89 -8.19
C LYS A 23 -12.10 -10.27 -6.89
N ASN A 24 -10.80 -9.99 -6.82
CA ASN A 24 -10.02 -10.31 -5.62
C ASN A 24 -9.13 -9.13 -5.24
N VAL A 25 -9.59 -7.92 -5.56
CA VAL A 25 -8.83 -6.71 -5.23
C VAL A 25 -9.68 -5.75 -4.40
N TRP A 26 -9.20 -5.43 -3.21
CA TRP A 26 -9.90 -4.53 -2.31
C TRP A 26 -9.00 -3.38 -1.88
N VAL A 27 -9.61 -2.28 -1.43
CA VAL A 27 -8.86 -1.12 -0.99
C VAL A 27 -9.19 -0.77 0.46
N HIS A 28 -8.24 -1.02 1.36
CA HIS A 28 -8.43 -0.73 2.77
C HIS A 28 -7.74 0.58 3.17
N THR A 29 -8.41 1.38 3.98
CA THR A 29 -7.86 2.65 4.43
C THR A 29 -8.11 2.87 5.91
N GLU A 30 -7.04 3.11 6.66
CA GLU A 30 -7.14 3.34 8.10
C GLU A 30 -6.82 4.78 8.45
N LEU A 31 -6.93 5.12 9.73
CA LEU A 31 -6.66 6.47 10.19
C LEU A 31 -5.77 6.45 11.43
N GLY A 32 -4.76 7.32 11.45
CA GLY A 32 -3.85 7.38 12.58
C GLY A 32 -3.51 8.81 12.97
N SER A 33 -3.69 9.13 14.24
CA SER A 33 -3.41 10.48 14.74
C SER A 33 -2.01 10.92 14.33
N PHE A 34 -1.85 12.22 14.09
CA PHE A 34 -0.56 12.76 13.69
C PHE A 34 -0.61 14.29 13.66
N ASN A 35 0.27 14.92 14.43
CA ASN A 35 0.33 16.38 14.49
C ASN A 35 -0.98 16.95 15.04
N GLY A 36 -1.59 16.23 15.97
CA GLY A 36 -2.85 16.68 16.54
C GLY A 36 -3.99 16.67 15.55
N GLU A 37 -3.92 15.77 14.57
CA GLU A 37 -4.95 15.67 13.54
C GLU A 37 -5.06 14.25 13.02
N ALA A 38 -5.96 14.03 12.08
CA ALA A 38 -6.17 12.71 11.50
C ALA A 38 -5.56 12.63 10.10
N VAL A 39 -4.93 11.51 9.80
CA VAL A 39 -4.30 11.31 8.50
C VAL A 39 -4.57 9.90 7.97
N PRO A 40 -5.50 9.81 6.99
CA PRO A 40 -5.87 8.54 6.38
C PRO A 40 -4.76 7.96 5.51
N SER A 41 -4.61 6.64 5.55
CA SER A 41 -3.58 5.96 4.77
C SER A 41 -4.20 4.90 3.85
N ASN A 42 -4.25 5.20 2.56
CA ASN A 42 -4.82 4.27 1.59
C ASN A 42 -4.05 2.96 1.59
N GLY A 43 -4.70 1.90 1.08
CA GLY A 43 -4.06 0.60 1.03
C GLY A 43 -4.72 -0.33 0.02
N LEU A 44 -4.49 -1.63 0.19
CA LEU A 44 -5.07 -2.62 -0.70
C LEU A 44 -4.98 -4.02 -0.10
N VAL A 45 -5.98 -4.84 -0.36
CA VAL A 45 -6.00 -6.20 0.15
C VAL A 45 -6.28 -7.21 -0.97
N LEU A 46 -5.51 -8.29 -0.98
CA LEU A 46 -5.66 -9.33 -2.00
C LEU A 46 -6.38 -10.54 -1.42
N ASN A 47 -7.33 -11.07 -2.19
CA ASN A 47 -8.09 -12.25 -1.77
C ASN A 47 -7.64 -13.49 -2.52
N THR A 48 -6.48 -14.02 -2.16
CA THR A 48 -5.94 -15.21 -2.81
C THR A 48 -6.54 -16.48 -2.21
N SER A 49 -6.15 -17.63 -2.75
CA SER A 49 -6.65 -18.91 -2.27
C SER A 49 -5.62 -19.59 -1.39
N LYS A 50 -4.81 -18.79 -0.69
CA LYS A 50 -3.78 -19.31 0.19
C LYS A 50 -3.43 -18.30 1.28
N GLY A 51 -4.37 -17.41 1.58
CA GLY A 51 -4.14 -16.40 2.60
C GLY A 51 -4.16 -14.99 2.03
N LEU A 52 -4.93 -14.11 2.68
CA LEU A 52 -5.03 -12.72 2.24
C LEU A 52 -3.67 -12.04 2.24
N VAL A 53 -3.60 -10.87 1.60
CA VAL A 53 -2.36 -10.12 1.54
C VAL A 53 -2.62 -8.62 1.67
N LEU A 54 -1.70 -7.92 2.33
CA LEU A 54 -1.83 -6.48 2.53
C LEU A 54 -0.69 -5.74 1.83
N VAL A 55 -1.05 -4.74 1.03
CA VAL A 55 -0.07 -3.94 0.30
C VAL A 55 0.58 -2.91 1.22
N ASP A 56 0.12 -2.86 2.46
CA ASP A 56 0.66 -1.92 3.43
C ASP A 56 -0.06 -2.06 4.77
N SER A 57 0.73 -2.14 5.85
CA SER A 57 0.17 -2.27 7.19
C SER A 57 -0.50 -0.98 7.63
N SER A 58 -0.81 -0.89 8.93
CA SER A 58 -1.45 0.29 9.48
C SER A 58 -0.42 1.25 10.06
N TRP A 59 -0.90 2.30 10.71
CA TRP A 59 -0.02 3.30 11.31
C TRP A 59 0.76 2.71 12.48
N ASP A 60 0.09 1.91 13.29
CA ASP A 60 0.72 1.28 14.44
C ASP A 60 0.23 -0.15 14.62
N ASP A 61 0.98 -0.95 15.37
CA ASP A 61 0.63 -2.34 15.61
C ASP A 61 -0.76 -2.45 16.20
N LYS A 62 -1.10 -1.51 17.08
CA LYS A 62 -2.41 -1.50 17.73
C LYS A 62 -3.51 -1.11 16.74
N LEU A 63 -3.11 -0.39 15.69
CA LEU A 63 -4.06 0.05 14.68
C LEU A 63 -4.33 -1.06 13.66
N THR A 64 -3.25 -1.71 13.22
CA THR A 64 -3.38 -2.79 12.24
C THR A 64 -4.09 -4.00 12.85
N LYS A 65 -4.01 -4.12 14.17
CA LYS A 65 -4.65 -5.23 14.87
C LYS A 65 -6.13 -5.33 14.50
N GLU A 66 -6.78 -4.18 14.36
CA GLU A 66 -8.19 -4.14 14.01
C GLU A 66 -8.38 -4.20 12.49
N LEU A 67 -7.29 -3.98 11.77
CA LEU A 67 -7.33 -4.02 10.31
C LEU A 67 -7.34 -5.45 9.80
N ILE A 68 -6.47 -6.28 10.36
CA ILE A 68 -6.40 -7.69 9.96
C ILE A 68 -7.60 -8.47 10.45
N GLU A 69 -8.13 -8.08 11.61
CA GLU A 69 -9.29 -8.74 12.18
C GLU A 69 -10.52 -8.57 11.29
N MET A 70 -10.44 -7.60 10.38
CA MET A 70 -11.54 -7.33 9.46
C MET A 70 -11.46 -8.24 8.24
N VAL A 71 -10.33 -8.20 7.55
CA VAL A 71 -10.12 -9.01 6.36
C VAL A 71 -10.30 -10.49 6.67
N GLU A 72 -9.87 -10.90 7.85
CA GLU A 72 -9.99 -12.30 8.26
C GLU A 72 -11.34 -12.56 8.91
N LYS A 73 -12.41 -12.13 8.24
CA LYS A 73 -13.76 -12.32 8.75
C LYS A 73 -14.74 -12.56 7.61
N LYS A 74 -14.59 -11.81 6.53
CA LYS A 74 -15.46 -11.95 5.37
C LYS A 74 -14.77 -12.74 4.26
N PHE A 75 -13.44 -12.74 4.29
CA PHE A 75 -12.66 -13.46 3.28
C PHE A 75 -12.39 -14.89 3.73
N GLN A 76 -13.06 -15.31 4.79
CA GLN A 76 -12.89 -16.66 5.32
C GLN A 76 -11.45 -17.14 5.13
N LYS A 77 -10.50 -16.28 5.47
CA LYS A 77 -9.08 -16.61 5.33
C LYS A 77 -8.24 -15.81 6.31
N ARG A 78 -6.93 -16.01 6.26
CA ARG A 78 -6.01 -15.31 7.15
C ARG A 78 -4.91 -14.61 6.35
N VAL A 79 -4.42 -13.49 6.88
CA VAL A 79 -3.36 -12.74 6.22
C VAL A 79 -1.99 -13.30 6.55
N THR A 80 -1.21 -13.61 5.52
CA THR A 80 0.13 -14.16 5.70
C THR A 80 1.13 -13.49 4.77
N ASP A 81 0.84 -12.25 4.39
CA ASP A 81 1.72 -11.50 3.51
C ASP A 81 1.48 -10.00 3.64
N VAL A 82 2.56 -9.24 3.72
CA VAL A 82 2.46 -7.78 3.86
C VAL A 82 3.53 -7.08 3.02
N ILE A 83 3.13 -6.60 1.85
CA ILE A 83 4.06 -5.91 0.96
C ILE A 83 4.32 -4.48 1.43
N ILE A 84 5.59 -4.14 1.60
CA ILE A 84 5.97 -2.81 2.05
C ILE A 84 6.71 -2.05 0.96
N THR A 85 6.19 -0.88 0.60
CA THR A 85 6.79 -0.05 -0.44
C THR A 85 7.96 0.75 0.12
N HIS A 86 7.71 1.48 1.20
CA HIS A 86 8.75 2.30 1.83
C HIS A 86 8.73 2.13 3.35
N ALA A 87 9.77 2.61 4.01
CA ALA A 87 9.87 2.52 5.46
C ALA A 87 9.18 3.70 6.14
N HIS A 88 7.95 3.48 6.59
CA HIS A 88 7.18 4.52 7.25
C HIS A 88 6.17 3.92 8.22
N ALA A 89 5.70 4.74 9.16
CA ALA A 89 4.72 4.28 10.14
C ALA A 89 3.47 3.74 9.47
N ASP A 90 3.18 4.25 8.28
CA ASP A 90 2.01 3.82 7.53
C ASP A 90 2.34 2.65 6.62
N ARG A 91 3.53 2.08 6.82
CA ARG A 91 3.97 0.94 6.02
C ARG A 91 4.33 -0.25 6.90
N ILE A 92 5.19 -0.01 7.89
CA ILE A 92 5.60 -1.06 8.80
C ILE A 92 5.15 -0.77 10.23
N GLY A 93 4.19 0.15 10.36
CA GLY A 93 3.68 0.51 11.67
C GLY A 93 3.24 -0.70 12.47
N GLY A 94 2.84 -1.76 11.77
CA GLY A 94 2.39 -2.97 12.44
C GLY A 94 3.39 -4.11 12.30
N ILE A 95 4.62 -3.77 11.96
CA ILE A 95 5.66 -4.78 11.78
C ILE A 95 5.70 -5.74 12.96
N LYS A 96 5.34 -5.24 14.14
CA LYS A 96 5.33 -6.06 15.34
C LYS A 96 4.23 -7.12 15.27
N THR A 97 3.05 -6.72 14.82
CA THR A 97 1.93 -7.63 14.70
C THR A 97 2.15 -8.64 13.59
N LEU A 98 2.84 -8.22 12.54
CA LEU A 98 3.13 -9.10 11.41
C LEU A 98 4.02 -10.26 11.84
N LYS A 99 4.82 -10.04 12.87
CA LYS A 99 5.71 -11.07 13.38
C LYS A 99 5.12 -11.75 14.62
N GLU A 100 3.81 -11.61 14.78
CA GLU A 100 3.12 -12.21 15.92
C GLU A 100 2.09 -13.23 15.45
N ARG A 101 1.63 -13.09 14.21
CA ARG A 101 0.64 -13.99 13.64
C ARG A 101 1.26 -14.84 12.54
N GLY A 102 2.58 -14.78 12.41
CA GLY A 102 3.28 -15.55 11.40
C GLY A 102 3.26 -14.86 10.05
N ILE A 103 2.99 -13.57 10.05
CA ILE A 103 2.93 -12.80 8.80
C ILE A 103 4.33 -12.36 8.37
N LYS A 104 4.48 -12.08 7.08
CA LYS A 104 5.76 -11.65 6.53
C LYS A 104 5.63 -10.27 5.88
N ALA A 105 6.39 -9.31 6.39
CA ALA A 105 6.37 -7.95 5.85
C ALA A 105 7.40 -7.79 4.73
N HIS A 106 7.03 -8.26 3.54
CA HIS A 106 7.93 -8.17 2.39
C HIS A 106 8.38 -6.73 2.16
N SER A 107 9.60 -6.56 1.66
CA SER A 107 10.15 -5.24 1.41
C SER A 107 11.57 -5.34 0.86
N THR A 108 12.04 -4.24 0.28
CA THR A 108 13.39 -4.20 -0.29
C THR A 108 14.44 -3.98 0.80
N ALA A 109 15.66 -4.42 0.53
CA ALA A 109 16.76 -4.28 1.48
C ALA A 109 16.88 -2.83 1.95
N LEU A 110 16.50 -1.90 1.08
CA LEU A 110 16.56 -0.48 1.41
C LEU A 110 15.44 -0.08 2.37
N THR A 111 14.24 -0.59 2.11
CA THR A 111 13.09 -0.28 2.94
C THR A 111 13.38 -0.60 4.41
N ALA A 112 14.28 -1.55 4.63
CA ALA A 112 14.65 -1.94 5.99
C ALA A 112 15.79 -1.07 6.52
N GLU A 113 16.62 -0.58 5.62
CA GLU A 113 17.75 0.26 5.99
C GLU A 113 17.27 1.51 6.72
N LEU A 114 16.04 1.92 6.44
CA LEU A 114 15.47 3.10 7.07
C LEU A 114 14.58 2.71 8.25
N ALA A 115 14.06 1.50 8.21
CA ALA A 115 13.19 1.01 9.28
C ALA A 115 13.91 1.04 10.64
N LYS A 116 14.98 0.26 10.75
CA LYS A 116 15.76 0.20 11.98
C LYS A 116 16.22 1.60 12.40
N LYS A 117 16.35 2.49 11.42
CA LYS A 117 16.80 3.85 11.68
C LYS A 117 15.74 4.62 12.47
N ASN A 118 14.49 4.19 12.36
CA ASN A 118 13.39 4.83 13.07
C ASN A 118 13.09 4.11 14.39
N GLY A 119 13.38 2.82 14.42
CA GLY A 119 13.14 2.04 15.63
C GLY A 119 12.28 0.82 15.37
N TYR A 120 11.80 0.69 14.14
CA TYR A 120 10.96 -0.44 13.76
C TYR A 120 11.71 -1.76 13.96
N GLU A 121 11.09 -2.85 13.52
CA GLU A 121 11.69 -4.17 13.65
C GLU A 121 12.34 -4.60 12.33
N GLU A 122 12.27 -3.73 11.33
CA GLU A 122 12.85 -4.03 10.02
C GLU A 122 12.12 -5.19 9.35
N PRO A 123 11.59 -4.93 8.15
CA PRO A 123 10.85 -5.93 7.38
C PRO A 123 11.77 -7.03 6.85
N LEU A 124 11.22 -7.88 5.98
CA LEU A 124 11.99 -8.98 5.40
C LEU A 124 13.29 -8.48 4.80
N GLY A 125 13.23 -7.33 4.13
CA GLY A 125 14.42 -6.76 3.52
C GLY A 125 15.14 -7.75 2.63
N ASP A 126 14.44 -8.24 1.60
CA ASP A 126 15.02 -9.21 0.68
C ASP A 126 14.36 -9.11 -0.69
N LEU A 127 14.29 -7.89 -1.22
CA LEU A 127 13.67 -7.67 -2.53
C LEU A 127 14.58 -6.84 -3.42
N GLN A 128 14.08 -6.49 -4.61
CA GLN A 128 14.86 -5.70 -5.56
C GLN A 128 13.95 -4.76 -6.35
N THR A 129 14.50 -4.18 -7.41
CA THR A 129 13.74 -3.25 -8.24
C THR A 129 12.39 -3.85 -8.64
N VAL A 130 12.40 -5.12 -9.01
CA VAL A 130 11.18 -5.81 -9.41
C VAL A 130 11.17 -7.25 -8.90
N THR A 131 10.00 -7.72 -8.48
CA THR A 131 9.85 -9.07 -7.97
C THR A 131 8.46 -9.63 -8.26
N ASN A 132 8.40 -10.62 -9.14
CA ASN A 132 7.13 -11.24 -9.51
C ASN A 132 6.60 -12.11 -8.37
N LEU A 133 5.71 -11.54 -7.56
CA LEU A 133 5.13 -12.27 -6.44
C LEU A 133 3.93 -13.09 -6.89
N LYS A 134 3.69 -14.22 -6.21
CA LYS A 134 2.57 -15.08 -6.54
C LYS A 134 2.05 -15.79 -5.30
N PHE A 135 0.89 -15.37 -4.82
CA PHE A 135 0.29 -15.96 -3.63
C PHE A 135 -0.97 -16.75 -3.99
N GLY A 136 -0.88 -18.08 -3.87
CA GLY A 136 -2.02 -18.92 -4.19
C GLY A 136 -2.53 -18.70 -5.59
N ASN A 137 -3.60 -17.94 -5.73
CA ASN A 137 -4.19 -17.66 -7.04
C ASN A 137 -4.19 -16.15 -7.31
N MET A 138 -3.00 -15.55 -7.32
CA MET A 138 -2.87 -14.13 -7.57
C MET A 138 -1.56 -13.83 -8.28
N LYS A 139 -1.53 -12.72 -9.02
CA LYS A 139 -0.34 -12.31 -9.75
C LYS A 139 0.06 -10.88 -9.39
N VAL A 140 1.25 -10.72 -8.81
CA VAL A 140 1.75 -9.41 -8.43
C VAL A 140 3.20 -9.22 -8.85
N GLU A 141 3.63 -7.97 -8.96
CA GLU A 141 4.99 -7.65 -9.35
C GLU A 141 5.39 -6.24 -8.90
N THR A 142 6.47 -6.15 -8.15
CA THR A 142 6.96 -4.87 -7.65
C THR A 142 7.62 -4.07 -8.76
N PHE A 143 8.08 -2.86 -8.42
CA PHE A 143 8.73 -1.99 -9.39
C PHE A 143 9.32 -0.76 -8.71
N TYR A 144 10.54 -0.40 -9.09
CA TYR A 144 11.22 0.75 -8.51
C TYR A 144 11.46 1.83 -9.57
N PRO A 145 10.51 2.77 -9.68
CA PRO A 145 10.60 3.87 -10.64
C PRO A 145 11.69 4.87 -10.29
N GLY A 146 11.72 5.30 -9.03
CA GLY A 146 12.72 6.25 -8.58
C GLY A 146 12.41 6.81 -7.20
N LYS A 147 13.17 7.83 -6.80
CA LYS A 147 12.97 8.45 -5.50
C LYS A 147 11.87 9.50 -5.55
N GLY A 148 10.87 9.34 -4.70
CA GLY A 148 9.75 10.28 -4.66
C GLY A 148 9.34 10.64 -3.25
N HIS A 149 8.41 9.86 -2.69
CA HIS A 149 7.92 10.10 -1.34
C HIS A 149 8.96 9.67 -0.31
N THR A 150 9.78 8.69 -0.67
CA THR A 150 10.82 8.18 0.22
C THR A 150 12.01 7.67 -0.56
N GLU A 151 13.17 7.61 0.10
CA GLU A 151 14.39 7.14 -0.54
C GLU A 151 14.25 5.67 -0.97
N ASP A 152 13.36 4.95 -0.29
CA ASP A 152 13.13 3.55 -0.61
C ASP A 152 11.66 3.29 -0.93
N ASN A 153 11.12 4.08 -1.86
CA ASN A 153 9.72 3.95 -2.25
C ASN A 153 9.61 3.18 -3.56
N ILE A 154 8.57 2.35 -3.66
CA ILE A 154 8.34 1.56 -4.86
C ILE A 154 6.85 1.41 -5.15
N VAL A 155 6.52 1.11 -6.40
CA VAL A 155 5.13 0.94 -6.81
C VAL A 155 4.79 -0.53 -7.01
N VAL A 156 3.52 -0.87 -6.78
CA VAL A 156 3.06 -2.24 -6.93
C VAL A 156 2.29 -2.42 -8.23
N TRP A 157 2.53 -3.55 -8.90
CA TRP A 157 1.86 -3.84 -10.17
C TRP A 157 1.20 -5.21 -10.13
N LEU A 158 0.12 -5.37 -10.88
CA LEU A 158 -0.61 -6.63 -10.92
C LEU A 158 -0.83 -7.08 -12.36
N PRO A 159 0.07 -7.95 -12.86
CA PRO A 159 0.00 -8.48 -14.22
C PRO A 159 -1.18 -9.43 -14.41
N GLN A 160 -2.39 -8.88 -14.44
CA GLN A 160 -3.59 -9.67 -14.62
C GLN A 160 -4.83 -8.80 -14.60
N TYR A 161 -4.80 -7.74 -13.80
CA TYR A 161 -5.92 -6.82 -13.69
C TYR A 161 -5.54 -5.42 -14.13
N ASN A 162 -4.23 -5.19 -14.28
CA ASN A 162 -3.72 -3.90 -14.71
C ASN A 162 -3.93 -2.85 -13.62
N ILE A 163 -4.01 -3.29 -12.38
CA ILE A 163 -4.20 -2.39 -11.25
C ILE A 163 -2.88 -2.04 -10.59
N LEU A 164 -2.54 -0.75 -10.62
CA LEU A 164 -1.29 -0.28 -10.00
C LEU A 164 -1.57 0.42 -8.68
N VAL A 165 -0.72 0.14 -7.69
CA VAL A 165 -0.87 0.76 -6.37
C VAL A 165 0.38 1.54 -5.99
N GLY A 166 0.62 2.64 -6.69
CA GLY A 166 1.79 3.46 -6.41
C GLY A 166 1.90 3.82 -4.94
N GLY A 167 0.81 4.36 -4.38
CA GLY A 167 0.82 4.74 -2.98
C GLY A 167 1.08 6.22 -2.78
N CYS A 168 1.94 6.55 -1.82
CA CYS A 168 2.27 7.94 -1.54
C CYS A 168 2.92 8.60 -2.74
N LEU A 169 3.56 7.79 -3.59
CA LEU A 169 4.23 8.30 -4.78
C LEU A 169 3.22 8.87 -5.76
N VAL A 170 2.18 8.10 -6.05
CA VAL A 170 1.15 8.52 -6.98
C VAL A 170 0.00 9.22 -6.25
N LYS A 171 0.04 10.55 -6.21
CA LYS A 171 -0.98 11.32 -5.54
C LYS A 171 -2.31 11.24 -6.30
N SER A 172 -3.41 11.41 -5.58
CA SER A 172 -4.73 11.36 -6.19
C SER A 172 -5.01 12.63 -6.98
N THR A 173 -6.07 12.59 -7.80
CA THR A 173 -6.46 13.74 -8.60
C THR A 173 -6.98 14.88 -7.74
N SER A 174 -7.79 14.53 -6.75
CA SER A 174 -8.36 15.52 -5.85
C SER A 174 -7.26 16.33 -5.15
N ALA A 175 -6.12 15.68 -4.95
CA ALA A 175 -4.98 16.32 -4.30
C ALA A 175 -4.65 17.65 -4.97
N LYS A 176 -3.93 18.51 -4.24
CA LYS A 176 -3.54 19.82 -4.75
C LYS A 176 -2.02 19.94 -4.83
N ASP A 177 -1.33 19.29 -3.91
CA ASP A 177 0.13 19.33 -3.87
C ASP A 177 0.68 18.06 -3.24
N LEU A 178 2.00 18.00 -3.10
CA LEU A 178 2.67 16.84 -2.51
C LEU A 178 2.74 16.98 -0.99
N GLY A 179 2.95 18.20 -0.51
CA GLY A 179 3.04 18.44 0.91
C GLY A 179 4.46 18.42 1.43
N ASN A 180 4.63 18.10 2.70
CA ASN A 180 5.96 18.04 3.31
C ASN A 180 6.89 17.15 2.49
N VAL A 181 8.05 17.71 2.14
CA VAL A 181 9.04 16.97 1.35
C VAL A 181 10.37 16.92 2.07
N ALA A 182 10.34 16.95 3.39
CA ALA A 182 11.55 16.92 4.20
C ALA A 182 12.38 15.66 3.89
N ASP A 183 11.71 14.52 3.84
CA ASP A 183 12.38 13.24 3.55
C ASP A 183 11.91 12.68 2.22
N ALA A 184 11.76 13.56 1.23
CA ALA A 184 11.32 13.15 -0.10
C ALA A 184 12.18 13.78 -1.18
N TYR A 185 12.07 13.26 -2.40
CA TYR A 185 12.84 13.77 -3.52
C TYR A 185 11.91 14.34 -4.60
N VAL A 186 11.65 15.64 -4.52
CA VAL A 186 10.78 16.30 -5.48
C VAL A 186 11.45 16.39 -6.85
N ASN A 187 12.77 16.34 -6.86
CA ASN A 187 13.53 16.41 -8.10
C ASN A 187 13.56 15.07 -8.80
N GLU A 188 13.41 14.00 -8.03
CA GLU A 188 13.41 12.64 -8.59
C GLU A 188 11.99 12.14 -8.79
N TRP A 189 11.06 12.71 -8.04
CA TRP A 189 9.65 12.31 -8.15
C TRP A 189 9.18 12.34 -9.60
N SER A 190 9.36 13.48 -10.25
CA SER A 190 8.95 13.64 -11.64
C SER A 190 9.52 12.51 -12.50
N THR A 191 10.71 12.05 -12.15
CA THR A 191 11.37 10.98 -12.90
C THR A 191 10.75 9.62 -12.56
N SER A 192 10.32 9.47 -11.32
CA SER A 192 9.71 8.22 -10.87
C SER A 192 8.38 7.98 -11.57
N ILE A 193 7.50 8.97 -11.51
CA ILE A 193 6.19 8.87 -12.13
C ILE A 193 6.31 8.58 -13.63
N GLU A 194 7.25 9.26 -14.28
CA GLU A 194 7.47 9.07 -15.71
C GLU A 194 7.87 7.63 -16.00
N ASN A 195 8.36 6.93 -14.98
CA ASN A 195 8.78 5.54 -15.13
C ASN A 195 7.63 4.59 -14.84
N VAL A 196 6.74 5.00 -13.94
CA VAL A 196 5.59 4.18 -13.57
C VAL A 196 4.52 4.19 -14.66
N LEU A 197 4.16 5.39 -15.09
CA LEU A 197 3.15 5.56 -16.14
C LEU A 197 3.64 4.97 -17.47
N LYS A 198 4.95 4.90 -17.62
CA LYS A 198 5.55 4.36 -18.84
C LYS A 198 5.63 2.84 -18.78
N ARG A 199 6.04 2.32 -17.64
CA ARG A 199 6.16 0.88 -17.46
C ARG A 199 4.85 0.18 -17.82
N TYR A 200 3.74 0.88 -17.65
CA TYR A 200 2.43 0.33 -17.96
C TYR A 200 1.50 1.40 -18.53
N ARG A 201 1.03 1.19 -19.75
CA ARG A 201 0.14 2.13 -20.40
C ARG A 201 -1.23 1.50 -20.66
N ASN A 202 -1.71 0.75 -19.67
CA ASN A 202 -3.02 0.10 -19.79
C ASN A 202 -3.64 -0.10 -18.41
N ILE A 203 -3.19 0.68 -17.44
CA ILE A 203 -3.72 0.59 -16.08
C ILE A 203 -5.24 0.69 -16.07
N ASN A 204 -5.86 -0.02 -15.13
CA ASN A 204 -7.31 -0.02 -15.01
C ASN A 204 -7.76 0.80 -13.79
N ALA A 205 -6.89 0.85 -12.77
CA ALA A 205 -7.20 1.59 -11.56
C ALA A 205 -5.92 1.92 -10.78
N VAL A 206 -5.85 3.13 -10.25
CA VAL A 206 -4.69 3.56 -9.48
C VAL A 206 -5.09 4.00 -8.08
N VAL A 207 -4.44 3.42 -7.07
CA VAL A 207 -4.73 3.76 -5.68
C VAL A 207 -3.59 4.56 -5.07
N PRO A 208 -3.87 5.84 -4.75
CA PRO A 208 -2.89 6.74 -4.15
C PRO A 208 -2.54 6.36 -2.72
N GLY A 209 -1.81 7.23 -2.03
CA GLY A 209 -1.43 6.96 -0.65
C GLY A 209 -2.39 7.59 0.35
N HIS A 210 -2.96 8.73 -0.03
CA HIS A 210 -3.89 9.43 0.85
C HIS A 210 -5.02 10.07 0.05
N GLY A 211 -6.13 9.36 -0.07
CA GLY A 211 -7.27 9.87 -0.81
C GLY A 211 -8.23 8.77 -1.23
N GLU A 212 -8.35 8.56 -2.53
CA GLU A 212 -9.24 7.53 -3.06
C GLU A 212 -8.72 6.97 -4.38
N VAL A 213 -9.24 5.81 -4.78
CA VAL A 213 -8.82 5.17 -6.02
C VAL A 213 -9.28 5.98 -7.23
N GLY A 214 -8.51 5.89 -8.32
CA GLY A 214 -8.85 6.62 -9.52
C GLY A 214 -8.45 5.87 -10.78
N ASP A 215 -7.44 6.37 -11.46
CA ASP A 215 -6.95 5.73 -12.69
C ASP A 215 -5.52 6.18 -13.00
N LYS A 216 -5.05 5.83 -14.20
CA LYS A 216 -3.71 6.19 -14.62
C LYS A 216 -3.50 7.71 -14.57
N GLY A 217 -4.61 8.45 -14.60
CA GLY A 217 -4.53 9.90 -14.56
C GLY A 217 -3.79 10.40 -13.33
N LEU A 218 -3.90 9.67 -12.24
CA LEU A 218 -3.24 10.06 -10.99
C LEU A 218 -1.75 10.34 -11.23
N LEU A 219 -1.12 9.49 -12.02
CA LEU A 219 0.30 9.64 -12.34
C LEU A 219 0.56 10.97 -13.03
N LEU A 220 -0.28 11.29 -14.01
CA LEU A 220 -0.14 12.53 -14.76
C LEU A 220 -0.36 13.74 -13.86
N HIS A 221 -1.36 13.65 -12.98
CA HIS A 221 -1.66 14.74 -12.07
C HIS A 221 -0.51 14.97 -11.09
N THR A 222 0.10 13.88 -10.63
CA THR A 222 1.21 13.96 -9.70
C THR A 222 2.30 14.90 -10.22
N LEU A 223 2.58 14.82 -11.51
CA LEU A 223 3.60 15.67 -12.12
C LEU A 223 3.24 17.14 -11.98
N ASP A 224 1.95 17.45 -12.14
CA ASP A 224 1.47 18.82 -12.03
C ASP A 224 1.73 19.37 -10.63
N LEU A 225 1.76 18.47 -9.65
CA LEU A 225 1.99 18.87 -8.26
C LEU A 225 3.44 19.28 -8.05
N LEU A 226 4.33 18.75 -8.88
CA LEU A 226 5.75 19.06 -8.78
C LEU A 226 6.08 20.31 -9.59
N LYS A 227 5.53 20.40 -10.79
CA LYS A 227 5.76 21.55 -11.66
C LYS A 227 4.86 22.72 -11.28
N SER A 1 -21.84 -24.96 3.57
CA SER A 1 -22.88 -24.00 3.90
C SER A 1 -22.33 -22.58 3.93
N GLN A 2 -22.13 -22.00 2.74
CA GLN A 2 -21.60 -20.64 2.64
C GLN A 2 -22.54 -19.77 1.81
N LYS A 3 -22.82 -18.57 2.33
CA LYS A 3 -23.71 -17.63 1.64
C LYS A 3 -23.60 -16.23 2.25
N VAL A 4 -23.55 -15.23 1.39
CA VAL A 4 -23.45 -13.84 1.85
C VAL A 4 -23.50 -12.87 0.68
N GLU A 5 -24.11 -11.71 0.90
CA GLU A 5 -24.23 -10.70 -0.14
C GLU A 5 -23.96 -9.31 0.42
N LYS A 6 -22.72 -9.07 0.85
CA LYS A 6 -22.34 -7.79 1.42
C LYS A 6 -20.87 -7.48 1.12
N THR A 7 -20.53 -6.20 1.11
CA THR A 7 -19.17 -5.78 0.84
C THR A 7 -18.81 -4.51 1.63
N VAL A 8 -17.58 -4.06 1.48
CA VAL A 8 -17.12 -2.85 2.17
C VAL A 8 -17.21 -3.03 3.68
N ILE A 9 -16.11 -3.45 4.30
CA ILE A 9 -16.07 -3.64 5.74
C ILE A 9 -15.67 -2.37 6.46
N LYS A 10 -16.06 -2.26 7.72
CA LYS A 10 -15.73 -1.08 8.53
C LYS A 10 -15.50 -1.47 9.99
N ASN A 11 -14.59 -0.76 10.65
CA ASN A 11 -14.28 -1.02 12.05
C ASN A 11 -15.40 -0.53 12.96
N GLU A 12 -15.28 -0.84 14.24
CA GLU A 12 -16.29 -0.43 15.22
C GLU A 12 -16.40 1.09 15.28
N THR A 13 -15.27 1.77 15.12
CA THR A 13 -15.24 3.22 15.15
C THR A 13 -15.32 3.81 13.75
N GLY A 14 -14.89 3.03 12.76
CA GLY A 14 -14.93 3.48 11.38
C GLY A 14 -13.56 3.92 10.89
N THR A 15 -12.62 4.06 11.81
CA THR A 15 -11.27 4.48 11.46
C THR A 15 -10.70 3.63 10.32
N ILE A 16 -11.09 2.37 10.28
CA ILE A 16 -10.63 1.45 9.24
C ILE A 16 -11.79 0.87 8.46
N SER A 17 -11.57 0.60 7.18
CA SER A 17 -12.60 0.03 6.33
C SER A 17 -12.02 -0.44 5.00
N ILE A 18 -12.79 -1.23 4.26
CA ILE A 18 -12.35 -1.74 2.97
C ILE A 18 -13.43 -1.55 1.90
N SER A 19 -13.19 -2.11 0.72
CA SER A 19 -14.14 -2.00 -0.37
C SER A 19 -13.70 -2.86 -1.55
N GLN A 20 -14.65 -3.60 -2.12
CA GLN A 20 -14.37 -4.48 -3.26
C GLN A 20 -14.05 -3.66 -4.51
N LEU A 21 -12.84 -3.85 -5.03
CA LEU A 21 -12.41 -3.13 -6.23
C LEU A 21 -12.53 -4.02 -7.47
N ASN A 22 -11.90 -5.19 -7.43
CA ASN A 22 -11.94 -6.12 -8.54
C ASN A 22 -12.12 -7.55 -8.04
N LYS A 23 -13.16 -7.77 -7.25
CA LYS A 23 -13.45 -9.09 -6.71
C LYS A 23 -12.38 -9.52 -5.71
N ASN A 24 -11.23 -9.93 -6.23
CA ASN A 24 -10.12 -10.37 -5.39
C ASN A 24 -9.29 -9.18 -4.91
N VAL A 25 -9.43 -8.05 -5.62
CA VAL A 25 -8.69 -6.84 -5.27
C VAL A 25 -9.56 -5.88 -4.46
N TRP A 26 -9.11 -5.56 -3.26
CA TRP A 26 -9.85 -4.65 -2.38
C TRP A 26 -8.97 -3.48 -1.95
N VAL A 27 -9.61 -2.40 -1.51
CA VAL A 27 -8.89 -1.22 -1.05
C VAL A 27 -9.25 -0.87 0.38
N HIS A 28 -8.29 -1.03 1.29
CA HIS A 28 -8.50 -0.72 2.70
C HIS A 28 -7.82 0.58 3.09
N THR A 29 -8.52 1.40 3.87
CA THR A 29 -7.98 2.68 4.32
C THR A 29 -8.20 2.89 5.81
N GLU A 30 -7.11 3.20 6.52
CA GLU A 30 -7.18 3.42 7.96
C GLU A 30 -6.78 4.85 8.31
N LEU A 31 -7.10 5.27 9.53
CA LEU A 31 -6.77 6.61 10.00
C LEU A 31 -5.84 6.55 11.20
N GLY A 32 -4.90 7.51 11.27
CA GLY A 32 -3.97 7.55 12.37
C GLY A 32 -3.36 8.93 12.56
N SER A 33 -3.26 9.37 13.81
CA SER A 33 -2.70 10.67 14.12
C SER A 33 -1.20 10.69 13.87
N PHE A 34 -0.72 11.78 13.27
CA PHE A 34 0.69 11.93 12.96
C PHE A 34 1.37 12.87 13.94
N ASN A 35 0.61 13.86 14.41
CA ASN A 35 1.13 14.84 15.37
C ASN A 35 0.02 15.73 15.90
N GLY A 36 -1.17 15.16 16.05
CA GLY A 36 -2.30 15.91 16.56
C GLY A 36 -3.46 15.93 15.58
N GLU A 37 -3.34 15.17 14.50
CA GLU A 37 -4.39 15.11 13.48
C GLU A 37 -4.37 13.76 12.76
N ALA A 38 -5.52 13.11 12.72
CA ALA A 38 -5.63 11.81 12.06
C ALA A 38 -5.45 11.95 10.55
N VAL A 39 -4.65 11.07 9.97
CA VAL A 39 -4.38 11.09 8.54
C VAL A 39 -4.68 9.73 7.91
N PRO A 40 -5.51 9.73 6.85
CA PRO A 40 -5.88 8.51 6.14
C PRO A 40 -4.72 7.93 5.34
N SER A 41 -4.65 6.60 5.29
CA SER A 41 -3.58 5.92 4.57
C SER A 41 -4.16 4.84 3.66
N ASN A 42 -4.36 5.18 2.39
CA ASN A 42 -4.90 4.23 1.43
C ASN A 42 -4.10 2.94 1.43
N GLY A 43 -4.75 1.85 1.00
CA GLY A 43 -4.09 0.56 0.97
C GLY A 43 -4.72 -0.39 -0.03
N LEU A 44 -4.50 -1.68 0.15
CA LEU A 44 -5.05 -2.69 -0.73
C LEU A 44 -4.95 -4.08 -0.12
N VAL A 45 -5.95 -4.91 -0.37
CA VAL A 45 -5.98 -6.27 0.16
C VAL A 45 -6.20 -7.29 -0.95
N LEU A 46 -5.54 -8.43 -0.85
CA LEU A 46 -5.66 -9.49 -1.84
C LEU A 46 -6.37 -10.71 -1.25
N ASN A 47 -7.42 -11.16 -1.93
CA ASN A 47 -8.18 -12.31 -1.48
C ASN A 47 -7.65 -13.60 -2.12
N THR A 48 -6.35 -13.78 -2.08
CA THR A 48 -5.71 -14.96 -2.66
C THR A 48 -6.29 -16.24 -2.06
N SER A 49 -6.01 -17.37 -2.70
CA SER A 49 -6.50 -18.66 -2.23
C SER A 49 -5.45 -19.36 -1.38
N LYS A 50 -4.68 -18.58 -0.64
CA LYS A 50 -3.64 -19.12 0.23
C LYS A 50 -3.28 -18.14 1.34
N GLY A 51 -4.26 -17.33 1.74
CA GLY A 51 -4.03 -16.35 2.80
C GLY A 51 -4.05 -14.93 2.28
N LEU A 52 -4.92 -14.11 2.87
CA LEU A 52 -5.04 -12.71 2.48
C LEU A 52 -3.68 -12.03 2.46
N VAL A 53 -3.60 -10.91 1.76
CA VAL A 53 -2.35 -10.14 1.67
C VAL A 53 -2.61 -8.65 1.76
N LEU A 54 -1.70 -7.93 2.41
CA LEU A 54 -1.82 -6.49 2.55
C LEU A 54 -0.68 -5.76 1.84
N VAL A 55 -1.03 -4.78 1.03
CA VAL A 55 -0.04 -4.00 0.30
C VAL A 55 0.59 -2.93 1.17
N ASP A 56 0.14 -2.87 2.42
CA ASP A 56 0.67 -1.89 3.38
C ASP A 56 -0.02 -2.04 4.74
N SER A 57 0.79 -2.06 5.79
CA SER A 57 0.27 -2.20 7.15
C SER A 57 -0.45 -0.94 7.59
N SER A 58 -0.77 -0.86 8.87
CA SER A 58 -1.47 0.30 9.43
C SER A 58 -0.49 1.33 9.96
N TRP A 59 -1.01 2.33 10.66
CA TRP A 59 -0.17 3.38 11.24
C TRP A 59 0.61 2.86 12.43
N ASP A 60 -0.05 2.05 13.25
CA ASP A 60 0.59 1.49 14.44
C ASP A 60 0.16 0.04 14.65
N ASP A 61 0.92 -0.69 15.46
CA ASP A 61 0.61 -2.09 15.74
C ASP A 61 -0.79 -2.24 16.33
N LYS A 62 -1.20 -1.24 17.11
CA LYS A 62 -2.52 -1.25 17.73
C LYS A 62 -3.61 -0.93 16.71
N LEU A 63 -3.23 -0.21 15.65
CA LEU A 63 -4.18 0.15 14.59
C LEU A 63 -4.38 -1.00 13.61
N THR A 64 -3.28 -1.66 13.26
CA THR A 64 -3.32 -2.77 12.33
C THR A 64 -4.04 -3.97 12.94
N LYS A 65 -4.01 -4.06 14.26
CA LYS A 65 -4.67 -5.15 14.97
C LYS A 65 -6.13 -5.26 14.57
N GLU A 66 -6.81 -4.13 14.49
CA GLU A 66 -8.22 -4.10 14.10
C GLU A 66 -8.38 -4.14 12.59
N LEU A 67 -7.28 -3.91 11.87
CA LEU A 67 -7.29 -3.92 10.42
C LEU A 67 -7.31 -5.35 9.89
N ILE A 68 -6.45 -6.20 10.46
CA ILE A 68 -6.37 -7.59 10.04
C ILE A 68 -7.56 -8.39 10.57
N GLU A 69 -8.13 -7.94 11.69
CA GLU A 69 -9.27 -8.61 12.29
C GLU A 69 -10.52 -8.42 11.45
N MET A 70 -10.44 -7.53 10.46
CA MET A 70 -11.57 -7.25 9.58
C MET A 70 -11.54 -8.16 8.36
N VAL A 71 -10.42 -8.17 7.66
CA VAL A 71 -10.26 -9.00 6.48
C VAL A 71 -10.49 -10.48 6.79
N GLU A 72 -9.99 -10.90 7.95
CA GLU A 72 -10.15 -12.30 8.37
C GLU A 72 -11.48 -12.51 9.05
N LYS A 73 -12.56 -12.07 8.40
CA LYS A 73 -13.90 -12.23 8.94
C LYS A 73 -14.89 -12.60 7.86
N LYS A 74 -14.76 -11.98 6.69
CA LYS A 74 -15.64 -12.26 5.57
C LYS A 74 -14.90 -12.99 4.45
N PHE A 75 -13.57 -12.90 4.48
CA PHE A 75 -12.74 -13.55 3.47
C PHE A 75 -12.41 -14.98 3.88
N GLN A 76 -13.05 -15.45 4.94
CA GLN A 76 -12.83 -16.80 5.43
C GLN A 76 -11.38 -17.22 5.23
N LYS A 77 -10.45 -16.34 5.58
CA LYS A 77 -9.03 -16.62 5.42
C LYS A 77 -8.21 -15.81 6.42
N ARG A 78 -6.89 -15.97 6.37
CA ARG A 78 -6.00 -15.26 7.27
C ARG A 78 -4.88 -14.57 6.49
N VAL A 79 -4.40 -13.45 7.01
CA VAL A 79 -3.34 -12.68 6.37
C VAL A 79 -1.97 -13.27 6.70
N THR A 80 -1.18 -13.52 5.66
CA THR A 80 0.16 -14.09 5.84
C THR A 80 1.15 -13.43 4.90
N ASP A 81 0.83 -12.21 4.46
CA ASP A 81 1.71 -11.48 3.56
C ASP A 81 1.48 -9.97 3.68
N VAL A 82 2.56 -9.22 3.80
CA VAL A 82 2.48 -7.76 3.92
C VAL A 82 3.55 -7.08 3.09
N ILE A 83 3.16 -6.60 1.92
CA ILE A 83 4.08 -5.91 1.03
C ILE A 83 4.31 -4.47 1.47
N ILE A 84 5.58 -4.11 1.67
CA ILE A 84 5.93 -2.76 2.10
C ILE A 84 6.66 -2.01 1.00
N THR A 85 6.24 -0.78 0.74
CA THR A 85 6.87 0.05 -0.29
C THR A 85 8.04 0.84 0.27
N HIS A 86 7.77 1.63 1.32
CA HIS A 86 8.80 2.45 1.95
C HIS A 86 8.74 2.30 3.47
N ALA A 87 9.83 2.69 4.13
CA ALA A 87 9.90 2.62 5.59
C ALA A 87 9.20 3.81 6.24
N HIS A 88 7.95 3.61 6.64
CA HIS A 88 7.17 4.66 7.28
C HIS A 88 6.14 4.08 8.25
N ALA A 89 5.70 4.90 9.19
CA ALA A 89 4.72 4.46 10.18
C ALA A 89 3.45 3.95 9.49
N ASP A 90 3.19 4.44 8.29
CA ASP A 90 2.01 4.03 7.53
C ASP A 90 2.32 2.83 6.64
N ARG A 91 3.47 2.20 6.88
CA ARG A 91 3.87 1.05 6.10
C ARG A 91 4.24 -0.13 7.01
N ILE A 92 5.12 0.14 7.97
CA ILE A 92 5.55 -0.90 8.91
C ILE A 92 5.10 -0.57 10.33
N GLY A 93 4.15 0.35 10.45
CA GLY A 93 3.64 0.73 11.75
C GLY A 93 3.22 -0.47 12.58
N GLY A 94 2.82 -1.54 11.92
CA GLY A 94 2.39 -2.74 12.61
C GLY A 94 3.35 -3.89 12.44
N ILE A 95 4.59 -3.57 12.09
CA ILE A 95 5.62 -4.59 11.88
C ILE A 95 5.65 -5.57 13.05
N LYS A 96 5.32 -5.08 14.24
CA LYS A 96 5.31 -5.91 15.44
C LYS A 96 4.18 -6.94 15.38
N THR A 97 3.00 -6.49 14.95
CA THR A 97 1.84 -7.37 14.85
C THR A 97 2.04 -8.40 13.75
N LEU A 98 2.71 -8.01 12.68
CA LEU A 98 2.96 -8.91 11.56
C LEU A 98 3.78 -10.11 12.00
N LYS A 99 4.68 -9.89 12.95
CA LYS A 99 5.53 -10.95 13.46
C LYS A 99 4.92 -11.58 14.71
N GLU A 100 3.62 -11.42 14.87
CA GLU A 100 2.91 -11.97 16.03
C GLU A 100 1.87 -13.01 15.59
N ARG A 101 1.48 -12.96 14.32
CA ARG A 101 0.50 -13.89 13.79
C ARG A 101 1.12 -14.77 12.71
N GLY A 102 2.44 -14.63 12.52
CA GLY A 102 3.13 -15.41 11.52
C GLY A 102 3.16 -14.74 10.16
N ILE A 103 2.83 -13.44 10.15
CA ILE A 103 2.82 -12.68 8.90
C ILE A 103 4.23 -12.24 8.52
N LYS A 104 4.43 -11.98 7.23
CA LYS A 104 5.73 -11.54 6.73
C LYS A 104 5.62 -10.19 6.05
N ALA A 105 6.40 -9.22 6.54
CA ALA A 105 6.39 -7.88 5.96
C ALA A 105 7.43 -7.74 4.86
N HIS A 106 7.09 -8.20 3.67
CA HIS A 106 7.99 -8.12 2.52
C HIS A 106 8.41 -6.68 2.25
N SER A 107 9.64 -6.52 1.78
CA SER A 107 10.16 -5.18 1.49
C SER A 107 11.60 -5.27 0.98
N THR A 108 12.04 -4.21 0.29
CA THR A 108 13.39 -4.16 -0.25
C THR A 108 14.41 -3.96 0.85
N ALA A 109 15.64 -4.43 0.62
CA ALA A 109 16.71 -4.30 1.60
C ALA A 109 16.86 -2.85 2.05
N LEU A 110 16.52 -1.92 1.15
CA LEU A 110 16.62 -0.49 1.46
C LEU A 110 15.50 -0.06 2.39
N THR A 111 14.28 -0.52 2.10
CA THR A 111 13.12 -0.18 2.91
C THR A 111 13.36 -0.50 4.38
N ALA A 112 14.22 -1.48 4.63
CA ALA A 112 14.54 -1.88 6.00
C ALA A 112 15.71 -1.08 6.55
N GLU A 113 16.56 -0.59 5.65
CA GLU A 113 17.71 0.20 6.05
C GLU A 113 17.29 1.47 6.77
N LEU A 114 16.08 1.94 6.47
CA LEU A 114 15.55 3.15 7.09
C LEU A 114 14.64 2.80 8.26
N ALA A 115 14.07 1.61 8.22
CA ALA A 115 13.19 1.15 9.29
C ALA A 115 13.88 1.21 10.64
N LYS A 116 14.92 0.40 10.80
CA LYS A 116 15.67 0.36 12.05
C LYS A 116 16.18 1.74 12.43
N LYS A 117 16.35 2.60 11.44
CA LYS A 117 16.82 3.96 11.66
C LYS A 117 15.80 4.77 12.45
N ASN A 118 14.54 4.35 12.37
CA ASN A 118 13.46 5.04 13.07
C ASN A 118 13.17 4.36 14.41
N GLY A 119 13.35 3.04 14.44
CA GLY A 119 13.10 2.29 15.66
C GLY A 119 12.25 1.06 15.42
N TYR A 120 11.74 0.92 14.20
CA TYR A 120 10.90 -0.22 13.84
C TYR A 120 11.65 -1.53 14.04
N GLU A 121 11.04 -2.63 13.62
CA GLU A 121 11.65 -3.95 13.75
C GLU A 121 12.30 -4.39 12.44
N GLU A 122 12.19 -3.54 11.42
CA GLU A 122 12.76 -3.84 10.11
C GLU A 122 12.05 -5.02 9.48
N PRO A 123 11.55 -4.81 8.25
CA PRO A 123 10.83 -5.85 7.50
C PRO A 123 11.76 -6.97 7.03
N LEU A 124 11.24 -7.85 6.19
CA LEU A 124 12.02 -8.96 5.66
C LEU A 124 13.33 -8.47 5.04
N GLY A 125 13.27 -7.31 4.40
CA GLY A 125 14.44 -6.74 3.77
C GLY A 125 15.10 -7.71 2.81
N ASP A 126 14.28 -8.39 2.00
CA ASP A 126 14.80 -9.34 1.03
C ASP A 126 14.06 -9.22 -0.30
N LEU A 127 14.09 -8.03 -0.89
CA LEU A 127 13.42 -7.78 -2.16
C LEU A 127 14.35 -7.04 -3.12
N GLN A 128 13.79 -6.57 -4.23
CA GLN A 128 14.56 -5.85 -5.23
C GLN A 128 13.66 -4.92 -6.05
N THR A 129 14.22 -4.38 -7.13
CA THR A 129 13.46 -3.48 -7.99
C THR A 129 12.13 -4.09 -8.39
N VAL A 130 12.17 -5.11 -9.23
CA VAL A 130 10.97 -5.79 -9.70
C VAL A 130 10.97 -7.26 -9.31
N THR A 131 10.12 -7.62 -8.36
CA THR A 131 10.02 -9.00 -7.90
C THR A 131 8.69 -9.63 -8.29
N ASN A 132 8.71 -10.48 -9.31
CA ASN A 132 7.49 -11.13 -9.77
C ASN A 132 6.96 -12.10 -8.72
N LEU A 133 6.01 -11.63 -7.93
CA LEU A 133 5.41 -12.45 -6.87
C LEU A 133 4.22 -13.24 -7.41
N LYS A 134 3.86 -14.31 -6.71
CA LYS A 134 2.75 -15.16 -7.11
C LYS A 134 2.18 -15.92 -5.92
N PHE A 135 1.01 -15.51 -5.45
CA PHE A 135 0.37 -16.16 -4.32
C PHE A 135 -0.69 -17.14 -4.79
N GLY A 136 -1.50 -17.63 -3.84
CA GLY A 136 -2.54 -18.57 -4.18
C GLY A 136 -3.48 -18.05 -5.25
N ASN A 137 -3.27 -18.48 -6.49
CA ASN A 137 -4.10 -18.05 -7.60
C ASN A 137 -4.06 -16.54 -7.75
N MET A 138 -2.86 -15.97 -7.76
CA MET A 138 -2.69 -14.53 -7.90
C MET A 138 -1.36 -14.20 -8.56
N LYS A 139 -1.30 -13.05 -9.23
CA LYS A 139 -0.09 -12.62 -9.92
C LYS A 139 0.25 -11.18 -9.55
N VAL A 140 1.50 -10.97 -9.10
CA VAL A 140 1.94 -9.63 -8.73
C VAL A 140 3.38 -9.39 -9.20
N GLU A 141 3.74 -8.11 -9.33
CA GLU A 141 5.07 -7.74 -9.77
C GLU A 141 5.44 -6.34 -9.28
N THR A 142 6.51 -6.26 -8.50
CA THR A 142 6.97 -4.98 -7.96
C THR A 142 7.58 -4.12 -9.05
N PHE A 143 8.08 -2.95 -8.66
CA PHE A 143 8.70 -2.03 -9.61
C PHE A 143 9.26 -0.81 -8.89
N TYR A 144 10.46 -0.39 -9.29
CA TYR A 144 11.12 0.76 -8.69
C TYR A 144 11.42 1.83 -9.73
N PRO A 145 10.52 2.82 -9.85
CA PRO A 145 10.67 3.92 -10.81
C PRO A 145 11.80 4.86 -10.43
N GLY A 146 11.83 5.28 -9.17
CA GLY A 146 12.87 6.18 -8.71
C GLY A 146 12.60 6.71 -7.31
N LYS A 147 13.20 7.85 -6.98
CA LYS A 147 13.03 8.46 -5.68
C LYS A 147 11.88 9.46 -5.69
N GLY A 148 10.92 9.27 -4.79
CA GLY A 148 9.78 10.18 -4.72
C GLY A 148 9.41 10.53 -3.29
N HIS A 149 8.41 9.85 -2.75
CA HIS A 149 7.96 10.10 -1.39
C HIS A 149 9.04 9.70 -0.37
N THR A 150 9.88 8.75 -0.77
CA THR A 150 10.95 8.27 0.10
C THR A 150 12.12 7.75 -0.71
N GLU A 151 13.28 7.65 -0.07
CA GLU A 151 14.49 7.16 -0.73
C GLU A 151 14.32 5.71 -1.15
N ASP A 152 13.47 4.98 -0.44
CA ASP A 152 13.22 3.58 -0.75
C ASP A 152 11.74 3.35 -1.07
N ASN A 153 11.20 4.16 -1.97
CA ASN A 153 9.81 4.04 -2.37
C ASN A 153 9.67 3.29 -3.67
N ILE A 154 8.69 2.39 -3.74
CA ILE A 154 8.46 1.60 -4.94
C ILE A 154 6.97 1.48 -5.25
N VAL A 155 6.65 0.92 -6.40
CA VAL A 155 5.26 0.75 -6.82
C VAL A 155 4.94 -0.72 -7.10
N VAL A 156 3.70 -1.11 -6.86
CA VAL A 156 3.28 -2.48 -7.11
C VAL A 156 2.45 -2.59 -8.38
N TRP A 157 2.62 -3.70 -9.10
CA TRP A 157 1.90 -3.92 -10.35
C TRP A 157 1.23 -5.29 -10.34
N LEU A 158 0.07 -5.38 -10.98
CA LEU A 158 -0.67 -6.64 -11.06
C LEU A 158 -0.95 -7.01 -12.51
N PRO A 159 -0.09 -7.88 -13.07
CA PRO A 159 -0.23 -8.34 -14.46
C PRO A 159 -1.43 -9.26 -14.64
N GLN A 160 -2.63 -8.67 -14.61
CA GLN A 160 -3.85 -9.44 -14.78
C GLN A 160 -5.08 -8.54 -14.68
N TYR A 161 -4.99 -7.52 -13.84
CA TYR A 161 -6.09 -6.58 -13.65
C TYR A 161 -5.69 -5.17 -14.07
N ASN A 162 -4.38 -4.97 -14.26
CA ASN A 162 -3.87 -3.67 -14.66
C ASN A 162 -4.02 -2.65 -13.54
N ILE A 163 -4.08 -3.13 -12.31
CA ILE A 163 -4.23 -2.27 -11.15
C ILE A 163 -2.87 -2.00 -10.49
N LEU A 164 -2.47 -0.73 -10.50
CA LEU A 164 -1.19 -0.34 -9.90
C LEU A 164 -1.40 0.24 -8.51
N VAL A 165 -0.56 -0.16 -7.57
CA VAL A 165 -0.64 0.33 -6.20
C VAL A 165 0.64 1.04 -5.78
N GLY A 166 0.96 2.13 -6.47
CA GLY A 166 2.16 2.88 -6.16
C GLY A 166 2.27 3.22 -4.69
N GLY A 167 1.25 3.88 -4.16
CA GLY A 167 1.25 4.26 -2.75
C GLY A 167 1.39 5.76 -2.56
N CYS A 168 2.21 6.15 -1.59
CA CYS A 168 2.45 7.56 -1.30
C CYS A 168 3.01 8.28 -2.52
N LEU A 169 3.58 7.52 -3.45
CA LEU A 169 4.17 8.08 -4.66
C LEU A 169 3.08 8.70 -5.54
N VAL A 170 2.03 7.94 -5.81
CA VAL A 170 0.93 8.42 -6.63
C VAL A 170 -0.04 9.27 -5.82
N LYS A 171 -0.40 10.43 -6.36
CA LYS A 171 -1.33 11.33 -5.69
C LYS A 171 -2.68 11.36 -6.40
N SER A 172 -3.75 11.19 -5.63
CA SER A 172 -5.10 11.20 -6.18
C SER A 172 -5.39 12.52 -6.88
N THR A 173 -6.40 12.51 -7.75
CA THR A 173 -6.78 13.71 -8.49
C THR A 173 -7.25 14.80 -7.53
N SER A 174 -8.13 14.44 -6.60
CA SER A 174 -8.65 15.39 -5.64
C SER A 174 -7.52 16.12 -4.91
N ALA A 175 -6.38 15.44 -4.79
CA ALA A 175 -5.22 16.02 -4.11
C ALA A 175 -4.87 17.38 -4.70
N LYS A 176 -4.16 18.19 -3.93
CA LYS A 176 -3.75 19.52 -4.37
C LYS A 176 -2.24 19.64 -4.42
N ASP A 177 -1.56 18.90 -3.55
CA ASP A 177 -0.09 18.92 -3.49
C ASP A 177 0.45 17.60 -2.96
N LEU A 178 1.77 17.48 -2.94
CA LEU A 178 2.41 16.26 -2.45
C LEU A 178 2.48 16.26 -0.93
N GLY A 179 2.71 17.44 -0.35
CA GLY A 179 2.79 17.55 1.09
C GLY A 179 4.22 17.69 1.59
N ASN A 180 4.40 17.53 2.90
CA ASN A 180 5.73 17.64 3.49
C ASN A 180 6.74 16.74 2.77
N VAL A 181 7.76 17.35 2.18
CA VAL A 181 8.78 16.60 1.46
C VAL A 181 10.13 16.67 2.19
N ALA A 182 10.08 16.79 3.50
CA ALA A 182 11.29 16.87 4.31
C ALA A 182 12.19 15.66 4.07
N ASP A 183 11.57 14.51 3.83
CA ASP A 183 12.32 13.28 3.60
C ASP A 183 11.93 12.67 2.25
N ALA A 184 11.66 13.53 1.27
CA ALA A 184 11.28 13.08 -0.06
C ALA A 184 12.07 13.81 -1.14
N TYR A 185 12.02 13.28 -2.36
CA TYR A 185 12.73 13.88 -3.48
C TYR A 185 11.76 14.43 -4.52
N VAL A 186 11.42 15.71 -4.40
CA VAL A 186 10.50 16.36 -5.32
C VAL A 186 11.13 16.50 -6.70
N ASN A 187 12.46 16.49 -6.74
CA ASN A 187 13.18 16.62 -8.01
C ASN A 187 13.25 15.28 -8.74
N GLU A 188 13.16 14.20 -7.97
CA GLU A 188 13.22 12.86 -8.55
C GLU A 188 11.81 12.29 -8.75
N TRP A 189 10.86 12.81 -7.97
CA TRP A 189 9.48 12.36 -8.06
C TRP A 189 8.98 12.39 -9.49
N SER A 190 9.13 13.54 -10.14
CA SER A 190 8.69 13.70 -11.52
C SER A 190 9.26 12.60 -12.41
N THR A 191 10.48 12.18 -12.12
CA THR A 191 11.14 11.12 -12.89
C THR A 191 10.55 9.76 -12.55
N SER A 192 10.19 9.57 -11.29
CA SER A 192 9.61 8.30 -10.85
C SER A 192 8.27 8.04 -11.54
N ILE A 193 7.37 9.00 -11.42
CA ILE A 193 6.05 8.88 -12.03
C ILE A 193 6.16 8.62 -13.53
N GLU A 194 7.14 9.25 -14.16
CA GLU A 194 7.36 9.09 -15.60
C GLU A 194 7.80 7.67 -15.92
N ASN A 195 8.35 6.99 -14.93
CA ASN A 195 8.83 5.62 -15.12
C ASN A 195 7.69 4.63 -14.92
N VAL A 196 6.77 4.96 -14.02
CA VAL A 196 5.63 4.10 -13.74
C VAL A 196 4.61 4.16 -14.86
N LEU A 197 4.24 5.37 -15.26
CA LEU A 197 3.27 5.56 -16.32
C LEU A 197 3.80 5.03 -17.65
N LYS A 198 5.12 4.98 -17.78
CA LYS A 198 5.75 4.49 -18.99
C LYS A 198 5.75 2.96 -19.03
N ARG A 199 6.10 2.34 -17.91
CA ARG A 199 6.14 0.89 -17.81
C ARG A 199 4.77 0.29 -18.08
N TYR A 200 3.72 1.02 -17.69
CA TYR A 200 2.36 0.56 -17.88
C TYR A 200 1.47 1.71 -18.39
N ARG A 201 0.86 1.50 -19.55
CA ARG A 201 -0.02 2.50 -20.14
C ARG A 201 -1.41 1.93 -20.38
N ASN A 202 -1.79 0.95 -19.58
CA ASN A 202 -3.10 0.32 -19.70
C ASN A 202 -3.74 0.10 -18.33
N ILE A 203 -3.28 0.87 -17.35
CA ILE A 203 -3.80 0.76 -16.00
C ILE A 203 -5.34 0.84 -15.98
N ASN A 204 -5.95 0.11 -15.06
CA ASN A 204 -7.41 0.09 -14.95
C ASN A 204 -7.86 0.88 -13.72
N ALA A 205 -6.98 0.98 -12.72
CA ALA A 205 -7.29 1.71 -11.50
C ALA A 205 -6.02 2.02 -10.71
N VAL A 206 -5.85 3.28 -10.35
CA VAL A 206 -4.67 3.71 -9.59
C VAL A 206 -5.05 4.01 -8.14
N VAL A 207 -4.45 3.27 -7.21
CA VAL A 207 -4.71 3.47 -5.79
C VAL A 207 -3.54 4.17 -5.10
N PRO A 208 -3.66 5.49 -4.92
CA PRO A 208 -2.62 6.30 -4.28
C PRO A 208 -2.50 6.01 -2.79
N GLY A 209 -1.70 6.81 -2.09
CA GLY A 209 -1.51 6.63 -0.67
C GLY A 209 -2.42 7.52 0.16
N HIS A 210 -2.75 8.68 -0.38
CA HIS A 210 -3.62 9.63 0.31
C HIS A 210 -4.55 10.33 -0.68
N GLY A 211 -5.83 9.95 -0.65
CA GLY A 211 -6.80 10.56 -1.55
C GLY A 211 -7.93 9.62 -1.89
N GLU A 212 -7.82 8.94 -3.03
CA GLU A 212 -8.85 8.01 -3.47
C GLU A 212 -8.46 7.35 -4.79
N VAL A 213 -8.98 6.16 -5.03
CA VAL A 213 -8.68 5.43 -6.25
C VAL A 213 -9.22 6.17 -7.48
N GLY A 214 -8.50 6.03 -8.60
CA GLY A 214 -8.92 6.70 -9.82
C GLY A 214 -8.47 5.95 -11.07
N ASP A 215 -7.48 6.51 -11.75
CA ASP A 215 -6.95 5.89 -12.97
C ASP A 215 -5.53 6.34 -13.23
N LYS A 216 -4.98 5.95 -14.39
CA LYS A 216 -3.63 6.32 -14.76
C LYS A 216 -3.44 7.82 -14.72
N GLY A 217 -4.54 8.56 -14.84
CA GLY A 217 -4.47 10.01 -14.81
C GLY A 217 -3.76 10.54 -13.59
N LEU A 218 -3.88 9.82 -12.48
CA LEU A 218 -3.23 10.22 -11.23
C LEU A 218 -1.76 10.51 -11.44
N LEU A 219 -1.07 9.62 -12.15
CA LEU A 219 0.35 9.78 -12.43
C LEU A 219 0.61 11.12 -13.09
N LEU A 220 -0.23 11.49 -14.05
CA LEU A 220 -0.08 12.76 -14.76
C LEU A 220 -0.32 13.94 -13.82
N HIS A 221 -1.32 13.82 -12.97
CA HIS A 221 -1.65 14.87 -12.01
C HIS A 221 -0.48 15.12 -11.05
N THR A 222 0.19 14.04 -10.65
CA THR A 222 1.32 14.14 -9.74
C THR A 222 2.39 15.09 -10.28
N LEU A 223 2.71 14.93 -11.56
CA LEU A 223 3.71 15.78 -12.21
C LEU A 223 3.37 17.25 -12.02
N ASP A 224 2.10 17.58 -12.14
CA ASP A 224 1.64 18.96 -11.99
C ASP A 224 1.96 19.48 -10.59
N LEU A 225 1.66 18.68 -9.57
CA LEU A 225 1.90 19.07 -8.20
C LEU A 225 3.38 19.42 -7.99
N LEU A 226 4.24 18.83 -8.81
CA LEU A 226 5.68 19.07 -8.72
C LEU A 226 6.07 20.33 -9.51
N LYS A 227 5.55 20.44 -10.72
CA LYS A 227 5.83 21.59 -11.57
C LYS A 227 5.56 22.90 -10.83
N SER A 1 -18.96 -18.56 7.89
CA SER A 1 -19.00 -17.78 6.66
C SER A 1 -18.99 -18.70 5.44
N GLN A 2 -20.16 -18.89 4.84
CA GLN A 2 -20.29 -19.74 3.67
C GLN A 2 -20.81 -18.95 2.47
N LYS A 3 -21.65 -17.95 2.76
CA LYS A 3 -22.22 -17.12 1.71
C LYS A 3 -22.78 -15.83 2.29
N VAL A 4 -22.76 -14.76 1.48
CA VAL A 4 -23.26 -13.47 1.92
C VAL A 4 -23.22 -12.45 0.78
N GLU A 5 -24.24 -11.59 0.73
CA GLU A 5 -24.31 -10.57 -0.31
C GLU A 5 -24.04 -9.19 0.27
N LYS A 6 -22.85 -9.00 0.82
CA LYS A 6 -22.46 -7.73 1.40
C LYS A 6 -20.99 -7.43 1.14
N THR A 7 -20.64 -6.15 1.13
CA THR A 7 -19.26 -5.73 0.88
C THR A 7 -18.93 -4.48 1.68
N VAL A 8 -17.69 -4.01 1.53
CA VAL A 8 -17.23 -2.82 2.24
C VAL A 8 -17.30 -3.01 3.75
N ILE A 9 -16.18 -3.42 4.34
CA ILE A 9 -16.13 -3.64 5.78
C ILE A 9 -15.72 -2.37 6.51
N LYS A 10 -16.07 -2.30 7.80
CA LYS A 10 -15.74 -1.14 8.61
C LYS A 10 -15.46 -1.54 10.06
N ASN A 11 -15.14 -0.57 10.89
CA ASN A 11 -14.85 -0.83 12.30
C ASN A 11 -15.94 -0.25 13.19
N GLU A 12 -15.91 -0.62 14.47
CA GLU A 12 -16.90 -0.15 15.43
C GLU A 12 -16.98 1.38 15.42
N THR A 13 -15.85 2.02 15.10
CA THR A 13 -15.79 3.47 15.05
C THR A 13 -15.79 3.98 13.61
N GLY A 14 -15.14 3.22 12.72
CA GLY A 14 -15.07 3.61 11.33
C GLY A 14 -13.68 4.03 10.91
N THR A 15 -12.77 4.08 11.87
CA THR A 15 -11.38 4.47 11.59
C THR A 15 -10.81 3.67 10.43
N ILE A 16 -11.23 2.41 10.32
CA ILE A 16 -10.75 1.55 9.25
C ILE A 16 -11.92 0.94 8.48
N SER A 17 -11.70 0.68 7.19
CA SER A 17 -12.73 0.10 6.33
C SER A 17 -12.14 -0.35 5.00
N ILE A 18 -12.90 -1.15 4.26
CA ILE A 18 -12.46 -1.65 2.97
C ILE A 18 -13.54 -1.47 1.91
N SER A 19 -13.32 -2.04 0.73
CA SER A 19 -14.27 -1.94 -0.36
C SER A 19 -13.83 -2.80 -1.55
N GLN A 20 -14.76 -3.56 -2.10
CA GLN A 20 -14.47 -4.43 -3.24
C GLN A 20 -14.15 -3.60 -4.49
N LEU A 21 -12.95 -3.79 -5.03
CA LEU A 21 -12.53 -3.06 -6.21
C LEU A 21 -12.64 -3.94 -7.46
N ASN A 22 -12.02 -5.10 -7.41
CA ASN A 22 -12.05 -6.04 -8.54
C ASN A 22 -12.29 -7.47 -8.05
N LYS A 23 -13.28 -7.64 -7.19
CA LYS A 23 -13.61 -8.96 -6.65
C LYS A 23 -12.54 -9.44 -5.68
N ASN A 24 -11.37 -9.77 -6.22
CA ASN A 24 -10.26 -10.23 -5.39
C ASN A 24 -9.43 -9.07 -4.88
N VAL A 25 -9.52 -7.93 -5.56
CA VAL A 25 -8.77 -6.74 -5.18
C VAL A 25 -9.66 -5.78 -4.40
N TRP A 26 -9.22 -5.43 -3.19
CA TRP A 26 -9.97 -4.52 -2.34
C TRP A 26 -9.10 -3.34 -1.90
N VAL A 27 -9.74 -2.26 -1.48
CA VAL A 27 -9.03 -1.07 -1.04
C VAL A 27 -9.36 -0.72 0.40
N HIS A 28 -8.39 -0.91 1.29
CA HIS A 28 -8.59 -0.62 2.71
C HIS A 28 -7.89 0.68 3.10
N THR A 29 -8.56 1.47 3.93
CA THR A 29 -8.01 2.75 4.38
C THR A 29 -8.24 2.95 5.87
N GLU A 30 -7.19 3.35 6.58
CA GLU A 30 -7.28 3.57 8.02
C GLU A 30 -6.84 5.00 8.37
N LEU A 31 -7.14 5.42 9.60
CA LEU A 31 -6.77 6.75 10.06
C LEU A 31 -5.81 6.67 11.24
N GLY A 32 -4.86 7.61 11.29
CA GLY A 32 -3.90 7.63 12.37
C GLY A 32 -3.26 9.00 12.56
N SER A 33 -3.13 9.42 13.81
CA SER A 33 -2.54 10.71 14.12
C SER A 33 -1.04 10.71 13.84
N PHE A 34 -0.56 11.78 13.21
CA PHE A 34 0.85 11.90 12.87
C PHE A 34 1.56 12.85 13.84
N ASN A 35 0.82 13.85 14.31
CA ASN A 35 1.38 14.83 15.25
C ASN A 35 0.30 15.74 15.78
N GLY A 36 -0.87 15.18 16.05
CA GLY A 36 -1.98 15.96 16.56
C GLY A 36 -3.16 16.02 15.60
N GLU A 37 -3.07 15.24 14.52
CA GLU A 37 -4.13 15.22 13.52
C GLU A 37 -4.16 13.87 12.80
N ALA A 38 -5.33 13.25 12.76
CA ALA A 38 -5.49 11.96 12.11
C ALA A 38 -5.33 12.08 10.59
N VAL A 39 -4.56 11.18 10.01
CA VAL A 39 -4.34 11.19 8.57
C VAL A 39 -4.66 9.83 7.94
N PRO A 40 -5.51 9.85 6.91
CA PRO A 40 -5.92 8.63 6.21
C PRO A 40 -4.79 8.02 5.39
N SER A 41 -4.72 6.70 5.38
CA SER A 41 -3.68 5.99 4.64
C SER A 41 -4.29 4.90 3.76
N ASN A 42 -4.55 5.24 2.51
CA ASN A 42 -5.12 4.30 1.56
C ASN A 42 -4.30 3.02 1.50
N GLY A 43 -4.89 1.96 0.93
CA GLY A 43 -4.19 0.70 0.82
C GLY A 43 -4.89 -0.27 -0.13
N LEU A 44 -4.50 -1.53 -0.07
CA LEU A 44 -5.09 -2.56 -0.93
C LEU A 44 -4.91 -3.94 -0.33
N VAL A 45 -5.93 -4.78 -0.49
CA VAL A 45 -5.89 -6.14 0.05
C VAL A 45 -6.18 -7.16 -1.04
N LEU A 46 -5.36 -8.19 -1.12
CA LEU A 46 -5.52 -9.25 -2.12
C LEU A 46 -6.19 -10.47 -1.52
N ASN A 47 -7.21 -10.98 -2.20
CA ASN A 47 -7.95 -12.15 -1.73
C ASN A 47 -7.48 -13.41 -2.47
N THR A 48 -6.23 -13.80 -2.23
CA THR A 48 -5.67 -14.97 -2.87
C THR A 48 -6.25 -16.26 -2.27
N SER A 49 -5.95 -17.39 -2.90
CA SER A 49 -6.45 -18.67 -2.43
C SER A 49 -5.40 -19.37 -1.55
N LYS A 50 -4.56 -18.57 -0.91
CA LYS A 50 -3.52 -19.11 -0.03
C LYS A 50 -3.18 -18.12 1.08
N GLY A 51 -4.16 -17.30 1.45
CA GLY A 51 -3.94 -16.32 2.50
C GLY A 51 -3.98 -14.89 1.98
N LEU A 52 -4.79 -14.06 2.62
CA LEU A 52 -4.92 -12.67 2.21
C LEU A 52 -3.57 -11.97 2.22
N VAL A 53 -3.48 -10.85 1.51
CA VAL A 53 -2.23 -10.09 1.44
C VAL A 53 -2.51 -8.59 1.51
N LEU A 54 -1.63 -7.87 2.19
CA LEU A 54 -1.77 -6.42 2.33
C LEU A 54 -0.61 -5.69 1.66
N VAL A 55 -0.94 -4.72 0.81
CA VAL A 55 0.08 -3.94 0.11
C VAL A 55 0.66 -2.85 1.00
N ASP A 56 0.17 -2.78 2.24
CA ASP A 56 0.64 -1.79 3.19
C ASP A 56 -0.06 -1.95 4.53
N SER A 57 0.73 -2.00 5.60
CA SER A 57 0.18 -2.16 6.94
C SER A 57 -0.52 -0.88 7.40
N SER A 58 -0.85 -0.82 8.69
CA SER A 58 -1.53 0.34 9.25
C SER A 58 -0.51 1.34 9.81
N TRP A 59 -1.01 2.39 10.45
CA TRP A 59 -0.16 3.42 11.04
C TRP A 59 0.64 2.84 12.22
N ASP A 60 -0.01 2.01 13.02
CA ASP A 60 0.63 1.40 14.17
C ASP A 60 0.13 -0.02 14.38
N ASP A 61 0.84 -0.77 15.23
CA ASP A 61 0.47 -2.15 15.51
C ASP A 61 -0.90 -2.22 16.17
N LYS A 62 -1.27 -1.16 16.88
CA LYS A 62 -2.56 -1.09 17.56
C LYS A 62 -3.68 -0.82 16.57
N LEU A 63 -3.33 -0.25 15.43
CA LEU A 63 -4.31 0.06 14.39
C LEU A 63 -4.53 -1.14 13.47
N THR A 64 -3.43 -1.74 13.03
CA THR A 64 -3.49 -2.90 12.15
C THR A 64 -4.28 -4.04 12.78
N LYS A 65 -4.27 -4.10 14.11
CA LYS A 65 -5.00 -5.13 14.84
C LYS A 65 -6.47 -5.14 14.46
N GLU A 66 -7.05 -3.95 14.36
CA GLU A 66 -8.47 -3.82 14.00
C GLU A 66 -8.64 -3.81 12.49
N LEU A 67 -7.54 -3.93 11.76
CA LEU A 67 -7.56 -3.94 10.31
C LEU A 67 -7.59 -5.36 9.78
N ILE A 68 -6.72 -6.21 10.30
CA ILE A 68 -6.63 -7.59 9.88
C ILE A 68 -7.87 -8.37 10.33
N GLU A 69 -8.41 -8.00 11.48
CA GLU A 69 -9.58 -8.67 12.03
C GLU A 69 -10.78 -8.51 11.09
N MET A 70 -10.69 -7.54 10.18
CA MET A 70 -11.76 -7.29 9.22
C MET A 70 -11.67 -8.24 8.04
N VAL A 71 -10.53 -8.21 7.35
CA VAL A 71 -10.32 -9.07 6.19
C VAL A 71 -10.48 -10.55 6.57
N GLU A 72 -10.05 -10.89 7.78
CA GLU A 72 -10.15 -12.26 8.27
C GLU A 72 -11.50 -12.52 8.91
N LYS A 73 -12.57 -12.15 8.21
CA LYS A 73 -13.92 -12.33 8.71
C LYS A 73 -14.89 -12.66 7.58
N LYS A 74 -14.72 -11.98 6.45
CA LYS A 74 -15.57 -12.20 5.29
C LYS A 74 -14.83 -12.99 4.21
N PHE A 75 -13.50 -12.91 4.23
CA PHE A 75 -12.67 -13.61 3.26
C PHE A 75 -12.34 -15.02 3.75
N GLN A 76 -12.99 -15.43 4.82
CA GLN A 76 -12.77 -16.76 5.38
C GLN A 76 -11.31 -17.19 5.20
N LYS A 77 -10.39 -16.29 5.51
CA LYS A 77 -8.96 -16.57 5.38
C LYS A 77 -8.15 -15.74 6.37
N ARG A 78 -6.84 -15.90 6.33
CA ARG A 78 -5.94 -15.17 7.22
C ARG A 78 -4.81 -14.51 6.44
N VAL A 79 -4.42 -13.32 6.88
CA VAL A 79 -3.35 -12.57 6.23
C VAL A 79 -1.99 -13.17 6.55
N THR A 80 -1.20 -13.41 5.51
CA THR A 80 0.14 -13.98 5.68
C THR A 80 1.13 -13.35 4.70
N ASP A 81 0.91 -12.09 4.36
CA ASP A 81 1.78 -11.38 3.44
C ASP A 81 1.54 -9.87 3.51
N VAL A 82 2.61 -9.12 3.73
CA VAL A 82 2.51 -7.67 3.82
C VAL A 82 3.60 -6.99 2.99
N ILE A 83 3.22 -6.50 1.82
CA ILE A 83 4.17 -5.82 0.93
C ILE A 83 4.40 -4.38 1.37
N ILE A 84 5.65 -4.06 1.66
CA ILE A 84 6.00 -2.71 2.09
C ILE A 84 6.78 -1.97 1.02
N THR A 85 6.36 -0.76 0.69
CA THR A 85 7.01 0.04 -0.33
C THR A 85 8.19 0.82 0.26
N HIS A 86 7.91 1.58 1.32
CA HIS A 86 8.94 2.38 1.97
C HIS A 86 8.86 2.23 3.50
N ALA A 87 9.90 2.68 4.18
CA ALA A 87 9.95 2.60 5.64
C ALA A 87 9.22 3.78 6.27
N HIS A 88 7.96 3.57 6.63
CA HIS A 88 7.16 4.64 7.25
C HIS A 88 6.13 4.04 8.20
N ALA A 89 5.65 4.87 9.13
CA ALA A 89 4.65 4.42 10.10
C ALA A 89 3.40 3.89 9.41
N ASP A 90 3.14 4.39 8.21
CA ASP A 90 1.99 3.96 7.44
C ASP A 90 2.32 2.76 6.56
N ARG A 91 3.49 2.17 6.80
CA ARG A 91 3.94 1.02 6.03
C ARG A 91 4.28 -0.15 6.94
N ILE A 92 5.16 0.10 7.90
CA ILE A 92 5.57 -0.94 8.85
C ILE A 92 5.06 -0.63 10.25
N GLY A 93 4.08 0.25 10.34
CA GLY A 93 3.51 0.62 11.62
C GLY A 93 3.08 -0.59 12.43
N GLY A 94 2.71 -1.66 11.73
CA GLY A 94 2.28 -2.87 12.40
C GLY A 94 3.28 -4.00 12.27
N ILE A 95 4.52 -3.64 11.95
CA ILE A 95 5.58 -4.63 11.81
C ILE A 95 5.62 -5.58 13.00
N LYS A 96 5.23 -5.08 14.16
CA LYS A 96 5.21 -5.88 15.38
C LYS A 96 4.08 -6.91 15.33
N THR A 97 2.90 -6.47 14.89
CA THR A 97 1.75 -7.36 14.80
C THR A 97 1.98 -8.48 13.79
N LEU A 98 2.61 -8.14 12.67
CA LEU A 98 2.90 -9.12 11.63
C LEU A 98 3.81 -10.22 12.16
N LYS A 99 4.73 -9.85 13.05
CA LYS A 99 5.66 -10.81 13.63
C LYS A 99 5.01 -11.56 14.79
N GLU A 100 3.99 -10.95 15.38
CA GLU A 100 3.29 -11.57 16.49
C GLU A 100 2.25 -12.57 16.00
N ARG A 101 1.63 -12.26 14.86
CA ARG A 101 0.62 -13.14 14.28
C ARG A 101 1.26 -14.19 13.39
N GLY A 102 2.19 -13.76 12.54
CA GLY A 102 2.86 -14.67 11.64
C GLY A 102 3.07 -14.08 10.25
N ILE A 103 2.37 -12.99 9.98
CA ILE A 103 2.49 -12.32 8.67
C ILE A 103 3.92 -11.84 8.42
N LYS A 104 4.31 -11.79 7.16
CA LYS A 104 5.64 -11.35 6.79
C LYS A 104 5.59 -10.01 6.06
N ALA A 105 6.36 -9.04 6.55
CA ALA A 105 6.40 -7.72 5.95
C ALA A 105 7.47 -7.65 4.85
N HIS A 106 7.12 -8.10 3.66
CA HIS A 106 8.05 -8.09 2.54
C HIS A 106 8.54 -6.68 2.26
N SER A 107 9.80 -6.56 1.87
CA SER A 107 10.40 -5.26 1.57
C SER A 107 11.86 -5.41 1.17
N THR A 108 12.33 -4.48 0.34
CA THR A 108 13.71 -4.51 -0.14
C THR A 108 14.70 -4.32 1.02
N ALA A 109 15.98 -4.34 0.70
CA ALA A 109 17.01 -4.16 1.72
C ALA A 109 17.11 -2.71 2.17
N LEU A 110 16.84 -1.80 1.24
CA LEU A 110 16.88 -0.38 1.55
C LEU A 110 15.69 0.05 2.41
N THR A 111 14.50 -0.39 2.01
CA THR A 111 13.29 -0.07 2.74
C THR A 111 13.42 -0.42 4.22
N ALA A 112 14.24 -1.42 4.51
CA ALA A 112 14.47 -1.84 5.88
C ALA A 112 15.52 -0.99 6.56
N GLU A 113 16.48 -0.49 5.77
CA GLU A 113 17.55 0.34 6.30
C GLU A 113 16.99 1.54 7.05
N LEU A 114 16.04 2.23 6.42
CA LEU A 114 15.42 3.40 7.03
C LEU A 114 14.49 3.00 8.17
N ALA A 115 14.00 1.77 8.11
CA ALA A 115 13.09 1.25 9.14
C ALA A 115 13.76 1.29 10.52
N LYS A 116 14.79 0.47 10.69
CA LYS A 116 15.51 0.41 11.95
C LYS A 116 16.00 1.79 12.37
N LYS A 117 16.22 2.66 11.38
CA LYS A 117 16.69 4.01 11.64
C LYS A 117 15.66 4.79 12.45
N ASN A 118 14.41 4.38 12.37
CA ASN A 118 13.33 5.04 13.10
C ASN A 118 13.08 4.36 14.44
N GLY A 119 13.17 3.04 14.46
CA GLY A 119 12.95 2.30 15.68
C GLY A 119 12.13 1.04 15.46
N TYR A 120 11.60 0.89 14.25
CA TYR A 120 10.78 -0.28 13.92
C TYR A 120 11.57 -1.56 14.09
N GLU A 121 10.97 -2.68 13.66
CA GLU A 121 11.62 -3.97 13.78
C GLU A 121 12.25 -4.39 12.45
N GLU A 122 12.10 -3.53 11.44
CA GLU A 122 12.66 -3.81 10.12
C GLU A 122 11.95 -4.99 9.47
N PRO A 123 11.52 -4.81 8.22
CA PRO A 123 10.82 -5.85 7.46
C PRO A 123 11.74 -7.01 7.08
N LEU A 124 11.25 -7.90 6.23
CA LEU A 124 12.02 -9.05 5.78
C LEU A 124 13.36 -8.61 5.22
N GLY A 125 13.35 -7.59 4.38
CA GLY A 125 14.57 -7.08 3.79
C GLY A 125 15.23 -8.10 2.87
N ASP A 126 14.45 -8.61 1.92
CA ASP A 126 14.96 -9.61 0.97
C ASP A 126 14.25 -9.48 -0.37
N LEU A 127 14.22 -8.27 -0.91
CA LEU A 127 13.58 -8.01 -2.19
C LEU A 127 14.47 -7.18 -3.10
N GLN A 128 13.99 -6.91 -4.30
CA GLN A 128 14.74 -6.11 -5.27
C GLN A 128 13.82 -5.16 -6.04
N THR A 129 14.36 -4.55 -7.09
CA THR A 129 13.58 -3.63 -7.91
C THR A 129 12.25 -4.24 -8.32
N VAL A 130 12.29 -5.18 -9.25
CA VAL A 130 11.09 -5.85 -9.73
C VAL A 130 11.09 -7.32 -9.36
N THR A 131 10.26 -7.68 -8.38
CA THR A 131 10.16 -9.07 -7.93
C THR A 131 8.82 -9.68 -8.32
N ASN A 132 8.84 -10.53 -9.34
CA ASN A 132 7.62 -11.18 -9.82
C ASN A 132 7.08 -12.14 -8.77
N LEU A 133 6.14 -11.67 -7.96
CA LEU A 133 5.54 -12.48 -6.92
C LEU A 133 4.34 -13.27 -7.45
N LYS A 134 3.98 -14.34 -6.75
CA LYS A 134 2.86 -15.18 -7.16
C LYS A 134 2.28 -15.94 -5.96
N PHE A 135 1.11 -15.51 -5.51
CA PHE A 135 0.45 -16.15 -4.37
C PHE A 135 -0.61 -17.14 -4.84
N GLY A 136 -1.42 -17.61 -3.90
CA GLY A 136 -2.47 -18.55 -4.24
C GLY A 136 -3.38 -18.04 -5.34
N ASN A 137 -3.15 -18.52 -6.56
CA ASN A 137 -3.96 -18.11 -7.71
C ASN A 137 -3.92 -16.60 -7.88
N MET A 138 -2.73 -16.02 -7.79
CA MET A 138 -2.56 -14.58 -7.94
C MET A 138 -1.23 -14.25 -8.61
N LYS A 139 -1.17 -13.09 -9.25
CA LYS A 139 0.05 -12.65 -9.93
C LYS A 139 0.39 -11.22 -9.57
N VAL A 140 1.63 -11.00 -9.14
CA VAL A 140 2.09 -9.66 -8.77
C VAL A 140 3.51 -9.41 -9.24
N GLU A 141 3.87 -8.14 -9.38
CA GLU A 141 5.21 -7.76 -9.82
C GLU A 141 5.58 -6.37 -9.32
N THR A 142 6.66 -6.29 -8.55
CA THR A 142 7.12 -5.02 -8.02
C THR A 142 7.76 -4.16 -9.10
N PHE A 143 8.23 -2.98 -8.72
CA PHE A 143 8.87 -2.06 -9.66
C PHE A 143 9.42 -0.84 -8.94
N TYR A 144 10.60 -0.40 -9.35
CA TYR A 144 11.23 0.77 -8.74
C TYR A 144 11.51 1.85 -9.78
N PRO A 145 10.59 2.82 -9.89
CA PRO A 145 10.72 3.92 -10.85
C PRO A 145 11.83 4.89 -10.47
N GLY A 146 11.86 5.31 -9.21
CA GLY A 146 12.89 6.22 -8.75
C GLY A 146 12.61 6.75 -7.36
N LYS A 147 13.17 7.91 -7.04
CA LYS A 147 12.99 8.51 -5.73
C LYS A 147 11.85 9.54 -5.75
N GLY A 148 10.89 9.38 -4.85
CA GLY A 148 9.78 10.30 -4.79
C GLY A 148 9.40 10.67 -3.37
N HIS A 149 8.44 9.94 -2.80
CA HIS A 149 8.00 10.20 -1.43
C HIS A 149 9.06 9.75 -0.42
N THR A 150 9.84 8.74 -0.80
CA THR A 150 10.89 8.23 0.08
C THR A 150 12.06 7.68 -0.74
N GLU A 151 13.25 7.73 -0.15
CA GLU A 151 14.44 7.23 -0.82
C GLU A 151 14.26 5.78 -1.27
N ASP A 152 13.59 4.99 -0.45
CA ASP A 152 13.33 3.59 -0.77
C ASP A 152 11.86 3.36 -1.09
N ASN A 153 11.33 4.16 -2.02
CA ASN A 153 9.94 4.04 -2.42
C ASN A 153 9.81 3.28 -3.73
N ILE A 154 8.84 2.36 -3.79
CA ILE A 154 8.61 1.57 -4.98
C ILE A 154 7.12 1.45 -5.29
N VAL A 155 6.80 0.89 -6.45
CA VAL A 155 5.42 0.71 -6.86
C VAL A 155 5.10 -0.76 -7.14
N VAL A 156 3.84 -1.14 -6.92
CA VAL A 156 3.42 -2.52 -7.14
C VAL A 156 2.56 -2.63 -8.39
N TRP A 157 2.72 -3.74 -9.11
CA TRP A 157 1.97 -3.97 -10.33
C TRP A 157 1.31 -5.35 -10.32
N LEU A 158 0.13 -5.44 -10.91
CA LEU A 158 -0.60 -6.71 -10.96
C LEU A 158 -0.92 -7.10 -12.40
N PRO A 159 -0.07 -7.96 -12.98
CA PRO A 159 -0.24 -8.43 -14.35
C PRO A 159 -1.44 -9.36 -14.52
N GLN A 160 -2.63 -8.78 -14.45
CA GLN A 160 -3.87 -9.55 -14.59
C GLN A 160 -5.09 -8.65 -14.47
N TYR A 161 -4.99 -7.63 -13.64
CA TYR A 161 -6.09 -6.69 -13.42
C TYR A 161 -5.70 -5.28 -13.88
N ASN A 162 -4.41 -5.08 -14.10
CA ASN A 162 -3.90 -3.78 -14.54
C ASN A 162 -4.03 -2.74 -13.42
N ILE A 163 -4.06 -3.22 -12.18
CA ILE A 163 -4.18 -2.34 -11.03
C ILE A 163 -2.82 -2.07 -10.40
N LEU A 164 -2.40 -0.81 -10.42
CA LEU A 164 -1.12 -0.41 -9.85
C LEU A 164 -1.29 0.17 -8.46
N VAL A 165 -0.42 -0.22 -7.54
CA VAL A 165 -0.48 0.28 -6.17
C VAL A 165 0.81 0.97 -5.77
N GLY A 166 1.13 2.06 -6.47
CA GLY A 166 2.34 2.80 -6.19
C GLY A 166 2.48 3.15 -4.72
N GLY A 167 1.43 3.75 -4.16
CA GLY A 167 1.46 4.14 -2.76
C GLY A 167 1.52 5.64 -2.57
N CYS A 168 2.32 6.07 -1.60
CA CYS A 168 2.47 7.49 -1.32
C CYS A 168 3.07 8.23 -2.51
N LEU A 169 3.67 7.48 -3.43
CA LEU A 169 4.27 8.05 -4.62
C LEU A 169 3.22 8.68 -5.52
N VAL A 170 2.19 7.90 -5.85
CA VAL A 170 1.12 8.39 -6.71
C VAL A 170 0.08 9.15 -5.91
N LYS A 171 -0.11 10.42 -6.25
CA LYS A 171 -1.07 11.27 -5.57
C LYS A 171 -2.42 11.25 -6.27
N SER A 172 -3.48 10.96 -5.51
CA SER A 172 -4.82 10.89 -6.07
C SER A 172 -5.25 12.26 -6.61
N THR A 173 -6.33 12.28 -7.38
CA THR A 173 -6.84 13.51 -7.96
C THR A 173 -7.30 14.47 -6.88
N SER A 174 -8.01 13.95 -5.88
CA SER A 174 -8.52 14.76 -4.79
C SER A 174 -7.39 15.59 -4.17
N ALA A 175 -6.18 15.05 -4.20
CA ALA A 175 -5.02 15.74 -3.65
C ALA A 175 -4.65 16.96 -4.49
N LYS A 176 -3.83 17.84 -3.92
CA LYS A 176 -3.40 19.05 -4.62
C LYS A 176 -2.06 19.54 -4.07
N ASP A 177 -1.30 18.62 -3.50
CA ASP A 177 0.01 18.96 -2.94
C ASP A 177 0.74 17.71 -2.46
N LEU A 178 2.07 17.77 -2.43
CA LEU A 178 2.87 16.64 -2.00
C LEU A 178 3.05 16.66 -0.48
N GLY A 179 3.12 17.86 0.09
CA GLY A 179 3.28 17.99 1.52
C GLY A 179 4.73 18.11 1.94
N ASN A 180 5.00 17.92 3.23
CA ASN A 180 6.36 18.01 3.74
C ASN A 180 7.31 17.12 2.94
N VAL A 181 8.13 17.75 2.11
CA VAL A 181 9.08 17.01 1.28
C VAL A 181 10.47 16.99 1.92
N ALA A 182 10.50 17.12 3.25
CA ALA A 182 11.76 17.11 3.98
C ALA A 182 12.50 15.80 3.80
N ASP A 183 11.75 14.71 3.67
CA ASP A 183 12.34 13.39 3.48
C ASP A 183 11.89 12.78 2.16
N ALA A 184 11.80 13.61 1.13
CA ALA A 184 11.38 13.16 -0.19
C ALA A 184 12.18 13.84 -1.29
N TYR A 185 12.10 13.30 -2.50
CA TYR A 185 12.83 13.86 -3.64
C TYR A 185 11.86 14.43 -4.68
N VAL A 186 11.57 15.72 -4.56
CA VAL A 186 10.66 16.38 -5.49
C VAL A 186 11.29 16.50 -6.87
N ASN A 187 12.61 16.47 -6.92
CA ASN A 187 13.33 16.57 -8.19
C ASN A 187 13.37 15.23 -8.91
N GLU A 188 13.25 14.15 -8.14
CA GLU A 188 13.26 12.80 -8.71
C GLU A 188 11.84 12.27 -8.88
N TRP A 189 10.92 12.80 -8.10
CA TRP A 189 9.52 12.38 -8.17
C TRP A 189 9.01 12.42 -9.61
N SER A 190 9.15 13.58 -10.24
CA SER A 190 8.70 13.75 -11.62
C SER A 190 9.25 12.65 -12.51
N THR A 191 10.46 12.18 -12.20
CA THR A 191 11.11 11.14 -12.97
C THR A 191 10.52 9.77 -12.64
N SER A 192 10.15 9.59 -11.39
CA SER A 192 9.58 8.31 -10.94
C SER A 192 8.23 8.07 -11.60
N ILE A 193 7.32 9.03 -11.46
CA ILE A 193 5.99 8.92 -12.05
C ILE A 193 6.07 8.67 -13.56
N GLU A 194 7.04 9.32 -14.21
CA GLU A 194 7.21 9.17 -15.64
C GLU A 194 7.62 7.75 -16.00
N ASN A 195 8.20 7.05 -15.02
CA ASN A 195 8.65 5.67 -15.24
C ASN A 195 7.51 4.69 -14.95
N VAL A 196 6.63 5.05 -14.02
CA VAL A 196 5.50 4.21 -13.66
C VAL A 196 4.42 4.25 -14.73
N LEU A 197 4.02 5.46 -15.11
CA LEU A 197 2.99 5.63 -16.13
C LEU A 197 3.46 5.09 -17.48
N LYS A 198 4.77 5.04 -17.67
CA LYS A 198 5.35 4.54 -18.91
C LYS A 198 5.41 3.02 -18.90
N ARG A 199 5.90 2.45 -17.81
CA ARG A 199 6.01 1.00 -17.67
C ARG A 199 4.68 0.33 -17.99
N TYR A 200 3.58 1.00 -17.63
CA TYR A 200 2.25 0.47 -17.87
C TYR A 200 1.31 1.55 -18.37
N ARG A 201 0.79 1.35 -19.58
CA ARG A 201 -0.12 2.32 -20.19
C ARG A 201 -1.49 1.70 -20.41
N ASN A 202 -1.88 0.79 -19.53
CA ASN A 202 -3.18 0.12 -19.63
C ASN A 202 -3.79 -0.08 -18.24
N ILE A 203 -3.34 0.71 -17.29
CA ILE A 203 -3.86 0.62 -15.92
C ILE A 203 -5.38 0.69 -15.90
N ASN A 204 -5.99 -0.02 -14.96
CA ASN A 204 -7.44 -0.04 -14.83
C ASN A 204 -7.89 0.76 -13.61
N ALA A 205 -7.05 0.77 -12.58
CA ALA A 205 -7.36 1.49 -11.35
C ALA A 205 -6.09 1.76 -10.53
N VAL A 206 -5.88 3.02 -10.18
CA VAL A 206 -4.72 3.40 -9.40
C VAL A 206 -5.07 3.60 -7.92
N VAL A 207 -4.36 2.90 -7.05
CA VAL A 207 -4.59 2.99 -5.62
C VAL A 207 -3.47 3.74 -4.92
N PRO A 208 -3.62 5.07 -4.82
CA PRO A 208 -2.62 5.93 -4.17
C PRO A 208 -2.57 5.72 -2.66
N GLY A 209 -1.58 6.33 -2.02
CA GLY A 209 -1.43 6.20 -0.58
C GLY A 209 -2.33 7.15 0.18
N HIS A 210 -2.68 8.28 -0.46
CA HIS A 210 -3.54 9.27 0.18
C HIS A 210 -4.48 9.90 -0.85
N GLY A 211 -5.78 9.74 -0.62
CA GLY A 211 -6.77 10.29 -1.53
C GLY A 211 -7.89 9.32 -1.84
N GLU A 212 -7.75 8.60 -2.94
CA GLU A 212 -8.77 7.62 -3.34
C GLU A 212 -8.36 6.93 -4.64
N VAL A 213 -9.09 5.87 -4.99
CA VAL A 213 -8.81 5.11 -6.20
C VAL A 213 -9.37 5.82 -7.43
N GLY A 214 -8.62 5.75 -8.53
CA GLY A 214 -9.06 6.39 -9.76
C GLY A 214 -8.56 5.66 -11.00
N ASP A 215 -7.59 6.27 -11.67
CA ASP A 215 -7.02 5.67 -12.89
C ASP A 215 -5.60 6.17 -13.11
N LYS A 216 -5.04 5.81 -14.27
CA LYS A 216 -3.68 6.21 -14.61
C LYS A 216 -3.53 7.73 -14.51
N GLY A 217 -4.64 8.44 -14.63
CA GLY A 217 -4.61 9.89 -14.56
C GLY A 217 -3.91 10.39 -13.30
N LEU A 218 -4.03 9.64 -12.22
CA LEU A 218 -3.42 10.01 -10.94
C LEU A 218 -1.94 10.33 -11.14
N LEU A 219 -1.25 9.50 -11.90
CA LEU A 219 0.16 9.69 -12.17
C LEU A 219 0.42 11.05 -12.82
N LEU A 220 -0.41 11.38 -13.81
CA LEU A 220 -0.27 12.65 -14.51
C LEU A 220 -0.54 13.82 -13.57
N HIS A 221 -1.56 13.69 -12.74
CA HIS A 221 -1.92 14.73 -11.78
C HIS A 221 -0.78 14.99 -10.80
N THR A 222 -0.12 13.91 -10.37
CA THR A 222 0.99 14.02 -9.43
C THR A 222 2.05 14.97 -9.94
N LEU A 223 2.34 14.90 -11.24
CA LEU A 223 3.35 15.76 -11.84
C LEU A 223 2.98 17.23 -11.67
N ASP A 224 1.70 17.54 -11.85
CA ASP A 224 1.21 18.91 -11.71
C ASP A 224 1.51 19.45 -10.32
N LEU A 225 1.49 18.56 -9.33
CA LEU A 225 1.75 18.95 -7.94
C LEU A 225 3.22 19.32 -7.76
N LEU A 226 4.09 18.77 -8.60
CA LEU A 226 5.51 19.05 -8.53
C LEU A 226 5.87 20.30 -9.34
N LYS A 227 5.32 20.39 -10.55
CA LYS A 227 5.57 21.52 -11.42
C LYS A 227 4.72 22.72 -11.02
N SER A 1 -22.93 -21.51 5.96
CA SER A 1 -24.17 -21.32 6.71
C SER A 1 -25.13 -20.39 5.98
N GLN A 2 -24.57 -19.33 5.40
CA GLN A 2 -25.39 -18.36 4.67
C GLN A 2 -24.59 -17.74 3.53
N LYS A 3 -25.27 -16.95 2.70
CA LYS A 3 -24.63 -16.30 1.57
C LYS A 3 -25.44 -15.09 1.11
N VAL A 4 -24.93 -13.89 1.41
CA VAL A 4 -25.60 -12.66 1.03
C VAL A 4 -24.71 -11.80 0.14
N GLU A 5 -25.26 -10.69 -0.34
CA GLU A 5 -24.50 -9.79 -1.20
C GLU A 5 -24.15 -8.50 -0.46
N LYS A 6 -23.08 -8.56 0.33
CA LYS A 6 -22.63 -7.40 1.10
C LYS A 6 -21.15 -7.13 0.85
N THR A 7 -20.77 -5.86 0.93
CA THR A 7 -19.37 -5.47 0.71
C THR A 7 -19.01 -4.26 1.56
N VAL A 8 -17.76 -3.82 1.45
CA VAL A 8 -17.28 -2.67 2.21
C VAL A 8 -17.39 -2.92 3.71
N ILE A 9 -16.27 -3.34 4.31
CA ILE A 9 -16.24 -3.60 5.74
C ILE A 9 -15.84 -2.36 6.53
N LYS A 10 -16.25 -2.31 7.80
CA LYS A 10 -15.94 -1.18 8.65
C LYS A 10 -15.71 -1.63 10.09
N ASN A 11 -15.13 -0.75 10.90
CA ASN A 11 -14.86 -1.06 12.30
C ASN A 11 -15.94 -0.47 13.21
N GLU A 12 -15.86 -0.80 14.49
CA GLU A 12 -16.83 -0.30 15.46
C GLU A 12 -16.83 1.23 15.50
N THR A 13 -15.68 1.83 15.18
CA THR A 13 -15.56 3.27 15.18
C THR A 13 -15.61 3.82 13.76
N GLY A 14 -15.10 3.05 12.81
CA GLY A 14 -15.10 3.49 11.42
C GLY A 14 -13.73 3.93 10.96
N THR A 15 -12.79 4.04 11.89
CA THR A 15 -11.43 4.47 11.57
C THR A 15 -10.86 3.65 10.41
N ILE A 16 -11.26 2.38 10.34
CA ILE A 16 -10.79 1.50 9.28
C ILE A 16 -11.95 0.90 8.51
N SER A 17 -11.74 0.65 7.22
CA SER A 17 -12.77 0.08 6.37
C SER A 17 -12.18 -0.40 5.04
N ILE A 18 -12.99 -1.10 4.25
CA ILE A 18 -12.56 -1.61 2.97
C ILE A 18 -13.63 -1.42 1.90
N SER A 19 -13.36 -1.92 0.70
CA SER A 19 -14.31 -1.81 -0.40
C SER A 19 -13.92 -2.73 -1.55
N GLN A 20 -14.90 -3.45 -2.08
CA GLN A 20 -14.66 -4.39 -3.18
C GLN A 20 -14.34 -3.63 -4.46
N LEU A 21 -13.14 -3.85 -4.99
CA LEU A 21 -12.71 -3.19 -6.22
C LEU A 21 -12.77 -4.16 -7.40
N ASN A 22 -12.34 -5.40 -7.18
CA ASN A 22 -12.34 -6.41 -8.22
C ASN A 22 -12.65 -7.79 -7.65
N LYS A 23 -12.47 -8.82 -8.47
CA LYS A 23 -12.72 -10.19 -8.04
C LYS A 23 -11.99 -10.48 -6.73
N ASN A 24 -10.69 -10.20 -6.69
CA ASN A 24 -9.88 -10.43 -5.50
C ASN A 24 -9.05 -9.21 -5.16
N VAL A 25 -9.58 -8.03 -5.48
CA VAL A 25 -8.88 -6.78 -5.20
C VAL A 25 -9.77 -5.83 -4.41
N TRP A 26 -9.32 -5.45 -3.22
CA TRP A 26 -10.07 -4.54 -2.36
C TRP A 26 -9.22 -3.34 -1.97
N VAL A 27 -9.88 -2.28 -1.50
CA VAL A 27 -9.18 -1.08 -1.08
C VAL A 27 -9.50 -0.73 0.37
N HIS A 28 -8.53 -0.93 1.26
CA HIS A 28 -8.70 -0.64 2.67
C HIS A 28 -8.04 0.69 3.04
N THR A 29 -8.71 1.46 3.89
CA THR A 29 -8.18 2.75 4.31
C THR A 29 -8.42 2.97 5.81
N GLU A 30 -7.33 3.26 6.53
CA GLU A 30 -7.42 3.48 7.97
C GLU A 30 -7.07 4.93 8.31
N LEU A 31 -7.06 5.23 9.60
CA LEU A 31 -6.74 6.58 10.07
C LEU A 31 -5.76 6.54 11.24
N GLY A 32 -4.75 7.39 11.19
CA GLY A 32 -3.77 7.43 12.25
C GLY A 32 -3.10 8.79 12.38
N SER A 33 -2.80 9.19 13.61
CA SER A 33 -2.17 10.49 13.86
C SER A 33 -0.67 10.41 13.58
N PHE A 34 -0.12 11.48 13.02
CA PHE A 34 1.29 11.54 12.70
C PHE A 34 2.05 12.40 13.72
N ASN A 35 1.37 13.41 14.24
CA ASN A 35 1.97 14.30 15.23
C ASN A 35 0.90 15.13 15.93
N GLY A 36 -0.27 14.55 16.11
CA GLY A 36 -1.36 15.24 16.76
C GLY A 36 -2.53 15.51 15.84
N GLU A 37 -2.53 14.85 14.69
CA GLU A 37 -3.61 15.02 13.71
C GLU A 37 -3.82 13.74 12.91
N ALA A 38 -5.03 13.18 13.00
CA ALA A 38 -5.36 11.96 12.29
C ALA A 38 -5.21 12.15 10.79
N VAL A 39 -4.65 11.15 10.12
CA VAL A 39 -4.44 11.20 8.68
C VAL A 39 -4.81 9.87 8.02
N PRO A 40 -5.71 9.93 7.04
CA PRO A 40 -6.17 8.74 6.31
C PRO A 40 -5.08 8.16 5.41
N SER A 41 -5.00 6.83 5.37
CA SER A 41 -4.00 6.16 4.55
C SER A 41 -4.65 5.09 3.67
N ASN A 42 -4.46 5.23 2.36
CA ASN A 42 -5.03 4.28 1.41
C ASN A 42 -4.38 2.90 1.55
N GLY A 43 -4.97 1.90 0.90
CA GLY A 43 -4.43 0.56 0.96
C GLY A 43 -5.15 -0.40 0.04
N LEU A 44 -4.60 -1.60 -0.12
CA LEU A 44 -5.20 -2.60 -0.99
C LEU A 44 -5.04 -4.00 -0.39
N VAL A 45 -6.09 -4.81 -0.50
CA VAL A 45 -6.07 -6.16 0.02
C VAL A 45 -6.36 -7.18 -1.07
N LEU A 46 -5.51 -8.20 -1.16
CA LEU A 46 -5.67 -9.25 -2.17
C LEU A 46 -6.39 -10.45 -1.58
N ASN A 47 -7.48 -10.86 -2.23
CA ASN A 47 -8.25 -12.01 -1.77
C ASN A 47 -7.78 -13.29 -2.45
N THR A 48 -6.47 -13.47 -2.50
CA THR A 48 -5.88 -14.65 -3.12
C THR A 48 -6.48 -15.93 -2.55
N SER A 49 -6.26 -17.04 -3.24
CA SER A 49 -6.78 -18.33 -2.80
C SER A 49 -5.74 -19.10 -2.00
N LYS A 50 -4.94 -18.37 -1.22
CA LYS A 50 -3.90 -18.99 -0.41
C LYS A 50 -3.53 -18.08 0.77
N GLY A 51 -4.46 -17.22 1.17
CA GLY A 51 -4.20 -16.31 2.27
C GLY A 51 -4.22 -14.86 1.84
N LEU A 52 -5.06 -14.05 2.49
CA LEU A 52 -5.17 -12.64 2.17
C LEU A 52 -3.80 -11.96 2.20
N VAL A 53 -3.68 -10.84 1.51
CA VAL A 53 -2.42 -10.09 1.47
C VAL A 53 -2.67 -8.59 1.51
N LEU A 54 -1.80 -7.87 2.20
CA LEU A 54 -1.92 -6.42 2.32
C LEU A 54 -0.75 -5.72 1.64
N VAL A 55 -1.08 -4.76 0.77
CA VAL A 55 -0.05 -4.01 0.05
C VAL A 55 0.53 -2.91 0.91
N ASP A 56 0.03 -2.79 2.14
CA ASP A 56 0.50 -1.77 3.07
C ASP A 56 -0.15 -1.95 4.44
N SER A 57 0.67 -1.92 5.49
CA SER A 57 0.18 -2.07 6.85
C SER A 57 -0.54 -0.81 7.32
N SER A 58 -0.78 -0.73 8.62
CA SER A 58 -1.46 0.42 9.21
C SER A 58 -0.45 1.45 9.72
N TRP A 59 -0.95 2.44 10.44
CA TRP A 59 -0.08 3.49 11.00
C TRP A 59 0.71 2.97 12.19
N ASP A 60 0.08 2.08 12.96
CA ASP A 60 0.73 1.51 14.13
C ASP A 60 0.28 0.06 14.36
N ASP A 61 0.90 -0.60 15.33
CA ASP A 61 0.56 -1.99 15.64
C ASP A 61 -0.83 -2.08 16.25
N LYS A 62 -1.23 -1.03 16.96
CA LYS A 62 -2.54 -1.00 17.60
C LYS A 62 -3.65 -0.74 16.58
N LEU A 63 -3.28 -0.08 15.49
CA LEU A 63 -4.23 0.23 14.42
C LEU A 63 -4.41 -0.95 13.48
N THR A 64 -3.30 -1.52 13.04
CA THR A 64 -3.33 -2.66 12.14
C THR A 64 -4.06 -3.85 12.77
N LYS A 65 -4.02 -3.91 14.10
CA LYS A 65 -4.67 -5.00 14.83
C LYS A 65 -6.15 -5.08 14.47
N GLU A 66 -6.80 -3.92 14.38
CA GLU A 66 -8.22 -3.87 14.05
C GLU A 66 -8.42 -3.85 12.54
N LEU A 67 -7.31 -3.92 11.80
CA LEU A 67 -7.37 -3.90 10.35
C LEU A 67 -7.33 -5.32 9.78
N ILE A 68 -6.42 -6.13 10.31
CA ILE A 68 -6.29 -7.51 9.88
C ILE A 68 -7.51 -8.34 10.28
N GLU A 69 -8.01 -8.11 11.49
CA GLU A 69 -9.16 -8.83 12.00
C GLU A 69 -10.39 -8.60 11.11
N MET A 70 -10.36 -7.50 10.35
CA MET A 70 -11.46 -7.16 9.47
C MET A 70 -11.48 -8.07 8.25
N VAL A 71 -10.40 -8.05 7.47
CA VAL A 71 -10.29 -8.88 6.28
C VAL A 71 -10.39 -10.36 6.63
N GLU A 72 -9.96 -10.71 7.84
CA GLU A 72 -10.01 -12.09 8.30
C GLU A 72 -11.35 -12.40 8.98
N LYS A 73 -12.43 -12.01 8.32
CA LYS A 73 -13.77 -12.25 8.85
C LYS A 73 -14.76 -12.58 7.74
N LYS A 74 -14.65 -11.85 6.62
CA LYS A 74 -15.53 -12.06 5.49
C LYS A 74 -14.83 -12.87 4.41
N PHE A 75 -13.50 -12.80 4.38
CA PHE A 75 -12.71 -13.53 3.40
C PHE A 75 -12.37 -14.93 3.90
N GLN A 76 -12.98 -15.32 5.01
CA GLN A 76 -12.73 -16.63 5.61
C GLN A 76 -11.30 -17.07 5.37
N LYS A 77 -10.36 -16.17 5.63
CA LYS A 77 -8.93 -16.46 5.44
C LYS A 77 -8.09 -15.70 6.46
N ARG A 78 -6.77 -15.86 6.35
CA ARG A 78 -5.84 -15.20 7.26
C ARG A 78 -4.69 -14.57 6.50
N VAL A 79 -4.40 -13.30 6.78
CA VAL A 79 -3.32 -12.59 6.12
C VAL A 79 -1.96 -13.16 6.52
N THR A 80 -1.14 -13.45 5.53
CA THR A 80 0.19 -14.00 5.78
C THR A 80 1.24 -13.33 4.89
N ASP A 81 0.90 -12.16 4.36
CA ASP A 81 1.81 -11.43 3.50
C ASP A 81 1.51 -9.93 3.54
N VAL A 82 2.55 -9.13 3.74
CA VAL A 82 2.39 -7.68 3.80
C VAL A 82 3.44 -6.97 2.97
N ILE A 83 3.07 -6.58 1.75
CA ILE A 83 3.99 -5.91 0.85
C ILE A 83 4.22 -4.46 1.29
N ILE A 84 5.49 -4.10 1.46
CA ILE A 84 5.85 -2.75 1.88
C ILE A 84 6.59 -2.01 0.77
N THR A 85 6.31 -0.72 0.65
CA THR A 85 6.95 0.10 -0.38
C THR A 85 8.13 0.87 0.20
N HIS A 86 7.87 1.71 1.20
CA HIS A 86 8.91 2.50 1.84
C HIS A 86 8.86 2.34 3.36
N ALA A 87 9.93 2.75 4.03
CA ALA A 87 10.01 2.65 5.49
C ALA A 87 9.34 3.86 6.15
N HIS A 88 8.09 3.68 6.56
CA HIS A 88 7.34 4.74 7.21
C HIS A 88 6.30 4.17 8.17
N ALA A 89 5.86 5.00 9.12
CA ALA A 89 4.87 4.58 10.09
C ALA A 89 3.59 4.09 9.41
N ASP A 90 3.34 4.60 8.21
CA ASP A 90 2.16 4.22 7.45
C ASP A 90 2.46 3.04 6.54
N ARG A 91 3.60 2.40 6.76
CA ARG A 91 4.01 1.26 5.94
C ARG A 91 4.34 0.06 6.82
N ILE A 92 5.17 0.27 7.83
CA ILE A 92 5.57 -0.79 8.74
C ILE A 92 5.15 -0.48 10.17
N GLY A 93 4.25 0.48 10.32
CA GLY A 93 3.77 0.87 11.64
C GLY A 93 3.30 -0.31 12.45
N GLY A 94 2.74 -1.31 11.77
CA GLY A 94 2.24 -2.49 12.46
C GLY A 94 3.17 -3.68 12.30
N ILE A 95 4.41 -3.42 11.87
CA ILE A 95 5.39 -4.47 11.67
C ILE A 95 5.41 -5.42 12.87
N LYS A 96 5.13 -4.89 14.05
CA LYS A 96 5.12 -5.69 15.27
C LYS A 96 4.00 -6.74 15.23
N THR A 97 2.77 -6.27 14.99
CA THR A 97 1.63 -7.16 14.92
C THR A 97 1.81 -8.22 13.84
N LEU A 98 2.35 -7.80 12.70
CA LEU A 98 2.58 -8.73 11.59
C LEU A 98 3.51 -9.86 12.01
N LYS A 99 4.42 -9.57 12.93
CA LYS A 99 5.37 -10.56 13.42
C LYS A 99 4.89 -11.17 14.73
N GLU A 100 3.58 -11.14 14.95
CA GLU A 100 2.99 -11.69 16.16
C GLU A 100 2.08 -12.87 15.85
N ARG A 101 1.57 -12.90 14.62
CA ARG A 101 0.68 -13.98 14.19
C ARG A 101 1.39 -14.90 13.21
N GLY A 102 2.44 -14.38 12.57
CA GLY A 102 3.19 -15.17 11.60
C GLY A 102 3.22 -14.53 10.23
N ILE A 103 2.83 -13.27 10.16
CA ILE A 103 2.81 -12.54 8.90
C ILE A 103 4.21 -12.04 8.53
N LYS A 104 4.43 -11.84 7.25
CA LYS A 104 5.72 -11.36 6.76
C LYS A 104 5.58 -10.03 6.03
N ALA A 105 6.31 -9.02 6.48
CA ALA A 105 6.26 -7.69 5.87
C ALA A 105 7.30 -7.56 4.76
N HIS A 106 6.95 -8.01 3.56
CA HIS A 106 7.85 -7.94 2.42
C HIS A 106 8.33 -6.51 2.19
N SER A 107 9.55 -6.38 1.70
CA SER A 107 10.14 -5.06 1.44
C SER A 107 11.55 -5.19 0.88
N THR A 108 12.05 -4.10 0.31
CA THR A 108 13.39 -4.08 -0.26
C THR A 108 14.46 -3.88 0.82
N ALA A 109 15.67 -4.33 0.54
CA ALA A 109 16.78 -4.19 1.48
C ALA A 109 16.92 -2.75 1.95
N LEU A 110 16.54 -1.81 1.09
CA LEU A 110 16.62 -0.39 1.42
C LEU A 110 15.50 0.01 2.38
N THR A 111 14.28 -0.40 2.07
CA THR A 111 13.14 -0.09 2.91
C THR A 111 13.37 -0.52 4.36
N ALA A 112 14.22 -1.52 4.53
CA ALA A 112 14.53 -2.03 5.86
C ALA A 112 15.68 -1.24 6.50
N GLU A 113 16.53 -0.68 5.65
CA GLU A 113 17.67 0.10 6.12
C GLU A 113 17.20 1.35 6.87
N LEU A 114 16.02 1.84 6.50
CA LEU A 114 15.46 3.03 7.14
C LEU A 114 14.56 2.65 8.31
N ALA A 115 14.03 1.43 8.27
CA ALA A 115 13.15 0.94 9.33
C ALA A 115 13.86 0.95 10.68
N LYS A 116 14.93 0.17 10.79
CA LYS A 116 15.69 0.09 12.03
C LYS A 116 16.19 1.47 12.46
N LYS A 117 16.32 2.37 11.48
CA LYS A 117 16.79 3.72 11.75
C LYS A 117 15.75 4.50 12.55
N ASN A 118 14.48 4.07 12.45
CA ASN A 118 13.39 4.73 13.16
C ASN A 118 13.07 3.99 14.46
N GLY A 119 13.37 2.69 14.48
CA GLY A 119 13.09 1.90 15.67
C GLY A 119 12.18 0.73 15.38
N TYR A 120 11.70 0.63 14.15
CA TYR A 120 10.81 -0.45 13.74
C TYR A 120 11.48 -1.81 13.95
N GLU A 121 10.81 -2.86 13.49
CA GLU A 121 11.33 -4.21 13.63
C GLU A 121 12.02 -4.65 12.34
N GLU A 122 12.01 -3.79 11.33
CA GLU A 122 12.63 -4.09 10.05
C GLU A 122 11.88 -5.23 9.35
N PRO A 123 11.45 -4.97 8.10
CA PRO A 123 10.72 -5.95 7.30
C PRO A 123 11.62 -7.10 6.85
N LEU A 124 11.10 -7.93 5.96
CA LEU A 124 11.85 -9.08 5.44
C LEU A 124 13.20 -8.64 4.90
N GLY A 125 13.21 -7.50 4.21
CA GLY A 125 14.45 -6.99 3.65
C GLY A 125 15.16 -8.02 2.80
N ASP A 126 14.49 -8.50 1.76
CA ASP A 126 15.07 -9.50 0.87
C ASP A 126 14.41 -9.45 -0.50
N LEU A 127 14.29 -8.25 -1.05
CA LEU A 127 13.67 -8.05 -2.36
C LEU A 127 14.59 -7.25 -3.28
N GLN A 128 14.09 -6.93 -4.47
CA GLN A 128 14.86 -6.16 -5.43
C GLN A 128 13.97 -5.15 -6.15
N THR A 129 14.51 -4.55 -7.21
CA THR A 129 13.76 -3.56 -7.98
C THR A 129 12.38 -4.08 -8.36
N VAL A 130 12.34 -5.24 -9.00
CA VAL A 130 11.09 -5.84 -9.42
C VAL A 130 11.02 -7.31 -9.01
N THR A 131 10.13 -7.62 -8.06
CA THR A 131 9.97 -9.00 -7.59
C THR A 131 8.57 -9.52 -7.89
N ASN A 132 8.50 -10.59 -8.67
CA ASN A 132 7.23 -11.20 -9.03
C ASN A 132 6.69 -12.05 -7.89
N LEU A 133 5.76 -11.48 -7.12
CA LEU A 133 5.16 -12.19 -6.00
C LEU A 133 3.98 -13.04 -6.45
N LYS A 134 3.76 -14.14 -5.76
CA LYS A 134 2.65 -15.05 -6.09
C LYS A 134 2.12 -15.73 -4.84
N PHE A 135 0.94 -15.33 -4.40
CA PHE A 135 0.31 -15.90 -3.21
C PHE A 135 -0.85 -16.81 -3.60
N GLY A 136 -0.56 -17.81 -4.41
CA GLY A 136 -1.59 -18.74 -4.84
C GLY A 136 -2.15 -18.39 -6.20
N ASN A 137 -3.44 -18.07 -6.24
CA ASN A 137 -4.11 -17.71 -7.50
C ASN A 137 -4.04 -16.21 -7.74
N MET A 138 -2.85 -15.64 -7.59
CA MET A 138 -2.66 -14.21 -7.78
C MET A 138 -1.31 -13.92 -8.44
N LYS A 139 -1.24 -12.83 -9.19
CA LYS A 139 0.00 -12.45 -9.87
C LYS A 139 0.37 -11.01 -9.55
N VAL A 140 1.48 -10.84 -8.82
CA VAL A 140 1.95 -9.50 -8.45
C VAL A 140 3.40 -9.30 -8.87
N GLU A 141 3.76 -8.04 -9.12
CA GLU A 141 5.12 -7.71 -9.52
C GLU A 141 5.50 -6.30 -9.07
N THR A 142 6.55 -6.20 -8.27
CA THR A 142 7.01 -4.92 -7.77
C THR A 142 7.65 -4.09 -8.87
N PHE A 143 8.13 -2.90 -8.51
CA PHE A 143 8.77 -2.02 -9.47
C PHE A 143 9.32 -0.77 -8.78
N TYR A 144 10.53 -0.38 -9.16
CA TYR A 144 11.18 0.78 -8.59
C TYR A 144 11.42 1.87 -9.63
N PRO A 145 10.46 2.80 -9.75
CA PRO A 145 10.54 3.89 -10.72
C PRO A 145 11.63 4.91 -10.36
N GLY A 146 11.63 5.34 -9.11
CA GLY A 146 12.62 6.30 -8.65
C GLY A 146 12.31 6.85 -7.27
N LYS A 147 13.04 7.88 -6.87
CA LYS A 147 12.84 8.50 -5.56
C LYS A 147 11.73 9.55 -5.63
N GLY A 148 10.74 9.42 -4.74
CA GLY A 148 9.64 10.35 -4.71
C GLY A 148 9.27 10.78 -3.30
N HIS A 149 8.38 10.01 -2.68
CA HIS A 149 7.95 10.31 -1.31
C HIS A 149 8.99 9.86 -0.30
N THR A 150 9.82 8.91 -0.69
CA THR A 150 10.87 8.39 0.19
C THR A 150 12.08 7.91 -0.62
N GLU A 151 13.20 7.73 0.07
CA GLU A 151 14.43 7.28 -0.58
C GLU A 151 14.31 5.82 -1.01
N ASP A 152 13.43 5.08 -0.34
CA ASP A 152 13.22 3.68 -0.65
C ASP A 152 11.75 3.40 -0.96
N ASN A 153 11.21 4.17 -1.90
CA ASN A 153 9.80 4.02 -2.29
C ASN A 153 9.70 3.24 -3.60
N ILE A 154 8.63 2.46 -3.72
CA ILE A 154 8.41 1.66 -4.92
C ILE A 154 6.92 1.56 -5.25
N VAL A 155 6.61 0.97 -6.40
CA VAL A 155 5.22 0.80 -6.82
C VAL A 155 4.90 -0.67 -7.08
N VAL A 156 3.71 -1.08 -6.65
CA VAL A 156 3.28 -2.46 -6.84
C VAL A 156 2.44 -2.61 -8.09
N TRP A 157 2.83 -3.52 -8.97
CA TRP A 157 2.10 -3.76 -10.22
C TRP A 157 1.42 -5.12 -10.19
N LEU A 158 0.29 -5.22 -10.87
CA LEU A 158 -0.47 -6.47 -10.94
C LEU A 158 -0.67 -6.91 -12.39
N PRO A 159 0.22 -7.77 -12.88
CA PRO A 159 0.15 -8.29 -14.25
C PRO A 159 -1.02 -9.24 -14.45
N GLN A 160 -2.23 -8.69 -14.46
CA GLN A 160 -3.43 -9.49 -14.64
C GLN A 160 -4.69 -8.61 -14.58
N TYR A 161 -4.63 -7.58 -13.74
CA TYR A 161 -5.76 -6.67 -13.59
C TYR A 161 -5.38 -5.25 -13.99
N ASN A 162 -4.07 -5.03 -14.20
CA ASN A 162 -3.57 -3.72 -14.58
C ASN A 162 -3.73 -2.72 -13.44
N ILE A 163 -3.85 -3.24 -12.22
CA ILE A 163 -4.00 -2.39 -11.04
C ILE A 163 -2.64 -1.99 -10.48
N LEU A 164 -2.36 -0.69 -10.51
CA LEU A 164 -1.09 -0.17 -10.00
C LEU A 164 -1.27 0.44 -8.62
N VAL A 165 -0.52 -0.06 -7.65
CA VAL A 165 -0.59 0.44 -6.28
C VAL A 165 0.72 1.10 -5.86
N GLY A 166 0.96 2.29 -6.40
CA GLY A 166 2.18 3.02 -6.07
C GLY A 166 2.25 3.40 -4.61
N GLY A 167 1.25 4.12 -4.14
CA GLY A 167 1.22 4.55 -2.75
C GLY A 167 1.39 6.05 -2.60
N CYS A 168 2.17 6.45 -1.61
CA CYS A 168 2.42 7.87 -1.35
C CYS A 168 3.02 8.54 -2.58
N LEU A 169 3.64 7.75 -3.44
CA LEU A 169 4.25 8.27 -4.65
C LEU A 169 3.21 8.89 -5.57
N VAL A 170 2.12 8.18 -5.80
CA VAL A 170 1.04 8.67 -6.66
C VAL A 170 -0.01 9.40 -5.84
N LYS A 171 -0.34 10.62 -6.25
CA LYS A 171 -1.34 11.42 -5.56
C LYS A 171 -2.71 11.27 -6.23
N SER A 172 -3.75 11.09 -5.42
CA SER A 172 -5.10 10.93 -5.93
C SER A 172 -5.63 12.25 -6.50
N THR A 173 -6.61 12.15 -7.38
CA THR A 173 -7.19 13.33 -8.01
C THR A 173 -7.79 14.26 -6.96
N SER A 174 -8.26 13.68 -5.87
CA SER A 174 -8.88 14.45 -4.79
C SER A 174 -7.85 15.39 -4.15
N ALA A 175 -6.59 14.97 -4.15
CA ALA A 175 -5.52 15.77 -3.57
C ALA A 175 -5.39 17.11 -4.29
N LYS A 176 -4.33 17.85 -3.97
CA LYS A 176 -4.10 19.15 -4.59
C LYS A 176 -2.60 19.40 -4.77
N ASP A 177 -1.82 19.05 -3.75
CA ASP A 177 -0.37 19.23 -3.80
C ASP A 177 0.35 18.08 -3.10
N LEU A 178 1.67 18.13 -3.12
CA LEU A 178 2.48 17.08 -2.48
C LEU A 178 2.54 17.28 -0.97
N GLY A 179 2.84 18.51 -0.55
CA GLY A 179 2.92 18.81 0.86
C GLY A 179 4.35 18.79 1.38
N ASN A 180 4.53 18.25 2.58
CA ASN A 180 5.86 18.18 3.19
C ASN A 180 6.75 17.22 2.43
N VAL A 181 7.98 17.66 2.14
CA VAL A 181 8.94 16.83 1.42
C VAL A 181 10.31 16.87 2.07
N ALA A 182 10.33 16.76 3.40
CA ALA A 182 11.58 16.78 4.14
C ALA A 182 12.44 15.56 3.83
N ASP A 183 11.82 14.39 3.81
CA ASP A 183 12.53 13.15 3.52
C ASP A 183 12.06 12.56 2.20
N ALA A 184 11.93 13.41 1.19
CA ALA A 184 11.49 12.98 -0.14
C ALA A 184 12.35 13.60 -1.22
N TYR A 185 12.12 13.17 -2.46
CA TYR A 185 12.88 13.68 -3.60
C TYR A 185 11.94 14.27 -4.66
N VAL A 186 11.63 15.56 -4.52
CA VAL A 186 10.75 16.23 -5.46
C VAL A 186 11.41 16.37 -6.83
N ASN A 187 12.74 16.28 -6.85
CA ASN A 187 13.49 16.40 -8.10
C ASN A 187 13.47 15.09 -8.87
N GLU A 188 13.34 13.98 -8.14
CA GLU A 188 13.31 12.66 -8.76
C GLU A 188 11.88 12.17 -8.93
N TRP A 189 10.97 12.73 -8.13
CA TRP A 189 9.57 12.35 -8.20
C TRP A 189 9.04 12.44 -9.62
N SER A 190 9.22 13.59 -10.25
CA SER A 190 8.76 13.80 -11.62
C SER A 190 9.27 12.68 -12.53
N THR A 191 10.49 12.24 -12.29
CA THR A 191 11.10 11.19 -13.09
C THR A 191 10.52 9.83 -12.74
N SER A 192 10.27 9.61 -11.45
CA SER A 192 9.70 8.34 -10.99
C SER A 192 8.37 8.07 -11.65
N ILE A 193 7.44 9.01 -11.52
CA ILE A 193 6.11 8.87 -12.10
C ILE A 193 6.20 8.59 -13.60
N GLU A 194 7.17 9.22 -14.26
CA GLU A 194 7.36 9.02 -15.70
C GLU A 194 7.69 7.57 -16.02
N ASN A 195 8.21 6.86 -15.02
CA ASN A 195 8.57 5.46 -15.20
C ASN A 195 7.40 4.54 -14.84
N VAL A 196 6.53 5.03 -13.95
CA VAL A 196 5.37 4.26 -13.53
C VAL A 196 4.26 4.31 -14.58
N LEU A 197 4.18 5.43 -15.28
CA LEU A 197 3.17 5.62 -16.32
C LEU A 197 3.63 5.04 -17.64
N LYS A 198 4.95 5.06 -17.86
CA LYS A 198 5.53 4.54 -19.09
C LYS A 198 5.61 3.02 -19.06
N ARG A 199 6.17 2.49 -17.97
CA ARG A 199 6.30 1.04 -17.81
C ARG A 199 4.97 0.34 -18.04
N TYR A 200 3.88 1.04 -17.72
CA TYR A 200 2.54 0.47 -17.89
C TYR A 200 1.58 1.52 -18.47
N ARG A 201 1.07 1.25 -19.66
CA ARG A 201 0.14 2.16 -20.33
C ARG A 201 -1.22 1.50 -20.51
N ASN A 202 -1.64 0.72 -19.51
CA ASN A 202 -2.92 0.04 -19.57
C ASN A 202 -3.52 -0.11 -18.18
N ILE A 203 -3.08 0.75 -17.25
CA ILE A 203 -3.57 0.71 -15.88
C ILE A 203 -5.09 0.72 -15.84
N ASN A 204 -5.66 -0.02 -14.89
CA ASN A 204 -7.11 -0.09 -14.75
C ASN A 204 -7.58 0.74 -13.56
N ALA A 205 -6.85 0.65 -12.46
CA ALA A 205 -7.18 1.41 -11.26
C ALA A 205 -5.96 1.67 -10.40
N VAL A 206 -5.56 2.93 -10.29
CA VAL A 206 -4.39 3.31 -9.51
C VAL A 206 -4.76 3.50 -8.04
N VAL A 207 -4.07 2.77 -7.17
CA VAL A 207 -4.33 2.86 -5.73
C VAL A 207 -3.20 3.60 -5.02
N PRO A 208 -3.36 4.91 -4.86
CA PRO A 208 -2.37 5.76 -4.20
C PRO A 208 -2.28 5.51 -2.70
N GLY A 209 -1.49 6.30 -2.00
CA GLY A 209 -1.34 6.14 -0.57
C GLY A 209 -2.24 7.08 0.22
N HIS A 210 -2.74 8.11 -0.45
CA HIS A 210 -3.62 9.08 0.20
C HIS A 210 -4.65 9.62 -0.79
N GLY A 211 -5.92 9.53 -0.43
CA GLY A 211 -6.97 10.01 -1.29
C GLY A 211 -7.99 8.93 -1.65
N GLU A 212 -7.77 8.26 -2.77
CA GLU A 212 -8.66 7.20 -3.21
C GLU A 212 -8.17 6.58 -4.52
N VAL A 213 -8.77 5.45 -4.90
CA VAL A 213 -8.40 4.76 -6.12
C VAL A 213 -9.04 5.42 -7.34
N GLY A 214 -8.26 5.61 -8.40
CA GLY A 214 -8.78 6.23 -9.61
C GLY A 214 -8.31 5.52 -10.87
N ASP A 215 -7.34 6.11 -11.54
CA ASP A 215 -6.79 5.54 -12.77
C ASP A 215 -5.41 6.10 -13.05
N LYS A 216 -4.88 5.79 -14.24
CA LYS A 216 -3.56 6.25 -14.64
C LYS A 216 -3.46 7.77 -14.51
N GLY A 217 -4.61 8.44 -14.56
CA GLY A 217 -4.62 9.89 -14.44
C GLY A 217 -3.88 10.38 -13.22
N LEU A 218 -3.96 9.62 -12.14
CA LEU A 218 -3.30 9.99 -10.89
C LEU A 218 -1.82 10.31 -11.14
N LEU A 219 -1.15 9.44 -11.89
CA LEU A 219 0.26 9.64 -12.21
C LEU A 219 0.49 10.99 -12.86
N LEU A 220 -0.39 11.36 -13.79
CA LEU A 220 -0.28 12.63 -14.49
C LEU A 220 -0.51 13.79 -13.53
N HIS A 221 -1.49 13.65 -12.65
CA HIS A 221 -1.81 14.69 -11.68
C HIS A 221 -0.62 14.96 -10.76
N THR A 222 0.07 13.89 -10.37
CA THR A 222 1.22 14.01 -9.49
C THR A 222 2.21 15.04 -10.02
N LEU A 223 2.50 14.96 -11.32
CA LEU A 223 3.44 15.88 -11.95
C LEU A 223 3.00 17.33 -11.74
N ASP A 224 1.71 17.58 -11.93
CA ASP A 224 1.16 18.92 -11.76
C ASP A 224 1.49 19.47 -10.38
N LEU A 225 1.59 18.59 -9.40
CA LEU A 225 1.90 18.99 -8.03
C LEU A 225 3.37 19.38 -7.90
N LEU A 226 4.21 18.78 -8.75
CA LEU A 226 5.64 19.07 -8.73
C LEU A 226 5.96 20.31 -9.55
N LYS A 227 5.16 20.55 -10.59
CA LYS A 227 5.37 21.70 -11.46
C LYS A 227 4.43 22.84 -11.06
N SER A 1 -18.27 -21.36 1.65
CA SER A 1 -19.36 -22.31 1.44
C SER A 1 -20.72 -21.63 1.63
N GLN A 2 -20.82 -20.39 1.17
CA GLN A 2 -22.07 -19.63 1.29
C GLN A 2 -22.11 -18.49 0.27
N LYS A 3 -23.17 -17.70 0.33
CA LYS A 3 -23.33 -16.57 -0.58
C LYS A 3 -23.88 -15.35 0.15
N VAL A 4 -23.40 -14.17 -0.22
CA VAL A 4 -23.85 -12.93 0.39
C VAL A 4 -23.97 -11.81 -0.64
N GLU A 5 -24.51 -10.68 -0.22
CA GLU A 5 -24.68 -9.54 -1.10
C GLU A 5 -24.33 -8.24 -0.39
N LYS A 6 -23.11 -8.18 0.14
CA LYS A 6 -22.65 -6.99 0.85
C LYS A 6 -21.15 -6.79 0.64
N THR A 7 -20.72 -5.53 0.71
CA THR A 7 -19.31 -5.20 0.53
C THR A 7 -18.90 -4.03 1.42
N VAL A 8 -17.63 -3.64 1.33
CA VAL A 8 -17.11 -2.53 2.13
C VAL A 8 -17.25 -2.81 3.62
N ILE A 9 -16.18 -3.34 4.22
CA ILE A 9 -16.18 -3.65 5.64
C ILE A 9 -15.76 -2.44 6.46
N LYS A 10 -16.17 -2.42 7.73
CA LYS A 10 -15.83 -1.33 8.63
C LYS A 10 -15.66 -1.83 10.05
N ASN A 11 -14.84 -1.13 10.83
CA ASN A 11 -14.58 -1.51 12.21
C ASN A 11 -15.66 -0.93 13.14
N GLU A 12 -15.68 -1.40 14.38
CA GLU A 12 -16.65 -0.93 15.36
C GLU A 12 -16.60 0.59 15.50
N THR A 13 -15.40 1.15 15.32
CA THR A 13 -15.22 2.59 15.44
C THR A 13 -15.33 3.27 14.07
N GLY A 14 -14.93 2.54 13.02
CA GLY A 14 -15.00 3.09 11.69
C GLY A 14 -13.65 3.58 11.18
N THR A 15 -12.69 3.69 12.09
CA THR A 15 -11.35 4.15 11.74
C THR A 15 -10.78 3.37 10.58
N ILE A 16 -11.15 2.09 10.49
CA ILE A 16 -10.68 1.22 9.42
C ILE A 16 -11.84 0.68 8.59
N SER A 17 -11.59 0.42 7.32
CA SER A 17 -12.62 -0.09 6.42
C SER A 17 -12.01 -0.53 5.09
N ILE A 18 -12.82 -1.20 4.27
CA ILE A 18 -12.36 -1.68 2.97
C ILE A 18 -13.40 -1.40 1.89
N SER A 19 -13.13 -1.89 0.68
CA SER A 19 -14.05 -1.70 -0.44
C SER A 19 -13.63 -2.55 -1.63
N GLN A 20 -14.58 -3.29 -2.20
CA GLN A 20 -14.30 -4.15 -3.34
C GLN A 20 -13.89 -3.32 -4.55
N LEU A 21 -12.69 -3.59 -5.08
CA LEU A 21 -12.18 -2.88 -6.23
C LEU A 21 -12.28 -3.72 -7.50
N ASN A 22 -11.86 -4.98 -7.39
CA ASN A 22 -11.89 -5.90 -8.52
C ASN A 22 -12.09 -7.33 -8.05
N LYS A 23 -13.12 -7.55 -7.23
CA LYS A 23 -13.42 -8.87 -6.71
C LYS A 23 -12.34 -9.33 -5.73
N ASN A 24 -11.19 -9.74 -6.26
CA ASN A 24 -10.09 -10.21 -5.43
C ASN A 24 -9.25 -9.02 -4.94
N VAL A 25 -9.37 -7.90 -5.63
CA VAL A 25 -8.63 -6.70 -5.25
C VAL A 25 -9.50 -5.75 -4.43
N TRP A 26 -9.05 -5.45 -3.22
CA TRP A 26 -9.79 -4.56 -2.33
C TRP A 26 -8.90 -3.41 -1.86
N VAL A 27 -9.54 -2.33 -1.40
CA VAL A 27 -8.80 -1.17 -0.92
C VAL A 27 -9.18 -0.85 0.53
N HIS A 28 -8.23 -1.02 1.44
CA HIS A 28 -8.47 -0.75 2.85
C HIS A 28 -7.82 0.57 3.26
N THR A 29 -8.54 1.37 4.05
CA THR A 29 -8.04 2.65 4.51
C THR A 29 -8.24 2.81 6.02
N GLU A 30 -7.17 3.21 6.70
CA GLU A 30 -7.23 3.39 8.15
C GLU A 30 -6.75 4.79 8.53
N LEU A 31 -7.07 5.21 9.76
CA LEU A 31 -6.68 6.52 10.24
C LEU A 31 -5.62 6.41 11.33
N GLY A 32 -4.71 7.38 11.37
CA GLY A 32 -3.65 7.36 12.37
C GLY A 32 -3.49 8.70 13.05
N SER A 33 -2.29 9.26 12.98
CA SER A 33 -2.01 10.54 13.61
C SER A 33 -1.10 11.40 12.73
N PHE A 34 -1.17 12.71 12.91
CA PHE A 34 -0.36 13.63 12.12
C PHE A 34 -0.51 15.06 12.64
N ASN A 35 0.48 15.53 13.38
CA ASN A 35 0.45 16.88 13.93
C ASN A 35 -0.85 17.13 14.67
N GLY A 36 -1.15 16.29 15.65
CA GLY A 36 -2.37 16.45 16.42
C GLY A 36 -3.61 16.32 15.57
N GLU A 37 -3.50 15.59 14.47
CA GLU A 37 -4.63 15.39 13.56
C GLU A 37 -4.51 14.06 12.82
N ALA A 38 -5.49 13.19 13.02
CA ALA A 38 -5.50 11.88 12.38
C ALA A 38 -5.35 12.01 10.86
N VAL A 39 -4.65 11.07 10.25
CA VAL A 39 -4.43 11.09 8.81
C VAL A 39 -4.71 9.72 8.20
N PRO A 40 -5.59 9.70 7.18
CA PRO A 40 -5.96 8.45 6.48
C PRO A 40 -4.81 7.89 5.66
N SER A 41 -4.71 6.56 5.64
CA SER A 41 -3.66 5.88 4.88
C SER A 41 -4.25 4.85 3.93
N ASN A 42 -4.21 5.16 2.64
CA ASN A 42 -4.74 4.25 1.61
C ASN A 42 -3.98 2.93 1.62
N GLY A 43 -4.67 1.86 1.22
CA GLY A 43 -4.05 0.55 1.19
C GLY A 43 -4.70 -0.37 0.18
N LEU A 44 -4.44 -1.67 0.31
CA LEU A 44 -5.01 -2.66 -0.60
C LEU A 44 -4.92 -4.06 0.00
N VAL A 45 -5.92 -4.88 -0.29
CA VAL A 45 -5.97 -6.25 0.22
C VAL A 45 -6.23 -7.24 -0.90
N LEU A 46 -5.40 -8.28 -0.97
CA LEU A 46 -5.55 -9.31 -2.00
C LEU A 46 -6.29 -10.53 -1.45
N ASN A 47 -7.41 -10.87 -2.09
CA ASN A 47 -8.19 -12.02 -1.67
C ASN A 47 -7.77 -13.28 -2.40
N THR A 48 -6.46 -13.51 -2.45
CA THR A 48 -5.91 -14.69 -3.14
C THR A 48 -6.51 -15.98 -2.56
N SER A 49 -6.19 -17.09 -3.20
CA SER A 49 -6.70 -18.39 -2.75
C SER A 49 -5.64 -19.14 -1.94
N LYS A 50 -4.73 -18.37 -1.34
CA LYS A 50 -3.66 -18.96 -0.53
C LYS A 50 -3.40 -18.10 0.71
N GLY A 51 -4.36 -17.25 1.06
CA GLY A 51 -4.20 -16.40 2.21
C GLY A 51 -4.20 -14.92 1.85
N LEU A 52 -5.04 -14.15 2.53
CA LEU A 52 -5.12 -12.72 2.27
C LEU A 52 -3.75 -12.06 2.34
N VAL A 53 -3.62 -10.90 1.70
CA VAL A 53 -2.36 -10.17 1.69
C VAL A 53 -2.59 -8.67 1.78
N LEU A 54 -1.71 -7.98 2.49
CA LEU A 54 -1.82 -6.53 2.65
C LEU A 54 -0.67 -5.82 1.94
N VAL A 55 -1.02 -4.82 1.13
CA VAL A 55 -0.02 -4.06 0.39
C VAL A 55 0.62 -3.00 1.27
N ASP A 56 0.18 -2.93 2.52
CA ASP A 56 0.71 -1.96 3.47
C ASP A 56 0.04 -2.10 4.83
N SER A 57 0.85 -2.19 5.88
CA SER A 57 0.33 -2.33 7.24
C SER A 57 -0.39 -1.07 7.68
N SER A 58 -0.71 -0.99 8.97
CA SER A 58 -1.41 0.16 9.51
C SER A 58 -0.42 1.18 10.07
N TRP A 59 -0.95 2.25 10.67
CA TRP A 59 -0.11 3.29 11.24
C TRP A 59 0.67 2.77 12.44
N ASP A 60 0.03 1.90 13.24
CA ASP A 60 0.67 1.33 14.41
C ASP A 60 0.21 -0.11 14.63
N ASP A 61 0.82 -0.78 15.61
CA ASP A 61 0.47 -2.16 15.91
C ASP A 61 -0.91 -2.24 16.54
N LYS A 62 -1.32 -1.18 17.22
CA LYS A 62 -2.62 -1.14 17.87
C LYS A 62 -3.73 -0.86 16.85
N LEU A 63 -3.36 -0.22 15.74
CA LEU A 63 -4.32 0.10 14.69
C LEU A 63 -4.47 -1.07 13.72
N THR A 64 -3.35 -1.70 13.39
CA THR A 64 -3.35 -2.85 12.47
C THR A 64 -4.09 -4.03 13.07
N LYS A 65 -4.05 -4.14 14.40
CA LYS A 65 -4.71 -5.23 15.11
C LYS A 65 -6.16 -5.35 14.67
N GLU A 66 -6.85 -4.21 14.59
CA GLU A 66 -8.26 -4.20 14.19
C GLU A 66 -8.38 -4.26 12.66
N LEU A 67 -7.28 -4.01 11.97
CA LEU A 67 -7.27 -4.04 10.52
C LEU A 67 -7.22 -5.47 10.00
N ILE A 68 -6.30 -6.26 10.55
CA ILE A 68 -6.16 -7.66 10.14
C ILE A 68 -7.33 -8.49 10.64
N GLU A 69 -8.05 -7.97 11.64
CA GLU A 69 -9.20 -8.68 12.21
C GLU A 69 -10.45 -8.43 11.38
N MET A 70 -10.30 -7.68 10.30
CA MET A 70 -11.42 -7.36 9.42
C MET A 70 -11.41 -8.23 8.17
N VAL A 71 -10.28 -8.25 7.48
CA VAL A 71 -10.13 -9.04 6.26
C VAL A 71 -10.35 -10.52 6.55
N GLU A 72 -9.85 -10.99 7.69
CA GLU A 72 -10.00 -12.37 8.08
C GLU A 72 -11.33 -12.61 8.79
N LYS A 73 -12.41 -12.16 8.15
CA LYS A 73 -13.74 -12.32 8.71
C LYS A 73 -14.76 -12.63 7.61
N LYS A 74 -14.62 -11.97 6.47
CA LYS A 74 -15.51 -12.18 5.34
C LYS A 74 -14.80 -12.90 4.20
N PHE A 75 -13.47 -12.85 4.21
CA PHE A 75 -12.67 -13.50 3.18
C PHE A 75 -12.35 -14.93 3.57
N GLN A 76 -13.03 -15.43 4.60
CA GLN A 76 -12.82 -16.80 5.07
C GLN A 76 -11.37 -17.22 4.88
N LYS A 77 -10.44 -16.35 5.28
CA LYS A 77 -9.02 -16.63 5.15
C LYS A 77 -8.21 -15.81 6.16
N ARG A 78 -6.89 -15.97 6.12
CA ARG A 78 -6.01 -15.26 7.03
C ARG A 78 -4.92 -14.52 6.26
N VAL A 79 -4.36 -13.49 6.88
CA VAL A 79 -3.30 -12.70 6.26
C VAL A 79 -1.91 -13.24 6.63
N THR A 80 -1.17 -13.68 5.63
CA THR A 80 0.17 -14.22 5.85
C THR A 80 1.19 -13.54 4.94
N ASP A 81 0.86 -12.35 4.48
CA ASP A 81 1.75 -11.60 3.60
C ASP A 81 1.50 -10.09 3.73
N VAL A 82 2.58 -9.32 3.85
CA VAL A 82 2.49 -7.88 3.97
C VAL A 82 3.55 -7.18 3.15
N ILE A 83 3.16 -6.70 1.96
CA ILE A 83 4.07 -6.01 1.08
C ILE A 83 4.33 -4.58 1.54
N ILE A 84 5.59 -4.23 1.72
CA ILE A 84 5.96 -2.89 2.16
C ILE A 84 6.68 -2.13 1.05
N THR A 85 6.23 -0.90 0.79
CA THR A 85 6.83 -0.07 -0.24
C THR A 85 8.00 0.74 0.32
N HIS A 86 7.73 1.50 1.38
CA HIS A 86 8.76 2.32 2.01
C HIS A 86 8.72 2.16 3.52
N ALA A 87 9.74 2.70 4.19
CA ALA A 87 9.83 2.62 5.65
C ALA A 87 9.12 3.80 6.31
N HIS A 88 7.88 3.57 6.73
CA HIS A 88 7.10 4.62 7.37
C HIS A 88 6.10 4.01 8.37
N ALA A 89 5.66 4.84 9.32
CA ALA A 89 4.72 4.38 10.33
C ALA A 89 3.44 3.84 9.68
N ASP A 90 3.11 4.36 8.51
CA ASP A 90 1.92 3.92 7.79
C ASP A 90 2.24 2.74 6.88
N ARG A 91 3.44 2.19 7.03
CA ARG A 91 3.86 1.05 6.22
C ARG A 91 4.23 -0.13 7.10
N ILE A 92 5.11 0.11 8.08
CA ILE A 92 5.53 -0.95 8.99
C ILE A 92 5.10 -0.65 10.42
N GLY A 93 4.13 0.25 10.56
CA GLY A 93 3.63 0.61 11.88
C GLY A 93 3.25 -0.59 12.70
N GLY A 94 2.88 -1.68 12.02
CA GLY A 94 2.47 -2.89 12.72
C GLY A 94 3.47 -4.03 12.52
N ILE A 95 4.70 -3.67 12.17
CA ILE A 95 5.74 -4.66 11.95
C ILE A 95 5.80 -5.67 13.11
N LYS A 96 5.45 -5.21 14.30
CA LYS A 96 5.45 -6.06 15.48
C LYS A 96 4.33 -7.08 15.42
N THR A 97 3.14 -6.62 15.03
CA THR A 97 1.98 -7.50 14.92
C THR A 97 2.17 -8.54 13.82
N LEU A 98 2.83 -8.14 12.75
CA LEU A 98 3.08 -9.04 11.62
C LEU A 98 3.94 -10.22 12.05
N LYS A 99 4.83 -9.98 13.01
CA LYS A 99 5.72 -11.03 13.52
C LYS A 99 5.12 -11.69 14.75
N GLU A 100 3.81 -11.55 14.92
CA GLU A 100 3.11 -12.13 16.06
C GLU A 100 2.09 -13.18 15.62
N ARG A 101 1.67 -13.07 14.37
CA ARG A 101 0.69 -14.01 13.82
C ARG A 101 1.32 -14.86 12.72
N GLY A 102 2.63 -14.75 12.57
CA GLY A 102 3.33 -15.52 11.56
C GLY A 102 3.33 -14.85 10.20
N ILE A 103 3.00 -13.56 10.19
CA ILE A 103 2.95 -12.79 8.95
C ILE A 103 4.36 -12.36 8.52
N LYS A 104 4.52 -12.13 7.22
CA LYS A 104 5.81 -11.70 6.68
C LYS A 104 5.69 -10.35 6.01
N ALA A 105 6.42 -9.36 6.55
CA ALA A 105 6.39 -8.02 6.00
C ALA A 105 7.42 -7.86 4.87
N HIS A 106 7.06 -8.34 3.69
CA HIS A 106 7.94 -8.27 2.53
C HIS A 106 8.37 -6.83 2.27
N SER A 107 9.59 -6.65 1.76
CA SER A 107 10.11 -5.33 1.47
C SER A 107 11.53 -5.41 0.89
N THR A 108 12.00 -4.31 0.34
CA THR A 108 13.33 -4.27 -0.26
C THR A 108 14.38 -3.90 0.79
N ALA A 109 15.63 -4.25 0.51
CA ALA A 109 16.74 -3.95 1.42
C ALA A 109 16.75 -2.48 1.80
N LEU A 110 16.53 -1.61 0.81
CA LEU A 110 16.52 -0.18 1.05
C LEU A 110 15.41 0.21 2.02
N THR A 111 14.22 -0.33 1.78
CA THR A 111 13.07 -0.04 2.63
C THR A 111 13.39 -0.29 4.11
N ALA A 112 14.09 -1.38 4.37
CA ALA A 112 14.47 -1.73 5.73
C ALA A 112 15.59 -0.82 6.24
N GLU A 113 16.35 -0.25 5.31
CA GLU A 113 17.45 0.64 5.66
C GLU A 113 16.95 1.81 6.52
N LEU A 114 15.78 2.34 6.17
CA LEU A 114 15.20 3.46 6.90
C LEU A 114 14.42 2.96 8.11
N ALA A 115 13.89 1.75 8.01
CA ALA A 115 13.13 1.16 9.10
C ALA A 115 13.90 1.22 10.42
N LYS A 116 14.98 0.46 10.50
CA LYS A 116 15.80 0.43 11.70
C LYS A 116 16.30 1.83 12.05
N LYS A 117 16.38 2.69 11.05
CA LYS A 117 16.82 4.06 11.26
C LYS A 117 15.84 4.84 12.13
N ASN A 118 14.59 4.40 12.12
CA ASN A 118 13.55 5.05 12.92
C ASN A 118 13.37 4.36 14.26
N GLY A 119 13.48 3.04 14.26
CA GLY A 119 13.34 2.27 15.48
C GLY A 119 12.48 1.04 15.30
N TYR A 120 11.91 0.89 14.11
CA TYR A 120 11.06 -0.27 13.81
C TYR A 120 11.83 -1.57 13.98
N GLU A 121 11.20 -2.68 13.59
CA GLU A 121 11.82 -3.99 13.70
C GLU A 121 12.43 -4.41 12.37
N GLU A 122 12.28 -3.56 11.36
CA GLU A 122 12.82 -3.84 10.03
C GLU A 122 12.10 -5.04 9.41
N PRO A 123 11.56 -4.83 8.19
CA PRO A 123 10.84 -5.88 7.46
C PRO A 123 11.77 -6.98 6.96
N LEU A 124 11.25 -7.87 6.13
CA LEU A 124 12.03 -8.97 5.59
C LEU A 124 13.30 -8.46 4.93
N GLY A 125 13.19 -7.35 4.20
CA GLY A 125 14.35 -6.78 3.53
C GLY A 125 15.08 -7.80 2.67
N ASP A 126 14.38 -8.36 1.70
CA ASP A 126 14.98 -9.35 0.81
C ASP A 126 14.33 -9.30 -0.57
N LEU A 127 14.33 -8.12 -1.18
CA LEU A 127 13.75 -7.93 -2.50
C LEU A 127 14.64 -7.06 -3.37
N GLN A 128 14.15 -6.71 -4.56
CA GLN A 128 14.91 -5.88 -5.49
C GLN A 128 13.99 -4.90 -6.22
N THR A 129 14.52 -4.27 -7.26
CA THR A 129 13.74 -3.31 -8.04
C THR A 129 12.40 -3.90 -8.46
N VAL A 130 12.41 -5.17 -8.87
CA VAL A 130 11.20 -5.85 -9.30
C VAL A 130 11.17 -7.30 -8.80
N THR A 131 10.00 -7.75 -8.40
CA THR A 131 9.83 -9.12 -7.91
C THR A 131 8.46 -9.66 -8.23
N ASN A 132 8.39 -10.64 -9.13
CA ASN A 132 7.13 -11.24 -9.52
C ASN A 132 6.59 -12.14 -8.42
N LEU A 133 5.67 -11.60 -7.62
CA LEU A 133 5.06 -12.35 -6.53
C LEU A 133 3.86 -13.14 -7.01
N LYS A 134 3.60 -14.28 -6.37
CA LYS A 134 2.47 -15.13 -6.72
C LYS A 134 1.91 -15.84 -5.50
N PHE A 135 0.59 -15.78 -5.32
CA PHE A 135 -0.06 -16.41 -4.19
C PHE A 135 -1.30 -17.18 -4.64
N GLY A 136 -1.15 -18.49 -4.79
CA GLY A 136 -2.26 -19.33 -5.22
C GLY A 136 -2.77 -18.94 -6.60
N ASN A 137 -3.83 -18.13 -6.63
CA ASN A 137 -4.42 -17.69 -7.89
C ASN A 137 -4.35 -16.18 -8.02
N MET A 138 -3.17 -15.62 -7.79
CA MET A 138 -2.97 -14.17 -7.88
C MET A 138 -1.65 -13.86 -8.58
N LYS A 139 -1.58 -12.69 -9.22
CA LYS A 139 -0.38 -12.27 -9.92
C LYS A 139 0.02 -10.85 -9.51
N VAL A 140 1.21 -10.74 -8.92
CA VAL A 140 1.71 -9.44 -8.48
C VAL A 140 3.18 -9.25 -8.88
N GLU A 141 3.61 -8.00 -8.92
CA GLU A 141 4.99 -7.68 -9.29
C GLU A 141 5.37 -6.28 -8.82
N THR A 142 6.48 -6.20 -8.08
CA THR A 142 6.94 -4.92 -7.56
C THR A 142 7.62 -4.10 -8.66
N PHE A 143 8.07 -2.90 -8.30
CA PHE A 143 8.74 -2.02 -9.25
C PHE A 143 9.30 -0.79 -8.55
N TYR A 144 10.51 -0.40 -8.93
CA TYR A 144 11.15 0.77 -8.34
C TYR A 144 11.43 1.83 -9.39
N PRO A 145 10.52 2.80 -9.51
CA PRO A 145 10.64 3.90 -10.48
C PRO A 145 11.76 4.87 -10.11
N GLY A 146 11.77 5.30 -8.85
CA GLY A 146 12.78 6.23 -8.40
C GLY A 146 12.49 6.80 -7.03
N LYS A 147 13.19 7.87 -6.66
CA LYS A 147 12.99 8.50 -5.36
C LYS A 147 11.86 9.51 -5.42
N GLY A 148 10.84 9.30 -4.58
CA GLY A 148 9.71 10.21 -4.56
C GLY A 148 9.29 10.57 -3.14
N HIS A 149 8.32 9.83 -2.60
CA HIS A 149 7.83 10.07 -1.25
C HIS A 149 8.88 9.67 -0.22
N THR A 150 9.71 8.70 -0.56
CA THR A 150 10.74 8.22 0.34
C THR A 150 11.94 7.68 -0.43
N GLU A 151 13.11 7.71 0.20
CA GLU A 151 14.34 7.23 -0.44
C GLU A 151 14.19 5.77 -0.85
N ASP A 152 13.30 5.05 -0.17
CA ASP A 152 13.06 3.65 -0.47
C ASP A 152 11.60 3.39 -0.78
N ASN A 153 11.05 4.18 -1.71
CA ASN A 153 9.65 4.05 -2.10
C ASN A 153 9.53 3.28 -3.42
N ILE A 154 8.57 2.36 -3.48
CA ILE A 154 8.36 1.57 -4.68
C ILE A 154 6.86 1.42 -4.98
N VAL A 155 6.55 1.08 -6.22
CA VAL A 155 5.16 0.91 -6.64
C VAL A 155 4.82 -0.56 -6.81
N VAL A 156 3.53 -0.88 -6.73
CA VAL A 156 3.07 -2.26 -6.89
C VAL A 156 2.30 -2.43 -8.20
N TRP A 157 2.52 -3.57 -8.85
CA TRP A 157 1.85 -3.87 -10.11
C TRP A 157 1.17 -5.23 -10.06
N LEU A 158 0.08 -5.38 -10.80
CA LEU A 158 -0.67 -6.63 -10.85
C LEU A 158 -0.90 -7.08 -12.29
N PRO A 159 -0.02 -7.96 -12.77
CA PRO A 159 -0.11 -8.49 -14.14
C PRO A 159 -1.31 -9.43 -14.32
N GLN A 160 -2.51 -8.86 -14.35
CA GLN A 160 -3.72 -9.64 -14.51
C GLN A 160 -4.95 -8.73 -14.49
N TYR A 161 -4.90 -7.67 -13.70
CA TYR A 161 -6.01 -6.73 -13.59
C TYR A 161 -5.60 -5.35 -14.06
N ASN A 162 -4.29 -5.14 -14.21
CA ASN A 162 -3.77 -3.86 -14.66
C ASN A 162 -3.96 -2.79 -13.58
N ILE A 163 -4.03 -3.23 -12.33
CA ILE A 163 -4.20 -2.31 -11.21
C ILE A 163 -2.86 -1.98 -10.55
N LEU A 164 -2.50 -0.70 -10.57
CA LEU A 164 -1.25 -0.25 -9.98
C LEU A 164 -1.50 0.45 -8.65
N VAL A 165 -0.65 0.16 -7.66
CA VAL A 165 -0.77 0.76 -6.34
C VAL A 165 0.51 1.48 -5.94
N GLY A 166 0.83 2.55 -6.65
CA GLY A 166 2.05 3.31 -6.35
C GLY A 166 2.14 3.69 -4.89
N GLY A 167 1.03 4.17 -4.34
CA GLY A 167 1.01 4.58 -2.94
C GLY A 167 1.21 6.07 -2.77
N CYS A 168 1.96 6.45 -1.74
CA CYS A 168 2.22 7.86 -1.46
C CYS A 168 2.86 8.54 -2.66
N LEU A 169 3.52 7.76 -3.50
CA LEU A 169 4.19 8.27 -4.69
C LEU A 169 3.16 8.84 -5.68
N VAL A 170 2.13 8.06 -5.96
CA VAL A 170 1.09 8.48 -6.89
C VAL A 170 -0.05 9.20 -6.16
N LYS A 171 -0.09 10.51 -6.30
CA LYS A 171 -1.11 11.32 -5.65
C LYS A 171 -2.45 11.18 -6.38
N SER A 172 -3.55 11.34 -5.64
CA SER A 172 -4.88 11.23 -6.22
C SER A 172 -5.22 12.48 -7.03
N THR A 173 -6.32 12.41 -7.77
CA THR A 173 -6.75 13.53 -8.60
C THR A 173 -7.20 14.70 -7.73
N SER A 174 -7.86 14.40 -6.62
CA SER A 174 -8.34 15.44 -5.71
C SER A 174 -7.18 16.18 -5.07
N ALA A 175 -6.05 15.49 -4.95
CA ALA A 175 -4.85 16.08 -4.36
C ALA A 175 -4.51 17.42 -5.00
N LYS A 176 -3.88 18.30 -4.25
CA LYS A 176 -3.50 19.62 -4.74
C LYS A 176 -1.99 19.79 -4.72
N ASP A 177 -1.33 19.15 -3.76
CA ASP A 177 0.12 19.23 -3.62
C ASP A 177 0.67 17.99 -2.93
N LEU A 178 1.99 17.89 -2.88
CA LEU A 178 2.65 16.76 -2.24
C LEU A 178 2.79 16.97 -0.74
N GLY A 179 3.06 18.21 -0.35
CA GLY A 179 3.21 18.53 1.07
C GLY A 179 4.66 18.56 1.49
N ASN A 180 4.89 18.51 2.81
CA ASN A 180 6.24 18.52 3.35
C ASN A 180 7.11 17.47 2.69
N VAL A 181 8.10 17.91 1.92
CA VAL A 181 9.00 16.99 1.24
C VAL A 181 10.37 16.96 1.92
N ALA A 182 10.38 17.09 3.24
CA ALA A 182 11.61 17.08 4.00
C ALA A 182 12.33 15.74 3.86
N ASP A 183 11.56 14.66 3.80
CA ASP A 183 12.12 13.32 3.66
C ASP A 183 11.70 12.70 2.34
N ALA A 184 11.67 13.50 1.28
CA ALA A 184 11.29 13.01 -0.04
C ALA A 184 12.18 13.61 -1.12
N TYR A 185 12.05 13.10 -2.34
CA TYR A 185 12.85 13.58 -3.46
C TYR A 185 11.95 14.14 -4.56
N VAL A 186 11.66 15.44 -4.49
CA VAL A 186 10.83 16.10 -5.48
C VAL A 186 11.53 16.19 -6.82
N ASN A 187 12.86 16.10 -6.80
CA ASN A 187 13.66 16.18 -8.02
C ASN A 187 13.64 14.85 -8.77
N GLU A 188 13.42 13.76 -8.04
CA GLU A 188 13.38 12.43 -8.63
C GLU A 188 11.93 11.97 -8.81
N TRP A 189 11.03 12.54 -8.01
CA TRP A 189 9.62 12.17 -8.08
C TRP A 189 9.10 12.25 -9.51
N SER A 190 9.27 13.42 -10.13
CA SER A 190 8.81 13.62 -11.51
C SER A 190 9.35 12.53 -12.42
N THR A 191 10.58 12.09 -12.16
CA THR A 191 11.20 11.05 -12.96
C THR A 191 10.63 9.68 -12.63
N SER A 192 10.27 9.48 -11.36
CA SER A 192 9.71 8.21 -10.93
C SER A 192 8.36 7.95 -11.60
N ILE A 193 7.47 8.93 -11.52
CA ILE A 193 6.15 8.80 -12.13
C ILE A 193 6.25 8.50 -13.61
N GLU A 194 7.22 9.13 -14.27
CA GLU A 194 7.42 8.93 -15.71
C GLU A 194 7.79 7.48 -16.00
N ASN A 195 8.30 6.79 -14.99
CA ASN A 195 8.69 5.39 -15.14
C ASN A 195 7.54 4.45 -14.80
N VAL A 196 6.68 4.89 -13.89
CA VAL A 196 5.53 4.10 -13.48
C VAL A 196 4.41 4.16 -14.52
N LEU A 197 4.25 5.32 -15.13
CA LEU A 197 3.21 5.51 -16.15
C LEU A 197 3.66 4.93 -17.48
N LYS A 198 4.98 4.85 -17.68
CA LYS A 198 5.53 4.32 -18.92
C LYS A 198 5.59 2.79 -18.86
N ARG A 199 6.01 2.25 -17.73
CA ARG A 199 6.10 0.81 -17.55
C ARG A 199 4.78 0.13 -17.86
N TYR A 200 3.69 0.88 -17.69
CA TYR A 200 2.34 0.34 -17.95
C TYR A 200 1.44 1.42 -18.54
N ARG A 201 0.96 1.17 -19.76
CA ARG A 201 0.09 2.11 -20.44
C ARG A 201 -1.29 1.50 -20.68
N ASN A 202 -1.76 0.72 -19.71
CA ASN A 202 -3.06 0.07 -19.81
C ASN A 202 -3.68 -0.12 -18.43
N ILE A 203 -3.23 0.67 -17.47
CA ILE A 203 -3.74 0.58 -16.11
C ILE A 203 -5.26 0.68 -16.08
N ASN A 204 -5.87 -0.01 -15.14
CA ASN A 204 -7.33 0.00 -15.01
C ASN A 204 -7.76 0.83 -13.79
N ALA A 205 -6.92 0.83 -12.77
CA ALA A 205 -7.21 1.58 -11.55
C ALA A 205 -5.93 1.91 -10.79
N VAL A 206 -5.87 3.12 -10.24
CA VAL A 206 -4.70 3.57 -9.49
C VAL A 206 -5.07 3.93 -8.05
N VAL A 207 -4.39 3.32 -7.09
CA VAL A 207 -4.65 3.58 -5.69
C VAL A 207 -3.53 4.40 -5.06
N PRO A 208 -3.80 5.69 -4.82
CA PRO A 208 -2.81 6.60 -4.22
C PRO A 208 -2.53 6.28 -2.76
N GLY A 209 -1.66 7.07 -2.14
CA GLY A 209 -1.33 6.86 -0.74
C GLY A 209 -2.35 7.46 0.20
N HIS A 210 -2.92 8.59 -0.20
CA HIS A 210 -3.92 9.28 0.62
C HIS A 210 -5.01 9.90 -0.26
N GLY A 211 -6.21 9.35 -0.18
CA GLY A 211 -7.31 9.87 -0.98
C GLY A 211 -8.28 8.78 -1.40
N GLU A 212 -8.35 8.53 -2.70
CA GLU A 212 -9.24 7.51 -3.24
C GLU A 212 -8.69 6.94 -4.54
N VAL A 213 -9.26 5.82 -4.98
CA VAL A 213 -8.83 5.17 -6.21
C VAL A 213 -9.31 5.96 -7.44
N GLY A 214 -8.54 5.87 -8.52
CA GLY A 214 -8.89 6.58 -9.74
C GLY A 214 -8.45 5.83 -10.99
N ASP A 215 -7.44 6.37 -11.66
CA ASP A 215 -6.92 5.75 -12.89
C ASP A 215 -5.49 6.19 -13.15
N LYS A 216 -4.98 5.83 -14.32
CA LYS A 216 -3.61 6.19 -14.70
C LYS A 216 -3.41 7.70 -14.65
N GLY A 217 -4.53 8.44 -14.72
CA GLY A 217 -4.46 9.89 -14.68
C GLY A 217 -3.72 10.40 -13.45
N LEU A 218 -3.85 9.67 -12.35
CA LEU A 218 -3.19 10.06 -11.10
C LEU A 218 -1.71 10.35 -11.33
N LEU A 219 -1.04 9.47 -12.07
CA LEU A 219 0.37 9.64 -12.37
C LEU A 219 0.63 10.96 -13.08
N LEU A 220 -0.21 11.28 -14.07
CA LEU A 220 -0.07 12.51 -14.82
C LEU A 220 -0.31 13.73 -13.92
N HIS A 221 -1.32 13.64 -13.07
CA HIS A 221 -1.66 14.72 -12.16
C HIS A 221 -0.54 14.93 -11.14
N THR A 222 0.05 13.84 -10.68
CA THR A 222 1.13 13.91 -9.70
C THR A 222 2.22 14.87 -10.15
N LEU A 223 2.57 14.80 -11.43
CA LEU A 223 3.61 15.67 -11.98
C LEU A 223 3.25 17.14 -11.80
N ASP A 224 1.98 17.46 -12.04
CA ASP A 224 1.50 18.83 -11.89
C ASP A 224 1.70 19.33 -10.47
N LEU A 225 1.71 18.40 -9.52
CA LEU A 225 1.90 18.75 -8.12
C LEU A 225 3.35 19.15 -7.84
N LEU A 226 4.27 18.63 -8.65
CA LEU A 226 5.68 18.94 -8.49
C LEU A 226 6.05 20.22 -9.24
N LYS A 227 5.52 20.36 -10.46
CA LYS A 227 5.79 21.53 -11.28
C LYS A 227 4.87 22.69 -10.88
N SER A 1 -25.72 -21.41 10.50
CA SER A 1 -24.83 -20.77 9.55
C SER A 1 -25.62 -20.05 8.47
N GLN A 2 -25.30 -18.77 8.27
CA GLN A 2 -25.99 -17.96 7.26
C GLN A 2 -24.98 -17.29 6.33
N LYS A 3 -25.42 -17.00 5.11
CA LYS A 3 -24.56 -16.35 4.13
C LYS A 3 -25.38 -15.45 3.21
N VAL A 4 -24.95 -14.20 3.07
CA VAL A 4 -25.63 -13.23 2.22
C VAL A 4 -24.64 -12.46 1.35
N GLU A 5 -25.15 -11.51 0.58
CA GLU A 5 -24.31 -10.70 -0.29
C GLU A 5 -24.04 -9.32 0.33
N LYS A 6 -22.78 -9.07 0.64
CA LYS A 6 -22.38 -7.80 1.23
C LYS A 6 -20.91 -7.50 0.95
N THR A 7 -20.56 -6.22 0.96
CA THR A 7 -19.19 -5.80 0.71
C THR A 7 -18.84 -4.54 1.50
N VAL A 8 -17.60 -4.08 1.37
CA VAL A 8 -17.13 -2.90 2.07
C VAL A 8 -17.24 -3.07 3.58
N ILE A 9 -16.14 -3.51 4.19
CA ILE A 9 -16.11 -3.72 5.64
C ILE A 9 -15.72 -2.44 6.37
N LYS A 10 -16.10 -2.35 7.64
CA LYS A 10 -15.80 -1.18 8.45
C LYS A 10 -15.54 -1.57 9.90
N ASN A 11 -14.65 -0.85 10.57
CA ASN A 11 -14.32 -1.13 11.96
C ASN A 11 -15.42 -0.62 12.89
N GLU A 12 -15.40 -1.09 14.13
CA GLU A 12 -16.39 -0.68 15.12
C GLU A 12 -16.49 0.84 15.20
N THR A 13 -15.34 1.51 15.10
CA THR A 13 -15.30 2.96 15.16
C THR A 13 -15.39 3.57 13.76
N GLY A 14 -14.96 2.82 12.76
CA GLY A 14 -14.99 3.31 11.39
C GLY A 14 -13.64 3.76 10.90
N THR A 15 -12.68 3.88 11.82
CA THR A 15 -11.33 4.32 11.47
C THR A 15 -10.78 3.48 10.32
N ILE A 16 -11.16 2.22 10.26
CA ILE A 16 -10.70 1.32 9.21
C ILE A 16 -11.87 0.76 8.41
N SER A 17 -11.63 0.47 7.14
CA SER A 17 -12.65 -0.06 6.25
C SER A 17 -12.05 -0.53 4.94
N ILE A 18 -12.85 -1.27 4.16
CA ILE A 18 -12.39 -1.78 2.88
C ILE A 18 -13.45 -1.58 1.80
N SER A 19 -13.20 -2.13 0.62
CA SER A 19 -14.15 -2.03 -0.49
C SER A 19 -13.70 -2.89 -1.67
N GLN A 20 -14.64 -3.65 -2.21
CA GLN A 20 -14.35 -4.53 -3.35
C GLN A 20 -14.01 -3.71 -4.59
N LEU A 21 -12.80 -3.92 -5.11
CA LEU A 21 -12.36 -3.20 -6.31
C LEU A 21 -12.45 -4.09 -7.54
N ASN A 22 -11.95 -5.31 -7.43
CA ASN A 22 -11.97 -6.26 -8.54
C ASN A 22 -12.12 -7.68 -8.03
N LYS A 23 -13.14 -7.91 -7.21
CA LYS A 23 -13.40 -9.24 -6.65
C LYS A 23 -12.30 -9.63 -5.66
N ASN A 24 -11.15 -10.02 -6.19
CA ASN A 24 -10.02 -10.42 -5.35
C ASN A 24 -9.22 -9.20 -4.91
N VAL A 25 -9.35 -8.10 -5.64
CA VAL A 25 -8.64 -6.87 -5.33
C VAL A 25 -9.52 -5.92 -4.53
N TRP A 26 -9.08 -5.59 -3.32
CA TRP A 26 -9.82 -4.68 -2.46
C TRP A 26 -8.97 -3.50 -2.03
N VAL A 27 -9.61 -2.44 -1.56
CA VAL A 27 -8.90 -1.24 -1.11
C VAL A 27 -9.27 -0.89 0.31
N HIS A 28 -8.31 -1.04 1.23
CA HIS A 28 -8.54 -0.73 2.64
C HIS A 28 -7.89 0.59 3.01
N THR A 29 -8.62 1.40 3.79
CA THR A 29 -8.11 2.69 4.22
C THR A 29 -8.33 2.90 5.72
N GLU A 30 -7.23 3.11 6.44
CA GLU A 30 -7.30 3.32 7.88
C GLU A 30 -6.93 4.76 8.25
N LEU A 31 -7.15 5.12 9.50
CA LEU A 31 -6.84 6.47 9.97
C LEU A 31 -5.93 6.42 11.20
N GLY A 32 -4.88 7.25 11.18
CA GLY A 32 -3.95 7.29 12.29
C GLY A 32 -3.75 8.69 12.82
N SER A 33 -4.18 8.92 14.05
CA SER A 33 -4.04 10.24 14.68
C SER A 33 -2.58 10.67 14.70
N PHE A 34 -2.27 11.70 13.91
CA PHE A 34 -0.91 12.22 13.84
C PHE A 34 -0.79 13.56 14.56
N ASN A 35 -0.18 13.55 15.74
CA ASN A 35 -0.01 14.75 16.52
C ASN A 35 -1.34 15.47 16.74
N GLY A 36 -2.42 14.69 16.75
CA GLY A 36 -3.75 15.26 16.93
C GLY A 36 -4.42 15.61 15.62
N GLU A 37 -3.93 15.02 14.53
CA GLU A 37 -4.49 15.28 13.21
C GLU A 37 -4.75 13.98 12.47
N ALA A 38 -6.01 13.74 12.12
CA ALA A 38 -6.39 12.54 11.40
C ALA A 38 -5.78 12.51 10.00
N VAL A 39 -5.19 11.37 9.64
CA VAL A 39 -4.57 11.21 8.34
C VAL A 39 -4.85 9.83 7.76
N PRO A 40 -5.80 9.76 6.80
CA PRO A 40 -6.17 8.52 6.15
C PRO A 40 -5.08 7.98 5.23
N SER A 41 -4.90 6.66 5.24
CA SER A 41 -3.88 6.02 4.41
C SER A 41 -4.50 4.96 3.50
N ASN A 42 -4.39 5.16 2.20
CA ASN A 42 -4.94 4.22 1.23
C ASN A 42 -4.12 2.93 1.20
N GLY A 43 -4.79 1.82 0.94
CA GLY A 43 -4.11 0.53 0.89
C GLY A 43 -4.76 -0.42 -0.09
N LEU A 44 -4.48 -1.71 0.07
CA LEU A 44 -5.04 -2.73 -0.81
C LEU A 44 -4.95 -4.12 -0.17
N VAL A 45 -5.96 -4.94 -0.40
CA VAL A 45 -5.99 -6.29 0.15
C VAL A 45 -6.24 -7.33 -0.94
N LEU A 46 -5.57 -8.46 -0.83
CA LEU A 46 -5.71 -9.53 -1.82
C LEU A 46 -6.51 -10.70 -1.23
N ASN A 47 -7.41 -11.25 -2.04
CA ASN A 47 -8.22 -12.38 -1.60
C ASN A 47 -7.83 -13.66 -2.33
N THR A 48 -6.57 -14.06 -2.16
CA THR A 48 -6.07 -15.27 -2.81
C THR A 48 -6.73 -16.51 -2.23
N SER A 49 -6.24 -17.68 -2.64
CA SER A 49 -6.79 -18.94 -2.16
C SER A 49 -5.81 -19.65 -1.22
N LYS A 50 -4.97 -18.86 -0.56
CA LYS A 50 -3.98 -19.39 0.37
C LYS A 50 -3.56 -18.34 1.39
N GLY A 51 -4.51 -17.50 1.79
CA GLY A 51 -4.23 -16.46 2.75
C GLY A 51 -4.26 -15.07 2.15
N LEU A 52 -4.93 -14.15 2.81
CA LEU A 52 -5.03 -12.77 2.33
C LEU A 52 -3.66 -12.10 2.30
N VAL A 53 -3.61 -10.90 1.74
CA VAL A 53 -2.36 -10.16 1.64
C VAL A 53 -2.61 -8.65 1.72
N LEU A 54 -1.71 -7.94 2.37
CA LEU A 54 -1.83 -6.49 2.52
C LEU A 54 -0.69 -5.77 1.80
N VAL A 55 -1.04 -4.79 0.99
CA VAL A 55 -0.04 -4.01 0.24
C VAL A 55 0.60 -2.95 1.13
N ASP A 56 0.15 -2.87 2.37
CA ASP A 56 0.67 -1.90 3.31
C ASP A 56 -0.02 -2.03 4.67
N SER A 57 0.79 -2.03 5.73
CA SER A 57 0.26 -2.15 7.09
C SER A 57 -0.46 -0.88 7.51
N SER A 58 -0.78 -0.79 8.79
CA SER A 58 -1.49 0.38 9.33
C SER A 58 -0.49 1.40 9.88
N TRP A 59 -1.02 2.43 10.52
CA TRP A 59 -0.19 3.48 11.10
C TRP A 59 0.58 2.95 12.30
N ASP A 60 -0.08 2.16 13.13
CA ASP A 60 0.54 1.59 14.32
C ASP A 60 0.12 0.13 14.50
N ASP A 61 0.84 -0.57 15.37
CA ASP A 61 0.55 -1.98 15.64
C ASP A 61 -0.86 -2.13 16.21
N LYS A 62 -1.28 -1.15 17.00
CA LYS A 62 -2.61 -1.19 17.61
C LYS A 62 -3.69 -0.89 16.57
N LEU A 63 -3.31 -0.21 15.49
CA LEU A 63 -4.24 0.13 14.43
C LEU A 63 -4.40 -1.03 13.45
N THR A 64 -3.29 -1.66 13.09
CA THR A 64 -3.30 -2.79 12.16
C THR A 64 -4.01 -3.99 12.78
N LYS A 65 -3.97 -4.08 14.10
CA LYS A 65 -4.60 -5.18 14.82
C LYS A 65 -6.07 -5.31 14.43
N GLU A 66 -6.76 -4.18 14.35
CA GLU A 66 -8.18 -4.16 13.99
C GLU A 66 -8.35 -4.22 12.47
N LEU A 67 -7.25 -3.97 11.75
CA LEU A 67 -7.28 -3.98 10.29
C LEU A 67 -7.30 -5.42 9.76
N ILE A 68 -6.42 -6.25 10.30
CA ILE A 68 -6.34 -7.65 9.89
C ILE A 68 -7.55 -8.43 10.37
N GLU A 69 -8.07 -8.06 11.53
CA GLU A 69 -9.24 -8.73 12.10
C GLU A 69 -10.45 -8.59 11.18
N MET A 70 -10.45 -7.53 10.38
CA MET A 70 -11.55 -7.28 9.46
C MET A 70 -11.47 -8.21 8.25
N VAL A 71 -10.37 -8.12 7.51
CA VAL A 71 -10.16 -8.96 6.33
C VAL A 71 -10.29 -10.44 6.68
N GLU A 72 -9.91 -10.80 7.90
CA GLU A 72 -9.98 -12.17 8.36
C GLU A 72 -11.33 -12.46 9.01
N LYS A 73 -12.41 -12.06 8.32
CA LYS A 73 -13.76 -12.28 8.83
C LYS A 73 -14.72 -12.61 7.69
N LYS A 74 -14.58 -11.89 6.58
CA LYS A 74 -15.44 -12.09 5.42
C LYS A 74 -14.72 -12.92 4.36
N PHE A 75 -13.39 -12.86 4.36
CA PHE A 75 -12.59 -13.61 3.41
C PHE A 75 -12.26 -15.00 3.93
N GLN A 76 -12.89 -15.37 5.04
CA GLN A 76 -12.66 -16.67 5.65
C GLN A 76 -11.23 -17.13 5.45
N LYS A 77 -10.28 -16.23 5.69
CA LYS A 77 -8.86 -16.55 5.53
C LYS A 77 -8.02 -15.78 6.54
N ARG A 78 -6.71 -15.96 6.47
CA ARG A 78 -5.79 -15.28 7.38
C ARG A 78 -4.63 -14.65 6.61
N VAL A 79 -4.37 -13.37 6.90
CA VAL A 79 -3.29 -12.65 6.24
C VAL A 79 -1.93 -13.24 6.59
N THR A 80 -1.15 -13.56 5.57
CA THR A 80 0.18 -14.14 5.78
C THR A 80 1.22 -13.46 4.89
N ASP A 81 0.89 -12.26 4.42
CA ASP A 81 1.80 -11.50 3.57
C ASP A 81 1.53 -10.00 3.68
N VAL A 82 2.59 -9.22 3.78
CA VAL A 82 2.46 -7.78 3.91
C VAL A 82 3.53 -7.06 3.09
N ILE A 83 3.15 -6.63 1.88
CA ILE A 83 4.08 -5.94 1.00
C ILE A 83 4.30 -4.50 1.45
N ILE A 84 5.56 -4.13 1.65
CA ILE A 84 5.91 -2.78 2.08
C ILE A 84 6.63 -2.01 0.97
N THR A 85 6.04 -0.88 0.59
CA THR A 85 6.63 -0.05 -0.46
C THR A 85 7.80 0.76 0.06
N HIS A 86 7.58 1.50 1.14
CA HIS A 86 8.62 2.32 1.75
C HIS A 86 8.61 2.17 3.27
N ALA A 87 9.64 2.73 3.91
CA ALA A 87 9.75 2.66 5.36
C ALA A 87 9.08 3.87 6.02
N HIS A 88 7.86 3.66 6.53
CA HIS A 88 7.12 4.73 7.17
C HIS A 88 6.11 4.16 8.17
N ALA A 89 5.67 5.00 9.11
CA ALA A 89 4.70 4.58 10.12
C ALA A 89 3.44 4.03 9.47
N ASP A 90 3.17 4.49 8.24
CA ASP A 90 1.99 4.04 7.52
C ASP A 90 2.32 2.86 6.61
N ARG A 91 3.42 2.17 6.92
CA ARG A 91 3.85 1.02 6.13
C ARG A 91 4.26 -0.13 7.04
N ILE A 92 5.13 0.17 8.00
CA ILE A 92 5.60 -0.84 8.94
C ILE A 92 5.20 -0.50 10.37
N GLY A 93 4.26 0.43 10.51
CA GLY A 93 3.80 0.83 11.82
C GLY A 93 3.41 -0.36 12.68
N GLY A 94 2.84 -1.38 12.06
CA GLY A 94 2.42 -2.56 12.78
C GLY A 94 3.35 -3.74 12.56
N ILE A 95 4.56 -3.45 12.09
CA ILE A 95 5.55 -4.49 11.84
C ILE A 95 5.62 -5.48 13.00
N LYS A 96 5.37 -4.98 14.20
CA LYS A 96 5.41 -5.83 15.40
C LYS A 96 4.29 -6.86 15.36
N THR A 97 3.06 -6.41 15.18
CA THR A 97 1.91 -7.30 15.12
C THR A 97 2.07 -8.32 14.00
N LEU A 98 2.56 -7.87 12.85
CA LEU A 98 2.75 -8.74 11.70
C LEU A 98 3.67 -9.92 12.06
N LYS A 99 4.57 -9.69 13.02
CA LYS A 99 5.50 -10.72 13.45
C LYS A 99 5.03 -11.36 14.75
N GLU A 100 3.73 -11.27 15.02
CA GLU A 100 3.16 -11.85 16.23
C GLU A 100 2.18 -12.97 15.90
N ARG A 101 1.59 -12.90 14.70
CA ARG A 101 0.65 -13.92 14.27
C ARG A 101 1.29 -14.87 13.27
N GLY A 102 2.36 -14.42 12.63
CA GLY A 102 3.04 -15.24 11.65
C GLY A 102 3.06 -14.61 10.27
N ILE A 103 2.83 -13.30 10.21
CA ILE A 103 2.82 -12.59 8.94
C ILE A 103 4.22 -12.12 8.56
N LYS A 104 4.44 -11.94 7.26
CA LYS A 104 5.73 -11.49 6.76
C LYS A 104 5.61 -10.14 6.07
N ALA A 105 6.36 -9.16 6.57
CA ALA A 105 6.35 -7.82 5.99
C ALA A 105 7.38 -7.68 4.88
N HIS A 106 7.03 -8.16 3.69
CA HIS A 106 7.93 -8.09 2.54
C HIS A 106 8.40 -6.66 2.30
N SER A 107 9.64 -6.51 1.87
CA SER A 107 10.21 -5.19 1.61
C SER A 107 11.63 -5.30 1.08
N THR A 108 12.05 -4.30 0.32
CA THR A 108 13.40 -4.29 -0.25
C THR A 108 14.44 -3.96 0.81
N ALA A 109 15.68 -4.34 0.55
CA ALA A 109 16.78 -4.08 1.48
C ALA A 109 16.85 -2.60 1.84
N LEU A 110 16.59 -1.75 0.86
CA LEU A 110 16.63 -0.30 1.07
C LEU A 110 15.53 0.13 2.03
N THR A 111 14.32 -0.38 1.83
CA THR A 111 13.19 -0.05 2.69
C THR A 111 13.52 -0.28 4.16
N ALA A 112 14.21 -1.39 4.42
CA ALA A 112 14.60 -1.73 5.79
C ALA A 112 15.71 -0.83 6.29
N GLU A 113 16.46 -0.24 5.36
CA GLU A 113 17.56 0.64 5.70
C GLU A 113 17.06 1.83 6.53
N LEU A 114 15.89 2.35 6.16
CA LEU A 114 15.31 3.49 6.86
C LEU A 114 14.44 3.02 8.02
N ALA A 115 13.91 1.81 7.92
CA ALA A 115 13.06 1.24 8.96
C ALA A 115 13.77 1.27 10.31
N LYS A 116 14.86 0.52 10.43
CA LYS A 116 15.62 0.46 11.67
C LYS A 116 16.09 1.84 12.09
N LYS A 117 16.19 2.75 11.12
CA LYS A 117 16.62 4.11 11.38
C LYS A 117 15.60 4.85 12.23
N ASN A 118 14.34 4.39 12.17
CA ASN A 118 13.27 5.02 12.93
C ASN A 118 13.06 4.30 14.27
N GLY A 119 13.28 2.99 14.26
CA GLY A 119 13.12 2.21 15.48
C GLY A 119 12.24 0.99 15.27
N TYR A 120 11.68 0.87 14.07
CA TYR A 120 10.82 -0.27 13.74
C TYR A 120 11.58 -1.59 13.89
N GLU A 121 10.93 -2.67 13.46
CA GLU A 121 11.54 -3.99 13.55
C GLU A 121 12.20 -4.37 12.23
N GLU A 122 12.05 -3.52 11.23
CA GLU A 122 12.64 -3.76 9.91
C GLU A 122 11.97 -4.96 9.25
N PRO A 123 11.46 -4.75 8.02
CA PRO A 123 10.78 -5.80 7.26
C PRO A 123 11.76 -6.87 6.77
N LEU A 124 11.26 -7.77 5.93
CA LEU A 124 12.09 -8.86 5.40
C LEU A 124 13.36 -8.30 4.78
N GLY A 125 13.25 -7.18 4.09
CA GLY A 125 14.41 -6.56 3.46
C GLY A 125 15.16 -7.53 2.59
N ASP A 126 14.47 -8.16 1.65
CA ASP A 126 15.09 -9.13 0.75
C ASP A 126 14.42 -9.09 -0.62
N LEU A 127 14.38 -7.91 -1.22
CA LEU A 127 13.76 -7.74 -2.54
C LEU A 127 14.67 -6.93 -3.45
N GLN A 128 14.18 -6.65 -4.66
CA GLN A 128 14.94 -5.88 -5.63
C GLN A 128 14.05 -4.93 -6.42
N THR A 129 14.58 -4.35 -7.48
CA THR A 129 13.82 -3.42 -8.32
C THR A 129 12.47 -4.00 -8.69
N VAL A 130 12.46 -5.28 -9.07
CA VAL A 130 11.23 -5.96 -9.46
C VAL A 130 11.20 -7.39 -8.92
N THR A 131 10.02 -7.83 -8.52
CA THR A 131 9.84 -9.18 -7.99
C THR A 131 8.44 -9.71 -8.28
N ASN A 132 8.36 -10.70 -9.17
CA ASN A 132 7.08 -11.30 -9.53
C ASN A 132 6.54 -12.15 -8.39
N LEU A 133 5.69 -11.56 -7.57
CA LEU A 133 5.09 -12.27 -6.44
C LEU A 133 3.89 -13.09 -6.88
N LYS A 134 3.66 -14.20 -6.20
CA LYS A 134 2.54 -15.09 -6.52
C LYS A 134 2.02 -15.79 -5.26
N PHE A 135 0.84 -15.40 -4.82
CA PHE A 135 0.23 -16.00 -3.63
C PHE A 135 -0.98 -16.86 -4.01
N GLY A 136 -0.75 -18.16 -4.11
CA GLY A 136 -1.83 -19.07 -4.46
C GLY A 136 -2.46 -18.73 -5.80
N ASN A 137 -3.59 -18.04 -5.75
CA ASN A 137 -4.30 -17.64 -6.97
C ASN A 137 -4.26 -16.14 -7.17
N MET A 138 -3.05 -15.59 -7.24
CA MET A 138 -2.87 -14.15 -7.44
C MET A 138 -1.57 -13.85 -8.17
N LYS A 139 -1.55 -12.74 -8.90
CA LYS A 139 -0.36 -12.35 -9.65
C LYS A 139 0.03 -10.91 -9.34
N VAL A 140 1.24 -10.73 -8.83
CA VAL A 140 1.74 -9.40 -8.48
C VAL A 140 3.19 -9.22 -8.92
N GLU A 141 3.60 -7.97 -9.07
CA GLU A 141 4.97 -7.67 -9.49
C GLU A 141 5.38 -6.27 -9.02
N THR A 142 6.48 -6.19 -8.27
CA THR A 142 6.98 -4.93 -7.76
C THR A 142 7.68 -4.14 -8.86
N PHE A 143 8.14 -2.94 -8.52
CA PHE A 143 8.83 -2.09 -9.48
C PHE A 143 9.43 -0.86 -8.79
N TYR A 144 10.66 -0.51 -9.16
CA TYR A 144 11.33 0.63 -8.57
C TYR A 144 11.64 1.69 -9.63
N PRO A 145 10.71 2.65 -9.79
CA PRO A 145 10.86 3.73 -10.77
C PRO A 145 11.96 4.72 -10.38
N GLY A 146 11.93 5.16 -9.13
CA GLY A 146 12.93 6.10 -8.65
C GLY A 146 12.63 6.61 -7.25
N LYS A 147 13.10 7.82 -6.95
CA LYS A 147 12.88 8.41 -5.64
C LYS A 147 11.75 9.44 -5.69
N GLY A 148 10.74 9.24 -4.86
CA GLY A 148 9.61 10.15 -4.81
C GLY A 148 9.26 10.58 -3.40
N HIS A 149 8.39 9.82 -2.76
CA HIS A 149 7.98 10.13 -1.39
C HIS A 149 9.05 9.73 -0.39
N THR A 150 9.81 8.69 -0.73
CA THR A 150 10.88 8.21 0.14
C THR A 150 12.03 7.63 -0.67
N GLU A 151 13.22 7.62 -0.07
CA GLU A 151 14.40 7.10 -0.75
C GLU A 151 14.22 5.62 -1.10
N ASP A 152 13.34 4.95 -0.37
CA ASP A 152 13.08 3.54 -0.60
C ASP A 152 11.60 3.32 -0.97
N ASN A 153 11.11 4.11 -1.92
CA ASN A 153 9.73 4.00 -2.36
C ASN A 153 9.64 3.21 -3.67
N ILE A 154 8.64 2.34 -3.75
CA ILE A 154 8.44 1.53 -4.94
C ILE A 154 6.96 1.41 -5.28
N VAL A 155 6.67 1.09 -6.54
CA VAL A 155 5.29 0.95 -7.00
C VAL A 155 4.94 -0.52 -7.21
N VAL A 156 3.69 -0.86 -6.93
CA VAL A 156 3.22 -2.24 -7.10
C VAL A 156 2.43 -2.39 -8.39
N TRP A 157 2.57 -3.55 -9.03
CA TRP A 157 1.87 -3.82 -10.27
C TRP A 157 1.18 -5.19 -10.23
N LEU A 158 0.07 -5.31 -10.93
CA LEU A 158 -0.68 -6.56 -10.97
C LEU A 158 -0.94 -7.00 -12.41
N PRO A 159 -0.08 -7.88 -12.92
CA PRO A 159 -0.19 -8.40 -14.29
C PRO A 159 -1.38 -9.33 -14.47
N GLN A 160 -2.58 -8.74 -14.46
CA GLN A 160 -3.80 -9.54 -14.61
C GLN A 160 -5.03 -8.63 -14.57
N TYR A 161 -4.96 -7.58 -13.75
CA TYR A 161 -6.06 -6.64 -13.61
C TYR A 161 -5.66 -5.25 -14.06
N ASN A 162 -4.36 -5.04 -14.24
CA ASN A 162 -3.84 -3.75 -14.67
C ASN A 162 -3.99 -2.70 -13.57
N ILE A 163 -4.09 -3.18 -12.34
CA ILE A 163 -4.24 -2.29 -11.19
C ILE A 163 -2.89 -1.96 -10.57
N LEU A 164 -2.50 -0.69 -10.64
CA LEU A 164 -1.23 -0.25 -10.08
C LEU A 164 -1.43 0.42 -8.72
N VAL A 165 -0.57 0.10 -7.77
CA VAL A 165 -0.65 0.66 -6.43
C VAL A 165 0.67 1.31 -6.03
N GLY A 166 1.01 2.41 -6.69
CA GLY A 166 2.24 3.11 -6.38
C GLY A 166 2.40 3.38 -4.90
N GLY A 167 1.31 3.78 -4.25
CA GLY A 167 1.35 4.09 -2.83
C GLY A 167 1.46 5.57 -2.55
N CYS A 168 2.43 5.93 -1.72
CA CYS A 168 2.65 7.34 -1.37
C CYS A 168 3.30 8.09 -2.51
N LEU A 169 3.69 7.36 -3.55
CA LEU A 169 4.33 7.96 -4.71
C LEU A 169 3.32 8.73 -5.55
N VAL A 170 2.24 8.06 -5.93
CA VAL A 170 1.19 8.67 -6.74
C VAL A 170 0.10 9.27 -5.85
N LYS A 171 -0.22 10.54 -6.10
CA LYS A 171 -1.24 11.24 -5.33
C LYS A 171 -2.61 11.09 -6.00
N SER A 172 -3.66 11.38 -5.24
CA SER A 172 -5.03 11.28 -5.75
C SER A 172 -5.46 12.60 -6.39
N THR A 173 -6.47 12.53 -7.24
CA THR A 173 -6.99 13.71 -7.92
C THR A 173 -7.40 14.78 -6.92
N SER A 174 -7.79 14.35 -5.72
CA SER A 174 -8.20 15.28 -4.68
C SER A 174 -6.99 15.97 -4.05
N ALA A 175 -5.85 15.31 -4.12
CA ALA A 175 -4.62 15.87 -3.57
C ALA A 175 -4.38 17.28 -4.08
N LYS A 176 -3.39 17.96 -3.48
CA LYS A 176 -3.06 19.33 -3.88
C LYS A 176 -1.54 19.51 -3.96
N ASP A 177 -0.84 18.95 -2.98
CA ASP A 177 0.62 19.06 -2.95
C ASP A 177 1.23 17.82 -2.30
N LEU A 178 2.56 17.80 -2.22
CA LEU A 178 3.27 16.68 -1.62
C LEU A 178 3.69 16.99 -0.18
N GLY A 179 3.88 18.28 0.10
CA GLY A 179 4.26 18.69 1.44
C GLY A 179 5.58 19.43 1.45
N ASN A 180 6.38 19.19 2.47
CA ASN A 180 7.69 19.85 2.61
C ASN A 180 8.80 18.93 2.13
N VAL A 181 8.44 17.89 1.39
CA VAL A 181 9.42 16.94 0.87
C VAL A 181 10.56 16.74 1.85
N ALA A 182 10.21 16.50 3.12
CA ALA A 182 11.22 16.28 4.15
C ALA A 182 12.22 15.22 3.73
N ASP A 183 11.72 14.02 3.44
CA ASP A 183 12.57 12.91 3.03
C ASP A 183 12.23 12.46 1.62
N ALA A 184 11.71 13.38 0.82
CA ALA A 184 11.34 13.08 -0.57
C ALA A 184 12.36 13.64 -1.54
N TYR A 185 12.19 13.32 -2.83
CA TYR A 185 13.09 13.80 -3.86
C TYR A 185 12.31 14.27 -5.09
N VAL A 186 11.88 15.53 -5.05
CA VAL A 186 11.14 16.10 -6.16
C VAL A 186 11.94 16.05 -7.46
N ASN A 187 13.26 15.94 -7.33
CA ASN A 187 14.14 15.88 -8.49
C ASN A 187 14.07 14.51 -9.15
N GLU A 188 13.64 13.51 -8.39
CA GLU A 188 13.52 12.15 -8.90
C GLU A 188 12.06 11.76 -9.10
N TRP A 189 11.18 12.39 -8.33
CA TRP A 189 9.75 12.10 -8.42
C TRP A 189 9.27 12.20 -9.87
N SER A 190 9.48 13.36 -10.48
CA SER A 190 9.06 13.58 -11.86
C SER A 190 9.58 12.47 -12.77
N THR A 191 10.73 11.92 -12.41
CA THR A 191 11.34 10.84 -13.19
C THR A 191 10.70 9.50 -12.87
N SER A 192 10.27 9.33 -11.63
CA SER A 192 9.65 8.09 -11.18
C SER A 192 8.28 7.91 -11.83
N ILE A 193 7.41 8.89 -11.64
CA ILE A 193 6.07 8.84 -12.21
C ILE A 193 6.12 8.59 -13.72
N GLU A 194 7.04 9.25 -14.39
CA GLU A 194 7.20 9.10 -15.84
C GLU A 194 7.59 7.66 -16.18
N ASN A 195 8.24 6.98 -15.24
CA ASN A 195 8.68 5.60 -15.46
C ASN A 195 7.55 4.62 -15.10
N VAL A 196 6.73 5.00 -14.14
CA VAL A 196 5.62 4.16 -13.71
C VAL A 196 4.50 4.15 -14.74
N LEU A 197 4.26 5.30 -15.37
CA LEU A 197 3.22 5.43 -16.39
C LEU A 197 3.71 4.89 -17.72
N LYS A 198 5.02 4.92 -17.92
CA LYS A 198 5.62 4.43 -19.16
C LYS A 198 5.67 2.91 -19.18
N ARG A 199 6.05 2.32 -18.05
CA ARG A 199 6.14 0.88 -17.94
C ARG A 199 4.78 0.22 -18.19
N TYR A 200 3.72 0.94 -17.85
CA TYR A 200 2.37 0.43 -18.04
C TYR A 200 1.44 1.53 -18.55
N ARG A 201 0.91 1.32 -19.75
CA ARG A 201 0.00 2.29 -20.35
C ARG A 201 -1.38 1.68 -20.57
N ASN A 202 -1.77 0.78 -19.67
CA ASN A 202 -3.07 0.12 -19.76
C ASN A 202 -3.68 -0.05 -18.38
N ILE A 203 -3.23 0.76 -17.42
CA ILE A 203 -3.74 0.69 -16.06
C ILE A 203 -5.26 0.77 -16.04
N ASN A 204 -5.88 0.07 -15.09
CA ASN A 204 -7.33 0.07 -14.95
C ASN A 204 -7.76 0.92 -13.77
N ALA A 205 -6.96 0.92 -12.71
CA ALA A 205 -7.26 1.70 -11.52
C ALA A 205 -6.00 1.99 -10.71
N VAL A 206 -5.84 3.24 -10.30
CA VAL A 206 -4.68 3.64 -9.52
C VAL A 206 -5.06 3.95 -8.07
N VAL A 207 -4.34 3.34 -7.14
CA VAL A 207 -4.59 3.55 -5.72
C VAL A 207 -3.45 4.31 -5.06
N PRO A 208 -3.68 5.62 -4.82
CA PRO A 208 -2.69 6.49 -4.19
C PRO A 208 -2.47 6.15 -2.72
N GLY A 209 -1.75 7.03 -2.02
CA GLY A 209 -1.48 6.81 -0.61
C GLY A 209 -2.41 7.60 0.28
N HIS A 210 -2.85 8.76 -0.21
CA HIS A 210 -3.74 9.62 0.55
C HIS A 210 -4.76 10.29 -0.35
N GLY A 211 -5.98 9.76 -0.36
CA GLY A 211 -7.03 10.31 -1.20
C GLY A 211 -8.08 9.29 -1.58
N GLU A 212 -7.99 8.78 -2.80
CA GLU A 212 -8.95 7.78 -3.28
C GLU A 212 -8.46 7.15 -4.58
N VAL A 213 -9.07 6.03 -4.95
CA VAL A 213 -8.71 5.33 -6.19
C VAL A 213 -9.24 6.06 -7.41
N GLY A 214 -8.51 5.95 -8.52
CA GLY A 214 -8.92 6.60 -9.75
C GLY A 214 -8.46 5.86 -10.99
N ASP A 215 -7.48 6.42 -11.68
CA ASP A 215 -6.95 5.82 -12.90
C ASP A 215 -5.52 6.29 -13.15
N LYS A 216 -4.98 5.91 -14.31
CA LYS A 216 -3.62 6.29 -14.68
C LYS A 216 -3.45 7.80 -14.63
N GLY A 217 -4.57 8.52 -14.74
CA GLY A 217 -4.52 9.98 -14.70
C GLY A 217 -3.80 10.50 -13.47
N LEU A 218 -3.90 9.77 -12.37
CA LEU A 218 -3.26 10.16 -11.13
C LEU A 218 -1.78 10.49 -11.35
N LEU A 219 -1.09 9.61 -12.07
CA LEU A 219 0.33 9.80 -12.35
C LEU A 219 0.57 11.17 -12.99
N LEU A 220 -0.30 11.56 -13.91
CA LEU A 220 -0.19 12.84 -14.58
C LEU A 220 -0.44 13.99 -13.62
N HIS A 221 -1.45 13.82 -12.76
CA HIS A 221 -1.80 14.85 -11.78
C HIS A 221 -0.68 15.02 -10.75
N THR A 222 -0.04 13.92 -10.39
CA THR A 222 1.05 13.94 -9.42
C THR A 222 2.09 14.99 -9.79
N LEU A 223 2.44 15.04 -11.08
CA LEU A 223 3.43 16.00 -11.57
C LEU A 223 3.02 17.43 -11.23
N ASP A 224 1.73 17.70 -11.34
CA ASP A 224 1.20 19.03 -11.04
C ASP A 224 1.57 19.46 -9.62
N LEU A 225 1.72 18.48 -8.74
CA LEU A 225 2.06 18.75 -7.35
C LEU A 225 3.54 19.10 -7.21
N LEU A 226 4.34 18.64 -8.16
CA LEU A 226 5.78 18.91 -8.15
C LEU A 226 6.09 20.20 -8.90
N LYS A 227 5.30 20.49 -9.92
CA LYS A 227 5.50 21.71 -10.71
C LYS A 227 4.61 22.85 -10.20
N SER A 1 -16.35 -21.41 2.33
CA SER A 1 -17.31 -21.32 1.23
C SER A 1 -18.60 -20.67 1.69
N GLN A 2 -19.05 -19.65 0.95
CA GLN A 2 -20.28 -18.94 1.29
C GLN A 2 -20.68 -18.00 0.15
N LYS A 3 -21.81 -17.32 0.33
CA LYS A 3 -22.31 -16.39 -0.67
C LYS A 3 -23.16 -15.29 -0.03
N VAL A 4 -22.83 -14.04 -0.33
CA VAL A 4 -23.57 -12.91 0.22
C VAL A 4 -23.71 -11.79 -0.81
N GLU A 5 -24.43 -10.74 -0.43
CA GLU A 5 -24.63 -9.61 -1.33
C GLU A 5 -24.28 -8.29 -0.64
N LYS A 6 -23.18 -8.30 0.12
CA LYS A 6 -22.73 -7.12 0.83
C LYS A 6 -21.22 -6.93 0.66
N THR A 7 -20.78 -5.68 0.71
CA THR A 7 -19.37 -5.35 0.57
C THR A 7 -18.98 -4.16 1.43
N VAL A 8 -17.71 -3.77 1.36
CA VAL A 8 -17.22 -2.63 2.14
C VAL A 8 -17.39 -2.87 3.63
N ILE A 9 -16.30 -3.31 4.28
CA ILE A 9 -16.33 -3.58 5.71
C ILE A 9 -15.94 -2.34 6.51
N LYS A 10 -16.42 -2.27 7.75
CA LYS A 10 -16.11 -1.13 8.62
C LYS A 10 -16.00 -1.58 10.07
N ASN A 11 -15.11 -0.93 10.82
CA ASN A 11 -14.91 -1.27 12.22
C ASN A 11 -15.97 -0.59 13.10
N GLU A 12 -16.11 -1.06 14.33
CA GLU A 12 -17.07 -0.51 15.26
C GLU A 12 -16.91 1.01 15.37
N THR A 13 -15.68 1.48 15.24
CA THR A 13 -15.39 2.90 15.32
C THR A 13 -15.48 3.57 13.95
N GLY A 14 -15.14 2.80 12.92
CA GLY A 14 -15.18 3.33 11.56
C GLY A 14 -13.83 3.80 11.08
N THR A 15 -12.88 3.92 12.00
CA THR A 15 -11.53 4.37 11.68
C THR A 15 -10.96 3.58 10.51
N ILE A 16 -11.33 2.30 10.43
CA ILE A 16 -10.85 1.43 9.37
C ILE A 16 -12.01 0.84 8.57
N SER A 17 -11.78 0.60 7.28
CA SER A 17 -12.81 0.04 6.42
C SER A 17 -12.20 -0.44 5.11
N ILE A 18 -13.00 -1.15 4.31
CA ILE A 18 -12.55 -1.68 3.03
C ILE A 18 -13.58 -1.45 1.95
N SER A 19 -13.31 -1.97 0.75
CA SER A 19 -14.22 -1.82 -0.37
C SER A 19 -13.84 -2.76 -1.51
N GLN A 20 -14.84 -3.45 -2.06
CA GLN A 20 -14.60 -4.38 -3.16
C GLN A 20 -14.29 -3.63 -4.45
N LEU A 21 -13.10 -3.86 -4.99
CA LEU A 21 -12.67 -3.21 -6.22
C LEU A 21 -12.76 -4.18 -7.40
N ASN A 22 -12.38 -5.43 -7.16
CA ASN A 22 -12.40 -6.44 -8.20
C ASN A 22 -12.67 -7.82 -7.60
N LYS A 23 -12.54 -8.85 -8.43
CA LYS A 23 -12.76 -10.22 -7.98
C LYS A 23 -11.99 -10.51 -6.70
N ASN A 24 -10.69 -10.21 -6.72
CA ASN A 24 -9.84 -10.43 -5.55
C ASN A 24 -9.00 -9.20 -5.24
N VAL A 25 -9.61 -8.02 -5.37
CA VAL A 25 -8.91 -6.77 -5.10
C VAL A 25 -9.78 -5.82 -4.27
N TRP A 26 -9.28 -5.44 -3.10
CA TRP A 26 -10.01 -4.55 -2.22
C TRP A 26 -9.12 -3.39 -1.77
N VAL A 27 -9.74 -2.27 -1.42
CA VAL A 27 -9.00 -1.09 -0.97
C VAL A 27 -9.37 -0.74 0.47
N HIS A 28 -8.47 -1.04 1.40
CA HIS A 28 -8.69 -0.75 2.81
C HIS A 28 -7.98 0.54 3.22
N THR A 29 -8.66 1.36 4.01
CA THR A 29 -8.11 2.62 4.47
C THR A 29 -8.35 2.83 5.97
N GLU A 30 -7.33 3.28 6.67
CA GLU A 30 -7.45 3.52 8.10
C GLU A 30 -7.04 4.95 8.45
N LEU A 31 -7.28 5.34 9.70
CA LEU A 31 -6.95 6.69 10.16
C LEU A 31 -5.97 6.62 11.34
N GLY A 32 -4.98 7.49 11.31
CA GLY A 32 -3.99 7.53 12.38
C GLY A 32 -3.31 8.89 12.50
N SER A 33 -3.12 9.33 13.74
CA SER A 33 -2.48 10.62 13.99
C SER A 33 -0.97 10.54 13.74
N PHE A 34 -0.41 11.59 13.16
CA PHE A 34 1.02 11.64 12.87
C PHE A 34 1.75 12.48 13.90
N ASN A 35 1.08 13.51 14.42
CA ASN A 35 1.66 14.40 15.41
C ASN A 35 0.59 15.27 16.07
N GLY A 36 -0.60 14.71 16.22
CA GLY A 36 -1.70 15.44 16.84
C GLY A 36 -2.83 15.70 15.88
N GLU A 37 -2.82 15.00 14.75
CA GLU A 37 -3.86 15.16 13.75
C GLU A 37 -4.05 13.87 12.94
N ALA A 38 -5.26 13.31 13.00
CA ALA A 38 -5.57 12.09 12.28
C ALA A 38 -5.32 12.25 10.79
N VAL A 39 -4.89 11.17 10.14
CA VAL A 39 -4.62 11.19 8.70
C VAL A 39 -4.94 9.84 8.07
N PRO A 40 -5.80 9.86 7.04
CA PRO A 40 -6.20 8.65 6.32
C PRO A 40 -5.06 8.06 5.50
N SER A 41 -4.98 6.73 5.47
CA SER A 41 -3.93 6.04 4.71
C SER A 41 -4.53 5.01 3.77
N ASN A 42 -4.37 5.25 2.47
CA ASN A 42 -4.90 4.33 1.46
C ASN A 42 -4.18 2.99 1.51
N GLY A 43 -4.92 1.92 1.24
CA GLY A 43 -4.34 0.59 1.27
C GLY A 43 -4.99 -0.35 0.27
N LEU A 44 -4.58 -1.61 0.29
CA LEU A 44 -5.14 -2.61 -0.62
C LEU A 44 -5.00 -4.01 -0.04
N VAL A 45 -6.01 -4.84 -0.25
CA VAL A 45 -6.00 -6.21 0.25
C VAL A 45 -6.27 -7.21 -0.87
N LEU A 46 -5.51 -8.30 -0.87
CA LEU A 46 -5.66 -9.33 -1.89
C LEU A 46 -6.38 -10.56 -1.32
N ASN A 47 -7.34 -11.07 -2.08
CA ASN A 47 -8.10 -12.24 -1.65
C ASN A 47 -7.64 -13.49 -2.39
N THR A 48 -6.45 -13.97 -2.06
CA THR A 48 -5.89 -15.16 -2.71
C THR A 48 -6.46 -16.43 -2.10
N SER A 49 -5.91 -17.57 -2.48
CA SER A 49 -6.36 -18.86 -1.98
C SER A 49 -5.42 -19.39 -0.90
N LYS A 50 -4.28 -18.72 -0.74
CA LYS A 50 -3.30 -19.11 0.26
C LYS A 50 -3.13 -18.04 1.32
N GLY A 51 -4.26 -17.48 1.76
CA GLY A 51 -4.21 -16.44 2.78
C GLY A 51 -4.22 -15.04 2.19
N LEU A 52 -4.98 -14.15 2.81
CA LEU A 52 -5.07 -12.77 2.33
C LEU A 52 -3.71 -12.11 2.31
N VAL A 53 -3.65 -10.90 1.76
CA VAL A 53 -2.40 -10.15 1.67
C VAL A 53 -2.65 -8.65 1.72
N LEU A 54 -1.74 -7.92 2.36
CA LEU A 54 -1.87 -6.47 2.48
C LEU A 54 -0.71 -5.77 1.76
N VAL A 55 -1.05 -4.78 0.95
CA VAL A 55 -0.03 -4.02 0.21
C VAL A 55 0.58 -2.95 1.08
N ASP A 56 0.14 -2.87 2.33
CA ASP A 56 0.65 -1.88 3.27
C ASP A 56 -0.03 -2.01 4.63
N SER A 57 0.78 -2.00 5.68
CA SER A 57 0.26 -2.13 7.04
C SER A 57 -0.43 -0.84 7.47
N SER A 58 -0.74 -0.75 8.76
CA SER A 58 -1.40 0.43 9.31
C SER A 58 -0.38 1.42 9.87
N TRP A 59 -0.88 2.47 10.53
CA TRP A 59 -0.02 3.48 11.12
C TRP A 59 0.78 2.91 12.29
N ASP A 60 0.16 2.00 13.03
CA ASP A 60 0.81 1.38 14.18
C ASP A 60 0.27 -0.04 14.41
N ASP A 61 0.96 -0.79 15.27
CA ASP A 61 0.55 -2.14 15.58
C ASP A 61 -0.81 -2.17 16.28
N LYS A 62 -1.14 -1.07 16.95
CA LYS A 62 -2.41 -0.95 17.65
C LYS A 62 -3.55 -0.71 16.68
N LEU A 63 -3.23 -0.13 15.53
CA LEU A 63 -4.24 0.17 14.52
C LEU A 63 -4.46 -1.05 13.61
N THR A 64 -3.37 -1.64 13.13
CA THR A 64 -3.45 -2.80 12.26
C THR A 64 -4.16 -3.96 12.95
N LYS A 65 -4.04 -4.01 14.28
CA LYS A 65 -4.68 -5.07 15.05
C LYS A 65 -6.17 -5.16 14.75
N GLU A 66 -6.81 -3.99 14.63
CA GLU A 66 -8.24 -3.94 14.34
C GLU A 66 -8.49 -4.03 12.83
N LEU A 67 -7.42 -3.90 12.06
CA LEU A 67 -7.53 -3.97 10.60
C LEU A 67 -7.59 -5.41 10.12
N ILE A 68 -6.68 -6.23 10.64
CA ILE A 68 -6.63 -7.64 10.27
C ILE A 68 -7.89 -8.38 10.73
N GLU A 69 -8.57 -7.81 11.72
CA GLU A 69 -9.79 -8.41 12.24
C GLU A 69 -10.94 -8.26 11.25
N MET A 70 -10.82 -7.30 10.35
CA MET A 70 -11.84 -7.05 9.34
C MET A 70 -11.70 -8.02 8.18
N VAL A 71 -10.53 -8.00 7.53
CA VAL A 71 -10.27 -8.88 6.40
C VAL A 71 -10.43 -10.35 6.79
N GLU A 72 -10.05 -10.67 8.02
CA GLU A 72 -10.16 -12.04 8.51
C GLU A 72 -11.53 -12.28 9.15
N LYS A 73 -12.57 -11.90 8.44
CA LYS A 73 -13.94 -12.08 8.93
C LYS A 73 -14.89 -12.41 7.78
N LYS A 74 -14.72 -11.72 6.66
CA LYS A 74 -15.57 -11.94 5.49
C LYS A 74 -14.83 -12.78 4.45
N PHE A 75 -13.51 -12.72 4.47
CA PHE A 75 -12.69 -13.48 3.51
C PHE A 75 -12.38 -14.86 4.06
N GLN A 76 -13.04 -15.22 5.16
CA GLN A 76 -12.82 -16.53 5.78
C GLN A 76 -11.39 -17.00 5.59
N LYS A 77 -10.44 -16.11 5.87
CA LYS A 77 -9.03 -16.44 5.73
C LYS A 77 -8.18 -15.63 6.72
N ARG A 78 -6.87 -15.84 6.68
CA ARG A 78 -5.96 -15.13 7.57
C ARG A 78 -4.80 -14.53 6.78
N VAL A 79 -4.49 -13.27 7.07
CA VAL A 79 -3.40 -12.57 6.38
C VAL A 79 -2.05 -13.13 6.81
N THR A 80 -1.21 -13.44 5.83
CA THR A 80 0.12 -13.98 6.10
C THR A 80 1.17 -13.34 5.20
N ASP A 81 0.82 -12.21 4.61
CA ASP A 81 1.73 -11.49 3.72
C ASP A 81 1.48 -9.99 3.77
N VAL A 82 2.55 -9.21 3.89
CA VAL A 82 2.44 -7.76 3.95
C VAL A 82 3.51 -7.10 3.10
N ILE A 83 3.12 -6.64 1.91
CA ILE A 83 4.05 -5.98 1.00
C ILE A 83 4.29 -4.53 1.42
N ILE A 84 5.55 -4.21 1.72
CA ILE A 84 5.92 -2.86 2.13
C ILE A 84 6.66 -2.13 1.00
N THR A 85 6.26 -0.89 0.75
CA THR A 85 6.89 -0.09 -0.28
C THR A 85 8.07 0.70 0.26
N HIS A 86 7.81 1.49 1.30
CA HIS A 86 8.87 2.30 1.92
C HIS A 86 8.82 2.17 3.44
N ALA A 87 9.90 2.57 4.09
CA ALA A 87 9.98 2.50 5.55
C ALA A 87 9.32 3.72 6.19
N HIS A 88 8.08 3.55 6.63
CA HIS A 88 7.35 4.64 7.27
C HIS A 88 6.31 4.08 8.24
N ALA A 89 5.89 4.92 9.19
CA ALA A 89 4.91 4.51 10.19
C ALA A 89 3.63 4.03 9.52
N ASP A 90 3.37 4.51 8.31
CA ASP A 90 2.19 4.13 7.56
C ASP A 90 2.47 2.94 6.64
N ARG A 91 3.55 2.22 6.94
CA ARG A 91 3.94 1.07 6.15
C ARG A 91 4.30 -0.12 7.04
N ILE A 92 5.17 0.13 8.01
CA ILE A 92 5.60 -0.92 8.93
C ILE A 92 5.16 -0.60 10.36
N GLY A 93 4.22 0.33 10.49
CA GLY A 93 3.73 0.71 11.79
C GLY A 93 3.28 -0.49 12.61
N GLY A 94 2.83 -1.54 11.93
CA GLY A 94 2.37 -2.73 12.61
C GLY A 94 3.32 -3.90 12.44
N ILE A 95 4.56 -3.60 12.06
CA ILE A 95 5.56 -4.63 11.85
C ILE A 95 5.62 -5.58 13.04
N LYS A 96 5.30 -5.07 14.23
CA LYS A 96 5.31 -5.88 15.44
C LYS A 96 4.16 -6.89 15.43
N THR A 97 2.99 -6.44 15.01
CA THR A 97 1.82 -7.32 14.94
C THR A 97 1.97 -8.37 13.85
N LEU A 98 2.63 -7.98 12.76
CA LEU A 98 2.85 -8.90 11.64
C LEU A 98 3.72 -10.07 12.06
N LYS A 99 4.65 -9.82 12.98
CA LYS A 99 5.56 -10.85 13.47
C LYS A 99 5.01 -11.50 14.73
N GLU A 100 3.70 -11.38 14.94
CA GLU A 100 3.06 -11.95 16.11
C GLU A 100 2.04 -13.02 15.71
N ARG A 101 1.62 -12.98 14.45
CA ARG A 101 0.64 -13.93 13.95
C ARG A 101 1.27 -14.83 12.87
N GLY A 102 2.55 -14.61 12.62
CA GLY A 102 3.25 -15.41 11.62
C GLY A 102 3.25 -14.75 10.26
N ILE A 103 2.92 -13.46 10.22
CA ILE A 103 2.88 -12.71 8.97
C ILE A 103 4.26 -12.23 8.58
N LYS A 104 4.47 -12.01 7.28
CA LYS A 104 5.75 -11.54 6.78
C LYS A 104 5.61 -10.18 6.09
N ALA A 105 6.36 -9.19 6.57
CA ALA A 105 6.31 -7.85 6.00
C ALA A 105 7.35 -7.69 4.90
N HIS A 106 7.05 -8.21 3.71
CA HIS A 106 7.96 -8.12 2.58
C HIS A 106 8.42 -6.68 2.36
N SER A 107 9.65 -6.52 1.92
CA SER A 107 10.21 -5.19 1.67
C SER A 107 11.63 -5.29 1.12
N THR A 108 12.05 -4.27 0.39
CA THR A 108 13.39 -4.24 -0.18
C THR A 108 14.45 -4.01 0.89
N ALA A 109 15.69 -4.36 0.57
CA ALA A 109 16.79 -4.19 1.50
C ALA A 109 16.95 -2.73 1.92
N LEU A 110 16.43 -1.82 1.09
CA LEU A 110 16.50 -0.40 1.37
C LEU A 110 15.48 0.01 2.43
N THR A 111 14.24 -0.44 2.25
CA THR A 111 13.17 -0.13 3.19
C THR A 111 13.54 -0.54 4.60
N ALA A 112 14.40 -1.55 4.71
CA ALA A 112 14.85 -2.05 6.01
C ALA A 112 16.00 -1.21 6.55
N GLU A 113 16.72 -0.55 5.65
CA GLU A 113 17.85 0.29 6.05
C GLU A 113 17.37 1.50 6.83
N LEU A 114 16.20 2.00 6.48
CA LEU A 114 15.63 3.17 7.15
C LEU A 114 14.71 2.75 8.30
N ALA A 115 14.16 1.54 8.19
CA ALA A 115 13.27 1.02 9.21
C ALA A 115 13.96 0.98 10.58
N LYS A 116 14.99 0.15 10.68
CA LYS A 116 15.74 0.01 11.93
C LYS A 116 16.29 1.36 12.38
N LYS A 117 16.47 2.27 11.44
CA LYS A 117 16.98 3.61 11.74
C LYS A 117 15.97 4.40 12.55
N ASN A 118 14.70 4.04 12.42
CA ASN A 118 13.63 4.73 13.15
C ASN A 118 13.33 4.02 14.47
N GLY A 119 13.47 2.71 14.47
CA GLY A 119 13.21 1.93 15.67
C GLY A 119 12.32 0.73 15.41
N TYR A 120 11.80 0.64 14.19
CA TYR A 120 10.93 -0.47 13.82
C TYR A 120 11.66 -1.81 13.98
N GLU A 121 11.01 -2.88 13.53
CA GLU A 121 11.59 -4.21 13.62
C GLU A 121 12.24 -4.62 12.29
N GLU A 122 12.15 -3.74 11.31
CA GLU A 122 12.72 -3.99 9.99
C GLU A 122 12.01 -5.15 9.30
N PRO A 123 11.51 -4.90 8.08
CA PRO A 123 10.79 -5.91 7.29
C PRO A 123 11.71 -7.01 6.79
N LEU A 124 11.19 -7.86 5.92
CA LEU A 124 11.97 -8.97 5.37
C LEU A 124 13.27 -8.46 4.75
N GLY A 125 13.20 -7.33 4.06
CA GLY A 125 14.37 -6.77 3.44
C GLY A 125 15.11 -7.77 2.55
N ASP A 126 14.40 -8.31 1.58
CA ASP A 126 14.99 -9.29 0.67
C ASP A 126 14.36 -9.20 -0.72
N LEU A 127 14.39 -8.01 -1.29
CA LEU A 127 13.83 -7.77 -2.62
C LEU A 127 14.77 -6.93 -3.47
N GLN A 128 14.26 -6.47 -4.62
CA GLN A 128 15.05 -5.66 -5.52
C GLN A 128 14.16 -4.70 -6.33
N THR A 129 14.73 -4.08 -7.35
CA THR A 129 13.98 -3.16 -8.19
C THR A 129 12.67 -3.76 -8.64
N VAL A 130 12.71 -5.02 -9.06
CA VAL A 130 11.51 -5.72 -9.51
C VAL A 130 11.52 -7.17 -9.06
N THR A 131 10.35 -7.68 -8.68
CA THR A 131 10.22 -9.05 -8.23
C THR A 131 8.85 -9.62 -8.57
N ASN A 132 8.79 -10.42 -9.63
CA ASN A 132 7.53 -11.03 -10.06
C ASN A 132 7.02 -12.01 -9.02
N LEU A 133 6.11 -11.55 -8.17
CA LEU A 133 5.53 -12.40 -7.14
C LEU A 133 4.30 -13.14 -7.65
N LYS A 134 3.95 -14.22 -6.97
CA LYS A 134 2.79 -15.02 -7.35
C LYS A 134 2.20 -15.74 -6.15
N PHE A 135 1.04 -15.26 -5.69
CA PHE A 135 0.37 -15.86 -4.55
C PHE A 135 -0.75 -16.80 -5.00
N GLY A 136 -1.58 -17.21 -4.05
CA GLY A 136 -2.68 -18.11 -4.36
C GLY A 136 -3.51 -17.62 -5.53
N ASN A 137 -3.28 -18.19 -6.71
CA ASN A 137 -4.00 -17.80 -7.91
C ASN A 137 -3.99 -16.29 -8.09
N MET A 138 -2.83 -15.68 -7.86
CA MET A 138 -2.68 -14.24 -8.00
C MET A 138 -1.35 -13.90 -8.66
N LYS A 139 -1.31 -12.78 -9.36
CA LYS A 139 -0.09 -12.33 -10.03
C LYS A 139 0.29 -10.92 -9.59
N VAL A 140 1.54 -10.76 -9.17
CA VAL A 140 2.04 -9.46 -8.72
C VAL A 140 3.47 -9.23 -9.19
N GLU A 141 3.88 -7.97 -9.22
CA GLU A 141 5.23 -7.61 -9.65
C GLU A 141 5.61 -6.22 -9.15
N THR A 142 6.70 -6.13 -8.40
CA THR A 142 7.17 -4.87 -7.86
C THR A 142 7.83 -4.02 -8.95
N PHE A 143 8.27 -2.82 -8.58
CA PHE A 143 8.93 -1.92 -9.51
C PHE A 143 9.46 -0.68 -8.80
N TYR A 144 10.66 -0.25 -9.19
CA TYR A 144 11.29 0.91 -8.58
C TYR A 144 11.53 2.00 -9.62
N PRO A 145 10.58 2.95 -9.71
CA PRO A 145 10.66 4.06 -10.67
C PRO A 145 11.75 5.06 -10.30
N GLY A 146 11.77 5.47 -9.03
CA GLY A 146 12.75 6.42 -8.58
C GLY A 146 12.48 6.91 -7.17
N LYS A 147 13.01 8.08 -6.84
CA LYS A 147 12.82 8.67 -5.51
C LYS A 147 11.67 9.68 -5.52
N GLY A 148 10.67 9.44 -4.68
CA GLY A 148 9.53 10.34 -4.60
C GLY A 148 9.20 10.73 -3.18
N HIS A 149 8.28 9.99 -2.57
CA HIS A 149 7.87 10.28 -1.19
C HIS A 149 8.95 9.86 -0.20
N THR A 150 9.75 8.87 -0.59
CA THR A 150 10.83 8.38 0.26
C THR A 150 12.00 7.86 -0.57
N GLU A 151 13.15 7.69 0.07
CA GLU A 151 14.34 7.20 -0.62
C GLU A 151 14.18 5.73 -0.99
N ASP A 152 13.31 5.02 -0.27
CA ASP A 152 13.06 3.61 -0.54
C ASP A 152 11.61 3.38 -0.90
N ASN A 153 11.10 4.18 -1.83
CA ASN A 153 9.70 4.05 -2.26
C ASN A 153 9.62 3.27 -3.58
N ILE A 154 8.64 2.38 -3.66
CA ILE A 154 8.45 1.58 -4.88
C ILE A 154 6.96 1.43 -5.19
N VAL A 155 6.67 1.08 -6.45
CA VAL A 155 5.30 0.90 -6.88
C VAL A 155 4.98 -0.57 -7.13
N VAL A 156 3.72 -0.94 -6.91
CA VAL A 156 3.29 -2.32 -7.11
C VAL A 156 2.47 -2.47 -8.38
N TRP A 157 2.66 -3.57 -9.09
CA TRP A 157 1.94 -3.84 -10.32
C TRP A 157 1.32 -5.23 -10.30
N LEU A 158 0.17 -5.37 -10.94
CA LEU A 158 -0.52 -6.65 -11.01
C LEU A 158 -0.79 -7.05 -12.45
N PRO A 159 0.08 -7.90 -13.00
CA PRO A 159 -0.04 -8.38 -14.38
C PRO A 159 -1.22 -9.33 -14.57
N GLN A 160 -2.43 -8.79 -14.55
CA GLN A 160 -3.62 -9.59 -14.71
C GLN A 160 -4.88 -8.71 -14.65
N TYR A 161 -4.82 -7.66 -13.83
CA TYR A 161 -5.95 -6.75 -13.67
C TYR A 161 -5.57 -5.34 -14.12
N ASN A 162 -4.28 -5.11 -14.31
CA ASN A 162 -3.78 -3.81 -14.73
C ASN A 162 -3.96 -2.78 -13.61
N ILE A 163 -4.04 -3.26 -12.37
CA ILE A 163 -4.20 -2.38 -11.22
C ILE A 163 -2.87 -2.07 -10.57
N LEU A 164 -2.47 -0.80 -10.60
CA LEU A 164 -1.22 -0.38 -10.01
C LEU A 164 -1.44 0.23 -8.62
N VAL A 165 -0.54 -0.08 -7.70
CA VAL A 165 -0.64 0.43 -6.33
C VAL A 165 0.65 1.11 -5.91
N GLY A 166 0.97 2.23 -6.55
CA GLY A 166 2.18 2.95 -6.22
C GLY A 166 2.31 3.22 -4.73
N GLY A 167 1.28 3.85 -4.16
CA GLY A 167 1.30 4.16 -2.74
C GLY A 167 1.42 5.64 -2.47
N CYS A 168 2.30 6.00 -1.53
CA CYS A 168 2.50 7.41 -1.19
C CYS A 168 3.06 8.19 -2.37
N LEU A 169 3.57 7.46 -3.36
CA LEU A 169 4.15 8.09 -4.55
C LEU A 169 3.06 8.74 -5.40
N VAL A 170 2.03 7.96 -5.72
CA VAL A 170 0.91 8.46 -6.52
C VAL A 170 -0.07 9.26 -5.68
N LYS A 171 -0.46 10.43 -6.18
CA LYS A 171 -1.39 11.29 -5.47
C LYS A 171 -2.75 11.32 -6.16
N SER A 172 -3.81 11.27 -5.38
CA SER A 172 -5.17 11.28 -5.92
C SER A 172 -5.41 12.52 -6.78
N THR A 173 -6.34 12.41 -7.72
CA THR A 173 -6.65 13.52 -8.61
C THR A 173 -7.13 14.74 -7.83
N SER A 174 -8.09 14.53 -6.94
CA SER A 174 -8.64 15.61 -6.13
C SER A 174 -7.52 16.36 -5.41
N ALA A 175 -6.43 15.66 -5.12
CA ALA A 175 -5.29 16.26 -4.44
C ALA A 175 -4.79 17.50 -5.18
N LYS A 176 -4.09 18.37 -4.46
CA LYS A 176 -3.56 19.59 -5.06
C LYS A 176 -2.21 19.95 -4.46
N ASP A 177 -1.54 18.94 -3.90
CA ASP A 177 -0.23 19.16 -3.29
C ASP A 177 0.38 17.83 -2.85
N LEU A 178 1.71 17.76 -2.86
CA LEU A 178 2.42 16.55 -2.45
C LEU A 178 2.51 16.45 -0.94
N GLY A 179 2.65 17.59 -0.28
CA GLY A 179 2.75 17.61 1.16
C GLY A 179 4.17 17.78 1.65
N ASN A 180 4.39 17.58 2.95
CA ASN A 180 5.71 17.72 3.53
C ASN A 180 6.72 16.83 2.81
N VAL A 181 7.70 17.46 2.17
CA VAL A 181 8.73 16.72 1.43
C VAL A 181 10.08 16.83 2.14
N ALA A 182 10.05 16.93 3.46
CA ALA A 182 11.28 17.03 4.24
C ALA A 182 12.19 15.84 3.99
N ASP A 183 11.60 14.66 3.88
CA ASP A 183 12.37 13.44 3.63
C ASP A 183 11.96 12.79 2.32
N ALA A 184 11.73 13.61 1.30
CA ALA A 184 11.33 13.11 -0.01
C ALA A 184 12.16 13.76 -1.12
N TYR A 185 11.98 13.27 -2.34
CA TYR A 185 12.72 13.80 -3.49
C TYR A 185 11.76 14.37 -4.54
N VAL A 186 11.44 15.65 -4.41
CA VAL A 186 10.55 16.30 -5.34
C VAL A 186 11.19 16.44 -6.73
N ASN A 187 12.51 16.36 -6.77
CA ASN A 187 13.24 16.47 -8.03
C ASN A 187 13.25 15.14 -8.76
N GLU A 188 13.14 14.04 -8.02
CA GLU A 188 13.13 12.72 -8.61
C GLU A 188 11.70 12.20 -8.78
N TRP A 189 10.79 12.75 -7.97
CA TRP A 189 9.39 12.34 -8.03
C TRP A 189 8.86 12.40 -9.45
N SER A 190 9.00 13.56 -10.09
CA SER A 190 8.53 13.73 -11.46
C SER A 190 9.08 12.64 -12.37
N THR A 191 10.35 12.30 -12.18
CA THR A 191 10.99 11.26 -12.98
C THR A 191 10.44 9.89 -12.65
N SER A 192 10.20 9.65 -11.37
CA SER A 192 9.68 8.35 -10.92
C SER A 192 8.33 8.05 -11.59
N ILE A 193 7.39 8.97 -11.45
CA ILE A 193 6.08 8.82 -12.05
C ILE A 193 6.17 8.54 -13.55
N GLU A 194 7.14 9.18 -14.19
CA GLU A 194 7.34 9.00 -15.63
C GLU A 194 7.71 7.57 -15.96
N ASN A 195 8.25 6.86 -14.96
CA ASN A 195 8.64 5.47 -15.15
C ASN A 195 7.50 4.53 -14.79
N VAL A 196 6.60 4.98 -13.93
CA VAL A 196 5.45 4.19 -13.52
C VAL A 196 4.34 4.25 -14.56
N LEU A 197 4.22 5.38 -15.23
CA LEU A 197 3.20 5.57 -16.25
C LEU A 197 3.67 5.03 -17.60
N LYS A 198 4.98 4.98 -17.78
CA LYS A 198 5.56 4.48 -19.02
C LYS A 198 5.63 2.95 -19.02
N ARG A 199 6.11 2.40 -17.91
CA ARG A 199 6.22 0.94 -17.78
C ARG A 199 4.90 0.26 -18.11
N TYR A 200 3.79 0.88 -17.70
CA TYR A 200 2.47 0.33 -17.97
C TYR A 200 1.54 1.40 -18.53
N ARG A 201 1.07 1.17 -19.76
CA ARG A 201 0.17 2.11 -20.41
C ARG A 201 -1.20 1.48 -20.65
N ASN A 202 -1.69 0.75 -19.65
CA ASN A 202 -2.98 0.09 -19.75
C ASN A 202 -3.61 -0.08 -18.37
N ILE A 203 -3.16 0.73 -17.42
CA ILE A 203 -3.68 0.67 -16.06
C ILE A 203 -5.21 0.76 -16.05
N ASN A 204 -5.84 0.04 -15.12
CA ASN A 204 -7.29 0.04 -15.01
C ASN A 204 -7.73 0.88 -13.80
N ALA A 205 -6.93 0.86 -12.75
CA ALA A 205 -7.23 1.61 -11.54
C ALA A 205 -5.97 1.89 -10.73
N VAL A 206 -5.75 3.15 -10.40
CA VAL A 206 -4.58 3.55 -9.62
C VAL A 206 -4.96 3.90 -8.19
N VAL A 207 -4.42 3.15 -7.24
CA VAL A 207 -4.70 3.39 -5.83
C VAL A 207 -3.56 4.15 -5.16
N PRO A 208 -3.78 5.44 -4.90
CA PRO A 208 -2.78 6.31 -4.27
C PRO A 208 -2.57 5.96 -2.80
N GLY A 209 -1.81 6.80 -2.10
CA GLY A 209 -1.55 6.56 -0.69
C GLY A 209 -2.41 7.43 0.20
N HIS A 210 -2.85 8.56 -0.31
CA HIS A 210 -3.69 9.48 0.45
C HIS A 210 -4.69 10.19 -0.46
N GLY A 211 -5.95 9.76 -0.37
CA GLY A 211 -6.99 10.37 -1.19
C GLY A 211 -8.06 9.37 -1.59
N GLU A 212 -7.87 8.73 -2.76
CA GLU A 212 -8.83 7.76 -3.24
C GLU A 212 -8.36 7.16 -4.57
N VAL A 213 -8.80 5.94 -4.85
CA VAL A 213 -8.43 5.25 -6.08
C VAL A 213 -9.04 5.94 -7.30
N GLY A 214 -8.30 5.96 -8.40
CA GLY A 214 -8.78 6.59 -9.61
C GLY A 214 -8.35 5.84 -10.85
N ASP A 215 -7.40 6.40 -11.58
CA ASP A 215 -6.90 5.77 -12.80
C ASP A 215 -5.47 6.23 -13.10
N LYS A 216 -4.99 5.90 -14.30
CA LYS A 216 -3.63 6.27 -14.70
C LYS A 216 -3.45 7.78 -14.65
N GLY A 217 -4.57 8.51 -14.68
CA GLY A 217 -4.50 9.96 -14.63
C GLY A 217 -3.75 10.47 -13.42
N LEU A 218 -3.86 9.75 -12.31
CA LEU A 218 -3.20 10.13 -11.08
C LEU A 218 -1.72 10.41 -11.32
N LEU A 219 -1.06 9.50 -12.02
CA LEU A 219 0.36 9.65 -12.33
C LEU A 219 0.63 10.96 -13.06
N LEU A 220 -0.23 11.27 -14.03
CA LEU A 220 -0.09 12.50 -14.81
C LEU A 220 -0.32 13.73 -13.92
N HIS A 221 -1.32 13.65 -13.06
CA HIS A 221 -1.64 14.76 -12.16
C HIS A 221 -0.46 15.07 -11.25
N THR A 222 0.16 14.03 -10.70
CA THR A 222 1.30 14.21 -9.81
C THR A 222 2.36 15.09 -10.44
N LEU A 223 2.69 14.81 -11.71
CA LEU A 223 3.69 15.59 -12.43
C LEU A 223 3.39 17.08 -12.35
N ASP A 224 2.12 17.43 -12.44
CA ASP A 224 1.69 18.82 -12.37
C ASP A 224 1.98 19.41 -10.99
N LEU A 225 1.65 18.64 -9.95
CA LEU A 225 1.86 19.09 -8.58
C LEU A 225 3.33 19.42 -8.34
N LEU A 226 4.21 18.81 -9.12
CA LEU A 226 5.64 19.04 -8.99
C LEU A 226 6.09 20.18 -9.90
N LYS A 227 5.53 20.22 -11.10
CA LYS A 227 5.88 21.27 -12.06
C LYS A 227 5.56 22.65 -11.50
N SER A 1 -37.66 -8.43 4.04
CA SER A 1 -36.33 -8.42 4.61
C SER A 1 -35.31 -7.83 3.64
N GLN A 2 -34.41 -7.01 4.17
CA GLN A 2 -33.39 -6.37 3.34
C GLN A 2 -32.09 -6.19 4.13
N LYS A 3 -31.07 -6.94 3.74
CA LYS A 3 -29.77 -6.87 4.40
C LYS A 3 -28.63 -6.90 3.39
N VAL A 4 -27.42 -6.63 3.86
CA VAL A 4 -26.25 -6.63 2.99
C VAL A 4 -26.36 -5.55 1.92
N GLU A 5 -25.71 -4.42 2.17
CA GLU A 5 -25.73 -3.30 1.22
C GLU A 5 -24.31 -2.88 0.86
N LYS A 6 -24.01 -2.91 -0.44
CA LYS A 6 -22.69 -2.52 -0.92
C LYS A 6 -21.61 -3.42 -0.34
N THR A 7 -20.40 -3.30 -0.86
CA THR A 7 -19.27 -4.09 -0.38
C THR A 7 -18.23 -3.22 0.30
N VAL A 8 -18.37 -3.03 1.61
CA VAL A 8 -17.44 -2.21 2.37
C VAL A 8 -17.46 -2.58 3.85
N ILE A 9 -16.36 -3.12 4.34
CA ILE A 9 -16.26 -3.52 5.74
C ILE A 9 -15.77 -2.36 6.61
N LYS A 10 -16.22 -2.33 7.86
CA LYS A 10 -15.83 -1.28 8.79
C LYS A 10 -15.72 -1.83 10.21
N ASN A 11 -14.94 -1.14 11.04
CA ASN A 11 -14.75 -1.56 12.42
C ASN A 11 -15.77 -0.89 13.34
N GLU A 12 -15.65 -1.16 14.64
CA GLU A 12 -16.57 -0.58 15.62
C GLU A 12 -16.37 0.93 15.72
N THR A 13 -15.15 1.38 15.45
CA THR A 13 -14.83 2.81 15.51
C THR A 13 -15.01 3.47 14.14
N GLY A 14 -14.67 2.73 13.09
CA GLY A 14 -14.79 3.26 11.75
C GLY A 14 -13.46 3.73 11.18
N THR A 15 -12.47 3.89 12.06
CA THR A 15 -11.14 4.33 11.65
C THR A 15 -10.61 3.48 10.50
N ILE A 16 -10.98 2.20 10.50
CA ILE A 16 -10.53 1.29 9.45
C ILE A 16 -11.72 0.76 8.65
N SER A 17 -11.47 0.44 7.38
CA SER A 17 -12.52 -0.08 6.51
C SER A 17 -11.94 -0.57 5.20
N ILE A 18 -12.78 -1.19 4.38
CA ILE A 18 -12.35 -1.72 3.08
C ILE A 18 -13.40 -1.47 2.01
N SER A 19 -13.14 -1.95 0.80
CA SER A 19 -14.07 -1.79 -0.31
C SER A 19 -13.68 -2.68 -1.48
N GLN A 20 -14.67 -3.35 -2.08
CA GLN A 20 -14.43 -4.23 -3.20
C GLN A 20 -14.03 -3.44 -4.44
N LEU A 21 -12.83 -3.71 -4.95
CA LEU A 21 -12.33 -3.02 -6.14
C LEU A 21 -12.44 -3.91 -7.37
N ASN A 22 -11.82 -5.09 -7.30
CA ASN A 22 -11.85 -6.03 -8.40
C ASN A 22 -11.70 -7.47 -7.90
N LYS A 23 -11.56 -8.41 -8.83
CA LYS A 23 -11.41 -9.81 -8.49
C LYS A 23 -10.28 -10.01 -7.48
N ASN A 24 -10.64 -10.35 -6.25
CA ASN A 24 -9.66 -10.56 -5.19
C ASN A 24 -8.82 -9.31 -4.97
N VAL A 25 -9.40 -8.15 -5.29
CA VAL A 25 -8.70 -6.88 -5.12
C VAL A 25 -9.56 -5.89 -4.34
N TRP A 26 -9.14 -5.58 -3.12
CA TRP A 26 -9.86 -4.65 -2.27
C TRP A 26 -8.97 -3.50 -1.83
N VAL A 27 -9.57 -2.43 -1.35
CA VAL A 27 -8.83 -1.26 -0.89
C VAL A 27 -9.18 -0.90 0.55
N HIS A 28 -8.24 -1.14 1.46
CA HIS A 28 -8.44 -0.84 2.87
C HIS A 28 -7.81 0.49 3.24
N THR A 29 -8.54 1.29 4.03
CA THR A 29 -8.05 2.60 4.47
C THR A 29 -8.21 2.76 5.97
N GLU A 30 -7.11 3.09 6.64
CA GLU A 30 -7.13 3.29 8.08
C GLU A 30 -6.76 4.72 8.44
N LEU A 31 -6.98 5.09 9.70
CA LEU A 31 -6.66 6.44 10.18
C LEU A 31 -5.76 6.39 11.40
N GLY A 32 -4.69 7.19 11.39
CA GLY A 32 -3.77 7.22 12.51
C GLY A 32 -3.44 8.62 12.95
N SER A 33 -3.85 8.97 14.17
CA SER A 33 -3.60 10.30 14.71
C SER A 33 -2.13 10.67 14.60
N PHE A 34 -1.88 11.85 14.05
CA PHE A 34 -0.50 12.33 13.88
C PHE A 34 -0.31 13.69 14.55
N ASN A 35 0.31 13.69 15.72
CA ASN A 35 0.56 14.92 16.46
C ASN A 35 -0.74 15.68 16.70
N GLY A 36 -1.86 14.94 16.73
CA GLY A 36 -3.14 15.57 16.95
C GLY A 36 -3.87 15.88 15.66
N GLU A 37 -3.51 15.16 14.59
CA GLU A 37 -4.14 15.38 13.30
C GLU A 37 -4.37 14.05 12.57
N ALA A 38 -5.63 13.75 12.27
CA ALA A 38 -5.97 12.52 11.58
C ALA A 38 -5.40 12.48 10.17
N VAL A 39 -4.94 11.32 9.74
CA VAL A 39 -4.37 11.17 8.41
C VAL A 39 -4.67 9.78 7.84
N PRO A 40 -5.64 9.72 6.92
CA PRO A 40 -6.04 8.47 6.28
C PRO A 40 -4.97 7.92 5.33
N SER A 41 -4.77 6.61 5.36
CA SER A 41 -3.78 5.98 4.50
C SER A 41 -4.43 4.94 3.58
N ASN A 42 -4.17 5.08 2.28
CA ASN A 42 -4.73 4.16 1.30
C ASN A 42 -3.97 2.84 1.28
N GLY A 43 -4.71 1.74 1.19
CA GLY A 43 -4.08 0.43 1.17
C GLY A 43 -4.72 -0.51 0.16
N LEU A 44 -4.50 -1.80 0.33
CA LEU A 44 -5.06 -2.80 -0.57
C LEU A 44 -4.98 -4.19 0.03
N VAL A 45 -5.99 -5.01 -0.23
CA VAL A 45 -6.04 -6.37 0.30
C VAL A 45 -6.26 -7.38 -0.82
N LEU A 46 -5.45 -8.43 -0.83
CA LEU A 46 -5.55 -9.47 -1.85
C LEU A 46 -6.26 -10.70 -1.31
N ASN A 47 -7.39 -11.04 -1.91
CA ASN A 47 -8.17 -12.20 -1.48
C ASN A 47 -7.72 -13.46 -2.23
N THR A 48 -6.41 -13.68 -2.27
CA THR A 48 -5.85 -14.85 -2.94
C THR A 48 -6.40 -16.14 -2.35
N SER A 49 -6.02 -17.27 -2.95
CA SER A 49 -6.48 -18.57 -2.49
C SER A 49 -5.41 -19.24 -1.64
N LYS A 50 -4.50 -18.45 -1.09
CA LYS A 50 -3.43 -18.97 -0.26
C LYS A 50 -3.16 -18.05 0.93
N GLY A 51 -4.21 -17.37 1.39
CA GLY A 51 -4.07 -16.46 2.51
C GLY A 51 -4.09 -15.01 2.10
N LEU A 52 -4.93 -14.22 2.76
CA LEU A 52 -5.04 -12.80 2.45
C LEU A 52 -3.67 -12.13 2.45
N VAL A 53 -3.61 -10.92 1.90
CA VAL A 53 -2.36 -10.17 1.84
C VAL A 53 -2.61 -8.67 1.94
N LEU A 54 -1.69 -7.97 2.59
CA LEU A 54 -1.81 -6.52 2.77
C LEU A 54 -0.68 -5.80 2.05
N VAL A 55 -1.05 -4.84 1.19
CA VAL A 55 -0.06 -4.07 0.44
C VAL A 55 0.58 -3.01 1.32
N ASP A 56 0.12 -2.91 2.56
CA ASP A 56 0.65 -1.93 3.50
C ASP A 56 -0.04 -2.05 4.86
N SER A 57 0.75 -2.14 5.92
CA SER A 57 0.21 -2.26 7.27
C SER A 57 -0.49 -0.96 7.69
N SER A 58 -0.78 -0.86 8.99
CA SER A 58 -1.45 0.32 9.52
C SER A 58 -0.44 1.33 10.05
N TRP A 59 -0.93 2.35 10.73
CA TRP A 59 -0.07 3.38 11.30
C TRP A 59 0.69 2.86 12.51
N ASP A 60 0.02 2.04 13.31
CA ASP A 60 0.64 1.47 14.51
C ASP A 60 0.21 0.02 14.69
N ASP A 61 0.98 -0.73 15.49
CA ASP A 61 0.68 -2.12 15.75
C ASP A 61 -0.72 -2.29 16.34
N LYS A 62 -1.13 -1.31 17.14
CA LYS A 62 -2.45 -1.34 17.78
C LYS A 62 -3.55 -1.01 16.76
N LEU A 63 -3.18 -0.27 15.73
CA LEU A 63 -4.13 0.11 14.69
C LEU A 63 -4.33 -1.02 13.69
N THR A 64 -3.23 -1.66 13.30
CA THR A 64 -3.29 -2.76 12.35
C THR A 64 -4.00 -3.96 12.94
N LYS A 65 -3.95 -4.08 14.26
CA LYS A 65 -4.60 -5.19 14.95
C LYS A 65 -6.07 -5.30 14.55
N GLU A 66 -6.73 -4.16 14.41
CA GLU A 66 -8.13 -4.12 14.03
C GLU A 66 -8.29 -4.18 12.52
N LEU A 67 -7.18 -3.95 11.81
CA LEU A 67 -7.20 -3.96 10.35
C LEU A 67 -7.21 -5.40 9.81
N ILE A 68 -6.39 -6.25 10.42
CA ILE A 68 -6.31 -7.65 10.02
C ILE A 68 -7.51 -8.44 10.52
N GLU A 69 -8.08 -8.00 11.66
CA GLU A 69 -9.23 -8.67 12.23
C GLU A 69 -10.47 -8.48 11.37
N MET A 70 -10.37 -7.56 10.40
CA MET A 70 -11.49 -7.28 9.51
C MET A 70 -11.44 -8.18 8.28
N VAL A 71 -10.31 -8.18 7.59
CA VAL A 71 -10.14 -9.00 6.40
C VAL A 71 -10.38 -10.48 6.71
N GLU A 72 -9.90 -10.92 7.87
CA GLU A 72 -10.06 -12.31 8.29
C GLU A 72 -11.41 -12.52 8.95
N LYS A 73 -12.47 -12.08 8.28
CA LYS A 73 -13.83 -12.22 8.82
C LYS A 73 -14.82 -12.53 7.70
N LYS A 74 -14.65 -11.86 6.57
CA LYS A 74 -15.53 -12.07 5.42
C LYS A 74 -14.80 -12.81 4.30
N PHE A 75 -13.47 -12.77 4.35
CA PHE A 75 -12.66 -13.44 3.33
C PHE A 75 -12.37 -14.88 3.74
N GLN A 76 -13.05 -15.35 4.78
CA GLN A 76 -12.86 -16.71 5.27
C GLN A 76 -11.42 -17.17 5.07
N LYS A 77 -10.48 -16.31 5.45
CA LYS A 77 -9.06 -16.62 5.33
C LYS A 77 -8.24 -15.83 6.34
N ARG A 78 -6.92 -16.02 6.30
CA ARG A 78 -6.02 -15.32 7.22
C ARG A 78 -4.91 -14.63 6.44
N VAL A 79 -4.39 -13.53 7.00
CA VAL A 79 -3.32 -12.79 6.37
C VAL A 79 -1.95 -13.36 6.74
N THR A 80 -1.13 -13.63 5.73
CA THR A 80 0.20 -14.19 5.96
C THR A 80 1.23 -13.50 5.07
N ASP A 81 0.90 -12.30 4.59
CA ASP A 81 1.81 -11.55 3.74
C ASP A 81 1.53 -10.05 3.85
N VAL A 82 2.60 -9.27 3.97
CA VAL A 82 2.47 -7.82 4.09
C VAL A 82 3.53 -7.11 3.24
N ILE A 83 3.14 -6.68 2.05
CA ILE A 83 4.05 -5.98 1.14
C ILE A 83 4.30 -4.55 1.61
N ILE A 84 5.57 -4.17 1.70
CA ILE A 84 5.93 -2.82 2.13
C ILE A 84 6.64 -2.06 1.01
N THR A 85 6.19 -0.84 0.76
CA THR A 85 6.78 -0.01 -0.28
C THR A 85 7.95 0.80 0.26
N HIS A 86 7.70 1.60 1.28
CA HIS A 86 8.73 2.43 1.89
C HIS A 86 8.69 2.32 3.41
N ALA A 87 9.82 2.62 4.05
CA ALA A 87 9.91 2.56 5.50
C ALA A 87 9.22 3.75 6.15
N HIS A 88 7.98 3.55 6.57
CA HIS A 88 7.20 4.61 7.21
C HIS A 88 6.19 4.03 8.20
N ALA A 89 5.76 4.85 9.15
CA ALA A 89 4.80 4.42 10.16
C ALA A 89 3.51 3.92 9.50
N ASP A 90 3.22 4.44 8.31
CA ASP A 90 2.02 4.05 7.59
C ASP A 90 2.29 2.83 6.72
N ARG A 91 3.47 2.23 6.88
CA ARG A 91 3.84 1.06 6.11
C ARG A 91 4.19 -0.10 7.02
N ILE A 92 5.11 0.14 7.95
CA ILE A 92 5.53 -0.91 8.89
C ILE A 92 5.10 -0.55 10.31
N GLY A 93 4.14 0.36 10.44
CA GLY A 93 3.66 0.76 11.75
C GLY A 93 3.27 -0.42 12.60
N GLY A 94 2.87 -1.51 11.97
CA GLY A 94 2.48 -2.70 12.71
C GLY A 94 3.44 -3.85 12.52
N ILE A 95 4.69 -3.52 12.17
CA ILE A 95 5.72 -4.53 11.96
C ILE A 95 5.77 -5.50 13.13
N LYS A 96 5.42 -5.02 14.32
CA LYS A 96 5.43 -5.85 15.51
C LYS A 96 4.29 -6.86 15.48
N THR A 97 3.11 -6.41 15.07
CA THR A 97 1.94 -7.27 14.99
C THR A 97 2.12 -8.33 13.91
N LEU A 98 2.77 -7.95 12.81
CA LEU A 98 3.00 -8.87 11.70
C LEU A 98 3.84 -10.07 12.16
N LYS A 99 4.74 -9.82 13.10
CA LYS A 99 5.60 -10.88 13.62
C LYS A 99 5.01 -11.50 14.89
N GLU A 100 3.70 -11.34 15.05
CA GLU A 100 3.01 -11.88 16.22
C GLU A 100 1.98 -12.92 15.80
N ARG A 101 1.57 -12.89 14.54
CA ARG A 101 0.59 -13.83 14.02
C ARG A 101 1.22 -14.72 12.95
N GLY A 102 2.53 -14.59 12.75
CA GLY A 102 3.22 -15.39 11.76
C GLY A 102 3.23 -14.73 10.40
N ILE A 103 2.91 -13.45 10.36
CA ILE A 103 2.88 -12.70 9.10
C ILE A 103 4.29 -12.25 8.70
N LYS A 104 4.48 -12.03 7.41
CA LYS A 104 5.77 -11.58 6.89
C LYS A 104 5.65 -10.24 6.19
N ALA A 105 6.41 -9.25 6.67
CA ALA A 105 6.40 -7.92 6.10
C ALA A 105 7.40 -7.80 4.95
N HIS A 106 7.01 -8.27 3.77
CA HIS A 106 7.87 -8.22 2.60
C HIS A 106 8.31 -6.78 2.32
N SER A 107 9.52 -6.63 1.78
CA SER A 107 10.06 -5.32 1.47
C SER A 107 11.45 -5.43 0.87
N THR A 108 11.94 -4.34 0.29
CA THR A 108 13.26 -4.31 -0.33
C THR A 108 14.33 -3.99 0.69
N ALA A 109 15.57 -4.39 0.39
CA ALA A 109 16.70 -4.14 1.29
C ALA A 109 16.76 -2.68 1.69
N LEU A 110 16.57 -1.79 0.72
CA LEU A 110 16.61 -0.36 0.97
C LEU A 110 15.52 0.06 1.94
N THR A 111 14.30 -0.44 1.71
CA THR A 111 13.17 -0.12 2.58
C THR A 111 13.50 -0.39 4.03
N ALA A 112 14.16 -1.51 4.30
CA ALA A 112 14.55 -1.87 5.65
C ALA A 112 15.68 -0.99 6.17
N GLU A 113 16.46 -0.43 5.24
CA GLU A 113 17.57 0.43 5.60
C GLU A 113 17.10 1.61 6.45
N LEU A 114 16.08 2.31 5.96
CA LEU A 114 15.54 3.45 6.68
C LEU A 114 14.67 3.00 7.85
N ALA A 115 14.14 1.79 7.75
CA ALA A 115 13.30 1.24 8.81
C ALA A 115 14.00 1.31 10.17
N LYS A 116 15.03 0.51 10.32
CA LYS A 116 15.80 0.48 11.57
C LYS A 116 16.29 1.87 11.94
N LYS A 117 16.47 2.71 10.94
CA LYS A 117 16.93 4.08 11.15
C LYS A 117 15.93 4.87 11.99
N ASN A 118 14.67 4.45 11.94
CA ASN A 118 13.61 5.12 12.69
C ASN A 118 13.42 4.47 14.05
N GLY A 119 13.52 3.15 14.10
CA GLY A 119 13.35 2.43 15.34
C GLY A 119 12.50 1.18 15.19
N TYR A 120 11.93 1.00 14.00
CA TYR A 120 11.08 -0.15 13.72
C TYR A 120 11.85 -1.45 13.92
N GLU A 121 11.23 -2.57 13.54
CA GLU A 121 11.86 -3.87 13.67
C GLU A 121 12.47 -4.33 12.34
N GLU A 122 12.30 -3.49 11.32
CA GLU A 122 12.83 -3.80 9.99
C GLU A 122 12.10 -5.00 9.38
N PRO A 123 11.57 -4.82 8.17
CA PRO A 123 10.84 -5.88 7.46
C PRO A 123 11.77 -7.00 7.00
N LEU A 124 11.23 -7.90 6.18
CA LEU A 124 12.01 -9.03 5.67
C LEU A 124 13.30 -8.55 5.03
N GLY A 125 13.22 -7.44 4.30
CA GLY A 125 14.39 -6.89 3.64
C GLY A 125 15.13 -7.93 2.81
N ASP A 126 14.41 -8.54 1.87
CA ASP A 126 15.00 -9.55 1.00
C ASP A 126 14.33 -9.55 -0.37
N LEU A 127 14.27 -8.37 -0.99
CA LEU A 127 13.67 -8.23 -2.31
C LEU A 127 14.53 -7.38 -3.23
N GLN A 128 14.04 -7.15 -4.44
CA GLN A 128 14.76 -6.34 -5.42
C GLN A 128 13.84 -5.34 -6.09
N THR A 129 14.33 -4.71 -7.16
CA THR A 129 13.55 -3.74 -7.90
C THR A 129 12.17 -4.29 -8.26
N VAL A 130 12.15 -5.45 -8.90
CA VAL A 130 10.89 -6.08 -9.29
C VAL A 130 10.87 -7.55 -8.89
N THR A 131 9.79 -7.96 -8.24
CA THR A 131 9.64 -9.35 -7.80
C THR A 131 8.25 -9.89 -8.11
N ASN A 132 8.19 -10.99 -8.85
CA ASN A 132 6.92 -11.59 -9.22
C ASN A 132 6.38 -12.46 -8.08
N LEU A 133 5.38 -11.95 -7.38
CA LEU A 133 4.78 -12.66 -6.27
C LEU A 133 3.58 -13.48 -6.73
N LYS A 134 3.33 -14.59 -6.05
CA LYS A 134 2.22 -15.47 -6.39
C LYS A 134 1.64 -16.13 -5.14
N PHE A 135 0.32 -16.07 -5.00
CA PHE A 135 -0.35 -16.66 -3.85
C PHE A 135 -1.58 -17.46 -4.28
N GLY A 136 -1.45 -18.15 -5.42
CA GLY A 136 -2.55 -18.94 -5.94
C GLY A 136 -3.68 -18.09 -6.48
N ASN A 137 -3.87 -18.13 -7.79
CA ASN A 137 -4.92 -17.35 -8.44
C ASN A 137 -4.68 -15.86 -8.26
N MET A 138 -3.41 -15.48 -8.13
CA MET A 138 -3.04 -14.08 -7.97
C MET A 138 -1.64 -13.83 -8.50
N LYS A 139 -1.52 -12.84 -9.40
CA LYS A 139 -0.24 -12.49 -9.98
C LYS A 139 0.16 -11.07 -9.62
N VAL A 140 1.24 -10.93 -8.86
CA VAL A 140 1.73 -9.62 -8.44
C VAL A 140 3.16 -9.40 -8.89
N GLU A 141 3.54 -8.14 -9.07
CA GLU A 141 4.89 -7.79 -9.49
C GLU A 141 5.27 -6.39 -9.01
N THR A 142 6.36 -6.31 -8.25
CA THR A 142 6.83 -5.03 -7.72
C THR A 142 7.46 -4.18 -8.82
N PHE A 143 7.96 -3.01 -8.45
CA PHE A 143 8.59 -2.11 -9.40
C PHE A 143 9.18 -0.89 -8.69
N TYR A 144 10.40 -0.53 -9.06
CA TYR A 144 11.08 0.61 -8.46
C TYR A 144 11.45 1.64 -9.52
N PRO A 145 10.58 2.66 -9.68
CA PRO A 145 10.79 3.73 -10.64
C PRO A 145 11.95 4.65 -10.26
N GLY A 146 11.94 5.09 -9.01
CA GLY A 146 13.00 5.98 -8.54
C GLY A 146 12.72 6.53 -7.16
N LYS A 147 13.28 7.70 -6.85
CA LYS A 147 13.08 8.33 -5.56
C LYS A 147 11.95 9.37 -5.63
N GLY A 148 10.97 9.21 -4.75
CA GLY A 148 9.84 10.13 -4.73
C GLY A 148 9.44 10.51 -3.32
N HIS A 149 8.47 9.80 -2.77
CA HIS A 149 7.99 10.07 -1.42
C HIS A 149 9.04 9.68 -0.38
N THR A 150 9.88 8.72 -0.74
CA THR A 150 10.93 8.25 0.16
C THR A 150 12.11 7.69 -0.61
N GLU A 151 13.26 7.62 0.04
CA GLU A 151 14.47 7.10 -0.59
C GLU A 151 14.28 5.63 -0.98
N ASP A 152 13.36 4.96 -0.31
CA ASP A 152 13.08 3.55 -0.59
C ASP A 152 11.61 3.35 -0.92
N ASN A 153 11.10 4.15 -1.85
CA ASN A 153 9.70 4.05 -2.26
C ASN A 153 9.58 3.28 -3.57
N ILE A 154 8.55 2.43 -3.65
CA ILE A 154 8.31 1.62 -4.84
C ILE A 154 6.82 1.55 -5.17
N VAL A 155 6.50 0.97 -6.32
CA VAL A 155 5.12 0.82 -6.75
C VAL A 155 4.77 -0.64 -7.01
N VAL A 156 3.57 -1.04 -6.59
CA VAL A 156 3.12 -2.41 -6.78
C VAL A 156 2.29 -2.54 -8.07
N TRP A 157 2.67 -3.50 -8.90
CA TRP A 157 1.97 -3.74 -10.16
C TRP A 157 1.27 -5.10 -10.15
N LEU A 158 0.16 -5.20 -10.88
CA LEU A 158 -0.59 -6.44 -10.97
C LEU A 158 -0.77 -6.88 -12.41
N PRO A 159 0.13 -7.76 -12.88
CA PRO A 159 0.09 -8.27 -14.25
C PRO A 159 -1.08 -9.21 -14.49
N GLN A 160 -2.30 -8.64 -14.49
CA GLN A 160 -3.51 -9.43 -14.71
C GLN A 160 -4.74 -8.55 -14.65
N TYR A 161 -4.70 -7.53 -13.80
CA TYR A 161 -5.82 -6.60 -13.65
C TYR A 161 -5.42 -5.18 -14.05
N ASN A 162 -4.12 -4.98 -14.24
CA ASN A 162 -3.61 -3.66 -14.63
C ASN A 162 -3.77 -2.66 -13.49
N ILE A 163 -3.92 -3.17 -12.27
CA ILE A 163 -4.08 -2.32 -11.10
C ILE A 163 -2.73 -1.91 -10.54
N LEU A 164 -2.46 -0.60 -10.56
CA LEU A 164 -1.20 -0.07 -10.04
C LEU A 164 -1.40 0.55 -8.67
N VAL A 165 -0.63 0.07 -7.69
CA VAL A 165 -0.72 0.57 -6.33
C VAL A 165 0.60 1.20 -5.89
N GLY A 166 0.89 2.38 -6.44
CA GLY A 166 2.12 3.07 -6.09
C GLY A 166 2.15 3.50 -4.63
N GLY A 167 1.11 4.19 -4.19
CA GLY A 167 1.05 4.64 -2.82
C GLY A 167 1.29 6.13 -2.69
N CYS A 168 2.06 6.52 -1.68
CA CYS A 168 2.36 7.93 -1.46
C CYS A 168 2.95 8.57 -2.70
N LEU A 169 3.58 7.76 -3.54
CA LEU A 169 4.18 8.25 -4.78
C LEU A 169 3.13 8.85 -5.70
N VAL A 170 2.05 8.11 -5.92
CA VAL A 170 0.97 8.58 -6.78
C VAL A 170 -0.07 9.35 -5.98
N LYS A 171 -0.44 10.53 -6.49
CA LYS A 171 -1.42 11.37 -5.82
C LYS A 171 -2.79 11.25 -6.50
N SER A 172 -3.85 11.39 -5.72
CA SER A 172 -5.21 11.31 -6.25
C SER A 172 -5.56 12.55 -7.05
N THR A 173 -6.56 12.41 -7.92
CA THR A 173 -7.00 13.51 -8.77
C THR A 173 -7.63 14.63 -7.92
N SER A 174 -8.15 14.26 -6.76
CA SER A 174 -8.78 15.22 -5.86
C SER A 174 -7.73 16.03 -5.11
N ALA A 175 -6.55 15.44 -4.93
CA ALA A 175 -5.46 16.11 -4.23
C ALA A 175 -5.17 17.48 -4.84
N LYS A 176 -4.29 18.23 -4.19
CA LYS A 176 -3.93 19.57 -4.68
C LYS A 176 -2.42 19.67 -4.89
N ASP A 177 -1.65 19.08 -3.98
CA ASP A 177 -0.20 19.10 -4.06
C ASP A 177 0.41 17.91 -3.33
N LEU A 178 1.74 17.81 -3.38
CA LEU A 178 2.45 16.72 -2.72
C LEU A 178 2.53 16.95 -1.21
N GLY A 179 2.79 18.20 -0.83
CA GLY A 179 2.90 18.54 0.58
C GLY A 179 4.32 18.50 1.08
N ASN A 180 4.48 18.35 2.40
CA ASN A 180 5.80 18.31 3.00
C ASN A 180 6.69 17.28 2.32
N VAL A 181 7.94 17.65 2.08
CA VAL A 181 8.89 16.77 1.41
C VAL A 181 10.23 16.74 2.16
N ALA A 182 10.16 16.78 3.48
CA ALA A 182 11.37 16.76 4.30
C ALA A 182 12.24 15.55 3.99
N ASP A 183 11.60 14.38 3.90
CA ASP A 183 12.31 13.14 3.61
C ASP A 183 11.88 12.57 2.26
N ALA A 184 11.74 13.46 1.27
CA ALA A 184 11.34 13.05 -0.06
C ALA A 184 12.17 13.75 -1.13
N TYR A 185 12.11 13.25 -2.35
CA TYR A 185 12.85 13.83 -3.46
C TYR A 185 11.91 14.37 -4.53
N VAL A 186 11.58 15.65 -4.41
CA VAL A 186 10.68 16.29 -5.38
C VAL A 186 11.32 16.39 -6.76
N ASN A 187 12.65 16.37 -6.78
CA ASN A 187 13.39 16.45 -8.04
C ASN A 187 13.41 15.10 -8.74
N GLU A 188 13.41 14.03 -7.97
CA GLU A 188 13.43 12.68 -8.51
C GLU A 188 12.01 12.15 -8.72
N TRP A 189 11.06 12.72 -7.97
CA TRP A 189 9.67 12.32 -8.08
C TRP A 189 9.19 12.32 -9.53
N SER A 190 9.39 13.45 -10.20
CA SER A 190 8.98 13.58 -11.60
C SER A 190 9.54 12.44 -12.44
N THR A 191 10.76 12.03 -12.14
CA THR A 191 11.41 10.95 -12.86
C THR A 191 10.77 9.60 -12.55
N SER A 192 10.38 9.43 -11.29
CA SER A 192 9.74 8.19 -10.85
C SER A 192 8.42 7.98 -11.56
N ILE A 193 7.53 8.96 -11.46
CA ILE A 193 6.22 8.89 -12.09
C ILE A 193 6.35 8.65 -13.59
N GLU A 194 7.36 9.27 -14.20
CA GLU A 194 7.59 9.12 -15.63
C GLU A 194 7.93 7.68 -15.99
N ASN A 195 8.30 6.90 -14.98
CA ASN A 195 8.64 5.50 -15.17
C ASN A 195 7.46 4.60 -14.87
N VAL A 196 6.60 5.04 -13.97
CA VAL A 196 5.41 4.28 -13.59
C VAL A 196 4.28 4.49 -14.59
N LEU A 197 4.29 5.63 -15.26
CA LEU A 197 3.25 5.96 -16.24
C LEU A 197 3.66 5.49 -17.62
N LYS A 198 4.96 5.33 -17.83
CA LYS A 198 5.49 4.88 -19.12
C LYS A 198 5.56 3.36 -19.18
N ARG A 199 6.10 2.75 -18.13
CA ARG A 199 6.22 1.30 -18.06
C ARG A 199 4.86 0.63 -18.25
N TYR A 200 3.82 1.30 -17.79
CA TYR A 200 2.46 0.77 -17.90
C TYR A 200 1.52 1.81 -18.48
N ARG A 201 0.96 1.52 -19.65
CA ARG A 201 0.04 2.43 -20.32
C ARG A 201 -1.33 1.78 -20.51
N ASN A 202 -1.73 0.95 -19.54
CA ASN A 202 -3.01 0.26 -19.61
C ASN A 202 -3.59 0.07 -18.20
N ILE A 203 -3.14 0.90 -17.27
CA ILE A 203 -3.63 0.82 -15.89
C ILE A 203 -5.15 0.83 -15.84
N ASN A 204 -5.70 0.06 -14.91
CA ASN A 204 -7.15 -0.02 -14.75
C ASN A 204 -7.62 0.80 -13.55
N ALA A 205 -6.84 0.76 -12.48
CA ALA A 205 -7.17 1.51 -11.27
C ALA A 205 -5.91 1.84 -10.46
N VAL A 206 -5.65 3.13 -10.29
CA VAL A 206 -4.48 3.58 -9.53
C VAL A 206 -4.84 3.89 -8.10
N VAL A 207 -4.16 3.24 -7.16
CA VAL A 207 -4.42 3.46 -5.75
C VAL A 207 -3.29 4.26 -5.10
N PRO A 208 -3.53 5.55 -4.88
CA PRO A 208 -2.54 6.46 -4.27
C PRO A 208 -2.31 6.15 -2.80
N GLY A 209 -1.59 7.04 -2.12
CA GLY A 209 -1.32 6.85 -0.70
C GLY A 209 -2.30 7.57 0.19
N HIS A 210 -2.79 8.71 -0.29
CA HIS A 210 -3.75 9.52 0.46
C HIS A 210 -4.77 10.16 -0.45
N GLY A 211 -6.02 9.71 -0.35
CA GLY A 211 -7.08 10.26 -1.17
C GLY A 211 -8.10 9.21 -1.57
N GLU A 212 -7.91 8.61 -2.74
CA GLU A 212 -8.83 7.59 -3.24
C GLU A 212 -8.33 6.99 -4.55
N VAL A 213 -8.89 5.85 -4.92
CA VAL A 213 -8.51 5.18 -6.15
C VAL A 213 -9.03 5.93 -7.37
N GLY A 214 -8.31 5.82 -8.49
CA GLY A 214 -8.72 6.50 -9.71
C GLY A 214 -8.28 5.74 -10.95
N ASP A 215 -7.30 6.29 -11.66
CA ASP A 215 -6.79 5.68 -12.88
C ASP A 215 -5.40 6.20 -13.21
N LYS A 216 -4.92 5.87 -14.40
CA LYS A 216 -3.60 6.32 -14.85
C LYS A 216 -3.47 7.82 -14.75
N GLY A 217 -4.60 8.52 -14.79
CA GLY A 217 -4.59 9.96 -14.70
C GLY A 217 -3.82 10.47 -13.49
N LEU A 218 -3.90 9.74 -12.39
CA LEU A 218 -3.20 10.10 -11.17
C LEU A 218 -1.73 10.39 -11.45
N LEU A 219 -1.10 9.52 -12.22
CA LEU A 219 0.31 9.67 -12.56
C LEU A 219 0.57 11.05 -13.18
N LEU A 220 -0.34 11.48 -14.04
CA LEU A 220 -0.22 12.77 -14.71
C LEU A 220 -0.42 13.91 -13.71
N HIS A 221 -1.39 13.75 -12.82
CA HIS A 221 -1.68 14.77 -11.81
C HIS A 221 -0.46 15.00 -10.92
N THR A 222 0.21 13.92 -10.52
CA THR A 222 1.37 14.01 -9.67
C THR A 222 2.40 14.98 -10.23
N LEU A 223 2.69 14.84 -11.51
CA LEU A 223 3.66 15.71 -12.18
C LEU A 223 3.26 17.17 -12.04
N ASP A 224 1.97 17.45 -12.18
CA ASP A 224 1.46 18.80 -12.06
C ASP A 224 1.82 19.41 -10.71
N LEU A 225 1.68 18.61 -9.66
CA LEU A 225 2.00 19.05 -8.31
C LEU A 225 3.46 19.47 -8.19
N LEU A 226 4.34 18.74 -8.88
CA LEU A 226 5.77 19.03 -8.86
C LEU A 226 6.07 20.29 -9.67
N LYS A 227 5.40 20.44 -10.82
CA LYS A 227 5.60 21.59 -11.68
C LYS A 227 4.64 22.72 -11.31
N SER A 1 -25.70 -15.24 13.85
CA SER A 1 -26.24 -14.50 12.71
C SER A 1 -25.65 -15.01 11.41
N GLN A 2 -26.16 -14.49 10.30
CA GLN A 2 -25.69 -14.89 8.98
C GLN A 2 -25.57 -13.69 8.05
N LYS A 3 -24.77 -13.83 6.99
CA LYS A 3 -24.57 -12.77 6.03
C LYS A 3 -24.63 -13.29 4.60
N VAL A 4 -24.97 -12.42 3.66
CA VAL A 4 -25.06 -12.81 2.26
C VAL A 4 -25.26 -11.58 1.37
N GLU A 5 -24.51 -11.51 0.28
CA GLU A 5 -24.61 -10.39 -0.65
C GLU A 5 -24.31 -9.07 0.04
N LYS A 6 -23.02 -8.79 0.26
CA LYS A 6 -22.60 -7.57 0.91
C LYS A 6 -21.11 -7.32 0.71
N THR A 7 -20.71 -6.06 0.74
CA THR A 7 -19.31 -5.69 0.56
C THR A 7 -18.94 -4.48 1.40
N VAL A 8 -17.70 -4.04 1.30
CA VAL A 8 -17.22 -2.89 2.05
C VAL A 8 -17.34 -3.12 3.55
N ILE A 9 -16.25 -3.57 4.17
CA ILE A 9 -16.23 -3.83 5.60
C ILE A 9 -15.85 -2.57 6.39
N LYS A 10 -16.32 -2.50 7.63
CA LYS A 10 -16.03 -1.36 8.48
C LYS A 10 -15.91 -1.79 9.94
N ASN A 11 -15.14 -1.02 10.72
CA ASN A 11 -14.94 -1.32 12.13
C ASN A 11 -16.05 -0.72 12.97
N GLU A 12 -16.08 -1.09 14.26
CA GLU A 12 -17.10 -0.59 15.18
C GLU A 12 -17.06 0.93 15.25
N THR A 13 -15.89 1.50 15.00
CA THR A 13 -15.72 2.95 15.04
C THR A 13 -15.74 3.55 13.64
N GLY A 14 -15.23 2.79 12.67
CA GLY A 14 -15.21 3.27 11.30
C GLY A 14 -13.82 3.72 10.87
N THR A 15 -12.90 3.82 11.83
CA THR A 15 -11.54 4.25 11.55
C THR A 15 -10.95 3.44 10.39
N ILE A 16 -11.34 2.18 10.29
CA ILE A 16 -10.84 1.31 9.24
C ILE A 16 -11.99 0.70 8.44
N SER A 17 -11.74 0.43 7.16
CA SER A 17 -12.76 -0.14 6.29
C SER A 17 -12.14 -0.60 4.97
N ILE A 18 -12.92 -1.33 4.18
CA ILE A 18 -12.45 -1.83 2.89
C ILE A 18 -13.52 -1.63 1.81
N SER A 19 -13.25 -2.17 0.63
CA SER A 19 -14.18 -2.05 -0.49
C SER A 19 -13.72 -2.90 -1.67
N GLN A 20 -14.65 -3.65 -2.24
CA GLN A 20 -14.34 -4.51 -3.38
C GLN A 20 -14.00 -3.68 -4.62
N LEU A 21 -12.78 -3.88 -5.13
CA LEU A 21 -12.33 -3.15 -6.31
C LEU A 21 -12.38 -4.03 -7.55
N ASN A 22 -11.82 -5.24 -7.44
CA ASN A 22 -11.80 -6.19 -8.55
C ASN A 22 -12.04 -7.61 -8.06
N LYS A 23 -13.10 -7.80 -7.30
CA LYS A 23 -13.44 -9.11 -6.77
C LYS A 23 -12.42 -9.55 -5.71
N ASN A 24 -11.24 -9.96 -6.17
CA ASN A 24 -10.19 -10.40 -5.27
C ASN A 24 -9.35 -9.23 -4.80
N VAL A 25 -9.41 -8.12 -5.54
CA VAL A 25 -8.65 -6.92 -5.19
C VAL A 25 -9.52 -5.93 -4.44
N TRP A 26 -9.13 -5.64 -3.20
CA TRP A 26 -9.88 -4.70 -2.37
C TRP A 26 -8.99 -3.54 -1.92
N VAL A 27 -9.61 -2.45 -1.49
CA VAL A 27 -8.88 -1.26 -1.04
C VAL A 27 -9.26 -0.91 0.39
N HIS A 28 -8.35 -1.19 1.32
CA HIS A 28 -8.59 -0.89 2.74
C HIS A 28 -7.97 0.45 3.12
N THR A 29 -8.71 1.24 3.89
CA THR A 29 -8.23 2.55 4.32
C THR A 29 -8.44 2.74 5.82
N GLU A 30 -7.38 3.13 6.52
CA GLU A 30 -7.46 3.35 7.96
C GLU A 30 -7.10 4.80 8.31
N LEU A 31 -7.08 5.09 9.60
CA LEU A 31 -6.74 6.44 10.08
C LEU A 31 -5.80 6.38 11.28
N GLY A 32 -4.76 7.19 11.24
CA GLY A 32 -3.79 7.22 12.32
C GLY A 32 -3.23 8.60 12.56
N SER A 33 -3.58 9.21 13.68
CA SER A 33 -3.10 10.54 14.01
C SER A 33 -1.57 10.60 13.98
N PHE A 34 -1.04 11.68 13.42
CA PHE A 34 0.40 11.86 13.33
C PHE A 34 0.92 12.78 14.43
N ASN A 35 0.02 13.60 14.97
CA ASN A 35 0.38 14.54 16.02
C ASN A 35 -0.86 15.23 16.58
N GLY A 36 -1.99 14.54 16.56
CA GLY A 36 -3.22 15.10 17.07
C GLY A 36 -4.22 15.41 15.96
N GLU A 37 -3.99 14.82 14.79
CA GLU A 37 -4.86 15.04 13.64
C GLU A 37 -5.39 13.73 13.09
N ALA A 38 -6.01 13.78 11.92
CA ALA A 38 -6.56 12.59 11.28
C ALA A 38 -6.08 12.48 9.84
N VAL A 39 -5.10 11.61 9.61
CA VAL A 39 -4.55 11.41 8.28
C VAL A 39 -4.86 10.01 7.75
N PRO A 40 -5.85 9.91 6.86
CA PRO A 40 -6.27 8.64 6.26
C PRO A 40 -5.23 8.07 5.33
N SER A 41 -5.06 6.75 5.36
CA SER A 41 -4.08 6.07 4.52
C SER A 41 -4.76 5.03 3.63
N ASN A 42 -4.41 5.06 2.34
CA ASN A 42 -5.00 4.12 1.38
C ASN A 42 -4.14 2.86 1.28
N GLY A 43 -4.80 1.71 1.14
CA GLY A 43 -4.09 0.45 1.03
C GLY A 43 -4.73 -0.49 0.03
N LEU A 44 -4.49 -1.78 0.20
CA LEU A 44 -5.05 -2.79 -0.70
C LEU A 44 -4.93 -4.18 -0.08
N VAL A 45 -5.94 -5.02 -0.34
CA VAL A 45 -5.95 -6.38 0.19
C VAL A 45 -6.21 -7.39 -0.92
N LEU A 46 -5.41 -8.44 -0.95
CA LEU A 46 -5.54 -9.49 -1.96
C LEU A 46 -6.29 -10.69 -1.40
N ASN A 47 -7.38 -11.07 -2.05
CA ASN A 47 -8.18 -12.21 -1.61
C ASN A 47 -7.73 -13.49 -2.32
N THR A 48 -6.41 -13.71 -2.35
CA THR A 48 -5.86 -14.90 -2.99
C THR A 48 -6.46 -16.17 -2.42
N SER A 49 -6.15 -17.29 -3.05
CA SER A 49 -6.68 -18.59 -2.60
C SER A 49 -5.63 -19.34 -1.77
N LYS A 50 -4.76 -18.58 -1.11
CA LYS A 50 -3.72 -19.16 -0.28
C LYS A 50 -3.38 -18.26 0.90
N GLY A 51 -4.32 -17.40 1.27
CA GLY A 51 -4.11 -16.49 2.37
C GLY A 51 -4.14 -15.04 1.95
N LEU A 52 -4.93 -14.22 2.65
CA LEU A 52 -5.03 -12.80 2.34
C LEU A 52 -3.67 -12.13 2.38
N VAL A 53 -3.55 -11.00 1.70
CA VAL A 53 -2.30 -10.25 1.67
C VAL A 53 -2.55 -8.74 1.73
N LEU A 54 -1.66 -8.03 2.41
CA LEU A 54 -1.79 -6.59 2.55
C LEU A 54 -0.66 -5.87 1.83
N VAL A 55 -1.01 -4.89 1.01
CA VAL A 55 -0.02 -4.13 0.25
C VAL A 55 0.62 -3.06 1.13
N ASP A 56 0.18 -2.96 2.37
CA ASP A 56 0.70 -1.98 3.31
C ASP A 56 0.02 -2.10 4.67
N SER A 57 0.81 -2.09 5.74
CA SER A 57 0.28 -2.19 7.08
C SER A 57 -0.45 -0.91 7.49
N SER A 58 -0.73 -0.78 8.78
CA SER A 58 -1.43 0.39 9.29
C SER A 58 -0.43 1.43 9.81
N TRP A 59 -0.95 2.45 10.49
CA TRP A 59 -0.11 3.50 11.04
C TRP A 59 0.69 2.99 12.24
N ASP A 60 0.04 2.19 13.07
CA ASP A 60 0.68 1.64 14.26
C ASP A 60 0.20 0.22 14.52
N ASP A 61 0.79 -0.43 15.52
CA ASP A 61 0.42 -1.79 15.88
C ASP A 61 -0.99 -1.84 16.48
N LYS A 62 -1.37 -0.76 17.15
CA LYS A 62 -2.69 -0.66 17.77
C LYS A 62 -3.77 -0.44 16.71
N LEU A 63 -3.37 0.07 15.56
CA LEU A 63 -4.31 0.33 14.46
C LEU A 63 -4.45 -0.90 13.57
N THR A 64 -3.32 -1.42 13.11
CA THR A 64 -3.32 -2.60 12.25
C THR A 64 -4.02 -3.78 12.93
N LYS A 65 -3.99 -3.80 14.25
CA LYS A 65 -4.62 -4.87 15.02
C LYS A 65 -6.10 -4.98 14.67
N GLU A 66 -6.76 -3.84 14.51
CA GLU A 66 -8.18 -3.82 14.17
C GLU A 66 -8.38 -3.88 12.66
N LEU A 67 -7.28 -3.93 11.93
CA LEU A 67 -7.32 -4.00 10.47
C LEU A 67 -7.28 -5.44 9.99
N ILE A 68 -6.38 -6.23 10.57
CA ILE A 68 -6.24 -7.63 10.20
C ILE A 68 -7.42 -8.45 10.72
N GLU A 69 -8.18 -7.87 11.64
CA GLU A 69 -9.32 -8.55 12.22
C GLU A 69 -10.57 -8.33 11.37
N MET A 70 -10.39 -7.68 10.21
CA MET A 70 -11.50 -7.41 9.31
C MET A 70 -11.44 -8.31 8.08
N VAL A 71 -10.29 -8.31 7.41
CA VAL A 71 -10.10 -9.13 6.22
C VAL A 71 -10.31 -10.60 6.53
N GLU A 72 -9.87 -11.03 7.71
CA GLU A 72 -10.01 -12.42 8.12
C GLU A 72 -11.37 -12.65 8.78
N LYS A 73 -12.43 -12.21 8.11
CA LYS A 73 -13.78 -12.37 8.63
C LYS A 73 -14.76 -12.67 7.49
N LYS A 74 -14.60 -11.96 6.37
CA LYS A 74 -15.47 -12.15 5.22
C LYS A 74 -14.76 -12.94 4.13
N PHE A 75 -13.43 -12.94 4.17
CA PHE A 75 -12.63 -13.66 3.18
C PHE A 75 -12.34 -15.07 3.65
N GLN A 76 -13.04 -15.50 4.69
CA GLN A 76 -12.85 -16.84 5.25
C GLN A 76 -11.40 -17.29 5.10
N LYS A 77 -10.47 -16.40 5.47
CA LYS A 77 -9.04 -16.70 5.38
C LYS A 77 -8.25 -15.86 6.36
N ARG A 78 -6.93 -16.02 6.34
CA ARG A 78 -6.05 -15.26 7.23
C ARG A 78 -4.97 -14.53 6.44
N VAL A 79 -4.41 -13.50 7.05
CA VAL A 79 -3.36 -12.71 6.40
C VAL A 79 -1.98 -13.26 6.72
N THR A 80 -1.25 -13.67 5.69
CA THR A 80 0.09 -14.22 5.86
C THR A 80 1.08 -13.58 4.89
N ASP A 81 0.90 -12.29 4.64
CA ASP A 81 1.77 -11.57 3.72
C ASP A 81 1.52 -10.07 3.80
N VAL A 82 2.59 -9.28 3.88
CA VAL A 82 2.48 -7.83 3.96
C VAL A 82 3.56 -7.15 3.12
N ILE A 83 3.18 -6.71 1.92
CA ILE A 83 4.12 -6.03 1.03
C ILE A 83 4.36 -4.59 1.47
N ILE A 84 5.62 -4.25 1.69
CA ILE A 84 5.99 -2.90 2.10
C ILE A 84 6.70 -2.16 0.98
N THR A 85 6.42 -0.86 0.87
CA THR A 85 7.04 -0.03 -0.16
C THR A 85 8.21 0.76 0.41
N HIS A 86 7.93 1.61 1.39
CA HIS A 86 8.96 2.42 2.01
C HIS A 86 8.90 2.32 3.53
N ALA A 87 9.95 2.76 4.20
CA ALA A 87 10.00 2.72 5.66
C ALA A 87 9.30 3.94 6.27
N HIS A 88 8.05 3.75 6.66
CA HIS A 88 7.27 4.82 7.26
C HIS A 88 6.22 4.27 8.23
N ALA A 89 5.77 5.11 9.15
CA ALA A 89 4.77 4.69 10.13
C ALA A 89 3.51 4.18 9.45
N ASP A 90 3.24 4.70 8.26
CA ASP A 90 2.06 4.28 7.49
C ASP A 90 2.39 3.09 6.59
N ARG A 91 3.56 2.51 6.80
CA ARG A 91 3.98 1.36 5.99
C ARG A 91 4.28 0.16 6.89
N ILE A 92 5.11 0.37 7.91
CA ILE A 92 5.46 -0.70 8.83
C ILE A 92 5.01 -0.38 10.24
N GLY A 93 3.95 0.41 10.35
CA GLY A 93 3.41 0.79 11.65
C GLY A 93 3.16 -0.43 12.53
N GLY A 94 2.88 -1.56 11.91
CA GLY A 94 2.63 -2.78 12.65
C GLY A 94 3.66 -3.85 12.40
N ILE A 95 4.89 -3.43 12.11
CA ILE A 95 5.98 -4.36 11.84
C ILE A 95 6.04 -5.45 12.91
N LYS A 96 5.72 -5.08 14.15
CA LYS A 96 5.74 -6.02 15.26
C LYS A 96 4.47 -6.87 15.28
N THR A 97 3.35 -6.26 14.88
CA THR A 97 2.08 -6.96 14.86
C THR A 97 2.11 -8.13 13.88
N LEU A 98 2.85 -7.97 12.80
CA LEU A 98 2.96 -9.02 11.79
C LEU A 98 3.68 -10.24 12.36
N LYS A 99 4.75 -10.00 13.11
CA LYS A 99 5.52 -11.09 13.70
C LYS A 99 4.77 -11.68 14.90
N GLU A 100 3.92 -10.87 15.52
CA GLU A 100 3.16 -11.31 16.68
C GLU A 100 2.23 -12.47 16.30
N ARG A 101 1.78 -12.47 15.05
CA ARG A 101 0.89 -13.52 14.56
C ARG A 101 1.63 -14.49 13.66
N GLY A 102 2.39 -13.95 12.71
CA GLY A 102 3.15 -14.80 11.80
C GLY A 102 3.33 -14.16 10.43
N ILE A 103 2.54 -13.13 10.15
CA ILE A 103 2.61 -12.43 8.87
C ILE A 103 4.03 -11.95 8.60
N LYS A 104 4.38 -11.86 7.32
CA LYS A 104 5.71 -11.40 6.92
C LYS A 104 5.63 -10.07 6.20
N ALA A 105 6.43 -9.11 6.65
CA ALA A 105 6.45 -7.79 6.05
C ALA A 105 7.49 -7.71 4.93
N HIS A 106 7.11 -8.18 3.74
CA HIS A 106 8.02 -8.16 2.60
C HIS A 106 8.48 -6.75 2.30
N SER A 107 9.71 -6.63 1.80
CA SER A 107 10.29 -5.33 1.47
C SER A 107 11.70 -5.48 0.93
N THR A 108 12.18 -4.45 0.23
CA THR A 108 13.52 -4.46 -0.33
C THR A 108 14.57 -4.27 0.76
N ALA A 109 15.83 -4.17 0.34
CA ALA A 109 16.94 -3.98 1.27
C ALA A 109 17.04 -2.53 1.71
N LEU A 110 16.65 -1.62 0.83
CA LEU A 110 16.70 -0.20 1.13
C LEU A 110 15.56 0.21 2.06
N THR A 111 14.35 -0.29 1.76
CA THR A 111 13.18 0.02 2.56
C THR A 111 13.42 -0.35 4.03
N ALA A 112 14.31 -1.29 4.26
CA ALA A 112 14.63 -1.73 5.62
C ALA A 112 15.78 -0.93 6.20
N GLU A 113 16.74 -0.56 5.33
CA GLU A 113 17.89 0.21 5.77
C GLU A 113 17.47 1.47 6.52
N LEU A 114 16.34 2.03 6.12
CA LEU A 114 15.82 3.24 6.76
C LEU A 114 14.87 2.89 7.90
N ALA A 115 14.26 1.72 7.82
CA ALA A 115 13.33 1.26 8.85
C ALA A 115 13.97 1.31 10.23
N LYS A 116 15.03 0.53 10.41
CA LYS A 116 15.75 0.49 11.68
C LYS A 116 16.30 1.86 12.04
N LYS A 117 16.54 2.67 11.02
CA LYS A 117 17.07 4.02 11.24
C LYS A 117 16.09 4.88 12.03
N ASN A 118 14.81 4.52 11.96
CA ASN A 118 13.78 5.25 12.68
C ASN A 118 13.52 4.63 14.05
N GLY A 119 13.67 3.32 14.13
CA GLY A 119 13.45 2.63 15.39
C GLY A 119 12.62 1.37 15.23
N TYR A 120 12.03 1.20 14.04
CA TYR A 120 11.20 0.04 13.76
C TYR A 120 12.00 -1.25 13.93
N GLU A 121 11.38 -2.37 13.57
CA GLU A 121 12.04 -3.68 13.67
C GLU A 121 12.60 -4.10 12.32
N GLU A 122 12.42 -3.26 11.31
CA GLU A 122 12.90 -3.56 9.96
C GLU A 122 12.17 -4.75 9.37
N PRO A 123 11.71 -4.59 8.12
CA PRO A 123 10.98 -5.65 7.40
C PRO A 123 11.87 -6.83 7.04
N LEU A 124 11.35 -7.73 6.21
CA LEU A 124 12.10 -8.91 5.79
C LEU A 124 13.44 -8.52 5.18
N GLY A 125 13.40 -7.59 4.22
CA GLY A 125 14.61 -7.14 3.57
C GLY A 125 15.17 -8.16 2.59
N ASP A 126 14.31 -8.63 1.69
CA ASP A 126 14.72 -9.62 0.70
C ASP A 126 13.98 -9.40 -0.63
N LEU A 127 14.11 -8.19 -1.15
CA LEU A 127 13.45 -7.84 -2.42
C LEU A 127 14.39 -7.03 -3.31
N GLN A 128 13.87 -6.56 -4.44
CA GLN A 128 14.65 -5.76 -5.38
C GLN A 128 13.76 -4.83 -6.18
N THR A 129 14.32 -4.23 -7.22
CA THR A 129 13.58 -3.32 -8.08
C THR A 129 12.25 -3.93 -8.51
N VAL A 130 12.28 -5.20 -8.88
CA VAL A 130 11.08 -5.90 -9.32
C VAL A 130 11.07 -7.34 -8.82
N THR A 131 9.90 -7.83 -8.44
CA THR A 131 9.76 -9.19 -7.95
C THR A 131 8.38 -9.75 -8.27
N ASN A 132 8.33 -10.70 -9.21
CA ASN A 132 7.06 -11.32 -9.61
C ASN A 132 6.52 -12.21 -8.49
N LEU A 133 5.61 -11.66 -7.70
CA LEU A 133 5.01 -12.40 -6.59
C LEU A 133 3.80 -13.19 -7.07
N LYS A 134 3.53 -14.31 -6.41
CA LYS A 134 2.40 -15.15 -6.76
C LYS A 134 1.88 -15.91 -5.54
N PHE A 135 0.57 -15.85 -5.32
CA PHE A 135 -0.05 -16.52 -4.18
C PHE A 135 -1.29 -17.30 -4.63
N GLY A 136 -1.11 -18.61 -4.81
CA GLY A 136 -2.22 -19.45 -5.23
C GLY A 136 -2.81 -19.01 -6.56
N ASN A 137 -3.91 -18.26 -6.49
CA ASN A 137 -4.57 -17.76 -7.69
C ASN A 137 -4.50 -16.24 -7.77
N MET A 138 -3.28 -15.71 -7.77
CA MET A 138 -3.08 -14.27 -7.85
C MET A 138 -1.72 -13.95 -8.45
N LYS A 139 -1.67 -12.89 -9.25
CA LYS A 139 -0.44 -12.47 -9.90
C LYS A 139 -0.07 -11.05 -9.49
N VAL A 140 1.17 -10.88 -9.03
CA VAL A 140 1.65 -9.56 -8.61
C VAL A 140 3.09 -9.36 -9.02
N GLU A 141 3.51 -8.09 -9.09
CA GLU A 141 4.88 -7.75 -9.46
C GLU A 141 5.25 -6.35 -8.99
N THR A 142 6.33 -6.26 -8.22
CA THR A 142 6.79 -4.98 -7.70
C THR A 142 7.46 -4.15 -8.79
N PHE A 143 7.95 -2.97 -8.41
CA PHE A 143 8.62 -2.08 -9.36
C PHE A 143 9.17 -0.86 -8.65
N TYR A 144 10.37 -0.43 -9.07
CA TYR A 144 11.02 0.73 -8.48
C TYR A 144 11.32 1.79 -9.53
N PRO A 145 10.44 2.79 -9.64
CA PRO A 145 10.60 3.88 -10.61
C PRO A 145 11.76 4.81 -10.25
N GLY A 146 11.80 5.24 -9.00
CA GLY A 146 12.87 6.12 -8.55
C GLY A 146 12.62 6.68 -7.17
N LYS A 147 13.18 7.85 -6.89
CA LYS A 147 13.02 8.49 -5.59
C LYS A 147 11.91 9.53 -5.64
N GLY A 148 10.91 9.36 -4.77
CA GLY A 148 9.80 10.30 -4.73
C GLY A 148 9.43 10.69 -3.31
N HIS A 149 8.42 10.03 -2.76
CA HIS A 149 7.96 10.31 -1.40
C HIS A 149 9.01 9.90 -0.38
N THR A 150 9.81 8.90 -0.73
CA THR A 150 10.85 8.40 0.15
C THR A 150 12.02 7.83 -0.64
N GLU A 151 13.20 7.79 -0.01
CA GLU A 151 14.39 7.26 -0.66
C GLU A 151 14.20 5.81 -1.05
N ASP A 152 13.36 5.10 -0.29
CA ASP A 152 13.09 3.69 -0.56
C ASP A 152 11.61 3.48 -0.88
N ASN A 153 11.09 4.26 -1.84
CA ASN A 153 9.70 4.15 -2.24
C ASN A 153 9.56 3.35 -3.53
N ILE A 154 8.60 2.44 -3.55
CA ILE A 154 8.35 1.61 -4.73
C ILE A 154 6.86 1.50 -5.03
N VAL A 155 6.54 0.99 -6.22
CA VAL A 155 5.16 0.83 -6.62
C VAL A 155 4.82 -0.64 -6.85
N VAL A 156 3.53 -0.95 -6.77
CA VAL A 156 3.07 -2.33 -6.96
C VAL A 156 2.29 -2.47 -8.26
N TRP A 157 2.46 -3.61 -8.93
CA TRP A 157 1.78 -3.87 -10.19
C TRP A 157 1.11 -5.24 -10.17
N LEU A 158 -0.01 -5.35 -10.87
CA LEU A 158 -0.75 -6.61 -10.93
C LEU A 158 -0.97 -7.04 -12.39
N PRO A 159 -0.09 -7.90 -12.90
CA PRO A 159 -0.16 -8.40 -14.27
C PRO A 159 -1.34 -9.35 -14.48
N GLN A 160 -2.54 -8.80 -14.49
CA GLN A 160 -3.75 -9.59 -14.66
C GLN A 160 -4.99 -8.72 -14.62
N TYR A 161 -4.95 -7.68 -13.79
CA TYR A 161 -6.08 -6.76 -13.65
C TYR A 161 -5.69 -5.35 -14.09
N ASN A 162 -4.39 -5.12 -14.27
CA ASN A 162 -3.90 -3.83 -14.69
C ASN A 162 -4.07 -2.79 -13.58
N ILE A 163 -4.15 -3.27 -12.34
CA ILE A 163 -4.33 -2.40 -11.18
C ILE A 163 -2.99 -2.09 -10.53
N LEU A 164 -2.61 -0.81 -10.54
CA LEU A 164 -1.36 -0.37 -9.93
C LEU A 164 -1.59 0.29 -8.58
N VAL A 165 -0.69 0.04 -7.64
CA VAL A 165 -0.80 0.62 -6.31
C VAL A 165 0.49 1.33 -5.91
N GLY A 166 0.79 2.43 -6.59
CA GLY A 166 1.99 3.19 -6.29
C GLY A 166 2.12 3.52 -4.82
N GLY A 167 1.09 4.17 -4.27
CA GLY A 167 1.11 4.54 -2.86
C GLY A 167 1.28 6.03 -2.67
N CYS A 168 2.13 6.40 -1.71
CA CYS A 168 2.39 7.80 -1.42
C CYS A 168 3.06 8.50 -2.60
N LEU A 169 3.57 7.69 -3.52
CA LEU A 169 4.24 8.22 -4.71
C LEU A 169 3.24 8.88 -5.65
N VAL A 170 2.14 8.17 -5.92
CA VAL A 170 1.10 8.69 -6.80
C VAL A 170 -0.02 9.35 -6.01
N LYS A 171 -0.19 10.65 -6.21
CA LYS A 171 -1.23 11.40 -5.52
C LYS A 171 -2.57 11.25 -6.23
N SER A 172 -3.65 11.44 -5.47
CA SER A 172 -4.99 11.33 -6.03
C SER A 172 -5.42 12.64 -6.69
N THR A 173 -6.44 12.55 -7.54
CA THR A 173 -6.95 13.72 -8.25
C THR A 173 -7.41 14.80 -7.27
N SER A 174 -7.90 14.37 -6.10
CA SER A 174 -8.38 15.29 -5.09
C SER A 174 -7.21 16.04 -4.44
N ALA A 175 -6.05 15.39 -4.41
CA ALA A 175 -4.86 15.98 -3.82
C ALA A 175 -4.60 17.37 -4.40
N LYS A 176 -3.78 18.15 -3.71
CA LYS A 176 -3.45 19.50 -4.16
C LYS A 176 -1.93 19.66 -4.31
N ASP A 177 -1.17 19.03 -3.43
CA ASP A 177 0.28 19.10 -3.48
C ASP A 177 0.91 17.87 -2.81
N LEU A 178 2.23 17.75 -2.94
CA LEU A 178 2.94 16.62 -2.34
C LEU A 178 3.03 16.78 -0.83
N GLY A 179 3.33 17.99 -0.37
CA GLY A 179 3.43 18.24 1.05
C GLY A 179 4.87 18.24 1.53
N ASN A 180 5.07 17.95 2.81
CA ASN A 180 6.41 17.92 3.39
C ASN A 180 7.34 17.04 2.57
N VAL A 181 8.48 17.61 2.18
CA VAL A 181 9.46 16.88 1.39
C VAL A 181 10.78 16.74 2.14
N ALA A 182 10.69 16.65 3.46
CA ALA A 182 11.88 16.51 4.30
C ALA A 182 12.69 15.28 3.90
N ASP A 183 12.00 14.16 3.74
CA ASP A 183 12.66 12.91 3.36
C ASP A 183 12.15 12.42 2.00
N ALA A 184 12.02 13.34 1.06
CA ALA A 184 11.54 13.00 -0.28
C ALA A 184 12.42 13.65 -1.35
N TYR A 185 12.32 13.14 -2.57
CA TYR A 185 13.10 13.67 -3.68
C TYR A 185 12.20 14.27 -4.74
N VAL A 186 11.97 15.58 -4.65
CA VAL A 186 11.12 16.28 -5.60
C VAL A 186 11.79 16.36 -6.98
N ASN A 187 13.11 16.19 -7.00
CA ASN A 187 13.86 16.24 -8.24
C ASN A 187 13.81 14.90 -8.97
N GLU A 188 13.63 13.84 -8.20
CA GLU A 188 13.56 12.49 -8.77
C GLU A 188 12.11 12.05 -8.93
N TRP A 189 11.21 12.67 -8.18
CA TRP A 189 9.80 12.34 -8.24
C TRP A 189 9.29 12.36 -9.69
N SER A 190 9.48 13.49 -10.36
CA SER A 190 9.04 13.64 -11.74
C SER A 190 9.57 12.50 -12.60
N THR A 191 10.80 12.07 -12.32
CA THR A 191 11.43 10.99 -13.07
C THR A 191 10.80 9.64 -12.71
N SER A 192 10.47 9.47 -11.43
CA SER A 192 9.87 8.23 -10.96
C SER A 192 8.53 7.98 -11.63
N ILE A 193 7.64 8.96 -11.54
CA ILE A 193 6.31 8.85 -12.14
C ILE A 193 6.41 8.56 -13.64
N GLU A 194 7.41 9.16 -14.28
CA GLU A 194 7.61 8.96 -15.72
C GLU A 194 7.97 7.51 -16.01
N ASN A 195 8.39 6.79 -14.99
CA ASN A 195 8.77 5.38 -15.14
C ASN A 195 7.59 4.46 -14.84
N VAL A 196 6.72 4.91 -13.94
CA VAL A 196 5.54 4.13 -13.56
C VAL A 196 4.46 4.21 -14.62
N LEU A 197 4.19 5.43 -15.09
CA LEU A 197 3.18 5.66 -16.11
C LEU A 197 3.62 5.08 -17.46
N LYS A 198 4.93 4.93 -17.63
CA LYS A 198 5.48 4.40 -18.87
C LYS A 198 5.53 2.87 -18.83
N ARG A 199 5.97 2.33 -17.70
CA ARG A 199 6.07 0.89 -17.53
C ARG A 199 4.74 0.21 -17.85
N TYR A 200 3.64 0.94 -17.64
CA TYR A 200 2.32 0.42 -17.90
C TYR A 200 1.41 1.51 -18.48
N ARG A 201 0.88 1.25 -19.67
CA ARG A 201 -0.01 2.20 -20.33
C ARG A 201 -1.39 1.60 -20.55
N ASN A 202 -1.83 0.78 -19.59
CA ASN A 202 -3.13 0.14 -19.69
C ASN A 202 -3.75 -0.05 -18.31
N ILE A 203 -3.29 0.76 -17.35
CA ILE A 203 -3.80 0.69 -15.99
C ILE A 203 -5.32 0.80 -15.96
N ASN A 204 -5.94 0.09 -15.02
CA ASN A 204 -7.39 0.10 -14.89
C ASN A 204 -7.81 0.92 -13.67
N ALA A 205 -7.00 0.87 -12.63
CA ALA A 205 -7.29 1.60 -11.39
C ALA A 205 -6.01 1.87 -10.61
N VAL A 206 -5.80 3.14 -10.24
CA VAL A 206 -4.62 3.53 -9.49
C VAL A 206 -4.99 3.91 -8.06
N VAL A 207 -4.46 3.16 -7.10
CA VAL A 207 -4.72 3.42 -5.69
C VAL A 207 -3.57 4.18 -5.04
N PRO A 208 -3.77 5.48 -4.82
CA PRO A 208 -2.76 6.35 -4.19
C PRO A 208 -2.54 6.03 -2.72
N GLY A 209 -1.73 6.84 -2.06
CA GLY A 209 -1.46 6.63 -0.65
C GLY A 209 -2.40 7.41 0.25
N HIS A 210 -2.87 8.55 -0.24
CA HIS A 210 -3.78 9.39 0.53
C HIS A 210 -4.83 10.05 -0.37
N GLY A 211 -6.08 9.61 -0.24
CA GLY A 211 -7.13 10.16 -1.06
C GLY A 211 -8.19 9.12 -1.42
N GLU A 212 -8.08 8.57 -2.63
CA GLU A 212 -9.01 7.57 -3.10
C GLU A 212 -8.59 7.01 -4.46
N VAL A 213 -9.01 5.78 -4.74
CA VAL A 213 -8.68 5.13 -6.01
C VAL A 213 -9.13 5.97 -7.19
N GLY A 214 -8.39 5.87 -8.30
CA GLY A 214 -8.74 6.62 -9.49
C GLY A 214 -8.36 5.90 -10.76
N ASP A 215 -7.34 6.41 -11.44
CA ASP A 215 -6.87 5.80 -12.69
C ASP A 215 -5.45 6.25 -13.02
N LYS A 216 -5.01 5.93 -14.23
CA LYS A 216 -3.66 6.30 -14.67
C LYS A 216 -3.48 7.81 -14.61
N GLY A 217 -4.58 8.55 -14.59
CA GLY A 217 -4.51 9.99 -14.54
C GLY A 217 -3.74 10.48 -13.34
N LEU A 218 -3.84 9.76 -12.23
CA LEU A 218 -3.15 10.13 -11.00
C LEU A 218 -1.67 10.40 -11.28
N LEU A 219 -1.05 9.55 -12.09
CA LEU A 219 0.36 9.69 -12.43
C LEU A 219 0.63 11.07 -13.01
N LEU A 220 -0.24 11.51 -13.90
CA LEU A 220 -0.09 12.83 -14.54
C LEU A 220 -0.30 13.95 -13.52
N HIS A 221 -1.28 13.77 -12.65
CA HIS A 221 -1.58 14.77 -11.62
C HIS A 221 -0.37 14.99 -10.71
N THR A 222 0.32 13.89 -10.38
CA THR A 222 1.49 13.96 -9.51
C THR A 222 2.48 15.01 -10.00
N LEU A 223 2.73 15.01 -11.30
CA LEU A 223 3.66 15.96 -11.91
C LEU A 223 3.21 17.40 -11.66
N ASP A 224 1.90 17.64 -11.80
CA ASP A 224 1.35 18.97 -11.59
C ASP A 224 1.70 19.49 -10.21
N LEU A 225 1.88 18.58 -9.26
CA LEU A 225 2.22 18.94 -7.89
C LEU A 225 3.68 19.37 -7.79
N LEU A 226 4.50 18.84 -8.69
CA LEU A 226 5.92 19.16 -8.71
C LEU A 226 6.19 20.44 -9.51
N LYS A 227 5.35 20.68 -10.51
CA LYS A 227 5.49 21.86 -11.36
C LYS A 227 4.55 22.97 -10.89
N SER A 1 -21.64 -22.23 5.08
CA SER A 1 -22.48 -22.41 3.91
C SER A 1 -23.45 -21.25 3.74
N GLN A 2 -22.98 -20.04 4.01
CA GLN A 2 -23.81 -18.85 3.91
C GLN A 2 -23.06 -17.73 3.20
N LYS A 3 -23.73 -17.08 2.25
CA LYS A 3 -23.13 -15.99 1.50
C LYS A 3 -24.07 -14.80 1.41
N VAL A 4 -23.53 -13.64 1.08
CA VAL A 4 -24.33 -12.42 0.95
C VAL A 4 -23.74 -11.47 -0.08
N GLU A 5 -24.53 -10.50 -0.51
CA GLU A 5 -24.08 -9.53 -1.51
C GLU A 5 -23.68 -8.22 -0.84
N LYS A 6 -22.94 -8.33 0.26
CA LYS A 6 -22.48 -7.16 1.00
C LYS A 6 -20.97 -6.96 0.82
N THR A 7 -20.54 -5.70 0.89
CA THR A 7 -19.13 -5.38 0.73
C THR A 7 -18.73 -4.20 1.61
N VAL A 8 -17.47 -3.81 1.54
CA VAL A 8 -16.96 -2.69 2.34
C VAL A 8 -17.10 -2.97 3.83
N ILE A 9 -16.00 -3.37 4.45
CA ILE A 9 -16.01 -3.67 5.88
C ILE A 9 -15.58 -2.45 6.70
N LYS A 10 -15.98 -2.43 7.96
CA LYS A 10 -15.65 -1.32 8.85
C LYS A 10 -15.56 -1.80 10.30
N ASN A 11 -15.06 -0.92 11.18
CA ASN A 11 -14.91 -1.25 12.59
C ASN A 11 -16.06 -0.66 13.40
N GLU A 12 -15.92 -0.71 14.72
CA GLU A 12 -16.95 -0.17 15.62
C GLU A 12 -16.90 1.36 15.64
N THR A 13 -15.76 1.91 15.25
CA THR A 13 -15.59 3.37 15.23
C THR A 13 -15.57 3.89 13.80
N GLY A 14 -14.92 3.15 12.90
CA GLY A 14 -14.85 3.56 11.52
C GLY A 14 -13.45 3.99 11.11
N THR A 15 -12.53 3.99 12.08
CA THR A 15 -11.16 4.39 11.82
C THR A 15 -10.59 3.65 10.61
N ILE A 16 -11.03 2.41 10.41
CA ILE A 16 -10.57 1.61 9.30
C ILE A 16 -11.74 1.01 8.53
N SER A 17 -11.49 0.63 7.28
CA SER A 17 -12.53 0.04 6.43
C SER A 17 -11.95 -0.39 5.09
N ILE A 18 -12.71 -1.23 4.37
CA ILE A 18 -12.27 -1.71 3.07
C ILE A 18 -13.34 -1.47 2.01
N SER A 19 -13.08 -1.97 0.80
CA SER A 19 -14.03 -1.81 -0.31
C SER A 19 -13.66 -2.72 -1.47
N GLN A 20 -14.63 -3.45 -1.98
CA GLN A 20 -14.41 -4.37 -3.10
C GLN A 20 -14.10 -3.59 -4.37
N LEU A 21 -12.91 -3.81 -4.91
CA LEU A 21 -12.49 -3.13 -6.14
C LEU A 21 -12.65 -4.05 -7.35
N ASN A 22 -12.20 -5.29 -7.21
CA ASN A 22 -12.29 -6.27 -8.30
C ASN A 22 -12.64 -7.65 -7.76
N LYS A 23 -12.55 -8.66 -8.61
CA LYS A 23 -12.84 -10.02 -8.22
C LYS A 23 -12.09 -10.41 -6.96
N ASN A 24 -10.78 -10.15 -6.95
CA ASN A 24 -9.95 -10.46 -5.80
C ASN A 24 -9.04 -9.30 -5.45
N VAL A 25 -9.58 -8.09 -5.55
CA VAL A 25 -8.82 -6.88 -5.24
C VAL A 25 -9.66 -5.91 -4.40
N TRP A 26 -9.16 -5.56 -3.22
CA TRP A 26 -9.86 -4.64 -2.34
C TRP A 26 -8.95 -3.49 -1.92
N VAL A 27 -9.55 -2.39 -1.48
CA VAL A 27 -8.80 -1.22 -1.06
C VAL A 27 -9.13 -0.85 0.39
N HIS A 28 -8.20 -1.12 1.30
CA HIS A 28 -8.39 -0.81 2.71
C HIS A 28 -7.71 0.50 3.07
N THR A 29 -8.39 1.31 3.87
CA THR A 29 -7.85 2.60 4.30
C THR A 29 -8.09 2.83 5.79
N GLU A 30 -7.06 3.28 6.49
CA GLU A 30 -7.16 3.55 7.92
C GLU A 30 -6.73 4.97 8.24
N LEU A 31 -6.86 5.36 9.50
CA LEU A 31 -6.47 6.69 9.94
C LEU A 31 -5.39 6.62 11.02
N GLY A 32 -4.55 7.65 11.06
CA GLY A 32 -3.48 7.69 12.04
C GLY A 32 -3.32 9.05 12.68
N SER A 33 -2.08 9.51 12.80
CA SER A 33 -1.80 10.81 13.41
C SER A 33 -0.90 11.64 12.50
N PHE A 34 -0.92 12.96 12.71
CA PHE A 34 -0.11 13.88 11.92
C PHE A 34 -0.29 15.31 12.40
N ASN A 35 0.59 15.72 13.32
CA ASN A 35 0.54 17.06 13.87
C ASN A 35 -0.85 17.38 14.41
N GLY A 36 -1.27 16.61 15.42
CA GLY A 36 -2.57 16.83 16.02
C GLY A 36 -3.70 16.75 15.01
N GLU A 37 -3.50 15.93 13.98
CA GLU A 37 -4.51 15.76 12.94
C GLU A 37 -4.45 14.36 12.35
N ALA A 38 -5.60 13.69 12.29
CA ALA A 38 -5.68 12.34 11.75
C ALA A 38 -5.43 12.33 10.25
N VAL A 39 -4.53 11.46 9.82
CA VAL A 39 -4.20 11.35 8.40
C VAL A 39 -4.50 9.96 7.86
N PRO A 40 -5.32 9.90 6.80
CA PRO A 40 -5.71 8.64 6.18
C PRO A 40 -4.56 7.97 5.44
N SER A 41 -4.60 6.65 5.34
CA SER A 41 -3.56 5.89 4.67
C SER A 41 -4.16 4.78 3.81
N ASN A 42 -4.40 5.09 2.54
CA ASN A 42 -4.96 4.12 1.61
C ASN A 42 -4.16 2.82 1.62
N GLY A 43 -4.69 1.80 0.94
CA GLY A 43 -4.01 0.52 0.88
C GLY A 43 -4.64 -0.42 -0.11
N LEU A 44 -4.43 -1.72 0.09
CA LEU A 44 -4.98 -2.73 -0.81
C LEU A 44 -4.86 -4.12 -0.19
N VAL A 45 -5.87 -4.95 -0.45
CA VAL A 45 -5.89 -6.32 0.08
C VAL A 45 -6.15 -7.33 -1.02
N LEU A 46 -5.42 -8.44 -0.98
CA LEU A 46 -5.57 -9.50 -1.98
C LEU A 46 -6.31 -10.70 -1.39
N ASN A 47 -7.34 -11.16 -2.11
CA ASN A 47 -8.12 -12.30 -1.65
C ASN A 47 -7.69 -13.58 -2.38
N THR A 48 -6.41 -13.91 -2.29
CA THR A 48 -5.88 -15.10 -2.94
C THR A 48 -6.44 -16.37 -2.32
N SER A 49 -6.07 -17.52 -2.87
CA SER A 49 -6.54 -18.80 -2.37
C SER A 49 -5.48 -19.47 -1.49
N LYS A 50 -4.55 -18.66 -0.99
CA LYS A 50 -3.48 -19.17 -0.13
C LYS A 50 -3.20 -18.20 1.01
N GLY A 51 -4.19 -17.40 1.35
CA GLY A 51 -4.04 -16.44 2.43
C GLY A 51 -4.07 -15.01 1.95
N LEU A 52 -4.81 -14.16 2.66
CA LEU A 52 -4.93 -12.75 2.30
C LEU A 52 -3.58 -12.07 2.33
N VAL A 53 -3.45 -10.96 1.60
CA VAL A 53 -2.21 -10.21 1.54
C VAL A 53 -2.47 -8.71 1.63
N LEU A 54 -1.58 -8.00 2.34
CA LEU A 54 -1.73 -6.56 2.50
C LEU A 54 -0.59 -5.83 1.79
N VAL A 55 -0.96 -4.85 0.97
CA VAL A 55 0.04 -4.07 0.23
C VAL A 55 0.67 -2.99 1.12
N ASP A 56 0.22 -2.93 2.36
CA ASP A 56 0.74 -1.96 3.31
C ASP A 56 0.04 -2.10 4.66
N SER A 57 0.84 -2.22 5.73
CA SER A 57 0.30 -2.37 7.08
C SER A 57 -0.41 -1.10 7.51
N SER A 58 -0.70 -1.00 8.80
CA SER A 58 -1.38 0.16 9.35
C SER A 58 -0.38 1.18 9.90
N TRP A 59 -0.89 2.20 10.58
CA TRP A 59 -0.04 3.24 11.16
C TRP A 59 0.72 2.71 12.37
N ASP A 60 0.06 1.86 13.15
CA ASP A 60 0.69 1.29 14.34
C ASP A 60 0.19 -0.14 14.57
N ASP A 61 0.97 -0.93 15.31
CA ASP A 61 0.61 -2.30 15.60
C ASP A 61 -0.77 -2.38 16.23
N LYS A 62 -1.11 -1.38 17.04
CA LYS A 62 -2.41 -1.33 17.70
C LYS A 62 -3.51 -0.96 16.71
N LEU A 63 -3.14 -0.26 15.65
CA LEU A 63 -4.10 0.17 14.64
C LEU A 63 -4.38 -0.96 13.65
N THR A 64 -3.32 -1.63 13.21
CA THR A 64 -3.45 -2.74 12.27
C THR A 64 -4.31 -3.85 12.85
N LYS A 65 -4.34 -3.95 14.18
CA LYS A 65 -5.12 -4.97 14.86
C LYS A 65 -6.58 -4.93 14.41
N GLU A 66 -7.12 -3.73 14.28
CA GLU A 66 -8.50 -3.55 13.86
C GLU A 66 -8.64 -3.70 12.35
N LEU A 67 -7.50 -3.73 11.67
CA LEU A 67 -7.48 -3.88 10.21
C LEU A 67 -7.44 -5.35 9.81
N ILE A 68 -6.49 -6.08 10.35
CA ILE A 68 -6.34 -7.50 10.05
C ILE A 68 -7.55 -8.29 10.57
N GLU A 69 -8.33 -7.67 11.45
CA GLU A 69 -9.50 -8.32 12.00
C GLU A 69 -10.72 -8.11 11.11
N MET A 70 -10.50 -7.52 9.94
CA MET A 70 -11.58 -7.27 9.00
C MET A 70 -11.55 -8.28 7.86
N VAL A 71 -10.43 -8.34 7.15
CA VAL A 71 -10.27 -9.27 6.04
C VAL A 71 -10.50 -10.72 6.49
N GLU A 72 -10.01 -11.04 7.68
CA GLU A 72 -10.16 -12.39 8.22
C GLU A 72 -11.52 -12.55 8.91
N LYS A 73 -12.58 -12.17 8.21
CA LYS A 73 -13.93 -12.27 8.75
C LYS A 73 -14.93 -12.63 7.65
N LYS A 74 -14.75 -12.03 6.48
CA LYS A 74 -15.63 -12.29 5.35
C LYS A 74 -14.92 -13.07 4.26
N PHE A 75 -13.59 -13.01 4.27
CA PHE A 75 -12.78 -13.72 3.29
C PHE A 75 -12.43 -15.12 3.77
N GLN A 76 -13.10 -15.56 4.84
CA GLN A 76 -12.85 -16.88 5.41
C GLN A 76 -11.39 -17.28 5.23
N LYS A 77 -10.49 -16.37 5.55
CA LYS A 77 -9.06 -16.63 5.43
C LYS A 77 -8.26 -15.81 6.44
N ARG A 78 -6.94 -15.92 6.38
CA ARG A 78 -6.07 -15.17 7.29
C ARG A 78 -5.00 -14.41 6.52
N VAL A 79 -4.44 -13.39 7.14
CA VAL A 79 -3.40 -12.58 6.52
C VAL A 79 -2.01 -13.14 6.81
N THR A 80 -1.32 -13.56 5.75
CA THR A 80 0.02 -14.12 5.89
C THR A 80 0.98 -13.51 4.88
N ASP A 81 0.83 -12.21 4.64
CA ASP A 81 1.69 -11.51 3.69
C ASP A 81 1.49 -10.00 3.80
N VAL A 82 2.60 -9.26 3.81
CA VAL A 82 2.55 -7.81 3.92
C VAL A 82 3.64 -7.16 3.07
N ILE A 83 3.24 -6.64 1.91
CA ILE A 83 4.19 -6.00 1.00
C ILE A 83 4.46 -4.56 1.44
N ILE A 84 5.70 -4.28 1.81
CA ILE A 84 6.09 -2.94 2.24
C ILE A 84 6.82 -2.20 1.12
N THR A 85 6.38 -0.98 0.85
CA THR A 85 7.00 -0.17 -0.19
C THR A 85 8.16 0.64 0.36
N HIS A 86 7.89 1.43 1.40
CA HIS A 86 8.93 2.26 2.02
C HIS A 86 8.88 2.13 3.54
N ALA A 87 9.93 2.60 4.20
CA ALA A 87 10.01 2.55 5.66
C ALA A 87 9.30 3.73 6.30
N HIS A 88 8.05 3.51 6.72
CA HIS A 88 7.27 4.57 7.36
C HIS A 88 6.26 3.99 8.32
N ALA A 89 5.78 4.81 9.25
CA ALA A 89 4.81 4.38 10.24
C ALA A 89 3.55 3.83 9.58
N ASP A 90 3.26 4.33 8.38
CA ASP A 90 2.09 3.87 7.63
C ASP A 90 2.44 2.69 6.73
N ARG A 91 3.63 2.12 6.95
CA ARG A 91 4.08 0.98 6.16
C ARG A 91 4.43 -0.20 7.05
N ILE A 92 5.27 0.05 8.05
CA ILE A 92 5.68 -0.99 8.97
C ILE A 92 5.20 -0.70 10.39
N GLY A 93 4.22 0.20 10.50
CA GLY A 93 3.68 0.56 11.79
C GLY A 93 3.26 -0.66 12.60
N GLY A 94 2.88 -1.73 11.90
CA GLY A 94 2.45 -2.93 12.57
C GLY A 94 3.45 -4.07 12.41
N ILE A 95 4.69 -3.72 12.10
CA ILE A 95 5.73 -4.72 11.91
C ILE A 95 5.75 -5.72 13.07
N LYS A 96 5.38 -5.24 14.26
CA LYS A 96 5.34 -6.08 15.44
C LYS A 96 4.24 -7.13 15.34
N THR A 97 3.06 -6.68 14.91
CA THR A 97 1.91 -7.57 14.77
C THR A 97 2.14 -8.61 13.67
N LEU A 98 2.86 -8.20 12.63
CA LEU A 98 3.15 -9.08 11.51
C LEU A 98 4.04 -10.25 11.95
N LYS A 99 4.81 -10.01 13.00
CA LYS A 99 5.71 -11.04 13.53
C LYS A 99 5.09 -11.71 14.75
N GLU A 100 3.78 -11.61 14.89
CA GLU A 100 3.07 -12.22 16.01
C GLU A 100 2.05 -13.24 15.53
N ARG A 101 1.50 -13.00 14.33
CA ARG A 101 0.51 -13.90 13.76
C ARG A 101 1.12 -14.76 12.66
N GLY A 102 2.45 -14.75 12.58
CA GLY A 102 3.14 -15.53 11.57
C GLY A 102 3.10 -14.87 10.21
N ILE A 103 2.96 -13.55 10.19
CA ILE A 103 2.91 -12.79 8.95
C ILE A 103 4.32 -12.39 8.50
N LYS A 104 4.46 -12.13 7.19
CA LYS A 104 5.75 -11.74 6.64
C LYS A 104 5.65 -10.37 5.97
N ALA A 105 6.43 -9.42 6.48
CA ALA A 105 6.43 -8.06 5.94
C ALA A 105 7.49 -7.92 4.84
N HIS A 106 7.15 -8.42 3.65
CA HIS A 106 8.07 -8.35 2.51
C HIS A 106 8.50 -6.91 2.25
N SER A 107 9.72 -6.74 1.76
CA SER A 107 10.27 -5.41 1.48
C SER A 107 11.68 -5.51 0.94
N THR A 108 12.15 -4.43 0.33
CA THR A 108 13.50 -4.39 -0.24
C THR A 108 14.53 -4.02 0.82
N ALA A 109 15.79 -4.38 0.56
CA ALA A 109 16.87 -4.09 1.49
C ALA A 109 16.88 -2.60 1.86
N LEU A 110 16.66 -1.74 0.88
CA LEU A 110 16.64 -0.31 1.11
C LEU A 110 15.52 0.08 2.07
N THR A 111 14.32 -0.45 1.81
CA THR A 111 13.16 -0.16 2.65
C THR A 111 13.47 -0.42 4.12
N ALA A 112 14.17 -1.52 4.39
CA ALA A 112 14.53 -1.88 5.75
C ALA A 112 15.62 -0.96 6.29
N GLU A 113 16.39 -0.36 5.38
CA GLU A 113 17.47 0.54 5.77
C GLU A 113 16.95 1.69 6.62
N LEU A 114 15.81 2.25 6.21
CA LEU A 114 15.20 3.37 6.92
C LEU A 114 14.40 2.87 8.12
N ALA A 115 13.90 1.64 8.02
CA ALA A 115 13.12 1.04 9.10
C ALA A 115 13.86 1.13 10.44
N LYS A 116 14.93 0.36 10.56
CA LYS A 116 15.73 0.35 11.77
C LYS A 116 16.21 1.76 12.13
N LYS A 117 16.32 2.61 11.11
CA LYS A 117 16.77 3.98 11.31
C LYS A 117 15.78 4.75 12.18
N ASN A 118 14.53 4.29 12.19
CA ASN A 118 13.48 4.94 12.97
C ASN A 118 13.32 4.25 14.33
N GLY A 119 13.42 2.93 14.33
CA GLY A 119 13.27 2.17 15.56
C GLY A 119 12.43 0.93 15.39
N TYR A 120 11.85 0.78 14.20
CA TYR A 120 11.00 -0.37 13.91
C TYR A 120 11.77 -1.67 14.07
N GLU A 121 11.14 -2.78 13.67
CA GLU A 121 11.78 -4.09 13.76
C GLU A 121 12.39 -4.49 12.42
N GLU A 122 12.21 -3.64 11.42
CA GLU A 122 12.73 -3.90 10.08
C GLU A 122 12.02 -5.11 9.45
N PRO A 123 11.53 -4.92 8.22
CA PRO A 123 10.83 -5.98 7.48
C PRO A 123 11.76 -7.10 7.05
N LEU A 124 11.25 -7.99 6.21
CA LEU A 124 12.03 -9.12 5.72
C LEU A 124 13.34 -8.65 5.10
N GLY A 125 13.28 -7.49 4.42
CA GLY A 125 14.46 -6.95 3.80
C GLY A 125 15.16 -7.95 2.90
N ASP A 126 14.39 -8.59 2.02
CA ASP A 126 14.93 -9.58 1.10
C ASP A 126 14.24 -9.51 -0.25
N LEU A 127 14.27 -8.33 -0.86
CA LEU A 127 13.64 -8.12 -2.16
C LEU A 127 14.54 -7.29 -3.07
N GLN A 128 13.99 -6.86 -4.20
CA GLN A 128 14.74 -6.06 -5.16
C GLN A 128 13.84 -5.09 -5.90
N THR A 129 14.36 -4.48 -6.96
CA THR A 129 13.59 -3.53 -7.75
C THR A 129 12.24 -4.11 -8.16
N VAL A 130 12.28 -5.25 -8.83
CA VAL A 130 11.05 -5.92 -9.27
C VAL A 130 11.06 -7.39 -8.89
N THR A 131 9.98 -7.83 -8.23
CA THR A 131 9.86 -9.22 -7.81
C THR A 131 8.48 -9.78 -8.12
N ASN A 132 8.43 -10.88 -8.86
CA ASN A 132 7.17 -11.51 -9.22
C ASN A 132 6.63 -12.35 -8.07
N LEU A 133 5.64 -11.83 -7.37
CA LEU A 133 5.04 -12.53 -6.24
C LEU A 133 3.86 -13.40 -6.71
N LYS A 134 3.63 -14.50 -5.99
CA LYS A 134 2.54 -15.41 -6.33
C LYS A 134 1.98 -16.07 -5.07
N PHE A 135 0.69 -15.90 -4.85
CA PHE A 135 0.04 -16.48 -3.68
C PHE A 135 -1.14 -17.38 -4.10
N GLY A 136 -0.92 -18.17 -5.15
CA GLY A 136 -1.96 -19.06 -5.63
C GLY A 136 -3.12 -18.30 -6.24
N ASN A 137 -3.31 -18.46 -7.54
CA ASN A 137 -4.39 -17.79 -8.25
C ASN A 137 -4.23 -16.27 -8.18
N MET A 138 -2.99 -15.82 -8.04
CA MET A 138 -2.70 -14.39 -7.97
C MET A 138 -1.32 -14.09 -8.55
N LYS A 139 -1.22 -12.99 -9.28
CA LYS A 139 0.04 -12.59 -9.89
C LYS A 139 0.37 -11.14 -9.55
N VAL A 140 1.52 -10.94 -8.91
CA VAL A 140 1.96 -9.60 -8.53
C VAL A 140 3.41 -9.35 -8.94
N GLU A 141 3.76 -8.09 -9.12
CA GLU A 141 5.11 -7.72 -9.50
C GLU A 141 5.46 -6.31 -9.02
N THR A 142 6.56 -6.21 -8.27
CA THR A 142 7.00 -4.92 -7.75
C THR A 142 7.63 -4.06 -8.83
N PHE A 143 8.11 -2.88 -8.45
CA PHE A 143 8.74 -1.97 -9.39
C PHE A 143 9.29 -0.74 -8.67
N TYR A 144 10.50 -0.33 -9.06
CA TYR A 144 11.15 0.82 -8.45
C TYR A 144 11.49 1.87 -9.51
N PRO A 145 10.59 2.85 -9.67
CA PRO A 145 10.77 3.94 -10.63
C PRO A 145 11.88 4.89 -10.23
N GLY A 146 11.85 5.34 -8.97
CA GLY A 146 12.87 6.26 -8.49
C GLY A 146 12.57 6.76 -7.10
N LYS A 147 13.06 7.95 -6.78
CA LYS A 147 12.84 8.55 -5.47
C LYS A 147 11.71 9.57 -5.51
N GLY A 148 10.73 9.39 -4.64
CA GLY A 148 9.60 10.30 -4.59
C GLY A 148 9.21 10.67 -3.17
N HIS A 149 8.35 9.87 -2.56
CA HIS A 149 7.89 10.12 -1.20
C HIS A 149 8.97 9.73 -0.19
N THR A 150 9.79 8.74 -0.56
CA THR A 150 10.86 8.28 0.31
C THR A 150 12.03 7.72 -0.49
N GLU A 151 13.21 7.72 0.11
CA GLU A 151 14.41 7.21 -0.55
C GLU A 151 14.22 5.74 -0.95
N ASP A 152 13.34 5.06 -0.24
CA ASP A 152 13.07 3.65 -0.51
C ASP A 152 11.60 3.44 -0.87
N ASN A 153 11.09 4.27 -1.77
CA ASN A 153 9.69 4.18 -2.20
C ASN A 153 9.58 3.41 -3.50
N ILE A 154 8.62 2.49 -3.56
CA ILE A 154 8.40 1.69 -4.75
C ILE A 154 6.92 1.58 -5.08
N VAL A 155 6.62 1.04 -6.26
CA VAL A 155 5.23 0.88 -6.69
C VAL A 155 4.92 -0.58 -6.98
N VAL A 156 3.68 -0.99 -6.68
CA VAL A 156 3.25 -2.35 -6.90
C VAL A 156 2.48 -2.48 -8.21
N TRP A 157 2.66 -3.61 -8.90
CA TRP A 157 1.98 -3.85 -10.16
C TRP A 157 1.31 -5.22 -10.17
N LEU A 158 0.21 -5.33 -10.90
CA LEU A 158 -0.52 -6.59 -10.99
C LEU A 158 -0.73 -7.00 -12.44
N PRO A 159 0.16 -7.86 -12.95
CA PRO A 159 0.09 -8.34 -14.33
C PRO A 159 -1.09 -9.29 -14.56
N GLN A 160 -2.29 -8.72 -14.57
CA GLN A 160 -3.51 -9.51 -14.77
C GLN A 160 -4.75 -8.63 -14.72
N TYR A 161 -4.70 -7.61 -13.88
CA TYR A 161 -5.82 -6.69 -13.74
C TYR A 161 -5.42 -5.27 -14.12
N ASN A 162 -4.12 -5.05 -14.26
CA ASN A 162 -3.60 -3.74 -14.64
C ASN A 162 -3.80 -2.73 -13.50
N ILE A 163 -3.93 -3.23 -12.28
CA ILE A 163 -4.12 -2.38 -11.12
C ILE A 163 -2.79 -2.05 -10.46
N LEU A 164 -2.42 -0.77 -10.50
CA LEU A 164 -1.17 -0.32 -9.89
C LEU A 164 -1.43 0.31 -8.52
N VAL A 165 -0.58 -0.04 -7.56
CA VAL A 165 -0.71 0.50 -6.20
C VAL A 165 0.56 1.23 -5.78
N GLY A 166 0.83 2.36 -6.42
CA GLY A 166 2.02 3.12 -6.09
C GLY A 166 2.14 3.41 -4.61
N GLY A 167 1.10 4.02 -4.04
CA GLY A 167 1.11 4.34 -2.63
C GLY A 167 1.21 5.83 -2.37
N CYS A 168 2.24 6.24 -1.63
CA CYS A 168 2.45 7.64 -1.31
C CYS A 168 3.13 8.37 -2.47
N LEU A 169 3.42 7.64 -3.53
CA LEU A 169 4.06 8.20 -4.71
C LEU A 169 3.03 8.82 -5.65
N VAL A 170 1.98 8.06 -5.96
CA VAL A 170 0.93 8.53 -6.84
C VAL A 170 -0.23 9.13 -6.05
N LYS A 171 -0.32 10.45 -6.08
CA LYS A 171 -1.38 11.16 -5.35
C LYS A 171 -2.71 11.02 -6.09
N SER A 172 -3.80 11.33 -5.38
CA SER A 172 -5.13 11.24 -5.97
C SER A 172 -5.52 12.54 -6.66
N THR A 173 -6.48 12.46 -7.57
CA THR A 173 -6.94 13.63 -8.31
C THR A 173 -7.47 14.70 -7.37
N SER A 174 -7.95 14.27 -6.21
CA SER A 174 -8.50 15.20 -5.23
C SER A 174 -7.38 15.96 -4.52
N ALA A 175 -6.21 15.33 -4.43
CA ALA A 175 -5.06 15.95 -3.78
C ALA A 175 -4.78 17.32 -4.37
N LYS A 176 -4.07 18.16 -3.60
CA LYS A 176 -3.73 19.50 -4.05
C LYS A 176 -2.22 19.66 -4.21
N ASP A 177 -1.46 18.88 -3.44
CA ASP A 177 -0.01 18.94 -3.49
C ASP A 177 0.60 17.70 -2.82
N LEU A 178 1.93 17.65 -2.81
CA LEU A 178 2.64 16.53 -2.20
C LEU A 178 2.77 16.72 -0.69
N GLY A 179 2.98 17.97 -0.27
CA GLY A 179 3.12 18.26 1.14
C GLY A 179 4.56 18.28 1.60
N ASN A 180 4.78 18.07 2.89
CA ASN A 180 6.12 18.07 3.46
C ASN A 180 7.02 17.10 2.69
N VAL A 181 8.19 17.59 2.29
CA VAL A 181 9.14 16.78 1.54
C VAL A 181 10.49 16.71 2.26
N ALA A 182 10.44 16.61 3.59
CA ALA A 182 11.65 16.53 4.40
C ALA A 182 12.46 15.29 4.06
N ASP A 183 11.78 14.16 3.96
CA ASP A 183 12.43 12.90 3.65
C ASP A 183 11.94 12.34 2.31
N ALA A 184 11.86 13.22 1.32
CA ALA A 184 11.41 12.83 -0.01
C ALA A 184 12.30 13.42 -1.10
N TYR A 185 12.05 13.03 -2.34
CA TYR A 185 12.84 13.52 -3.46
C TYR A 185 11.94 14.09 -4.55
N VAL A 186 11.61 15.38 -4.43
CA VAL A 186 10.75 16.04 -5.40
C VAL A 186 11.44 16.14 -6.76
N ASN A 187 12.77 16.06 -6.75
CA ASN A 187 13.54 16.15 -7.98
C ASN A 187 13.48 14.84 -8.76
N GLU A 188 13.39 13.73 -8.03
CA GLU A 188 13.32 12.42 -8.65
C GLU A 188 11.87 11.98 -8.84
N TRP A 189 10.98 12.56 -8.04
CA TRP A 189 9.56 12.22 -8.11
C TRP A 189 9.05 12.33 -9.55
N SER A 190 9.24 13.50 -10.15
CA SER A 190 8.79 13.73 -11.52
C SER A 190 9.32 12.64 -12.46
N THR A 191 10.55 12.19 -12.20
CA THR A 191 11.16 11.16 -13.02
C THR A 191 10.54 9.79 -12.72
N SER A 192 10.19 9.56 -11.45
CA SER A 192 9.61 8.30 -11.04
C SER A 192 8.26 8.08 -11.72
N ILE A 193 7.38 9.06 -11.62
CA ILE A 193 6.06 8.98 -12.23
C ILE A 193 6.16 8.75 -13.74
N GLU A 194 7.13 9.41 -14.36
CA GLU A 194 7.33 9.29 -15.80
C GLU A 194 7.69 7.85 -16.17
N ASN A 195 8.10 7.07 -15.17
CA ASN A 195 8.47 5.68 -15.40
C ASN A 195 7.33 4.74 -15.01
N VAL A 196 6.46 5.22 -14.12
CA VAL A 196 5.32 4.41 -13.67
C VAL A 196 4.12 4.61 -14.59
N LEU A 197 4.14 5.69 -15.36
CA LEU A 197 3.05 5.98 -16.29
C LEU A 197 3.46 5.69 -17.73
N LYS A 198 4.68 5.20 -17.90
CA LYS A 198 5.20 4.88 -19.23
C LYS A 198 5.51 3.39 -19.34
N ARG A 199 5.77 2.76 -18.19
CA ARG A 199 6.09 1.33 -18.16
C ARG A 199 4.82 0.49 -18.20
N TYR A 200 3.67 1.16 -18.27
CA TYR A 200 2.38 0.48 -18.31
C TYR A 200 1.47 1.09 -19.36
N ARG A 201 0.96 2.29 -19.07
CA ARG A 201 0.08 2.99 -19.98
C ARG A 201 -1.17 2.16 -20.28
N ASN A 202 -1.47 1.23 -19.38
CA ASN A 202 -2.65 0.36 -19.54
C ASN A 202 -3.29 0.06 -18.19
N ILE A 203 -3.02 0.92 -17.20
CA ILE A 203 -3.58 0.75 -15.87
C ILE A 203 -5.11 0.78 -15.90
N ASN A 204 -5.73 0.00 -15.02
CA ASN A 204 -7.18 -0.05 -14.94
C ASN A 204 -7.70 0.75 -13.75
N ALA A 205 -6.87 0.85 -12.72
CA ALA A 205 -7.24 1.60 -11.52
C ALA A 205 -6.01 1.90 -10.67
N VAL A 206 -5.86 3.17 -10.30
CA VAL A 206 -4.73 3.59 -9.48
C VAL A 206 -5.16 3.91 -8.05
N VAL A 207 -4.52 3.27 -7.08
CA VAL A 207 -4.84 3.49 -5.67
C VAL A 207 -3.73 4.25 -4.97
N PRO A 208 -3.98 5.54 -4.68
CA PRO A 208 -3.02 6.41 -3.99
C PRO A 208 -2.82 6.02 -2.54
N GLY A 209 -2.14 6.88 -1.78
CA GLY A 209 -1.88 6.61 -0.38
C GLY A 209 -2.65 7.54 0.54
N HIS A 210 -3.04 8.69 0.00
CA HIS A 210 -3.79 9.68 0.78
C HIS A 210 -4.80 10.41 -0.09
N GLY A 211 -5.88 9.73 -0.43
CA GLY A 211 -6.91 10.33 -1.26
C GLY A 211 -8.03 9.36 -1.60
N GLU A 212 -8.01 8.83 -2.81
CA GLU A 212 -9.03 7.89 -3.25
C GLU A 212 -8.65 7.26 -4.60
N VAL A 213 -8.92 5.97 -4.74
CA VAL A 213 -8.60 5.26 -5.97
C VAL A 213 -9.22 5.97 -7.18
N GLY A 214 -8.49 5.94 -8.29
CA GLY A 214 -8.98 6.58 -9.51
C GLY A 214 -8.57 5.84 -10.76
N ASP A 215 -7.61 6.39 -11.50
CA ASP A 215 -7.12 5.77 -12.72
C ASP A 215 -5.71 6.24 -13.05
N LYS A 216 -5.24 5.91 -14.24
CA LYS A 216 -3.90 6.30 -14.67
C LYS A 216 -3.72 7.81 -14.59
N GLY A 217 -4.83 8.54 -14.61
CA GLY A 217 -4.76 9.98 -14.54
C GLY A 217 -3.98 10.47 -13.33
N LEU A 218 -4.06 9.71 -12.24
CA LEU A 218 -3.34 10.08 -11.02
C LEU A 218 -1.88 10.37 -11.31
N LEU A 219 -1.27 9.55 -12.16
CA LEU A 219 0.13 9.73 -12.52
C LEU A 219 0.38 11.14 -13.07
N LEU A 220 -0.51 11.58 -13.96
CA LEU A 220 -0.38 12.91 -14.56
C LEU A 220 -0.61 14.00 -13.51
N HIS A 221 -1.58 13.79 -12.63
CA HIS A 221 -1.89 14.75 -11.58
C HIS A 221 -0.67 15.00 -10.70
N THR A 222 0.02 13.93 -10.33
CA THR A 222 1.20 14.03 -9.49
C THR A 222 2.19 15.05 -10.05
N LEU A 223 2.47 14.95 -11.34
CA LEU A 223 3.41 15.86 -12.00
C LEU A 223 2.98 17.31 -11.79
N ASP A 224 1.68 17.57 -11.88
CA ASP A 224 1.15 18.90 -11.69
C ASP A 224 1.49 19.43 -10.30
N LEU A 225 1.55 18.53 -9.33
CA LEU A 225 1.86 18.91 -7.95
C LEU A 225 3.33 19.28 -7.81
N LEU A 226 4.16 18.73 -8.69
CA LEU A 226 5.59 19.01 -8.66
C LEU A 226 5.92 20.25 -9.47
N LYS A 227 5.24 20.43 -10.59
CA LYS A 227 5.45 21.58 -11.45
C LYS A 227 4.56 22.74 -11.04
N SER A 1 -22.35 -16.97 8.74
CA SER A 1 -23.56 -17.61 9.24
C SER A 1 -24.64 -17.65 8.16
N GLN A 2 -25.04 -16.48 7.69
CA GLN A 2 -26.07 -16.38 6.66
C GLN A 2 -25.46 -15.93 5.33
N LYS A 3 -26.29 -15.83 4.30
CA LYS A 3 -25.85 -15.40 2.99
C LYS A 3 -26.45 -14.05 2.61
N VAL A 4 -25.63 -13.19 2.03
CA VAL A 4 -26.08 -11.87 1.62
C VAL A 4 -25.00 -11.12 0.83
N GLU A 5 -25.42 -10.37 -0.18
CA GLU A 5 -24.48 -9.63 -1.02
C GLU A 5 -24.10 -8.31 -0.35
N LYS A 6 -23.02 -8.34 0.43
CA LYS A 6 -22.55 -7.14 1.12
C LYS A 6 -21.05 -6.95 0.94
N THR A 7 -20.60 -5.71 0.98
CA THR A 7 -19.18 -5.40 0.81
C THR A 7 -18.77 -4.23 1.70
N VAL A 8 -17.50 -3.85 1.62
CA VAL A 8 -16.98 -2.75 2.41
C VAL A 8 -17.10 -3.04 3.91
N ILE A 9 -15.98 -3.44 4.51
CA ILE A 9 -15.96 -3.75 5.93
C ILE A 9 -15.51 -2.54 6.75
N LYS A 10 -15.95 -2.48 8.00
CA LYS A 10 -15.60 -1.38 8.90
C LYS A 10 -15.53 -1.86 10.35
N ASN A 11 -14.76 -1.13 11.16
CA ASN A 11 -14.61 -1.48 12.57
C ASN A 11 -15.74 -0.87 13.40
N GLU A 12 -15.59 -0.93 14.73
CA GLU A 12 -16.58 -0.38 15.64
C GLU A 12 -16.48 1.14 15.70
N THR A 13 -15.30 1.66 15.38
CA THR A 13 -15.08 3.10 15.41
C THR A 13 -15.11 3.69 14.00
N GLY A 14 -14.63 2.93 13.02
CA GLY A 14 -14.63 3.39 11.65
C GLY A 14 -13.26 3.85 11.20
N THR A 15 -12.31 3.87 12.13
CA THR A 15 -10.96 4.29 11.82
C THR A 15 -10.42 3.57 10.59
N ILE A 16 -10.83 2.32 10.42
CA ILE A 16 -10.39 1.52 9.28
C ILE A 16 -11.58 0.91 8.54
N SER A 17 -11.35 0.53 7.29
CA SER A 17 -12.40 -0.07 6.48
C SER A 17 -11.86 -0.52 5.12
N ILE A 18 -12.67 -1.27 4.38
CA ILE A 18 -12.26 -1.77 3.08
C ILE A 18 -13.35 -1.51 2.04
N SER A 19 -13.14 -2.03 0.83
CA SER A 19 -14.11 -1.85 -0.26
C SER A 19 -13.76 -2.75 -1.43
N GLN A 20 -14.76 -3.46 -1.94
CA GLN A 20 -14.55 -4.36 -3.07
C GLN A 20 -14.30 -3.58 -4.35
N LEU A 21 -13.14 -3.78 -4.96
CA LEU A 21 -12.78 -3.10 -6.19
C LEU A 21 -12.80 -4.06 -7.37
N ASN A 22 -12.45 -5.32 -7.12
CA ASN A 22 -12.43 -6.32 -8.17
C ASN A 22 -12.75 -7.71 -7.59
N LYS A 23 -12.72 -8.72 -8.45
CA LYS A 23 -12.99 -10.09 -8.04
C LYS A 23 -12.14 -10.47 -6.83
N ASN A 24 -10.88 -10.06 -6.85
CA ASN A 24 -9.96 -10.35 -5.75
C ASN A 24 -9.07 -9.15 -5.45
N VAL A 25 -9.65 -7.96 -5.52
CA VAL A 25 -8.92 -6.73 -5.25
C VAL A 25 -9.75 -5.76 -4.42
N TRP A 26 -9.28 -5.48 -3.21
CA TRP A 26 -9.97 -4.57 -2.31
C TRP A 26 -9.06 -3.43 -1.87
N VAL A 27 -9.66 -2.31 -1.49
CA VAL A 27 -8.90 -1.15 -1.05
C VAL A 27 -9.21 -0.80 0.41
N HIS A 28 -8.25 -1.06 1.28
CA HIS A 28 -8.43 -0.77 2.71
C HIS A 28 -7.72 0.51 3.10
N THR A 29 -8.36 1.31 3.93
CA THR A 29 -7.79 2.59 4.37
C THR A 29 -7.98 2.78 5.87
N GLU A 30 -6.96 3.32 6.53
CA GLU A 30 -7.02 3.55 7.97
C GLU A 30 -6.58 4.98 8.31
N LEU A 31 -6.71 5.34 9.58
CA LEU A 31 -6.32 6.67 10.03
C LEU A 31 -5.23 6.59 11.09
N GLY A 32 -4.37 7.61 11.11
CA GLY A 32 -3.28 7.63 12.08
C GLY A 32 -3.13 8.98 12.74
N SER A 33 -1.95 9.59 12.57
CA SER A 33 -1.68 10.90 13.16
C SER A 33 -0.79 11.73 12.24
N PHE A 34 -0.97 13.04 12.29
CA PHE A 34 -0.19 13.95 11.46
C PHE A 34 -0.42 15.40 11.88
N ASN A 35 0.61 16.01 12.48
CA ASN A 35 0.52 17.39 12.94
C ASN A 35 -0.73 17.61 13.78
N GLY A 36 -0.90 16.77 14.80
CA GLY A 36 -2.05 16.89 15.67
C GLY A 36 -3.35 16.68 14.94
N GLU A 37 -3.29 15.92 13.85
CA GLU A 37 -4.49 15.63 13.06
C GLU A 37 -4.36 14.28 12.34
N ALA A 38 -5.28 13.38 12.63
CA ALA A 38 -5.26 12.05 12.02
C ALA A 38 -5.16 12.15 10.50
N VAL A 39 -4.35 11.29 9.91
CA VAL A 39 -4.17 11.28 8.46
C VAL A 39 -4.49 9.90 7.87
N PRO A 40 -5.32 9.90 6.82
CA PRO A 40 -5.73 8.66 6.15
C PRO A 40 -4.59 8.02 5.37
N SER A 41 -4.59 6.70 5.31
CA SER A 41 -3.54 5.96 4.60
C SER A 41 -4.16 4.86 3.73
N ASN A 42 -4.31 5.16 2.44
CA ASN A 42 -4.88 4.19 1.51
C ASN A 42 -4.16 2.86 1.58
N GLY A 43 -4.73 1.84 0.95
CA GLY A 43 -4.11 0.52 0.96
C GLY A 43 -4.75 -0.42 -0.05
N LEU A 44 -4.49 -1.72 0.12
CA LEU A 44 -5.05 -2.72 -0.79
C LEU A 44 -4.96 -4.11 -0.18
N VAL A 45 -5.94 -4.95 -0.47
CA VAL A 45 -5.97 -6.31 0.04
C VAL A 45 -6.24 -7.32 -1.06
N LEU A 46 -5.56 -8.46 -1.00
CA LEU A 46 -5.72 -9.51 -2.01
C LEU A 46 -6.47 -10.70 -1.43
N ASN A 47 -7.53 -11.11 -2.14
CA ASN A 47 -8.34 -12.25 -1.69
C ASN A 47 -7.91 -13.53 -2.40
N THR A 48 -6.62 -13.85 -2.29
CA THR A 48 -6.09 -15.06 -2.92
C THR A 48 -6.77 -16.31 -2.39
N SER A 49 -6.23 -17.47 -2.74
CA SER A 49 -6.79 -18.74 -2.30
C SER A 49 -5.83 -19.46 -1.35
N LYS A 50 -4.74 -18.78 -0.99
CA LYS A 50 -3.75 -19.35 -0.09
C LYS A 50 -3.65 -18.54 1.19
N GLY A 51 -4.12 -17.30 1.13
CA GLY A 51 -4.07 -16.42 2.29
C GLY A 51 -4.10 -14.95 1.93
N LEU A 52 -4.98 -14.20 2.57
CA LEU A 52 -5.10 -12.77 2.31
C LEU A 52 -3.74 -12.09 2.32
N VAL A 53 -3.62 -10.99 1.60
CA VAL A 53 -2.37 -10.23 1.54
C VAL A 53 -2.62 -8.73 1.64
N LEU A 54 -1.71 -8.03 2.32
CA LEU A 54 -1.85 -6.60 2.49
C LEU A 54 -0.71 -5.86 1.79
N VAL A 55 -1.05 -4.88 0.96
CA VAL A 55 -0.06 -4.10 0.23
C VAL A 55 0.59 -3.05 1.13
N ASP A 56 0.11 -2.98 2.37
CA ASP A 56 0.65 -2.01 3.32
C ASP A 56 -0.06 -2.14 4.67
N SER A 57 0.73 -2.21 5.73
CA SER A 57 0.18 -2.34 7.08
C SER A 57 -0.50 -1.05 7.52
N SER A 58 -0.80 -0.95 8.81
CA SER A 58 -1.46 0.23 9.36
C SER A 58 -0.44 1.22 9.90
N TRP A 59 -0.93 2.27 10.55
CA TRP A 59 -0.06 3.29 11.11
C TRP A 59 0.70 2.76 12.32
N ASP A 60 0.01 1.95 13.13
CA ASP A 60 0.63 1.37 14.32
C ASP A 60 0.16 -0.07 14.53
N ASP A 61 0.90 -0.82 15.33
CA ASP A 61 0.56 -2.21 15.60
C ASP A 61 -0.84 -2.31 16.22
N LYS A 62 -1.22 -1.30 17.00
CA LYS A 62 -2.52 -1.28 17.65
C LYS A 62 -3.61 -0.96 16.65
N LEU A 63 -3.24 -0.25 15.58
CA LEU A 63 -4.20 0.13 14.55
C LEU A 63 -4.44 -1.01 13.57
N THR A 64 -3.35 -1.68 13.17
CA THR A 64 -3.44 -2.79 12.24
C THR A 64 -4.18 -3.97 12.86
N LYS A 65 -4.21 -4.01 14.18
CA LYS A 65 -4.89 -5.09 14.90
C LYS A 65 -6.33 -5.22 14.44
N GLU A 66 -7.00 -4.07 14.29
CA GLU A 66 -8.39 -4.05 13.86
C GLU A 66 -8.50 -4.21 12.34
N LEU A 67 -7.38 -4.01 11.66
CA LEU A 67 -7.34 -4.13 10.21
C LEU A 67 -7.30 -5.60 9.78
N ILE A 68 -6.39 -6.36 10.37
CA ILE A 68 -6.25 -7.77 10.05
C ILE A 68 -7.42 -8.57 10.63
N GLU A 69 -8.16 -7.97 11.55
CA GLU A 69 -9.30 -8.62 12.17
C GLU A 69 -10.57 -8.38 11.36
N MET A 70 -10.41 -7.83 10.16
CA MET A 70 -11.54 -7.56 9.29
C MET A 70 -11.55 -8.48 8.08
N VAL A 71 -10.44 -8.50 7.35
CA VAL A 71 -10.32 -9.34 6.17
C VAL A 71 -10.52 -10.81 6.52
N GLU A 72 -10.04 -11.21 7.69
CA GLU A 72 -10.18 -12.59 8.15
C GLU A 72 -11.51 -12.79 8.85
N LYS A 73 -12.59 -12.37 8.19
CA LYS A 73 -13.93 -12.52 8.75
C LYS A 73 -14.94 -12.85 7.66
N LYS A 74 -14.78 -12.22 6.50
CA LYS A 74 -15.68 -12.45 5.38
C LYS A 74 -14.96 -13.19 4.24
N PHE A 75 -13.63 -13.11 4.25
CA PHE A 75 -12.82 -13.77 3.22
C PHE A 75 -12.43 -15.17 3.67
N GLN A 76 -13.09 -15.66 4.73
CA GLN A 76 -12.80 -16.99 5.24
C GLN A 76 -11.34 -17.36 5.02
N LYS A 77 -10.44 -16.47 5.39
CA LYS A 77 -9.01 -16.70 5.23
C LYS A 77 -8.21 -15.92 6.27
N ARG A 78 -6.88 -16.01 6.17
CA ARG A 78 -6.01 -15.31 7.10
C ARG A 78 -4.89 -14.60 6.35
N VAL A 79 -4.39 -13.52 6.94
CA VAL A 79 -3.30 -12.75 6.33
C VAL A 79 -1.94 -13.33 6.69
N THR A 80 -1.15 -13.63 5.67
CA THR A 80 0.18 -14.20 5.87
C THR A 80 1.21 -13.52 4.97
N ASP A 81 0.85 -12.37 4.44
CA ASP A 81 1.74 -11.62 3.56
C ASP A 81 1.49 -10.12 3.67
N VAL A 82 2.57 -9.34 3.77
CA VAL A 82 2.45 -7.89 3.88
C VAL A 82 3.52 -7.19 3.03
N ILE A 83 3.13 -6.75 1.85
CA ILE A 83 4.06 -6.06 0.95
C ILE A 83 4.30 -4.63 1.41
N ILE A 84 5.57 -4.28 1.56
CA ILE A 84 5.95 -2.93 2.00
C ILE A 84 6.69 -2.19 0.89
N THR A 85 6.29 -0.95 0.66
CA THR A 85 6.91 -0.13 -0.37
C THR A 85 8.08 0.67 0.19
N HIS A 86 7.82 1.43 1.25
CA HIS A 86 8.86 2.24 1.88
C HIS A 86 8.81 2.09 3.40
N ALA A 87 9.87 2.53 4.06
CA ALA A 87 9.95 2.45 5.52
C ALA A 87 9.26 3.65 6.17
N HIS A 88 8.01 3.45 6.60
CA HIS A 88 7.25 4.51 7.24
C HIS A 88 6.23 3.93 8.21
N ALA A 89 5.78 4.76 9.15
CA ALA A 89 4.80 4.32 10.15
C ALA A 89 3.54 3.79 9.48
N ASP A 90 3.24 4.32 8.29
CA ASP A 90 2.05 3.90 7.55
C ASP A 90 2.38 2.72 6.63
N ARG A 91 3.56 2.13 6.81
CA ARG A 91 3.99 1.00 6.01
C ARG A 91 4.32 -0.20 6.89
N ILE A 92 5.16 0.02 7.89
CA ILE A 92 5.56 -1.04 8.81
C ILE A 92 5.10 -0.74 10.23
N GLY A 93 4.15 0.18 10.36
CA GLY A 93 3.65 0.55 11.67
C GLY A 93 3.18 -0.66 12.47
N GLY A 94 2.78 -1.71 11.77
CA GLY A 94 2.32 -2.92 12.43
C GLY A 94 3.30 -4.06 12.30
N ILE A 95 4.55 -3.74 11.98
CA ILE A 95 5.58 -4.75 11.81
C ILE A 95 5.60 -5.70 13.01
N LYS A 96 5.24 -5.19 14.18
CA LYS A 96 5.21 -5.99 15.39
C LYS A 96 4.12 -7.05 15.32
N THR A 97 2.94 -6.64 14.85
CA THR A 97 1.81 -7.56 14.73
C THR A 97 2.05 -8.59 13.64
N LEU A 98 2.74 -8.18 12.58
CA LEU A 98 3.03 -9.07 11.47
C LEU A 98 3.93 -10.22 11.91
N LYS A 99 4.74 -9.98 12.93
CA LYS A 99 5.64 -11.00 13.47
C LYS A 99 5.04 -11.66 14.71
N GLU A 100 3.72 -11.54 14.86
CA GLU A 100 3.03 -12.13 16.00
C GLU A 100 2.02 -13.17 15.54
N ARG A 101 1.60 -13.08 14.29
CA ARG A 101 0.64 -14.02 13.72
C ARG A 101 1.28 -14.87 12.63
N GLY A 102 2.60 -14.77 12.51
CA GLY A 102 3.32 -15.54 11.50
C GLY A 102 3.31 -14.86 10.15
N ILE A 103 2.99 -13.58 10.13
CA ILE A 103 2.94 -12.83 8.88
C ILE A 103 4.34 -12.35 8.47
N LYS A 104 4.51 -12.09 7.19
CA LYS A 104 5.80 -11.62 6.66
C LYS A 104 5.65 -10.26 5.99
N ALA A 105 6.42 -9.29 6.48
CA ALA A 105 6.38 -7.93 5.92
C ALA A 105 7.40 -7.77 4.79
N HIS A 106 7.05 -8.28 3.61
CA HIS A 106 7.93 -8.20 2.45
C HIS A 106 8.39 -6.77 2.23
N SER A 107 9.62 -6.61 1.74
CA SER A 107 10.18 -5.29 1.49
C SER A 107 11.61 -5.40 0.95
N THR A 108 12.10 -4.31 0.37
CA THR A 108 13.44 -4.27 -0.18
C THR A 108 14.49 -4.06 0.91
N ALA A 109 15.71 -4.49 0.65
CA ALA A 109 16.80 -4.34 1.61
C ALA A 109 16.94 -2.89 2.05
N LEU A 110 16.53 -1.96 1.20
CA LEU A 110 16.61 -0.55 1.50
C LEU A 110 15.53 -0.14 2.50
N THR A 111 14.30 -0.59 2.25
CA THR A 111 13.18 -0.29 3.12
C THR A 111 13.50 -0.63 4.57
N ALA A 112 14.36 -1.62 4.76
CA ALA A 112 14.75 -2.05 6.10
C ALA A 112 15.87 -1.18 6.65
N GLU A 113 16.70 -0.65 5.76
CA GLU A 113 17.80 0.20 6.16
C GLU A 113 17.31 1.42 6.93
N LEU A 114 16.10 1.88 6.58
CA LEU A 114 15.52 3.04 7.24
C LEU A 114 14.62 2.61 8.41
N ALA A 115 14.11 1.38 8.33
CA ALA A 115 13.24 0.85 9.38
C ALA A 115 13.94 0.89 10.73
N LYS A 116 15.00 0.11 10.87
CA LYS A 116 15.76 0.04 12.11
C LYS A 116 16.25 1.43 12.52
N LYS A 117 16.41 2.30 11.54
CA LYS A 117 16.87 3.67 11.79
C LYS A 117 15.83 4.46 12.56
N ASN A 118 14.56 4.05 12.44
CA ASN A 118 13.48 4.73 13.14
C ASN A 118 13.15 4.01 14.45
N GLY A 119 13.40 2.72 14.50
CA GLY A 119 13.13 1.95 15.71
C GLY A 119 12.26 0.74 15.43
N TYR A 120 11.78 0.62 14.19
CA TYR A 120 10.93 -0.50 13.81
C TYR A 120 11.65 -1.83 14.03
N GLU A 121 11.01 -2.91 13.57
CA GLU A 121 11.59 -4.24 13.72
C GLU A 121 12.25 -4.69 12.41
N GLU A 122 12.21 -3.82 11.41
CA GLU A 122 12.80 -4.12 10.11
C GLU A 122 12.06 -5.27 9.42
N PRO A 123 11.54 -5.00 8.21
CA PRO A 123 10.80 -5.99 7.43
C PRO A 123 11.70 -7.11 6.92
N LEU A 124 11.15 -7.95 6.04
CA LEU A 124 11.90 -9.06 5.48
C LEU A 124 13.22 -8.59 4.90
N GLY A 125 13.20 -7.42 4.25
CA GLY A 125 14.41 -6.87 3.66
C GLY A 125 15.11 -7.87 2.75
N ASP A 126 14.33 -8.65 2.03
CA ASP A 126 14.88 -9.65 1.11
C ASP A 126 14.21 -9.58 -0.24
N LEU A 127 14.09 -8.38 -0.78
CA LEU A 127 13.46 -8.18 -2.08
C LEU A 127 14.35 -7.36 -3.01
N GLN A 128 13.80 -6.93 -4.13
CA GLN A 128 14.55 -6.14 -5.11
C GLN A 128 13.63 -5.20 -5.86
N THR A 129 14.15 -4.59 -6.93
CA THR A 129 13.39 -3.66 -7.74
C THR A 129 12.05 -4.27 -8.15
N VAL A 130 12.11 -5.34 -8.94
CA VAL A 130 10.90 -6.01 -9.40
C VAL A 130 10.92 -7.49 -9.03
N THR A 131 10.03 -7.88 -8.11
CA THR A 131 9.95 -9.26 -7.67
C THR A 131 8.56 -9.84 -7.94
N ASN A 132 8.48 -10.79 -8.87
CA ASN A 132 7.22 -11.42 -9.22
C ASN A 132 6.69 -12.27 -8.06
N LEU A 133 5.90 -11.64 -7.19
CA LEU A 133 5.33 -12.35 -6.04
C LEU A 133 4.10 -13.15 -6.45
N LYS A 134 3.75 -14.13 -5.63
CA LYS A 134 2.59 -14.97 -5.89
C LYS A 134 2.05 -15.58 -4.60
N PHE A 135 0.82 -15.24 -4.26
CA PHE A 135 0.18 -15.75 -3.05
C PHE A 135 -0.92 -16.75 -3.39
N GLY A 136 -0.60 -17.71 -4.25
CA GLY A 136 -1.58 -18.71 -4.65
C GLY A 136 -2.21 -18.40 -5.98
N ASN A 137 -3.49 -18.00 -5.96
CA ASN A 137 -4.22 -17.67 -7.17
C ASN A 137 -4.13 -16.17 -7.47
N MET A 138 -2.93 -15.63 -7.38
CA MET A 138 -2.70 -14.21 -7.65
C MET A 138 -1.32 -13.97 -8.23
N LYS A 139 -1.18 -12.88 -8.98
CA LYS A 139 0.09 -12.53 -9.59
C LYS A 139 0.46 -11.08 -9.31
N VAL A 140 1.56 -10.89 -8.58
CA VAL A 140 2.02 -9.55 -8.24
C VAL A 140 3.44 -9.30 -8.74
N GLU A 141 3.76 -8.04 -9.02
CA GLU A 141 5.09 -7.68 -9.51
C GLU A 141 5.47 -6.28 -9.05
N THR A 142 6.53 -6.19 -8.25
CA THR A 142 7.00 -4.91 -7.75
C THR A 142 7.61 -4.07 -8.86
N PHE A 143 8.10 -2.88 -8.50
CA PHE A 143 8.72 -1.99 -9.48
C PHE A 143 9.29 -0.76 -8.78
N TYR A 144 10.50 -0.37 -9.18
CA TYR A 144 11.16 0.80 -8.61
C TYR A 144 11.41 1.87 -9.66
N PRO A 145 10.46 2.80 -9.80
CA PRO A 145 10.55 3.89 -10.77
C PRO A 145 11.62 4.91 -10.41
N GLY A 146 11.62 5.35 -9.15
CA GLY A 146 12.60 6.31 -8.69
C GLY A 146 12.27 6.86 -7.32
N LYS A 147 13.10 7.79 -6.85
CA LYS A 147 12.90 8.40 -5.54
C LYS A 147 11.78 9.43 -5.58
N GLY A 148 10.80 9.27 -4.70
CA GLY A 148 9.68 10.19 -4.65
C GLY A 148 9.30 10.59 -3.23
N HIS A 149 8.39 9.83 -2.64
CA HIS A 149 7.94 10.11 -1.28
C HIS A 149 9.01 9.70 -0.27
N THR A 150 9.78 8.67 -0.61
CA THR A 150 10.84 8.19 0.26
C THR A 150 12.03 7.68 -0.53
N GLU A 151 13.19 7.62 0.11
CA GLU A 151 14.40 7.14 -0.55
C GLU A 151 14.24 5.70 -1.01
N ASP A 152 13.38 4.96 -0.30
CA ASP A 152 13.14 3.55 -0.63
C ASP A 152 11.68 3.33 -0.97
N ASN A 153 11.15 4.16 -1.86
CA ASN A 153 9.75 4.05 -2.28
C ASN A 153 9.63 3.29 -3.60
N ILE A 154 8.65 2.40 -3.67
CA ILE A 154 8.42 1.61 -4.87
C ILE A 154 6.93 1.49 -5.18
N VAL A 155 6.62 1.00 -6.37
CA VAL A 155 5.23 0.82 -6.80
C VAL A 155 4.92 -0.64 -7.08
N VAL A 156 3.70 -1.05 -6.76
CA VAL A 156 3.27 -2.42 -7.00
C VAL A 156 2.47 -2.54 -8.29
N TRP A 157 2.65 -3.67 -8.98
CA TRP A 157 1.95 -3.90 -10.24
C TRP A 157 1.29 -5.28 -10.24
N LEU A 158 0.15 -5.38 -10.92
CA LEU A 158 -0.57 -6.65 -11.01
C LEU A 158 -0.81 -7.04 -12.45
N PRO A 159 0.06 -7.92 -12.98
CA PRO A 159 -0.03 -8.41 -14.35
C PRO A 159 -1.22 -9.34 -14.56
N GLN A 160 -2.42 -8.75 -14.57
CA GLN A 160 -3.63 -9.53 -14.77
C GLN A 160 -4.87 -8.63 -14.72
N TYR A 161 -4.81 -7.60 -13.88
CA TYR A 161 -5.91 -6.66 -13.74
C TYR A 161 -5.49 -5.25 -14.15
N ASN A 162 -4.19 -5.04 -14.29
CA ASN A 162 -3.66 -3.74 -14.68
C ASN A 162 -3.86 -2.72 -13.57
N ILE A 163 -3.94 -3.20 -12.33
CA ILE A 163 -4.13 -2.32 -11.18
C ILE A 163 -2.80 -2.02 -10.50
N LEU A 164 -2.39 -0.76 -10.54
CA LEU A 164 -1.13 -0.34 -9.92
C LEU A 164 -1.39 0.28 -8.55
N VAL A 165 -0.56 -0.09 -7.58
CA VAL A 165 -0.69 0.42 -6.23
C VAL A 165 0.57 1.19 -5.80
N GLY A 166 0.83 2.29 -6.49
CA GLY A 166 2.00 3.10 -6.16
C GLY A 166 2.08 3.45 -4.69
N GLY A 167 1.01 4.05 -4.17
CA GLY A 167 0.99 4.42 -2.77
C GLY A 167 1.18 5.91 -2.57
N CYS A 168 2.02 6.28 -1.60
CA CYS A 168 2.29 7.68 -1.31
C CYS A 168 2.90 8.38 -2.52
N LEU A 169 3.44 7.58 -3.44
CA LEU A 169 4.06 8.13 -4.64
C LEU A 169 3.01 8.79 -5.55
N VAL A 170 1.94 8.06 -5.81
CA VAL A 170 0.86 8.57 -6.66
C VAL A 170 -0.18 9.31 -5.83
N LYS A 171 -0.53 10.52 -6.26
CA LYS A 171 -1.53 11.32 -5.56
C LYS A 171 -2.87 11.27 -6.27
N SER A 172 -3.95 11.38 -5.50
CA SER A 172 -5.29 11.35 -6.06
C SER A 172 -5.62 12.66 -6.77
N THR A 173 -6.66 12.62 -7.61
CA THR A 173 -7.07 13.81 -8.36
C THR A 173 -7.67 14.85 -7.44
N SER A 174 -8.21 14.40 -6.31
CA SER A 174 -8.83 15.30 -5.34
C SER A 174 -7.76 16.09 -4.58
N ALA A 175 -6.57 15.51 -4.48
CA ALA A 175 -5.47 16.16 -3.77
C ALA A 175 -5.19 17.54 -4.35
N LYS A 176 -4.24 18.24 -3.75
CA LYS A 176 -3.87 19.59 -4.20
C LYS A 176 -2.37 19.69 -4.42
N ASP A 177 -1.60 19.08 -3.52
CA ASP A 177 -0.15 19.11 -3.62
C ASP A 177 0.47 17.89 -2.94
N LEU A 178 1.80 17.83 -2.92
CA LEU A 178 2.50 16.72 -2.30
C LEU A 178 2.60 16.91 -0.78
N GLY A 179 2.84 18.15 -0.37
CA GLY A 179 2.95 18.45 1.05
C GLY A 179 4.39 18.45 1.53
N ASN A 180 4.58 18.21 2.83
CA ASN A 180 5.92 18.19 3.40
C ASN A 180 6.83 17.23 2.64
N VAL A 181 7.90 17.78 2.06
CA VAL A 181 8.85 16.97 1.30
C VAL A 181 10.23 16.99 1.95
N ALA A 182 10.24 17.11 3.28
CA ALA A 182 11.49 17.13 4.02
C ALA A 182 12.25 15.83 3.87
N ASP A 183 11.51 14.72 3.80
CA ASP A 183 12.12 13.40 3.65
C ASP A 183 11.71 12.76 2.33
N ALA A 184 11.61 13.58 1.29
CA ALA A 184 11.23 13.10 -0.03
C ALA A 184 12.06 13.77 -1.12
N TYR A 185 11.99 13.22 -2.33
CA TYR A 185 12.74 13.76 -3.46
C TYR A 185 11.79 14.33 -4.52
N VAL A 186 11.51 15.63 -4.41
CA VAL A 186 10.62 16.29 -5.36
C VAL A 186 11.27 16.40 -6.73
N ASN A 187 12.60 16.36 -6.76
CA ASN A 187 13.34 16.46 -8.01
C ASN A 187 13.36 15.12 -8.73
N GLU A 188 13.22 14.04 -7.98
CA GLU A 188 13.24 12.69 -8.54
C GLU A 188 11.81 12.18 -8.74
N TRP A 189 10.88 12.71 -7.96
CA TRP A 189 9.49 12.31 -8.04
C TRP A 189 8.99 12.37 -9.48
N SER A 190 9.16 13.52 -10.12
CA SER A 190 8.71 13.71 -11.50
C SER A 190 9.27 12.61 -12.39
N THR A 191 10.50 12.18 -12.10
CA THR A 191 11.15 11.13 -12.88
C THR A 191 10.53 9.77 -12.58
N SER A 192 10.16 9.55 -11.34
CA SER A 192 9.57 8.28 -10.92
C SER A 192 8.22 8.06 -11.61
N ILE A 193 7.33 9.05 -11.46
CA ILE A 193 6.00 8.97 -12.07
C ILE A 193 6.10 8.77 -13.58
N GLU A 194 7.03 9.48 -14.21
CA GLU A 194 7.24 9.39 -15.65
C GLU A 194 7.62 7.96 -16.05
N ASN A 195 8.09 7.18 -15.09
CA ASN A 195 8.49 5.81 -15.34
C ASN A 195 7.34 4.84 -15.06
N VAL A 196 6.46 5.22 -14.13
CA VAL A 196 5.32 4.40 -13.77
C VAL A 196 4.18 4.59 -14.77
N LEU A 197 4.17 5.73 -15.44
CA LEU A 197 3.13 6.04 -16.42
C LEU A 197 3.61 5.71 -17.84
N LYS A 198 4.84 5.25 -17.94
CA LYS A 198 5.43 4.91 -19.24
C LYS A 198 5.86 3.44 -19.26
N ARG A 199 5.78 2.79 -18.11
CA ARG A 199 6.17 1.39 -18.01
C ARG A 199 4.98 0.47 -18.29
N TYR A 200 3.77 0.99 -18.09
CA TYR A 200 2.55 0.23 -18.31
C TYR A 200 1.70 0.87 -19.40
N ARG A 201 1.16 2.05 -19.10
CA ARG A 201 0.32 2.77 -20.04
C ARG A 201 -0.95 1.99 -20.36
N ASN A 202 -1.37 1.16 -19.41
CA ASN A 202 -2.57 0.35 -19.59
C ASN A 202 -3.24 0.07 -18.24
N ILE A 203 -2.98 0.92 -17.26
CA ILE A 203 -3.55 0.76 -15.93
C ILE A 203 -5.07 0.88 -15.97
N ASN A 204 -5.73 0.11 -15.11
CA ASN A 204 -7.19 0.12 -15.04
C ASN A 204 -7.67 0.91 -13.82
N ALA A 205 -6.84 0.95 -12.79
CA ALA A 205 -7.18 1.67 -11.56
C ALA A 205 -5.93 1.97 -10.74
N VAL A 206 -5.78 3.23 -10.36
CA VAL A 206 -4.62 3.65 -9.57
C VAL A 206 -5.03 3.98 -8.14
N VAL A 207 -4.38 3.32 -7.18
CA VAL A 207 -4.68 3.54 -5.77
C VAL A 207 -3.54 4.29 -5.08
N PRO A 208 -3.76 5.58 -4.82
CA PRO A 208 -2.76 6.44 -4.16
C PRO A 208 -2.57 6.07 -2.69
N GLY A 209 -1.83 6.91 -1.98
CA GLY A 209 -1.58 6.66 -0.56
C GLY A 209 -2.43 7.53 0.34
N HIS A 210 -2.83 8.69 -0.16
CA HIS A 210 -3.64 9.62 0.60
C HIS A 210 -4.65 10.34 -0.30
N GLY A 211 -5.81 9.70 -0.50
CA GLY A 211 -6.83 10.29 -1.34
C GLY A 211 -7.94 9.31 -1.69
N GLU A 212 -7.90 8.78 -2.91
CA GLU A 212 -8.91 7.82 -3.35
C GLU A 212 -8.49 7.19 -4.68
N VAL A 213 -9.07 6.02 -4.97
CA VAL A 213 -8.76 5.32 -6.21
C VAL A 213 -9.26 6.08 -7.42
N GLY A 214 -8.55 5.96 -8.54
CA GLY A 214 -8.93 6.65 -9.75
C GLY A 214 -8.47 5.93 -11.00
N ASP A 215 -7.46 6.48 -11.67
CA ASP A 215 -6.92 5.88 -12.88
C ASP A 215 -5.51 6.37 -13.15
N LYS A 216 -4.99 6.07 -14.34
CA LYS A 216 -3.65 6.48 -14.72
C LYS A 216 -3.51 7.99 -14.63
N GLY A 217 -4.63 8.70 -14.67
CA GLY A 217 -4.60 10.14 -14.59
C GLY A 217 -3.87 10.64 -13.36
N LEU A 218 -3.98 9.89 -12.27
CA LEU A 218 -3.32 10.26 -11.02
C LEU A 218 -1.85 10.57 -11.24
N LEU A 219 -1.17 9.69 -11.97
CA LEU A 219 0.24 9.87 -12.27
C LEU A 219 0.50 11.24 -12.89
N LEU A 220 -0.36 11.64 -13.82
CA LEU A 220 -0.22 12.93 -14.48
C LEU A 220 -0.46 14.07 -13.51
N HIS A 221 -1.45 13.92 -12.65
CA HIS A 221 -1.77 14.94 -11.65
C HIS A 221 -0.60 15.16 -10.70
N THR A 222 0.09 14.07 -10.37
CA THR A 222 1.24 14.15 -9.46
C THR A 222 2.29 15.12 -9.98
N LEU A 223 2.59 15.02 -11.27
CA LEU A 223 3.59 15.89 -11.89
C LEU A 223 3.22 17.35 -11.70
N ASP A 224 1.93 17.65 -11.83
CA ASP A 224 1.45 19.02 -11.67
C ASP A 224 1.84 19.58 -10.30
N LEU A 225 1.71 18.75 -9.28
CA LEU A 225 2.05 19.15 -7.92
C LEU A 225 3.55 19.45 -7.79
N LEU A 226 4.34 18.84 -8.65
CA LEU A 226 5.78 19.04 -8.63
C LEU A 226 6.17 20.27 -9.46
N LYS A 227 5.55 20.41 -10.62
CA LYS A 227 5.82 21.54 -11.51
C LYS A 227 5.01 22.76 -11.09
N SER A 1 -25.62 -23.45 5.36
CA SER A 1 -25.17 -22.07 5.31
C SER A 1 -25.86 -21.32 4.17
N GLN A 2 -25.76 -19.98 4.21
CA GLN A 2 -26.37 -19.15 3.18
C GLN A 2 -25.37 -18.13 2.66
N LYS A 3 -25.81 -17.33 1.69
CA LYS A 3 -24.96 -16.30 1.10
C LYS A 3 -25.53 -14.92 1.34
N VAL A 4 -24.69 -13.90 1.20
CA VAL A 4 -25.11 -12.51 1.40
C VAL A 4 -24.40 -11.58 0.42
N GLU A 5 -25.15 -10.61 -0.11
CA GLU A 5 -24.60 -9.65 -1.05
C GLU A 5 -24.24 -8.35 -0.35
N LYS A 6 -23.09 -8.34 0.32
CA LYS A 6 -22.62 -7.15 1.04
C LYS A 6 -21.13 -6.95 0.83
N THR A 7 -20.70 -5.69 0.90
CA THR A 7 -19.29 -5.35 0.72
C THR A 7 -18.90 -4.15 1.58
N VAL A 8 -17.64 -3.74 1.47
CA VAL A 8 -17.13 -2.62 2.24
C VAL A 8 -17.24 -2.88 3.74
N ILE A 9 -16.13 -3.29 4.34
CA ILE A 9 -16.10 -3.57 5.77
C ILE A 9 -15.70 -2.33 6.57
N LYS A 10 -16.13 -2.28 7.82
CA LYS A 10 -15.81 -1.15 8.69
C LYS A 10 -15.64 -1.61 10.14
N ASN A 11 -14.74 -0.95 10.87
CA ASN A 11 -14.48 -1.30 12.25
C ASN A 11 -15.51 -0.64 13.17
N GLU A 12 -15.57 -1.13 14.41
CA GLU A 12 -16.52 -0.59 15.38
C GLU A 12 -16.39 0.93 15.48
N THR A 13 -15.16 1.42 15.38
CA THR A 13 -14.90 2.86 15.47
C THR A 13 -15.03 3.52 14.10
N GLY A 14 -14.77 2.74 13.05
CA GLY A 14 -14.86 3.26 11.70
C GLY A 14 -13.52 3.76 11.18
N THR A 15 -12.55 3.89 12.08
CA THR A 15 -11.22 4.37 11.70
C THR A 15 -10.67 3.57 10.52
N ILE A 16 -11.03 2.29 10.45
CA ILE A 16 -10.58 1.43 9.38
C ILE A 16 -11.75 0.85 8.60
N SER A 17 -11.55 0.62 7.31
CA SER A 17 -12.60 0.07 6.45
C SER A 17 -12.01 -0.40 5.12
N ILE A 18 -12.82 -1.10 4.35
CA ILE A 18 -12.39 -1.61 3.05
C ILE A 18 -13.48 -1.41 1.99
N SER A 19 -13.21 -1.91 0.79
CA SER A 19 -14.17 -1.78 -0.31
C SER A 19 -13.79 -2.71 -1.46
N GLN A 20 -14.79 -3.39 -2.01
CA GLN A 20 -14.57 -4.31 -3.12
C GLN A 20 -14.25 -3.56 -4.40
N LEU A 21 -13.05 -3.78 -4.93
CA LEU A 21 -12.63 -3.12 -6.16
C LEU A 21 -12.73 -4.05 -7.36
N ASN A 22 -12.26 -5.29 -7.18
CA ASN A 22 -12.30 -6.28 -8.24
C ASN A 22 -12.61 -7.66 -7.67
N LYS A 23 -12.47 -8.69 -8.51
CA LYS A 23 -12.73 -10.06 -8.10
C LYS A 23 -11.99 -10.39 -6.81
N ASN A 24 -10.69 -10.11 -6.78
CA ASN A 24 -9.88 -10.37 -5.61
C ASN A 24 -9.01 -9.16 -5.25
N VAL A 25 -9.58 -7.96 -5.43
CA VAL A 25 -8.87 -6.72 -5.13
C VAL A 25 -9.74 -5.77 -4.33
N TRP A 26 -9.26 -5.39 -3.14
CA TRP A 26 -9.99 -4.47 -2.28
C TRP A 26 -9.11 -3.30 -1.86
N VAL A 27 -9.76 -2.21 -1.45
CA VAL A 27 -9.04 -1.02 -1.02
C VAL A 27 -9.35 -0.68 0.42
N HIS A 28 -8.38 -0.90 1.31
CA HIS A 28 -8.56 -0.61 2.72
C HIS A 28 -7.86 0.69 3.11
N THR A 29 -8.49 1.46 3.99
CA THR A 29 -7.93 2.73 4.44
C THR A 29 -8.15 2.94 5.93
N GLU A 30 -7.09 3.29 6.64
CA GLU A 30 -7.17 3.52 8.08
C GLU A 30 -6.72 4.93 8.43
N LEU A 31 -6.92 5.31 9.70
CA LEU A 31 -6.53 6.64 10.16
C LEU A 31 -5.46 6.55 11.24
N GLY A 32 -4.58 7.53 11.27
CA GLY A 32 -3.52 7.55 12.27
C GLY A 32 -3.37 8.90 12.96
N SER A 33 -2.18 9.48 12.89
CA SER A 33 -1.92 10.77 13.50
C SER A 33 -1.00 11.62 12.62
N PHE A 34 -1.13 12.93 12.74
CA PHE A 34 -0.31 13.86 11.96
C PHE A 34 -0.52 15.29 12.43
N ASN A 35 0.46 15.82 13.16
CA ASN A 35 0.39 17.18 13.67
C ASN A 35 -0.93 17.43 14.40
N GLY A 36 -1.20 16.60 15.42
CA GLY A 36 -2.42 16.75 16.18
C GLY A 36 -3.66 16.58 15.32
N GLU A 37 -3.53 15.81 14.23
CA GLU A 37 -4.64 15.58 13.33
C GLU A 37 -4.51 14.23 12.63
N ALA A 38 -5.47 13.36 12.84
CA ALA A 38 -5.46 12.03 12.22
C ALA A 38 -5.31 12.13 10.71
N VAL A 39 -4.48 11.26 10.14
CA VAL A 39 -4.23 11.25 8.71
C VAL A 39 -4.54 9.88 8.11
N PRO A 40 -5.40 9.87 7.08
CA PRO A 40 -5.80 8.63 6.39
C PRO A 40 -4.66 8.03 5.59
N SER A 41 -4.66 6.69 5.48
CA SER A 41 -3.62 5.99 4.74
C SER A 41 -4.22 4.92 3.85
N ASN A 42 -4.36 5.24 2.56
CA ASN A 42 -4.92 4.31 1.59
C ASN A 42 -4.23 2.95 1.66
N GLY A 43 -4.78 1.97 0.97
CA GLY A 43 -4.20 0.64 0.97
C GLY A 43 -4.89 -0.29 0.01
N LEU A 44 -4.51 -1.57 0.04
CA LEU A 44 -5.10 -2.57 -0.85
C LEU A 44 -4.94 -3.96 -0.26
N VAL A 45 -5.99 -4.78 -0.42
CA VAL A 45 -5.97 -6.15 0.08
C VAL A 45 -6.29 -7.15 -1.03
N LEU A 46 -5.46 -8.19 -1.12
CA LEU A 46 -5.66 -9.22 -2.14
C LEU A 46 -6.40 -10.42 -1.57
N ASN A 47 -7.46 -10.83 -2.26
CA ASN A 47 -8.27 -11.97 -1.81
C ASN A 47 -7.79 -13.26 -2.48
N THR A 48 -6.52 -13.59 -2.28
CA THR A 48 -5.93 -14.79 -2.85
C THR A 48 -6.54 -16.05 -2.22
N SER A 49 -6.31 -17.19 -2.87
CA SER A 49 -6.84 -18.46 -2.38
C SER A 49 -5.79 -19.19 -1.54
N LYS A 50 -4.88 -18.44 -0.95
CA LYS A 50 -3.82 -19.01 -0.13
C LYS A 50 -3.43 -18.06 1.01
N GLY A 51 -4.39 -17.24 1.43
CA GLY A 51 -4.14 -16.30 2.50
C GLY A 51 -4.14 -14.86 2.03
N LEU A 52 -4.99 -14.04 2.64
CA LEU A 52 -5.10 -12.63 2.27
C LEU A 52 -3.72 -11.97 2.26
N VAL A 53 -3.62 -10.85 1.55
CA VAL A 53 -2.37 -10.11 1.47
C VAL A 53 -2.60 -8.61 1.54
N LEU A 54 -1.73 -7.90 2.25
CA LEU A 54 -1.85 -6.46 2.39
C LEU A 54 -0.67 -5.75 1.72
N VAL A 55 -0.98 -4.76 0.89
CA VAL A 55 0.04 -4.01 0.19
C VAL A 55 0.64 -2.92 1.08
N ASP A 56 0.15 -2.85 2.32
CA ASP A 56 0.63 -1.86 3.27
C ASP A 56 -0.05 -2.03 4.62
N SER A 57 0.74 -2.09 5.68
CA SER A 57 0.21 -2.25 7.03
C SER A 57 -0.50 -0.98 7.50
N SER A 58 -0.79 -0.91 8.79
CA SER A 58 -1.47 0.24 9.36
C SER A 58 -0.46 1.26 9.90
N TRP A 59 -0.96 2.24 10.63
CA TRP A 59 -0.11 3.27 11.21
C TRP A 59 0.66 2.74 12.41
N ASP A 60 0.01 1.87 13.18
CA ASP A 60 0.62 1.29 14.36
C ASP A 60 0.16 -0.16 14.56
N ASP A 61 0.89 -0.90 15.40
CA ASP A 61 0.54 -2.29 15.67
C ASP A 61 -0.86 -2.41 16.24
N LYS A 62 -1.26 -1.42 17.04
CA LYS A 62 -2.58 -1.41 17.65
C LYS A 62 -3.65 -1.06 16.63
N LEU A 63 -3.25 -0.36 15.57
CA LEU A 63 -4.17 0.04 14.52
C LEU A 63 -4.38 -1.09 13.51
N THR A 64 -3.28 -1.77 13.16
CA THR A 64 -3.34 -2.87 12.21
C THR A 64 -4.05 -4.07 12.82
N LYS A 65 -4.01 -4.18 14.14
CA LYS A 65 -4.65 -5.29 14.83
C LYS A 65 -6.13 -5.39 14.44
N GLU A 66 -6.79 -4.25 14.37
CA GLU A 66 -8.21 -4.22 14.00
C GLU A 66 -8.38 -4.25 12.49
N LEU A 67 -7.29 -4.01 11.77
CA LEU A 67 -7.32 -4.02 10.30
C LEU A 67 -7.35 -5.44 9.76
N ILE A 68 -6.48 -6.29 10.31
CA ILE A 68 -6.41 -7.68 9.88
C ILE A 68 -7.62 -8.48 10.38
N GLU A 69 -8.14 -8.09 11.54
CA GLU A 69 -9.30 -8.75 12.11
C GLU A 69 -10.51 -8.61 11.20
N MET A 70 -10.53 -7.55 10.40
CA MET A 70 -11.63 -7.30 9.48
C MET A 70 -11.56 -8.21 8.27
N VAL A 71 -10.46 -8.13 7.54
CA VAL A 71 -10.26 -8.96 6.35
C VAL A 71 -10.39 -10.44 6.69
N GLU A 72 -9.98 -10.81 7.90
CA GLU A 72 -10.05 -12.20 8.34
C GLU A 72 -11.39 -12.49 8.99
N LYS A 73 -12.47 -12.09 8.31
CA LYS A 73 -13.82 -12.32 8.83
C LYS A 73 -14.79 -12.62 7.68
N LYS A 74 -14.65 -11.88 6.59
CA LYS A 74 -15.51 -12.08 5.43
C LYS A 74 -14.80 -12.88 4.34
N PHE A 75 -13.47 -12.81 4.35
CA PHE A 75 -12.66 -13.53 3.37
C PHE A 75 -12.33 -14.94 3.86
N GLN A 76 -12.96 -15.34 4.96
CA GLN A 76 -12.73 -16.65 5.53
C GLN A 76 -11.29 -17.11 5.30
N LYS A 77 -10.34 -16.20 5.57
CA LYS A 77 -8.93 -16.51 5.40
C LYS A 77 -8.08 -15.78 6.43
N ARG A 78 -6.77 -15.92 6.32
CA ARG A 78 -5.84 -15.28 7.25
C ARG A 78 -4.69 -14.63 6.51
N VAL A 79 -4.41 -13.36 6.83
CA VAL A 79 -3.33 -12.63 6.19
C VAL A 79 -1.97 -13.23 6.55
N THR A 80 -1.16 -13.49 5.54
CA THR A 80 0.16 -14.07 5.75
C THR A 80 1.20 -13.40 4.84
N ASP A 81 0.88 -12.22 4.35
CA ASP A 81 1.78 -11.47 3.47
C ASP A 81 1.51 -9.97 3.56
N VAL A 82 2.57 -9.20 3.78
CA VAL A 82 2.44 -7.75 3.88
C VAL A 82 3.52 -7.05 3.06
N ILE A 83 3.15 -6.62 1.85
CA ILE A 83 4.08 -5.94 0.97
C ILE A 83 4.32 -4.51 1.44
N ILE A 84 5.60 -4.17 1.64
CA ILE A 84 5.97 -2.82 2.08
C ILE A 84 6.69 -2.07 0.98
N THR A 85 6.21 -0.87 0.67
CA THR A 85 6.82 -0.04 -0.36
C THR A 85 7.99 0.75 0.20
N HIS A 86 7.75 1.49 1.28
CA HIS A 86 8.79 2.30 1.90
C HIS A 86 8.76 2.14 3.43
N ALA A 87 9.80 2.63 4.09
CA ALA A 87 9.88 2.54 5.54
C ALA A 87 9.21 3.74 6.20
N HIS A 88 7.99 3.52 6.68
CA HIS A 88 7.23 4.58 7.34
C HIS A 88 6.20 4.00 8.30
N ALA A 89 5.73 4.82 9.23
CA ALA A 89 4.75 4.39 10.22
C ALA A 89 3.50 3.85 9.53
N ASP A 90 3.23 4.34 8.33
CA ASP A 90 2.06 3.90 7.58
C ASP A 90 2.40 2.72 6.67
N ARG A 91 3.57 2.12 6.91
CA ARG A 91 4.01 0.98 6.12
C ARG A 91 4.38 -0.20 7.02
N ILE A 92 5.22 0.06 8.01
CA ILE A 92 5.64 -0.98 8.95
C ILE A 92 5.22 -0.64 10.38
N GLY A 93 4.30 0.30 10.50
CA GLY A 93 3.82 0.70 11.82
C GLY A 93 3.37 -0.50 12.65
N GLY A 94 2.82 -1.50 11.99
CA GLY A 94 2.36 -2.69 12.69
C GLY A 94 3.29 -3.87 12.51
N ILE A 95 4.51 -3.60 12.08
CA ILE A 95 5.50 -4.64 11.86
C ILE A 95 5.54 -5.62 13.03
N LYS A 96 5.25 -5.12 14.22
CA LYS A 96 5.24 -5.95 15.42
C LYS A 96 4.15 -7.00 15.35
N THR A 97 2.91 -6.56 15.13
CA THR A 97 1.79 -7.48 15.03
C THR A 97 1.98 -8.48 13.90
N LEU A 98 2.48 -8.00 12.77
CA LEU A 98 2.72 -8.85 11.61
C LEU A 98 3.63 -10.02 11.97
N LYS A 99 4.52 -9.81 12.94
CA LYS A 99 5.43 -10.84 13.39
C LYS A 99 4.95 -11.47 14.70
N GLU A 100 3.65 -11.39 14.94
CA GLU A 100 3.05 -11.96 16.15
C GLU A 100 2.07 -13.08 15.80
N ARG A 101 1.50 -13.00 14.60
CA ARG A 101 0.54 -14.01 14.15
C ARG A 101 1.18 -14.96 13.14
N GLY A 102 2.25 -14.49 12.50
CA GLY A 102 2.94 -15.31 11.52
C GLY A 102 2.99 -14.65 10.15
N ILE A 103 2.70 -13.36 10.11
CA ILE A 103 2.72 -12.61 8.86
C ILE A 103 4.13 -12.18 8.50
N LYS A 104 4.37 -11.95 7.21
CA LYS A 104 5.68 -11.52 6.74
C LYS A 104 5.59 -10.18 6.03
N ALA A 105 6.32 -9.19 6.55
CA ALA A 105 6.32 -7.86 5.96
C ALA A 105 7.35 -7.75 4.84
N HIS A 106 6.98 -8.22 3.66
CA HIS A 106 7.87 -8.18 2.51
C HIS A 106 8.36 -6.76 2.24
N SER A 107 9.58 -6.65 1.75
CA SER A 107 10.16 -5.34 1.45
C SER A 107 11.58 -5.48 0.91
N THR A 108 12.07 -4.44 0.26
CA THR A 108 13.41 -4.44 -0.31
C THR A 108 14.46 -4.05 0.73
N ALA A 109 15.72 -4.39 0.45
CA ALA A 109 16.81 -4.08 1.36
C ALA A 109 16.80 -2.60 1.74
N LEU A 110 16.65 -1.75 0.73
CA LEU A 110 16.63 -0.29 0.96
C LEU A 110 15.49 0.09 1.90
N THR A 111 14.31 -0.48 1.65
CA THR A 111 13.14 -0.21 2.47
C THR A 111 13.44 -0.42 3.95
N ALA A 112 14.09 -1.54 4.27
CA ALA A 112 14.44 -1.86 5.65
C ALA A 112 15.57 -0.97 6.15
N GLU A 113 16.33 -0.41 5.21
CA GLU A 113 17.44 0.47 5.56
C GLU A 113 16.96 1.66 6.39
N LEU A 114 15.79 2.18 6.04
CA LEU A 114 15.22 3.32 6.75
C LEU A 114 14.39 2.86 7.94
N ALA A 115 13.85 1.65 7.84
CA ALA A 115 13.03 1.09 8.92
C ALA A 115 13.76 1.17 10.26
N LYS A 116 14.86 0.43 10.37
CA LYS A 116 15.64 0.41 11.60
C LYS A 116 16.07 1.83 11.99
N LYS A 117 16.16 2.71 11.00
CA LYS A 117 16.55 4.09 11.24
C LYS A 117 15.54 4.79 12.15
N ASN A 118 14.32 4.27 12.18
CA ASN A 118 13.27 4.85 13.01
C ASN A 118 13.15 4.10 14.33
N GLY A 119 13.31 2.78 14.28
CA GLY A 119 13.22 1.97 15.48
C GLY A 119 12.33 0.75 15.30
N TYR A 120 11.74 0.63 14.11
CA TYR A 120 10.86 -0.49 13.81
C TYR A 120 11.59 -1.82 13.96
N GLU A 121 10.93 -2.91 13.57
CA GLU A 121 11.51 -4.23 13.66
C GLU A 121 12.17 -4.62 12.34
N GLU A 122 12.06 -3.75 11.34
CA GLU A 122 12.64 -4.01 10.03
C GLU A 122 11.94 -5.18 9.35
N PRO A 123 11.46 -4.96 8.12
CA PRO A 123 10.77 -5.99 7.34
C PRO A 123 11.71 -7.09 6.86
N LEU A 124 11.20 -7.96 6.00
CA LEU A 124 12.00 -9.06 5.46
C LEU A 124 13.32 -8.55 4.89
N GLY A 125 13.26 -7.39 4.23
CA GLY A 125 14.46 -6.83 3.64
C GLY A 125 15.20 -7.80 2.75
N ASP A 126 14.45 -8.53 1.93
CA ASP A 126 15.04 -9.51 1.03
C ASP A 126 14.37 -9.47 -0.34
N LEU A 127 14.39 -8.31 -0.97
CA LEU A 127 13.78 -8.14 -2.29
C LEU A 127 14.68 -7.31 -3.20
N GLN A 128 14.15 -6.94 -4.37
CA GLN A 128 14.91 -6.15 -5.33
C GLN A 128 14.00 -5.15 -6.04
N THR A 129 14.52 -4.55 -7.10
CA THR A 129 13.76 -3.57 -7.88
C THR A 129 12.39 -4.11 -8.25
N VAL A 130 12.37 -5.16 -9.05
CA VAL A 130 11.12 -5.78 -9.48
C VAL A 130 11.06 -7.25 -9.09
N THR A 131 10.19 -7.59 -8.15
CA THR A 131 10.05 -8.96 -7.69
C THR A 131 8.71 -9.54 -8.11
N ASN A 132 8.74 -10.55 -8.98
CA ASN A 132 7.52 -11.19 -9.46
C ASN A 132 6.93 -12.11 -8.39
N LEU A 133 5.90 -11.61 -7.70
CA LEU A 133 5.26 -12.39 -6.65
C LEU A 133 4.08 -13.20 -7.22
N LYS A 134 3.77 -14.31 -6.57
CA LYS A 134 2.67 -15.17 -7.01
C LYS A 134 2.07 -15.92 -5.83
N PHE A 135 0.86 -15.52 -5.44
CA PHE A 135 0.17 -16.15 -4.32
C PHE A 135 -0.98 -17.02 -4.82
N GLY A 136 -1.83 -17.46 -3.89
CA GLY A 136 -2.96 -18.29 -4.25
C GLY A 136 -3.77 -17.71 -5.39
N ASN A 137 -3.57 -18.24 -6.59
CA ASN A 137 -4.28 -17.78 -7.77
C ASN A 137 -4.18 -16.25 -7.90
N MET A 138 -2.94 -15.76 -7.95
CA MET A 138 -2.70 -14.33 -8.08
C MET A 138 -1.31 -14.06 -8.65
N LYS A 139 -1.19 -12.98 -9.41
CA LYS A 139 0.08 -12.61 -10.02
C LYS A 139 0.42 -11.15 -9.72
N VAL A 140 1.57 -10.92 -9.08
CA VAL A 140 2.00 -9.58 -8.74
C VAL A 140 3.45 -9.34 -9.18
N GLU A 141 3.81 -8.07 -9.33
CA GLU A 141 5.16 -7.72 -9.75
C GLU A 141 5.53 -6.32 -9.26
N THR A 142 6.55 -6.24 -8.42
CA THR A 142 6.99 -4.96 -7.88
C THR A 142 7.65 -4.11 -8.96
N PHE A 143 8.13 -2.93 -8.56
CA PHE A 143 8.78 -2.02 -9.50
C PHE A 143 9.33 -0.80 -8.77
N TYR A 144 10.55 -0.41 -9.13
CA TYR A 144 11.21 0.73 -8.51
C TYR A 144 11.47 1.83 -9.54
N PRO A 145 10.53 2.79 -9.63
CA PRO A 145 10.63 3.91 -10.56
C PRO A 145 11.74 4.89 -10.18
N GLY A 146 11.74 5.30 -8.91
CA GLY A 146 12.75 6.23 -8.43
C GLY A 146 12.44 6.77 -7.05
N LYS A 147 13.14 7.82 -6.65
CA LYS A 147 12.93 8.44 -5.34
C LYS A 147 11.83 9.49 -5.41
N GLY A 148 10.81 9.34 -4.57
CA GLY A 148 9.71 10.29 -4.56
C GLY A 148 9.33 10.71 -3.15
N HIS A 149 8.46 9.92 -2.52
CA HIS A 149 8.01 10.21 -1.17
C HIS A 149 9.02 9.71 -0.13
N THR A 150 9.80 8.70 -0.52
CA THR A 150 10.81 8.15 0.37
C THR A 150 12.03 7.67 -0.41
N GLU A 151 13.17 7.58 0.26
CA GLU A 151 14.40 7.13 -0.38
C GLU A 151 14.28 5.68 -0.84
N ASP A 152 13.38 4.94 -0.21
CA ASP A 152 13.16 3.54 -0.56
C ASP A 152 11.69 3.28 -0.86
N ASN A 153 11.15 4.03 -1.81
CA ASN A 153 9.75 3.89 -2.21
C ASN A 153 9.65 3.14 -3.53
N ILE A 154 8.61 2.31 -3.65
CA ILE A 154 8.39 1.53 -4.87
C ILE A 154 6.91 1.42 -5.18
N VAL A 155 6.59 0.89 -6.36
CA VAL A 155 5.20 0.73 -6.79
C VAL A 155 4.89 -0.74 -7.06
N VAL A 156 3.67 -1.15 -6.72
CA VAL A 156 3.25 -2.53 -6.93
C VAL A 156 2.39 -2.65 -8.19
N TRP A 157 2.74 -3.59 -9.05
CA TRP A 157 2.00 -3.81 -10.29
C TRP A 157 1.35 -5.19 -10.30
N LEU A 158 0.18 -5.28 -10.91
CA LEU A 158 -0.55 -6.54 -11.00
C LEU A 158 -0.79 -6.94 -12.45
N PRO A 159 0.09 -7.80 -12.98
CA PRO A 159 -0.01 -8.29 -14.36
C PRO A 159 -1.21 -9.21 -14.57
N GLN A 160 -2.40 -8.64 -14.53
CA GLN A 160 -3.63 -9.42 -14.71
C GLN A 160 -4.86 -8.53 -14.59
N TYR A 161 -4.77 -7.51 -13.73
CA TYR A 161 -5.88 -6.61 -13.52
C TYR A 161 -5.49 -5.18 -13.92
N ASN A 162 -4.20 -4.97 -14.14
CA ASN A 162 -3.71 -3.65 -14.53
C ASN A 162 -3.83 -2.66 -13.39
N ILE A 163 -3.96 -3.17 -12.17
CA ILE A 163 -4.10 -2.33 -10.99
C ILE A 163 -2.73 -1.93 -10.44
N LEU A 164 -2.41 -0.65 -10.51
CA LEU A 164 -1.14 -0.13 -10.02
C LEU A 164 -1.29 0.46 -8.63
N VAL A 165 -0.52 -0.05 -7.67
CA VAL A 165 -0.57 0.43 -6.29
C VAL A 165 0.76 1.07 -5.89
N GLY A 166 1.00 2.28 -6.40
CA GLY A 166 2.24 2.97 -6.09
C GLY A 166 2.32 3.37 -4.63
N GLY A 167 1.27 4.00 -4.12
CA GLY A 167 1.24 4.43 -2.73
C GLY A 167 1.40 5.93 -2.58
N CYS A 168 2.16 6.34 -1.57
CA CYS A 168 2.38 7.75 -1.31
C CYS A 168 3.01 8.43 -2.52
N LEU A 169 3.66 7.64 -3.37
CA LEU A 169 4.30 8.16 -4.57
C LEU A 169 3.28 8.78 -5.51
N VAL A 170 2.20 8.05 -5.77
CA VAL A 170 1.14 8.54 -6.66
C VAL A 170 0.07 9.29 -5.87
N LYS A 171 -0.22 10.51 -6.30
CA LYS A 171 -1.23 11.33 -5.64
C LYS A 171 -2.59 11.16 -6.31
N SER A 172 -3.65 11.21 -5.51
CA SER A 172 -5.01 11.06 -6.01
C SER A 172 -5.43 12.31 -6.78
N THR A 173 -6.50 12.17 -7.57
CA THR A 173 -7.01 13.29 -8.35
C THR A 173 -7.57 14.39 -7.46
N SER A 174 -8.18 13.98 -6.35
CA SER A 174 -8.76 14.93 -5.40
C SER A 174 -7.67 15.71 -4.68
N ALA A 175 -6.51 15.09 -4.55
CA ALA A 175 -5.38 15.72 -3.87
C ALA A 175 -5.07 17.09 -4.48
N LYS A 176 -4.23 17.86 -3.80
CA LYS A 176 -3.84 19.18 -4.27
C LYS A 176 -2.33 19.37 -4.23
N ASP A 177 -1.71 18.89 -3.16
CA ASP A 177 -0.27 18.99 -3.00
C ASP A 177 0.32 17.68 -2.48
N LEU A 178 1.63 17.56 -2.55
CA LEU A 178 2.32 16.36 -2.08
C LEU A 178 2.32 16.29 -0.56
N GLY A 179 2.25 17.45 0.08
CA GLY A 179 2.25 17.51 1.53
C GLY A 179 3.65 17.49 2.11
N ASN A 180 4.42 18.53 1.84
CA ASN A 180 5.78 18.63 2.34
C ASN A 180 6.65 17.52 1.76
N VAL A 181 7.96 17.72 1.81
CA VAL A 181 8.91 16.74 1.30
C VAL A 181 10.24 16.80 2.05
N ALA A 182 10.16 16.99 3.36
CA ALA A 182 11.35 17.06 4.20
C ALA A 182 12.24 15.85 3.99
N ASP A 183 11.63 14.67 3.87
CA ASP A 183 12.37 13.43 3.67
C ASP A 183 11.97 12.77 2.35
N ALA A 184 11.79 13.59 1.31
CA ALA A 184 11.41 13.07 0.00
C ALA A 184 12.32 13.63 -1.09
N TYR A 185 12.15 13.13 -2.31
CA TYR A 185 12.97 13.56 -3.44
C TYR A 185 12.09 14.14 -4.55
N VAL A 186 11.84 15.44 -4.47
CA VAL A 186 11.02 16.12 -5.47
C VAL A 186 11.73 16.20 -6.81
N ASN A 187 13.05 16.07 -6.78
CA ASN A 187 13.86 16.12 -7.99
C ASN A 187 13.80 14.81 -8.74
N GLU A 188 13.56 13.72 -8.01
CA GLU A 188 13.47 12.39 -8.61
C GLU A 188 12.02 11.97 -8.79
N TRP A 189 11.13 12.55 -7.99
CA TRP A 189 9.71 12.24 -8.07
C TRP A 189 9.20 12.36 -9.51
N SER A 190 9.43 13.52 -10.11
CA SER A 190 9.00 13.77 -11.48
C SER A 190 9.47 12.65 -12.41
N THR A 191 10.65 12.12 -12.14
CA THR A 191 11.22 11.05 -12.95
C THR A 191 10.57 9.71 -12.61
N SER A 192 10.30 9.49 -11.33
CA SER A 192 9.68 8.25 -10.87
C SER A 192 8.33 8.04 -11.54
N ILE A 193 7.44 9.03 -11.41
CA ILE A 193 6.11 8.96 -11.98
C ILE A 193 6.19 8.73 -13.50
N GLU A 194 7.18 9.35 -14.13
CA GLU A 194 7.36 9.21 -15.57
C GLU A 194 7.71 7.77 -15.94
N ASN A 195 8.24 7.03 -14.97
CA ASN A 195 8.64 5.65 -15.19
C ASN A 195 7.48 4.70 -14.88
N VAL A 196 6.64 5.10 -13.93
CA VAL A 196 5.49 4.29 -13.53
C VAL A 196 4.37 4.39 -14.56
N LEU A 197 4.15 5.59 -15.08
CA LEU A 197 3.11 5.82 -16.06
C LEU A 197 3.52 5.29 -17.43
N LYS A 198 4.83 5.23 -17.66
CA LYS A 198 5.36 4.73 -18.93
C LYS A 198 5.45 3.21 -18.92
N ARG A 199 6.00 2.66 -17.84
CA ARG A 199 6.15 1.22 -17.72
C ARG A 199 4.82 0.51 -17.98
N TYR A 200 3.72 1.19 -17.66
CA TYR A 200 2.40 0.62 -17.85
C TYR A 200 1.43 1.66 -18.42
N ARG A 201 0.94 1.42 -19.62
CA ARG A 201 0.01 2.34 -20.27
C ARG A 201 -1.35 1.69 -20.46
N ASN A 202 -1.78 0.92 -19.46
CA ASN A 202 -3.07 0.24 -19.51
C ASN A 202 -3.65 0.06 -18.11
N ILE A 203 -3.19 0.87 -17.18
CA ILE A 203 -3.66 0.80 -15.80
C ILE A 203 -5.18 0.83 -15.74
N ASN A 204 -5.74 0.09 -14.78
CA ASN A 204 -7.19 0.03 -14.61
C ASN A 204 -7.64 0.87 -13.43
N ALA A 205 -6.92 0.75 -12.32
CA ALA A 205 -7.23 1.50 -11.11
C ALA A 205 -5.98 1.76 -10.28
N VAL A 206 -5.59 3.02 -10.18
CA VAL A 206 -4.41 3.40 -9.41
C VAL A 206 -4.74 3.59 -7.93
N VAL A 207 -4.02 2.88 -7.07
CA VAL A 207 -4.24 2.98 -5.63
C VAL A 207 -3.13 3.76 -4.96
N PRO A 208 -3.34 5.07 -4.79
CA PRO A 208 -2.37 5.97 -4.14
C PRO A 208 -2.23 5.70 -2.65
N GLY A 209 -1.49 6.56 -1.96
CA GLY A 209 -1.29 6.39 -0.53
C GLY A 209 -2.22 7.26 0.28
N HIS A 210 -2.67 8.37 -0.30
CA HIS A 210 -3.56 9.29 0.39
C HIS A 210 -4.55 9.91 -0.60
N GLY A 211 -5.82 9.52 -0.49
CA GLY A 211 -6.84 10.06 -1.36
C GLY A 211 -7.91 9.03 -1.71
N GLU A 212 -7.71 8.33 -2.83
CA GLU A 212 -8.66 7.32 -3.27
C GLU A 212 -8.19 6.67 -4.57
N VAL A 213 -8.86 5.58 -4.96
CA VAL A 213 -8.52 4.87 -6.17
C VAL A 213 -9.10 5.56 -7.40
N GLY A 214 -8.32 5.61 -8.48
CA GLY A 214 -8.78 6.25 -9.70
C GLY A 214 -8.27 5.54 -10.94
N ASP A 215 -7.29 6.15 -11.61
CA ASP A 215 -6.72 5.58 -12.82
C ASP A 215 -5.32 6.15 -13.08
N LYS A 216 -4.77 5.83 -14.24
CA LYS A 216 -3.44 6.30 -14.61
C LYS A 216 -3.35 7.82 -14.48
N GLY A 217 -4.49 8.50 -14.55
CA GLY A 217 -4.51 9.94 -14.43
C GLY A 217 -3.80 10.42 -13.19
N LEU A 218 -3.89 9.65 -12.11
CA LEU A 218 -3.25 10.01 -10.85
C LEU A 218 -1.78 10.36 -11.07
N LEU A 219 -1.09 9.53 -11.83
CA LEU A 219 0.33 9.74 -12.11
C LEU A 219 0.54 11.10 -12.77
N LEU A 220 -0.31 11.43 -13.73
CA LEU A 220 -0.22 12.71 -14.44
C LEU A 220 -0.50 13.87 -13.50
N HIS A 221 -1.51 13.72 -12.65
CA HIS A 221 -1.88 14.75 -11.69
C HIS A 221 -0.75 15.02 -10.71
N THR A 222 -0.04 13.95 -10.34
CA THR A 222 1.07 14.08 -9.40
C THR A 222 2.14 15.03 -9.92
N LEU A 223 2.44 14.92 -11.22
CA LEU A 223 3.44 15.78 -11.83
C LEU A 223 3.06 17.25 -11.73
N ASP A 224 1.76 17.52 -11.88
CA ASP A 224 1.25 18.89 -11.80
C ASP A 224 1.57 19.50 -10.45
N LEU A 225 1.69 18.66 -9.43
CA LEU A 225 1.99 19.12 -8.07
C LEU A 225 3.47 19.45 -7.94
N LEU A 226 4.30 18.83 -8.76
CA LEU A 226 5.74 19.06 -8.73
C LEU A 226 6.12 20.22 -9.65
N LYS A 227 5.32 20.45 -10.68
CA LYS A 227 5.56 21.53 -11.62
C LYS A 227 4.68 22.73 -11.32
N SER A 1 -31.27 -15.58 11.07
CA SER A 1 -30.30 -14.57 11.48
C SER A 1 -29.00 -14.73 10.72
N GLN A 2 -29.07 -14.60 9.40
CA GLN A 2 -27.89 -14.73 8.55
C GLN A 2 -27.85 -13.63 7.49
N LYS A 3 -26.65 -13.30 7.03
CA LYS A 3 -26.48 -12.26 6.02
C LYS A 3 -26.02 -12.86 4.69
N VAL A 4 -26.01 -12.03 3.65
CA VAL A 4 -25.59 -12.49 2.33
C VAL A 4 -25.50 -11.32 1.36
N GLU A 5 -24.58 -11.42 0.40
CA GLU A 5 -24.39 -10.37 -0.60
C GLU A 5 -24.10 -9.04 0.08
N LYS A 6 -22.84 -8.83 0.44
CA LYS A 6 -22.42 -7.60 1.10
C LYS A 6 -20.95 -7.32 0.86
N THR A 7 -20.58 -6.04 0.89
CA THR A 7 -19.19 -5.64 0.68
C THR A 7 -18.83 -4.41 1.50
N VAL A 8 -17.57 -3.99 1.41
CA VAL A 8 -17.11 -2.82 2.15
C VAL A 8 -17.25 -3.04 3.65
N ILE A 9 -16.15 -3.39 4.31
CA ILE A 9 -16.15 -3.63 5.74
C ILE A 9 -15.74 -2.37 6.50
N LYS A 10 -16.14 -2.31 7.77
CA LYS A 10 -15.82 -1.15 8.61
C LYS A 10 -15.58 -1.58 10.05
N ASN A 11 -14.71 -0.85 10.75
CA ASN A 11 -14.40 -1.15 12.14
C ASN A 11 -15.51 -0.68 13.07
N GLU A 12 -15.46 -1.12 14.31
CA GLU A 12 -16.46 -0.73 15.31
C GLU A 12 -16.54 0.79 15.43
N THR A 13 -15.41 1.46 15.23
CA THR A 13 -15.35 2.91 15.33
C THR A 13 -15.45 3.55 13.94
N GLY A 14 -14.95 2.84 12.93
CA GLY A 14 -15.00 3.36 11.58
C GLY A 14 -13.64 3.83 11.09
N THR A 15 -12.70 3.93 12.02
CA THR A 15 -11.34 4.37 11.68
C THR A 15 -10.79 3.58 10.49
N ILE A 16 -11.18 2.32 10.40
CA ILE A 16 -10.71 1.45 9.33
C ILE A 16 -11.89 0.88 8.54
N SER A 17 -11.66 0.60 7.26
CA SER A 17 -12.70 0.05 6.39
C SER A 17 -12.11 -0.42 5.06
N ILE A 18 -12.87 -1.23 4.34
CA ILE A 18 -12.42 -1.74 3.06
C ILE A 18 -13.50 -1.55 1.98
N SER A 19 -13.22 -2.04 0.78
CA SER A 19 -14.16 -1.90 -0.33
C SER A 19 -13.76 -2.82 -1.48
N GLN A 20 -14.75 -3.52 -2.04
CA GLN A 20 -14.50 -4.42 -3.16
C GLN A 20 -14.21 -3.65 -4.44
N LEU A 21 -12.99 -3.82 -4.97
CA LEU A 21 -12.60 -3.14 -6.19
C LEU A 21 -12.67 -4.08 -7.39
N ASN A 22 -12.23 -5.32 -7.20
CA ASN A 22 -12.24 -6.31 -8.26
C ASN A 22 -12.59 -7.69 -7.71
N LYS A 23 -12.42 -8.71 -8.55
CA LYS A 23 -12.71 -10.08 -8.15
C LYS A 23 -11.98 -10.42 -6.84
N ASN A 24 -10.69 -10.13 -6.80
CA ASN A 24 -9.89 -10.41 -5.61
C ASN A 24 -9.02 -9.20 -5.25
N VAL A 25 -9.52 -8.01 -5.56
CA VAL A 25 -8.80 -6.78 -5.26
C VAL A 25 -9.66 -5.82 -4.45
N TRP A 26 -9.21 -5.49 -3.24
CA TRP A 26 -9.94 -4.58 -2.37
C TRP A 26 -9.07 -3.41 -1.95
N VAL A 27 -9.70 -2.33 -1.51
CA VAL A 27 -8.97 -1.15 -1.07
C VAL A 27 -9.33 -0.77 0.36
N HIS A 28 -8.39 -0.99 1.27
CA HIS A 28 -8.61 -0.68 2.68
C HIS A 28 -7.91 0.62 3.07
N THR A 29 -8.59 1.45 3.86
CA THR A 29 -8.04 2.72 4.30
C THR A 29 -8.30 2.95 5.79
N GLU A 30 -7.26 3.34 6.51
CA GLU A 30 -7.38 3.59 7.95
C GLU A 30 -7.05 5.05 8.26
N LEU A 31 -7.05 5.38 9.54
CA LEU A 31 -6.76 6.74 9.99
C LEU A 31 -5.76 6.73 11.14
N GLY A 32 -4.73 7.57 11.04
CA GLY A 32 -3.72 7.64 12.07
C GLY A 32 -3.41 9.07 12.49
N SER A 33 -2.42 9.23 13.36
CA SER A 33 -2.04 10.56 13.83
C SER A 33 -0.57 10.84 13.53
N PHE A 34 -0.30 12.03 13.01
CA PHE A 34 1.06 12.41 12.67
C PHE A 34 1.61 13.40 13.70
N ASN A 35 0.72 14.03 14.45
CA ASN A 35 1.11 15.00 15.47
C ASN A 35 -0.11 15.50 16.24
N GLY A 36 -0.98 14.57 16.64
CA GLY A 36 -2.17 14.93 17.38
C GLY A 36 -3.36 15.21 16.47
N GLU A 37 -3.25 14.79 15.21
CA GLU A 37 -4.32 14.99 14.25
C GLU A 37 -4.74 13.67 13.62
N ALA A 38 -5.55 13.76 12.57
CA ALA A 38 -6.03 12.57 11.87
C ALA A 38 -5.65 12.60 10.40
N VAL A 39 -4.95 11.56 9.94
CA VAL A 39 -4.52 11.47 8.56
C VAL A 39 -4.85 10.10 7.97
N PRO A 40 -5.68 10.10 6.92
CA PRO A 40 -6.10 8.86 6.24
C PRO A 40 -4.96 8.22 5.46
N SER A 41 -4.98 6.89 5.37
CA SER A 41 -3.95 6.16 4.64
C SER A 41 -4.56 5.09 3.75
N ASN A 42 -4.44 5.27 2.44
CA ASN A 42 -4.99 4.32 1.48
C ASN A 42 -4.27 2.97 1.58
N GLY A 43 -4.83 1.96 0.93
CA GLY A 43 -4.24 0.63 0.97
C GLY A 43 -4.90 -0.32 0.00
N LEU A 44 -4.57 -1.60 0.11
CA LEU A 44 -5.14 -2.62 -0.77
C LEU A 44 -5.03 -4.00 -0.13
N VAL A 45 -6.01 -4.86 -0.40
CA VAL A 45 -6.02 -6.21 0.13
C VAL A 45 -6.26 -7.24 -0.97
N LEU A 46 -5.59 -8.38 -0.86
CA LEU A 46 -5.73 -9.44 -1.85
C LEU A 46 -6.45 -10.65 -1.25
N ASN A 47 -7.49 -11.11 -1.95
CA ASN A 47 -8.26 -12.26 -1.49
C ASN A 47 -7.79 -13.54 -2.16
N THR A 48 -6.49 -13.78 -2.11
CA THR A 48 -5.91 -14.98 -2.73
C THR A 48 -6.49 -16.24 -2.11
N SER A 49 -6.13 -17.39 -2.69
CA SER A 49 -6.62 -18.68 -2.20
C SER A 49 -5.58 -19.36 -1.33
N LYS A 50 -4.76 -18.55 -0.65
CA LYS A 50 -3.72 -19.08 0.22
C LYS A 50 -3.32 -18.06 1.28
N GLY A 51 -4.31 -17.30 1.76
CA GLY A 51 -4.04 -16.30 2.77
C GLY A 51 -4.10 -14.89 2.22
N LEU A 52 -4.88 -14.02 2.87
CA LEU A 52 -5.01 -12.64 2.44
C LEU A 52 -3.65 -11.94 2.41
N VAL A 53 -3.58 -10.84 1.68
CA VAL A 53 -2.35 -10.08 1.57
C VAL A 53 -2.61 -8.57 1.64
N LEU A 54 -1.71 -7.85 2.30
CA LEU A 54 -1.85 -6.41 2.45
C LEU A 54 -0.73 -5.67 1.71
N VAL A 55 -1.11 -4.71 0.88
CA VAL A 55 -0.13 -3.93 0.12
C VAL A 55 0.50 -2.85 0.99
N ASP A 56 0.06 -2.77 2.24
CA ASP A 56 0.58 -1.78 3.18
C ASP A 56 -0.09 -1.91 4.54
N SER A 57 0.72 -2.00 5.59
CA SER A 57 0.21 -2.13 6.95
C SER A 57 -0.48 -0.84 7.40
N SER A 58 -0.73 -0.73 8.69
CA SER A 58 -1.39 0.44 9.25
C SER A 58 -0.36 1.43 9.81
N TRP A 59 -0.85 2.45 10.50
CA TRP A 59 0.03 3.45 11.09
C TRP A 59 0.79 2.88 12.28
N ASP A 60 0.15 1.99 13.01
CA ASP A 60 0.77 1.37 14.18
C ASP A 60 0.24 -0.05 14.39
N ASP A 61 0.94 -0.83 15.21
CA ASP A 61 0.54 -2.20 15.49
C ASP A 61 -0.83 -2.24 16.17
N LYS A 62 -1.13 -1.20 16.94
CA LYS A 62 -2.40 -1.11 17.64
C LYS A 62 -3.55 -0.78 16.68
N LEU A 63 -3.19 -0.17 15.55
CA LEU A 63 -4.18 0.20 14.54
C LEU A 63 -4.48 -0.96 13.61
N THR A 64 -3.44 -1.58 13.09
CA THR A 64 -3.59 -2.72 12.19
C THR A 64 -4.29 -3.88 12.88
N LYS A 65 -4.18 -3.93 14.20
CA LYS A 65 -4.81 -4.98 14.98
C LYS A 65 -6.30 -5.10 14.65
N GLU A 66 -6.94 -3.95 14.47
CA GLU A 66 -8.37 -3.93 14.14
C GLU A 66 -8.59 -4.07 12.65
N LEU A 67 -7.52 -3.89 11.88
CA LEU A 67 -7.59 -4.00 10.43
C LEU A 67 -7.51 -5.46 9.98
N ILE A 68 -6.57 -6.20 10.56
CA ILE A 68 -6.39 -7.61 10.23
C ILE A 68 -7.54 -8.45 10.76
N GLU A 69 -8.27 -7.90 11.74
CA GLU A 69 -9.40 -8.61 12.34
C GLU A 69 -10.65 -8.42 11.49
N MET A 70 -10.54 -7.63 10.43
CA MET A 70 -11.67 -7.39 9.54
C MET A 70 -11.59 -8.27 8.31
N VAL A 71 -10.44 -8.25 7.64
CA VAL A 71 -10.23 -9.05 6.44
C VAL A 71 -10.44 -10.53 6.72
N GLU A 72 -9.99 -10.97 7.90
CA GLU A 72 -10.13 -12.36 8.29
C GLU A 72 -11.47 -12.61 8.99
N LYS A 73 -12.54 -12.12 8.38
CA LYS A 73 -13.88 -12.28 8.94
C LYS A 73 -14.88 -12.65 7.84
N LYS A 74 -14.73 -12.01 6.69
CA LYS A 74 -15.63 -12.26 5.56
C LYS A 74 -14.91 -13.02 4.45
N PHE A 75 -13.59 -12.94 4.45
CA PHE A 75 -12.78 -13.62 3.45
C PHE A 75 -12.42 -15.03 3.91
N GLN A 76 -13.06 -15.48 4.98
CA GLN A 76 -12.80 -16.81 5.52
C GLN A 76 -11.35 -17.22 5.30
N LYS A 77 -10.43 -16.31 5.63
CA LYS A 77 -9.01 -16.58 5.48
C LYS A 77 -8.19 -15.76 6.47
N ARG A 78 -6.87 -15.92 6.42
CA ARG A 78 -5.98 -15.20 7.31
C ARG A 78 -4.89 -14.47 6.52
N VAL A 79 -4.41 -13.36 7.07
CA VAL A 79 -3.37 -12.58 6.42
C VAL A 79 -1.98 -13.15 6.71
N THR A 80 -1.19 -13.35 5.67
CA THR A 80 0.15 -13.90 5.81
C THR A 80 1.11 -13.28 4.80
N ASP A 81 0.86 -12.02 4.45
CA ASP A 81 1.69 -11.31 3.50
C ASP A 81 1.45 -9.81 3.57
N VAL A 82 2.53 -9.05 3.75
CA VAL A 82 2.43 -7.59 3.84
C VAL A 82 3.50 -6.92 2.99
N ILE A 83 3.11 -6.49 1.79
CA ILE A 83 4.05 -5.83 0.89
C ILE A 83 4.29 -4.39 1.32
N ILE A 84 5.54 -4.08 1.64
CA ILE A 84 5.92 -2.74 2.06
C ILE A 84 6.66 -2.00 0.95
N THR A 85 6.26 -0.76 0.70
CA THR A 85 6.88 0.05 -0.33
C THR A 85 8.08 0.83 0.23
N HIS A 86 7.83 1.61 1.27
CA HIS A 86 8.87 2.41 1.90
C HIS A 86 8.84 2.27 3.42
N ALA A 87 9.93 2.62 4.07
CA ALA A 87 10.02 2.54 5.52
C ALA A 87 9.35 3.73 6.18
N HIS A 88 8.10 3.56 6.61
CA HIS A 88 7.35 4.62 7.26
C HIS A 88 6.32 4.05 8.24
N ALA A 89 5.92 4.87 9.20
CA ALA A 89 4.95 4.45 10.20
C ALA A 89 3.66 3.97 9.55
N ASP A 90 3.37 4.49 8.36
CA ASP A 90 2.18 4.12 7.62
C ASP A 90 2.44 2.93 6.70
N ARG A 91 3.57 2.27 6.91
CA ARG A 91 3.95 1.11 6.10
C ARG A 91 4.30 -0.08 6.99
N ILE A 92 5.19 0.14 7.94
CA ILE A 92 5.61 -0.92 8.84
C ILE A 92 5.19 -0.61 10.28
N GLY A 93 4.25 0.32 10.43
CA GLY A 93 3.77 0.68 11.76
C GLY A 93 3.33 -0.51 12.56
N GLY A 94 2.85 -1.55 11.87
CA GLY A 94 2.40 -2.76 12.56
C GLY A 94 3.35 -3.90 12.39
N ILE A 95 4.59 -3.60 11.98
CA ILE A 95 5.59 -4.64 11.78
C ILE A 95 5.64 -5.60 12.96
N LYS A 96 5.33 -5.09 14.14
CA LYS A 96 5.34 -5.91 15.35
C LYS A 96 4.25 -6.97 15.29
N THR A 97 3.01 -6.54 15.06
CA THR A 97 1.89 -7.46 14.98
C THR A 97 2.12 -8.52 13.90
N LEU A 98 2.66 -8.09 12.77
CA LEU A 98 2.92 -8.99 11.66
C LEU A 98 3.91 -10.09 12.08
N LYS A 99 4.88 -9.72 12.90
CA LYS A 99 5.89 -10.66 13.37
C LYS A 99 5.36 -11.46 14.55
N GLU A 100 4.32 -10.95 15.19
CA GLU A 100 3.71 -11.62 16.34
C GLU A 100 2.69 -12.67 15.88
N ARG A 101 1.93 -12.33 14.85
CA ARG A 101 0.92 -13.24 14.32
C ARG A 101 1.55 -14.26 13.39
N GLY A 102 2.50 -13.82 12.58
CA GLY A 102 3.16 -14.71 11.64
C GLY A 102 3.31 -14.10 10.26
N ILE A 103 2.55 -13.04 10.00
CA ILE A 103 2.59 -12.37 8.71
C ILE A 103 4.00 -11.88 8.39
N LYS A 104 4.33 -11.84 7.11
CA LYS A 104 5.65 -11.40 6.67
C LYS A 104 5.56 -10.04 5.97
N ALA A 105 6.32 -9.08 6.46
CA ALA A 105 6.34 -7.74 5.89
C ALA A 105 7.37 -7.62 4.79
N HIS A 106 7.00 -8.05 3.58
CA HIS A 106 7.91 -7.99 2.43
C HIS A 106 8.40 -6.57 2.20
N SER A 107 9.63 -6.44 1.71
CA SER A 107 10.21 -5.13 1.44
C SER A 107 11.62 -5.27 0.88
N THR A 108 12.11 -4.22 0.23
CA THR A 108 13.43 -4.22 -0.36
C THR A 108 14.50 -3.98 0.71
N ALA A 109 15.74 -4.36 0.41
CA ALA A 109 16.85 -4.18 1.33
C ALA A 109 16.92 -2.73 1.82
N LEU A 110 16.62 -1.80 0.93
CA LEU A 110 16.64 -0.38 1.27
C LEU A 110 15.49 -0.02 2.20
N THR A 111 14.28 -0.44 1.83
CA THR A 111 13.09 -0.17 2.62
C THR A 111 13.30 -0.57 4.07
N ALA A 112 14.14 -1.58 4.29
CA ALA A 112 14.41 -2.07 5.63
C ALA A 112 15.57 -1.30 6.27
N GLU A 113 16.50 -0.85 5.44
CA GLU A 113 17.66 -0.10 5.92
C GLU A 113 17.21 1.13 6.71
N LEU A 114 16.23 1.85 6.17
CA LEU A 114 15.71 3.05 6.81
C LEU A 114 14.80 2.68 7.98
N ALA A 115 14.25 1.48 7.94
CA ALA A 115 13.36 1.00 9.00
C ALA A 115 14.05 1.05 10.36
N LYS A 116 15.09 0.23 10.52
CA LYS A 116 15.84 0.17 11.76
C LYS A 116 16.33 1.56 12.17
N LYS A 117 16.53 2.43 11.18
CA LYS A 117 17.00 3.78 11.44
C LYS A 117 15.99 4.55 12.30
N ASN A 118 14.73 4.12 12.26
CA ASN A 118 13.69 4.76 13.04
C ASN A 118 13.47 4.02 14.37
N GLY A 119 13.56 2.70 14.32
CA GLY A 119 13.37 1.91 15.53
C GLY A 119 12.46 0.71 15.29
N TYR A 120 11.93 0.61 14.07
CA TYR A 120 11.04 -0.49 13.74
C TYR A 120 11.74 -1.83 13.91
N GLU A 121 11.06 -2.91 13.48
CA GLU A 121 11.62 -4.25 13.59
C GLU A 121 12.27 -4.68 12.28
N GLU A 122 12.21 -3.80 11.28
CA GLU A 122 12.79 -4.09 9.98
C GLU A 122 12.04 -5.23 9.29
N PRO A 123 11.58 -4.99 8.06
CA PRO A 123 10.85 -5.98 7.27
C PRO A 123 11.74 -7.13 6.82
N LEU A 124 11.21 -7.97 5.93
CA LEU A 124 11.96 -9.10 5.41
C LEU A 124 13.28 -8.65 4.80
N GLY A 125 13.26 -7.49 4.17
CA GLY A 125 14.47 -6.96 3.55
C GLY A 125 15.12 -7.94 2.60
N ASP A 126 14.34 -8.43 1.64
CA ASP A 126 14.84 -9.40 0.67
C ASP A 126 14.16 -9.22 -0.68
N LEU A 127 14.20 -7.99 -1.20
CA LEU A 127 13.58 -7.68 -2.49
C LEU A 127 14.53 -6.90 -3.39
N GLN A 128 14.02 -6.43 -4.51
CA GLN A 128 14.84 -5.67 -5.45
C GLN A 128 13.97 -4.73 -6.28
N THR A 129 14.56 -4.17 -7.34
CA THR A 129 13.83 -3.25 -8.22
C THR A 129 12.50 -3.84 -8.64
N VAL A 130 12.50 -5.13 -8.97
CA VAL A 130 11.27 -5.81 -9.38
C VAL A 130 11.25 -7.25 -8.87
N THR A 131 10.08 -7.68 -8.38
CA THR A 131 9.92 -9.03 -7.86
C THR A 131 8.54 -9.59 -8.22
N ASN A 132 8.52 -10.54 -9.15
CA ASN A 132 7.27 -11.15 -9.58
C ASN A 132 6.73 -12.08 -8.50
N LEU A 133 5.76 -11.58 -7.73
CA LEU A 133 5.14 -12.35 -6.66
C LEU A 133 3.94 -13.14 -7.18
N LYS A 134 3.66 -14.28 -6.54
CA LYS A 134 2.54 -15.11 -6.93
C LYS A 134 1.99 -15.88 -5.74
N PHE A 135 0.68 -15.77 -5.52
CA PHE A 135 0.04 -16.46 -4.41
C PHE A 135 -1.18 -17.24 -4.89
N GLY A 136 -2.01 -17.68 -3.94
CA GLY A 136 -3.19 -18.45 -4.29
C GLY A 136 -4.03 -17.76 -5.35
N ASN A 137 -3.87 -18.19 -6.60
CA ASN A 137 -4.62 -17.61 -7.70
C ASN A 137 -4.49 -16.09 -7.71
N MET A 138 -3.26 -15.60 -7.67
CA MET A 138 -3.01 -14.16 -7.67
C MET A 138 -1.66 -13.84 -8.33
N LYS A 139 -1.63 -12.76 -9.10
CA LYS A 139 -0.41 -12.35 -9.78
C LYS A 139 -0.01 -10.94 -9.38
N VAL A 140 1.23 -10.78 -8.93
CA VAL A 140 1.74 -9.48 -8.52
C VAL A 140 3.19 -9.29 -8.93
N GLU A 141 3.62 -8.03 -9.00
CA GLU A 141 5.00 -7.72 -9.39
C GLU A 141 5.38 -6.33 -8.94
N THR A 142 6.46 -6.23 -8.17
CA THR A 142 6.93 -4.94 -7.67
C THR A 142 7.60 -4.13 -8.79
N PHE A 143 8.06 -2.94 -8.44
CA PHE A 143 8.73 -2.07 -9.40
C PHE A 143 9.30 -0.83 -8.72
N TYR A 144 10.51 -0.45 -9.12
CA TYR A 144 11.17 0.71 -8.54
C TYR A 144 11.40 1.78 -9.59
N PRO A 145 10.46 2.74 -9.67
CA PRO A 145 10.53 3.85 -10.63
C PRO A 145 11.65 4.83 -10.30
N GLY A 146 11.71 5.25 -9.04
CA GLY A 146 12.74 6.19 -8.62
C GLY A 146 12.48 6.75 -7.24
N LYS A 147 13.17 7.84 -6.90
CA LYS A 147 13.01 8.47 -5.59
C LYS A 147 11.86 9.47 -5.61
N GLY A 148 10.86 9.22 -4.79
CA GLY A 148 9.71 10.12 -4.71
C GLY A 148 9.37 10.53 -3.30
N HIS A 149 8.39 9.85 -2.71
CA HIS A 149 7.97 10.15 -1.34
C HIS A 149 9.03 9.72 -0.34
N THR A 150 9.83 8.74 -0.72
CA THR A 150 10.89 8.23 0.15
C THR A 150 12.07 7.72 -0.67
N GLU A 151 13.23 7.64 -0.02
CA GLU A 151 14.45 7.17 -0.70
C GLU A 151 14.32 5.70 -1.07
N ASP A 152 13.45 4.98 -0.37
CA ASP A 152 13.23 3.56 -0.63
C ASP A 152 11.76 3.28 -0.92
N ASN A 153 11.20 4.02 -1.88
CA ASN A 153 9.80 3.85 -2.25
C ASN A 153 9.68 3.06 -3.55
N ILE A 154 8.59 2.32 -3.68
CA ILE A 154 8.35 1.51 -4.87
C ILE A 154 6.85 1.37 -5.15
N VAL A 155 6.52 0.99 -6.37
CA VAL A 155 5.12 0.81 -6.76
C VAL A 155 4.79 -0.66 -6.95
N VAL A 156 3.53 -1.01 -6.70
CA VAL A 156 3.08 -2.40 -6.83
C VAL A 156 2.26 -2.58 -8.11
N TRP A 157 2.67 -3.54 -8.94
CA TRP A 157 1.97 -3.82 -10.18
C TRP A 157 1.29 -5.19 -10.13
N LEU A 158 0.19 -5.31 -10.87
CA LEU A 158 -0.56 -6.56 -10.91
C LEU A 158 -0.76 -7.04 -12.34
N PRO A 159 0.12 -7.93 -12.79
CA PRO A 159 0.06 -8.49 -14.15
C PRO A 159 -1.14 -9.41 -14.35
N GLN A 160 -2.33 -8.82 -14.38
CA GLN A 160 -3.55 -9.60 -14.58
C GLN A 160 -4.78 -8.69 -14.56
N TYR A 161 -4.72 -7.64 -13.75
CA TYR A 161 -5.82 -6.70 -13.64
C TYR A 161 -5.39 -5.29 -14.07
N ASN A 162 -4.08 -5.12 -14.23
CA ASN A 162 -3.54 -3.82 -14.63
C ASN A 162 -3.73 -2.78 -13.53
N ILE A 163 -3.89 -3.25 -12.30
CA ILE A 163 -4.09 -2.36 -11.16
C ILE A 163 -2.76 -1.94 -10.55
N LEU A 164 -2.45 -0.65 -10.64
CA LEU A 164 -1.21 -0.12 -10.09
C LEU A 164 -1.43 0.49 -8.71
N VAL A 165 -0.64 0.04 -7.74
CA VAL A 165 -0.75 0.55 -6.37
C VAL A 165 0.56 1.16 -5.90
N GLY A 166 0.86 2.37 -6.41
CA GLY A 166 2.08 3.04 -6.03
C GLY A 166 2.12 3.39 -4.55
N GLY A 167 1.10 4.10 -4.09
CA GLY A 167 1.04 4.49 -2.69
C GLY A 167 1.26 5.97 -2.49
N CYS A 168 2.09 6.32 -1.51
CA CYS A 168 2.38 7.72 -1.21
C CYS A 168 3.02 8.40 -2.41
N LEU A 169 3.56 7.60 -3.33
CA LEU A 169 4.20 8.14 -4.53
C LEU A 169 3.16 8.75 -5.47
N VAL A 170 2.09 8.01 -5.73
CA VAL A 170 1.03 8.49 -6.61
C VAL A 170 -0.07 9.18 -5.82
N LYS A 171 -0.41 10.40 -6.22
CA LYS A 171 -1.45 11.16 -5.55
C LYS A 171 -2.76 11.11 -6.32
N SER A 172 -3.87 11.25 -5.60
CA SER A 172 -5.20 11.20 -6.23
C SER A 172 -5.46 12.47 -7.03
N THR A 173 -6.47 12.41 -7.89
CA THR A 173 -6.83 13.56 -8.72
C THR A 173 -7.38 14.71 -7.87
N SER A 174 -8.16 14.36 -6.87
CA SER A 174 -8.75 15.36 -5.98
C SER A 174 -7.67 16.14 -5.25
N ALA A 175 -6.53 15.51 -5.05
CA ALA A 175 -5.41 16.15 -4.37
C ALA A 175 -5.02 17.46 -5.06
N LYS A 176 -4.33 18.33 -4.31
CA LYS A 176 -3.90 19.61 -4.85
C LYS A 176 -2.38 19.69 -4.90
N ASP A 177 -1.73 19.02 -3.97
CA ASP A 177 -0.27 19.01 -3.90
C ASP A 177 0.24 17.71 -3.28
N LEU A 178 1.56 17.60 -3.18
CA LEU A 178 2.18 16.41 -2.60
C LEU A 178 2.18 16.47 -1.09
N GLY A 179 2.50 17.64 -0.54
CA GLY A 179 2.53 17.82 0.90
C GLY A 179 3.94 17.83 1.46
N ASN A 180 4.05 17.61 2.76
CA ASN A 180 5.36 17.60 3.42
C ASN A 180 6.32 16.66 2.69
N VAL A 181 7.56 17.11 2.52
CA VAL A 181 8.58 16.30 1.86
C VAL A 181 9.91 16.36 2.61
N ALA A 182 9.84 16.29 3.94
CA ALA A 182 11.03 16.33 4.76
C ALA A 182 12.06 15.29 4.31
N ASP A 183 11.59 14.07 4.09
CA ASP A 183 12.47 13.00 3.64
C ASP A 183 12.03 12.47 2.27
N ALA A 184 11.68 13.38 1.38
CA ALA A 184 11.25 13.02 0.04
C ALA A 184 12.07 13.75 -1.02
N TYR A 185 11.97 13.30 -2.26
CA TYR A 185 12.69 13.91 -3.36
C TYR A 185 11.73 14.48 -4.41
N VAL A 186 11.38 15.75 -4.24
CA VAL A 186 10.47 16.41 -5.18
C VAL A 186 11.10 16.58 -6.55
N ASN A 187 12.43 16.54 -6.58
CA ASN A 187 13.16 16.69 -7.84
C ASN A 187 13.24 15.36 -8.59
N GLU A 188 13.15 14.26 -7.84
CA GLU A 188 13.22 12.93 -8.44
C GLU A 188 11.81 12.37 -8.64
N TRP A 189 10.85 12.90 -7.89
CA TRP A 189 9.47 12.45 -7.99
C TRP A 189 8.99 12.45 -9.44
N SER A 190 9.18 13.58 -10.11
CA SER A 190 8.77 13.72 -11.50
C SER A 190 9.33 12.58 -12.35
N THR A 191 10.54 12.15 -12.02
CA THR A 191 11.19 11.06 -12.75
C THR A 191 10.57 9.72 -12.40
N SER A 192 10.22 9.54 -11.13
CA SER A 192 9.61 8.30 -10.67
C SER A 192 8.29 8.04 -11.37
N ILE A 193 7.38 9.01 -11.26
CA ILE A 193 6.06 8.89 -11.89
C ILE A 193 6.20 8.62 -13.39
N GLU A 194 7.17 9.27 -14.03
CA GLU A 194 7.40 9.09 -15.46
C GLU A 194 7.80 7.65 -15.77
N ASN A 195 8.37 6.98 -14.78
CA ASN A 195 8.81 5.59 -14.96
C ASN A 195 7.66 4.62 -14.69
N VAL A 196 6.76 5.01 -13.79
CA VAL A 196 5.61 4.18 -13.45
C VAL A 196 4.58 4.19 -14.56
N LEU A 197 4.36 5.35 -15.16
CA LEU A 197 3.40 5.50 -16.24
C LEU A 197 3.96 4.95 -17.55
N LYS A 198 5.28 4.93 -17.66
CA LYS A 198 5.95 4.43 -18.85
C LYS A 198 6.03 2.90 -18.83
N ARG A 199 6.40 2.36 -17.67
CA ARG A 199 6.51 0.91 -17.51
C ARG A 199 5.18 0.23 -17.77
N TYR A 200 4.09 0.96 -17.55
CA TYR A 200 2.75 0.42 -17.75
C TYR A 200 1.83 1.47 -18.37
N ARG A 201 1.35 1.20 -19.57
CA ARG A 201 0.46 2.12 -20.27
C ARG A 201 -0.91 1.48 -20.51
N ASN A 202 -1.36 0.70 -19.55
CA ASN A 202 -2.65 0.02 -19.66
C ASN A 202 -3.30 -0.14 -18.29
N ILE A 203 -2.89 0.70 -17.35
CA ILE A 203 -3.45 0.65 -16.00
C ILE A 203 -4.96 0.69 -16.02
N ASN A 204 -5.58 -0.02 -15.07
CA ASN A 204 -7.04 -0.07 -14.98
C ASN A 204 -7.54 0.74 -13.79
N ALA A 205 -6.70 0.83 -12.76
CA ALA A 205 -7.07 1.57 -11.55
C ALA A 205 -5.83 1.88 -10.71
N VAL A 206 -5.58 3.16 -10.47
CA VAL A 206 -4.43 3.59 -9.68
C VAL A 206 -4.86 3.97 -8.26
N VAL A 207 -4.31 3.24 -7.28
CA VAL A 207 -4.64 3.51 -5.89
C VAL A 207 -3.50 4.26 -5.20
N PRO A 208 -3.73 5.56 -4.93
CA PRO A 208 -2.74 6.42 -4.27
C PRO A 208 -2.54 6.06 -2.81
N GLY A 209 -1.81 6.90 -2.08
CA GLY A 209 -1.55 6.64 -0.68
C GLY A 209 -2.41 7.50 0.23
N HIS A 210 -2.83 8.65 -0.26
CA HIS A 210 -3.67 9.57 0.51
C HIS A 210 -4.68 10.27 -0.39
N GLY A 211 -5.90 9.76 -0.40
CA GLY A 211 -6.95 10.35 -1.22
C GLY A 211 -8.01 9.35 -1.63
N GLU A 212 -7.84 8.77 -2.82
CA GLU A 212 -8.80 7.79 -3.33
C GLU A 212 -8.31 7.19 -4.64
N VAL A 213 -8.73 5.95 -4.91
CA VAL A 213 -8.34 5.27 -6.14
C VAL A 213 -8.94 5.94 -7.36
N GLY A 214 -8.19 5.95 -8.47
CA GLY A 214 -8.68 6.57 -9.68
C GLY A 214 -8.24 5.81 -10.92
N ASP A 215 -7.27 6.35 -11.64
CA ASP A 215 -6.77 5.72 -12.86
C ASP A 215 -5.35 6.19 -13.18
N LYS A 216 -4.87 5.85 -14.36
CA LYS A 216 -3.54 6.24 -14.79
C LYS A 216 -3.38 7.77 -14.76
N GLY A 217 -4.50 8.47 -14.78
CA GLY A 217 -4.46 9.92 -14.75
C GLY A 217 -3.72 10.46 -13.54
N LEU A 218 -3.81 9.74 -12.43
CA LEU A 218 -3.14 10.16 -11.20
C LEU A 218 -1.66 10.46 -11.46
N LEU A 219 -0.98 9.55 -12.14
CA LEU A 219 0.43 9.73 -12.46
C LEU A 219 0.66 11.07 -13.17
N LEU A 220 -0.22 11.40 -14.11
CA LEU A 220 -0.12 12.64 -14.86
C LEU A 220 -0.37 13.84 -13.96
N HIS A 221 -1.36 13.72 -13.09
CA HIS A 221 -1.71 14.80 -12.17
C HIS A 221 -0.59 15.04 -11.17
N THR A 222 0.07 13.96 -10.75
CA THR A 222 1.16 14.05 -9.79
C THR A 222 2.24 15.03 -10.27
N LEU A 223 2.60 14.91 -11.54
CA LEU A 223 3.61 15.78 -12.13
C LEU A 223 3.22 17.25 -11.98
N ASP A 224 1.93 17.54 -12.15
CA ASP A 224 1.44 18.90 -12.03
C ASP A 224 1.67 19.45 -10.63
N LEU A 225 1.60 18.57 -9.64
CA LEU A 225 1.80 18.97 -8.24
C LEU A 225 3.26 19.38 -8.01
N LEU A 226 4.16 18.84 -8.83
CA LEU A 226 5.58 19.16 -8.71
C LEU A 226 5.91 20.44 -9.46
N LYS A 227 5.46 20.53 -10.70
CA LYS A 227 5.72 21.71 -11.54
C LYS A 227 5.23 22.97 -10.84
N SER A 1 -29.09 -21.73 -1.26
CA SER A 1 -28.60 -21.51 0.10
C SER A 1 -27.51 -20.45 0.11
N GLN A 2 -27.65 -19.46 -0.77
CA GLN A 2 -26.69 -18.37 -0.85
C GLN A 2 -27.35 -17.08 -1.31
N LYS A 3 -27.49 -16.13 -0.38
CA LYS A 3 -28.12 -14.85 -0.70
C LYS A 3 -27.56 -13.74 0.20
N VAL A 4 -28.12 -12.55 0.07
CA VAL A 4 -27.68 -11.41 0.88
C VAL A 4 -26.23 -11.06 0.57
N GLU A 5 -26.03 -10.04 -0.26
CA GLU A 5 -24.70 -9.60 -0.63
C GLU A 5 -24.35 -8.29 0.05
N LYS A 6 -23.08 -8.14 0.42
CA LYS A 6 -22.61 -6.93 1.09
C LYS A 6 -21.11 -6.74 0.88
N THR A 7 -20.67 -5.49 0.91
CA THR A 7 -19.25 -5.18 0.73
C THR A 7 -18.83 -4.00 1.61
N VAL A 8 -17.56 -3.62 1.52
CA VAL A 8 -17.03 -2.51 2.29
C VAL A 8 -17.15 -2.79 3.79
N ILE A 9 -16.06 -3.28 4.38
CA ILE A 9 -16.04 -3.58 5.81
C ILE A 9 -15.60 -2.38 6.62
N LYS A 10 -16.02 -2.33 7.88
CA LYS A 10 -15.67 -1.23 8.77
C LYS A 10 -15.63 -1.70 10.23
N ASN A 11 -15.01 -0.90 11.08
CA ASN A 11 -14.91 -1.24 12.50
C ASN A 11 -16.07 -0.64 13.28
N GLU A 12 -15.96 -0.69 14.61
CA GLU A 12 -17.02 -0.15 15.48
C GLU A 12 -16.95 1.38 15.53
N THR A 13 -15.81 1.93 15.14
CA THR A 13 -15.62 3.37 15.14
C THR A 13 -15.58 3.93 13.72
N GLY A 14 -14.93 3.19 12.82
CA GLY A 14 -14.84 3.63 11.44
C GLY A 14 -13.43 4.05 11.06
N THR A 15 -12.52 4.02 12.02
CA THR A 15 -11.13 4.40 11.79
C THR A 15 -10.57 3.67 10.58
N ILE A 16 -11.01 2.44 10.37
CA ILE A 16 -10.55 1.63 9.24
C ILE A 16 -11.72 1.04 8.47
N SER A 17 -11.47 0.65 7.23
CA SER A 17 -12.50 0.08 6.37
C SER A 17 -11.92 -0.37 5.04
N ILE A 18 -12.70 -1.15 4.29
CA ILE A 18 -12.27 -1.65 2.99
C ILE A 18 -13.32 -1.40 1.93
N SER A 19 -13.08 -1.91 0.72
CA SER A 19 -14.00 -1.74 -0.38
C SER A 19 -13.61 -2.63 -1.57
N GLN A 20 -14.58 -3.39 -2.07
CA GLN A 20 -14.34 -4.28 -3.19
C GLN A 20 -13.94 -3.50 -4.44
N LEU A 21 -12.77 -3.80 -4.97
CA LEU A 21 -12.28 -3.12 -6.17
C LEU A 21 -12.38 -4.02 -7.39
N ASN A 22 -12.02 -5.29 -7.22
CA ASN A 22 -12.08 -6.26 -8.31
C ASN A 22 -12.45 -7.64 -7.78
N LYS A 23 -12.30 -8.65 -8.63
CA LYS A 23 -12.61 -10.02 -8.26
C LYS A 23 -11.93 -10.40 -6.95
N ASN A 24 -10.63 -10.17 -6.87
CA ASN A 24 -9.86 -10.48 -5.67
C ASN A 24 -8.98 -9.31 -5.28
N VAL A 25 -9.47 -8.10 -5.51
CA VAL A 25 -8.72 -6.89 -5.17
C VAL A 25 -9.58 -5.93 -4.35
N TRP A 26 -9.09 -5.58 -3.16
CA TRP A 26 -9.80 -4.67 -2.27
C TRP A 26 -8.91 -3.52 -1.84
N VAL A 27 -9.53 -2.43 -1.39
CA VAL A 27 -8.79 -1.26 -0.94
C VAL A 27 -9.13 -0.91 0.50
N HIS A 28 -8.16 -1.09 1.40
CA HIS A 28 -8.36 -0.79 2.81
C HIS A 28 -7.74 0.56 3.18
N THR A 29 -8.48 1.35 3.94
CA THR A 29 -8.01 2.67 4.36
C THR A 29 -8.18 2.87 5.87
N GLU A 30 -7.16 3.45 6.49
CA GLU A 30 -7.19 3.69 7.93
C GLU A 30 -6.73 5.11 8.25
N LEU A 31 -6.91 5.50 9.51
CA LEU A 31 -6.51 6.84 9.96
C LEU A 31 -5.43 6.76 11.03
N GLY A 32 -4.55 7.76 11.04
CA GLY A 32 -3.48 7.78 12.01
C GLY A 32 -3.29 9.15 12.63
N SER A 33 -2.03 9.53 12.86
CA SER A 33 -1.72 10.83 13.46
C SER A 33 -0.82 11.64 12.53
N PHE A 34 -0.78 12.95 12.77
CA PHE A 34 0.04 13.85 11.96
C PHE A 34 -0.06 15.28 12.47
N ASN A 35 0.82 15.64 13.41
CA ASN A 35 0.83 16.98 13.98
C ASN A 35 -0.55 17.34 14.54
N GLY A 36 -1.03 16.53 15.49
CA GLY A 36 -2.32 16.78 16.09
C GLY A 36 -3.44 16.76 15.08
N GLU A 37 -3.27 15.98 14.01
CA GLU A 37 -4.27 15.88 12.96
C GLU A 37 -4.31 14.45 12.39
N ALA A 38 -5.52 13.92 12.26
CA ALA A 38 -5.69 12.57 11.72
C ALA A 38 -5.41 12.54 10.22
N VAL A 39 -4.54 11.63 9.81
CA VAL A 39 -4.17 11.49 8.39
C VAL A 39 -4.51 10.10 7.88
N PRO A 40 -5.38 10.03 6.86
CA PRO A 40 -5.80 8.77 6.26
C PRO A 40 -4.68 8.11 5.46
N SER A 41 -4.79 6.80 5.27
CA SER A 41 -3.77 6.05 4.53
C SER A 41 -4.42 4.98 3.66
N ASN A 42 -4.33 5.15 2.35
CA ASN A 42 -4.91 4.20 1.40
C ASN A 42 -4.05 2.95 1.30
N GLY A 43 -4.70 1.81 1.06
CA GLY A 43 -3.97 0.56 0.95
C GLY A 43 -4.62 -0.39 -0.05
N LEU A 44 -4.39 -1.68 0.15
CA LEU A 44 -4.95 -2.70 -0.74
C LEU A 44 -4.84 -4.09 -0.12
N VAL A 45 -5.86 -4.92 -0.33
CA VAL A 45 -5.87 -6.26 0.20
C VAL A 45 -6.15 -7.29 -0.90
N LEU A 46 -5.43 -8.40 -0.86
CA LEU A 46 -5.60 -9.46 -1.85
C LEU A 46 -6.43 -10.61 -1.28
N ASN A 47 -7.38 -11.09 -2.07
CA ASN A 47 -8.24 -12.20 -1.64
C ASN A 47 -7.94 -13.46 -2.46
N THR A 48 -6.72 -13.95 -2.37
CA THR A 48 -6.31 -15.15 -3.09
C THR A 48 -6.83 -16.41 -2.41
N SER A 49 -6.58 -17.55 -3.03
CA SER A 49 -7.04 -18.83 -2.48
C SER A 49 -5.91 -19.51 -1.69
N LYS A 50 -5.00 -18.69 -1.16
CA LYS A 50 -3.88 -19.21 -0.39
C LYS A 50 -3.52 -18.25 0.74
N GLY A 51 -4.49 -17.44 1.16
CA GLY A 51 -4.25 -16.48 2.23
C GLY A 51 -4.30 -15.05 1.75
N LEU A 52 -4.85 -14.16 2.57
CA LEU A 52 -4.95 -12.75 2.22
C LEU A 52 -3.58 -12.09 2.25
N VAL A 53 -3.49 -10.92 1.61
CA VAL A 53 -2.23 -10.18 1.57
C VAL A 53 -2.48 -8.68 1.67
N LEU A 54 -1.57 -7.98 2.35
CA LEU A 54 -1.69 -6.54 2.53
C LEU A 54 -0.55 -5.80 1.83
N VAL A 55 -0.90 -4.83 1.01
CA VAL A 55 0.09 -4.04 0.27
C VAL A 55 0.74 -3.00 1.17
N ASP A 56 0.27 -2.93 2.41
CA ASP A 56 0.80 -1.96 3.38
C ASP A 56 0.09 -2.09 4.72
N SER A 57 0.88 -2.18 5.79
CA SER A 57 0.33 -2.31 7.13
C SER A 57 -0.37 -1.02 7.56
N SER A 58 -0.68 -0.93 8.85
CA SER A 58 -1.35 0.25 9.39
C SER A 58 -0.33 1.26 9.92
N TRP A 59 -0.83 2.27 10.62
CA TRP A 59 0.03 3.31 11.18
C TRP A 59 0.80 2.78 12.39
N ASP A 60 0.13 1.96 13.19
CA ASP A 60 0.74 1.38 14.39
C ASP A 60 0.31 -0.07 14.58
N ASP A 61 1.01 -0.79 15.45
CA ASP A 61 0.69 -2.18 15.73
C ASP A 61 -0.71 -2.31 16.32
N LYS A 62 -1.11 -1.31 17.09
CA LYS A 62 -2.44 -1.30 17.72
C LYS A 62 -3.52 -1.00 16.70
N LEU A 63 -3.14 -0.31 15.62
CA LEU A 63 -4.09 0.04 14.57
C LEU A 63 -4.31 -1.13 13.62
N THR A 64 -3.22 -1.74 13.18
CA THR A 64 -3.29 -2.88 12.26
C THR A 64 -4.11 -4.02 12.86
N LYS A 65 -4.15 -4.07 14.19
CA LYS A 65 -4.90 -5.10 14.90
C LYS A 65 -6.36 -5.11 14.45
N GLU A 66 -6.94 -3.91 14.33
CA GLU A 66 -8.33 -3.78 13.91
C GLU A 66 -8.45 -3.75 12.40
N LEU A 67 -7.32 -3.89 11.72
CA LEU A 67 -7.28 -3.88 10.26
C LEU A 67 -7.28 -5.31 9.71
N ILE A 68 -6.41 -6.14 10.26
CA ILE A 68 -6.31 -7.53 9.82
C ILE A 68 -7.53 -8.33 10.26
N GLU A 69 -8.19 -7.87 11.31
CA GLU A 69 -9.38 -8.55 11.84
C GLU A 69 -10.56 -8.34 10.91
N MET A 70 -10.42 -7.40 9.97
CA MET A 70 -11.49 -7.09 9.03
C MET A 70 -11.47 -8.08 7.86
N VAL A 71 -10.31 -8.26 7.26
CA VAL A 71 -10.16 -9.18 6.13
C VAL A 71 -10.38 -10.62 6.57
N GLU A 72 -9.87 -10.98 7.74
CA GLU A 72 -10.03 -12.32 8.27
C GLU A 72 -11.37 -12.48 8.98
N LYS A 73 -12.44 -12.11 8.30
CA LYS A 73 -13.78 -12.20 8.87
C LYS A 73 -14.80 -12.54 7.79
N LYS A 74 -14.62 -11.96 6.60
CA LYS A 74 -15.53 -12.19 5.48
C LYS A 74 -14.84 -12.98 4.38
N PHE A 75 -13.50 -12.90 4.35
CA PHE A 75 -12.72 -13.61 3.34
C PHE A 75 -12.40 -15.03 3.80
N GLN A 76 -13.04 -15.46 4.88
CA GLN A 76 -12.82 -16.79 5.42
C GLN A 76 -11.38 -17.24 5.20
N LYS A 77 -10.44 -16.35 5.52
CA LYS A 77 -9.02 -16.65 5.35
C LYS A 77 -8.18 -15.86 6.36
N ARG A 78 -6.86 -16.04 6.28
CA ARG A 78 -5.95 -15.34 7.18
C ARG A 78 -4.84 -14.64 6.40
N VAL A 79 -4.33 -13.55 6.95
CA VAL A 79 -3.28 -12.78 6.31
C VAL A 79 -1.90 -13.33 6.67
N THR A 80 -1.09 -13.61 5.66
CA THR A 80 0.25 -14.15 5.88
C THR A 80 1.25 -13.50 4.94
N ASP A 81 0.95 -12.29 4.51
CA ASP A 81 1.84 -11.56 3.61
C ASP A 81 1.59 -10.05 3.71
N VAL A 82 2.68 -9.29 3.81
CA VAL A 82 2.57 -7.83 3.92
C VAL A 82 3.66 -7.15 3.09
N ILE A 83 3.27 -6.68 1.91
CA ILE A 83 4.22 -6.01 1.01
C ILE A 83 4.47 -4.58 1.47
N ILE A 84 5.74 -4.27 1.70
CA ILE A 84 6.12 -2.92 2.15
C ILE A 84 6.90 -2.19 1.06
N THR A 85 6.51 -0.95 0.79
CA THR A 85 7.18 -0.14 -0.22
C THR A 85 8.36 0.60 0.36
N HIS A 86 8.10 1.42 1.39
CA HIS A 86 9.16 2.19 2.04
C HIS A 86 9.10 2.02 3.55
N ALA A 87 10.07 2.60 4.24
CA ALA A 87 10.14 2.51 5.69
C ALA A 87 9.44 3.71 6.35
N HIS A 88 8.20 3.51 6.75
CA HIS A 88 7.43 4.57 7.40
C HIS A 88 6.40 3.99 8.36
N ALA A 89 5.96 4.81 9.32
CA ALA A 89 4.97 4.38 10.29
C ALA A 89 3.69 3.90 9.60
N ASP A 90 3.43 4.40 8.41
CA ASP A 90 2.25 4.03 7.65
C ASP A 90 2.55 2.84 6.74
N ARG A 91 3.70 2.21 6.94
CA ARG A 91 4.11 1.07 6.14
C ARG A 91 4.43 -0.13 7.03
N ILE A 92 5.30 0.09 8.01
CA ILE A 92 5.69 -0.98 8.93
C ILE A 92 5.22 -0.68 10.36
N GLY A 93 4.27 0.24 10.47
CA GLY A 93 3.75 0.60 11.78
C GLY A 93 3.29 -0.60 12.58
N GLY A 94 2.90 -1.66 11.87
CA GLY A 94 2.44 -2.87 12.53
C GLY A 94 3.41 -4.02 12.38
N ILE A 95 4.66 -3.70 12.05
CA ILE A 95 5.69 -4.72 11.87
C ILE A 95 5.71 -5.68 13.05
N LYS A 96 5.34 -5.19 14.22
CA LYS A 96 5.32 -6.02 15.42
C LYS A 96 4.19 -7.04 15.35
N THR A 97 3.02 -6.61 14.91
CA THR A 97 1.86 -7.49 14.80
C THR A 97 2.08 -8.53 13.70
N LEU A 98 2.78 -8.13 12.64
CA LEU A 98 3.05 -9.03 11.52
C LEU A 98 3.90 -10.21 11.97
N LYS A 99 4.73 -9.99 12.99
CA LYS A 99 5.59 -11.04 13.51
C LYS A 99 4.97 -11.68 14.75
N GLU A 100 3.66 -11.53 14.90
CA GLU A 100 2.95 -12.10 16.03
C GLU A 100 1.90 -13.10 15.57
N ARG A 101 1.48 -12.97 14.32
CA ARG A 101 0.47 -13.87 13.75
C ARG A 101 1.09 -14.75 12.67
N GLY A 102 2.41 -14.70 12.54
CA GLY A 102 3.10 -15.49 11.54
C GLY A 102 3.14 -14.82 10.19
N ILE A 103 2.85 -13.52 10.16
CA ILE A 103 2.85 -12.76 8.93
C ILE A 103 4.27 -12.33 8.54
N LYS A 104 4.47 -12.08 7.25
CA LYS A 104 5.78 -11.66 6.75
C LYS A 104 5.68 -10.32 6.06
N ALA A 105 6.45 -9.35 6.56
CA ALA A 105 6.45 -8.00 5.98
C ALA A 105 7.49 -7.90 4.86
N HIS A 106 7.12 -8.38 3.67
CA HIS A 106 8.01 -8.34 2.52
C HIS A 106 8.49 -6.92 2.26
N SER A 107 9.73 -6.79 1.79
CA SER A 107 10.31 -5.49 1.50
C SER A 107 11.74 -5.63 1.01
N THR A 108 12.24 -4.59 0.35
CA THR A 108 13.61 -4.60 -0.18
C THR A 108 14.63 -4.43 0.95
N ALA A 109 15.90 -4.35 0.58
CA ALA A 109 16.96 -4.19 1.55
C ALA A 109 17.06 -2.74 2.02
N LEU A 110 16.65 -1.82 1.17
CA LEU A 110 16.70 -0.39 1.50
C LEU A 110 15.56 -0.02 2.46
N THR A 111 14.35 -0.46 2.13
CA THR A 111 13.18 -0.18 2.96
C THR A 111 13.42 -0.62 4.40
N ALA A 112 14.29 -1.61 4.58
CA ALA A 112 14.61 -2.12 5.91
C ALA A 112 15.75 -1.34 6.54
N GLU A 113 16.64 -0.81 5.70
CA GLU A 113 17.79 -0.04 6.18
C GLU A 113 17.33 1.19 6.94
N LEU A 114 16.18 1.74 6.53
CA LEU A 114 15.63 2.93 7.18
C LEU A 114 14.73 2.56 8.34
N ALA A 115 14.17 1.36 8.28
CA ALA A 115 13.28 0.87 9.34
C ALA A 115 13.99 0.87 10.69
N LYS A 116 14.98 0.02 10.83
CA LYS A 116 15.74 -0.07 12.08
C LYS A 116 16.32 1.28 12.47
N LYS A 117 16.54 2.14 11.48
CA LYS A 117 17.08 3.47 11.72
C LYS A 117 16.11 4.31 12.54
N ASN A 118 14.83 3.97 12.46
CA ASN A 118 13.80 4.69 13.19
C ASN A 118 13.51 4.02 14.54
N GLY A 119 13.53 2.69 14.53
CA GLY A 119 13.26 1.94 15.76
C GLY A 119 12.39 0.73 15.51
N TYR A 120 11.87 0.61 14.30
CA TYR A 120 11.00 -0.51 13.94
C TYR A 120 11.74 -1.83 14.11
N GLU A 121 11.11 -2.92 13.67
CA GLU A 121 11.70 -4.25 13.78
C GLU A 121 12.32 -4.67 12.45
N GLU A 122 12.21 -3.81 11.44
CA GLU A 122 12.76 -4.09 10.12
C GLU A 122 12.02 -5.26 9.48
N PRO A 123 11.58 -5.07 8.23
CA PRO A 123 10.85 -6.09 7.47
C PRO A 123 11.76 -7.26 7.06
N LEU A 124 11.24 -8.12 6.19
CA LEU A 124 12.01 -9.27 5.73
C LEU A 124 13.36 -8.85 5.17
N GLY A 125 13.36 -7.77 4.38
CA GLY A 125 14.58 -7.28 3.80
C GLY A 125 15.24 -8.30 2.89
N ASP A 126 14.52 -8.75 1.87
CA ASP A 126 15.03 -9.73 0.93
C ASP A 126 14.36 -9.58 -0.43
N LEU A 127 14.07 -8.35 -0.82
CA LEU A 127 13.43 -8.07 -2.10
C LEU A 127 14.35 -7.27 -3.01
N GLN A 128 13.80 -6.78 -4.11
CA GLN A 128 14.57 -5.99 -5.06
C GLN A 128 13.68 -5.04 -5.85
N THR A 129 14.23 -4.44 -6.90
CA THR A 129 13.47 -3.51 -7.73
C THR A 129 12.14 -4.11 -8.16
N VAL A 130 12.21 -5.25 -8.84
CA VAL A 130 11.01 -5.93 -9.31
C VAL A 130 11.02 -7.40 -8.92
N THR A 131 9.98 -7.82 -8.21
CA THR A 131 9.87 -9.20 -7.76
C THR A 131 8.49 -9.77 -8.07
N ASN A 132 8.46 -10.89 -8.79
CA ASN A 132 7.21 -11.54 -9.16
C ASN A 132 6.66 -12.37 -8.00
N LEU A 133 5.65 -11.83 -7.31
CA LEU A 133 5.04 -12.53 -6.18
C LEU A 133 3.87 -13.38 -6.63
N LYS A 134 3.62 -14.47 -5.91
CA LYS A 134 2.52 -15.37 -6.24
C LYS A 134 1.90 -15.95 -4.97
N PHE A 135 0.59 -15.77 -4.83
CA PHE A 135 -0.12 -16.27 -3.66
C PHE A 135 -1.31 -17.14 -4.08
N GLY A 136 -1.07 -18.06 -5.02
CA GLY A 136 -2.13 -18.92 -5.49
C GLY A 136 -3.19 -18.18 -6.26
N ASN A 137 -3.36 -18.52 -7.53
CA ASN A 137 -4.35 -17.87 -8.39
C ASN A 137 -4.19 -16.35 -8.34
N MET A 138 -2.96 -15.90 -8.11
CA MET A 138 -2.68 -14.47 -8.05
C MET A 138 -1.29 -14.16 -8.61
N LYS A 139 -1.18 -13.05 -9.34
CA LYS A 139 0.08 -12.65 -9.94
C LYS A 139 0.41 -11.20 -9.59
N VAL A 140 1.55 -10.99 -8.95
CA VAL A 140 1.97 -9.65 -8.56
C VAL A 140 3.43 -9.40 -8.95
N GLU A 141 3.76 -8.13 -9.15
CA GLU A 141 5.13 -7.75 -9.53
C GLU A 141 5.46 -6.35 -9.04
N THR A 142 6.56 -6.23 -8.31
CA THR A 142 6.99 -4.94 -7.78
C THR A 142 7.62 -4.08 -8.87
N PHE A 143 8.09 -2.90 -8.48
CA PHE A 143 8.72 -1.98 -9.43
C PHE A 143 9.26 -0.75 -8.71
N TYR A 144 10.43 -0.30 -9.14
CA TYR A 144 11.07 0.86 -8.54
C TYR A 144 11.40 1.91 -9.59
N PRO A 145 10.50 2.90 -9.76
CA PRO A 145 10.68 3.98 -10.73
C PRO A 145 11.80 4.93 -10.34
N GLY A 146 11.78 5.39 -9.09
CA GLY A 146 12.80 6.30 -8.62
C GLY A 146 12.53 6.79 -7.21
N LYS A 147 13.08 7.96 -6.88
CA LYS A 147 12.89 8.54 -5.55
C LYS A 147 11.75 9.56 -5.56
N GLY A 148 10.81 9.40 -4.64
CA GLY A 148 9.69 10.31 -4.56
C GLY A 148 9.32 10.65 -3.13
N HIS A 149 8.38 9.91 -2.57
CA HIS A 149 7.94 10.15 -1.20
C HIS A 149 9.03 9.76 -0.21
N THR A 150 9.85 8.78 -0.57
CA THR A 150 10.94 8.32 0.28
C THR A 150 12.10 7.78 -0.55
N GLU A 151 13.27 7.71 0.07
CA GLU A 151 14.47 7.22 -0.61
C GLU A 151 14.30 5.76 -1.02
N ASP A 152 13.41 5.06 -0.31
CA ASP A 152 13.14 3.65 -0.61
C ASP A 152 11.68 3.44 -0.97
N ASN A 153 11.15 4.31 -1.81
CA ASN A 153 9.75 4.21 -2.23
C ASN A 153 9.63 3.44 -3.54
N ILE A 154 8.67 2.52 -3.59
CA ILE A 154 8.45 1.71 -4.78
C ILE A 154 6.97 1.59 -5.10
N VAL A 155 6.66 1.03 -6.26
CA VAL A 155 5.26 0.86 -6.68
C VAL A 155 4.96 -0.62 -6.94
N VAL A 156 3.70 -0.99 -6.72
CA VAL A 156 3.26 -2.37 -6.95
C VAL A 156 2.49 -2.50 -8.25
N TRP A 157 2.67 -3.62 -8.93
CA TRP A 157 1.99 -3.87 -10.19
C TRP A 157 1.32 -5.24 -10.19
N LEU A 158 0.22 -5.36 -10.92
CA LEU A 158 -0.51 -6.62 -11.00
C LEU A 158 -0.73 -7.04 -12.45
N PRO A 159 0.17 -7.90 -12.96
CA PRO A 159 0.10 -8.38 -14.34
C PRO A 159 -1.07 -9.33 -14.55
N GLN A 160 -2.28 -8.78 -14.57
CA GLN A 160 -3.48 -9.59 -14.77
C GLN A 160 -4.73 -8.71 -14.72
N TYR A 161 -4.69 -7.68 -13.88
CA TYR A 161 -5.82 -6.77 -13.73
C TYR A 161 -5.44 -5.35 -14.14
N ASN A 162 -4.14 -5.12 -14.28
CA ASN A 162 -3.63 -3.81 -14.66
C ASN A 162 -3.84 -2.79 -13.54
N ILE A 163 -3.91 -3.30 -12.31
CA ILE A 163 -4.10 -2.43 -11.14
C ILE A 163 -2.77 -2.11 -10.48
N LEU A 164 -2.42 -0.83 -10.47
CA LEU A 164 -1.17 -0.37 -9.87
C LEU A 164 -1.43 0.25 -8.50
N VAL A 165 -0.57 -0.07 -7.54
CA VAL A 165 -0.69 0.47 -6.19
C VAL A 165 0.57 1.22 -5.78
N GLY A 166 0.84 2.33 -6.44
CA GLY A 166 2.03 3.11 -6.12
C GLY A 166 2.13 3.44 -4.64
N GLY A 167 1.06 4.03 -4.09
CA GLY A 167 1.06 4.38 -2.68
C GLY A 167 1.24 5.87 -2.45
N CYS A 168 2.10 6.22 -1.50
CA CYS A 168 2.36 7.62 -1.18
C CYS A 168 2.97 8.35 -2.39
N LEU A 169 3.47 7.58 -3.34
CA LEU A 169 4.08 8.15 -4.55
C LEU A 169 3.02 8.79 -5.44
N VAL A 170 1.97 8.03 -5.74
CA VAL A 170 0.89 8.53 -6.58
C VAL A 170 -0.16 9.25 -5.75
N LYS A 171 -0.52 10.47 -6.17
CA LYS A 171 -1.51 11.26 -5.47
C LYS A 171 -2.85 11.22 -6.20
N SER A 172 -3.94 11.23 -5.43
CA SER A 172 -5.27 11.20 -6.00
C SER A 172 -5.60 12.51 -6.71
N THR A 173 -6.56 12.44 -7.63
CA THR A 173 -6.97 13.62 -8.39
C THR A 173 -7.42 14.74 -7.47
N SER A 174 -8.27 14.41 -6.49
CA SER A 174 -8.77 15.39 -5.55
C SER A 174 -7.62 16.14 -4.87
N ALA A 175 -6.48 15.47 -4.76
CA ALA A 175 -5.30 16.07 -4.15
C ALA A 175 -4.89 17.35 -4.87
N LYS A 176 -4.29 18.27 -4.13
CA LYS A 176 -3.85 19.54 -4.70
C LYS A 176 -2.33 19.67 -4.62
N ASP A 177 -1.73 19.00 -3.65
CA ASP A 177 -0.29 19.04 -3.47
C ASP A 177 0.23 17.72 -2.89
N LEU A 178 1.54 17.63 -2.69
CA LEU A 178 2.16 16.43 -2.15
C LEU A 178 2.24 16.51 -0.62
N GLY A 179 2.51 17.71 -0.11
CA GLY A 179 2.62 17.90 1.32
C GLY A 179 4.06 18.02 1.78
N ASN A 180 4.30 17.71 3.05
CA ASN A 180 5.64 17.81 3.62
C ASN A 180 6.62 16.95 2.83
N VAL A 181 7.62 17.60 2.23
CA VAL A 181 8.62 16.89 1.45
C VAL A 181 10.01 17.04 2.07
N ALA A 182 10.06 17.02 3.40
CA ALA A 182 11.32 17.14 4.12
C ALA A 182 12.21 15.92 3.89
N ASP A 183 11.60 14.75 3.83
CA ASP A 183 12.34 13.51 3.61
C ASP A 183 11.92 12.86 2.30
N ALA A 184 11.72 13.68 1.27
CA ALA A 184 11.32 13.18 -0.04
C ALA A 184 12.11 13.86 -1.15
N TYR A 185 12.00 13.32 -2.36
CA TYR A 185 12.71 13.88 -3.50
C TYR A 185 11.73 14.42 -4.53
N VAL A 186 11.42 15.71 -4.43
CA VAL A 186 10.49 16.36 -5.35
C VAL A 186 11.10 16.47 -6.74
N ASN A 187 12.43 16.45 -6.80
CA ASN A 187 13.14 16.56 -8.07
C ASN A 187 13.18 15.22 -8.79
N GLU A 188 13.09 14.14 -8.02
CA GLU A 188 13.11 12.79 -8.57
C GLU A 188 11.69 12.25 -8.74
N TRP A 189 10.76 12.78 -7.96
CA TRP A 189 9.38 12.35 -8.02
C TRP A 189 8.85 12.38 -9.45
N SER A 190 8.94 13.54 -10.07
CA SER A 190 8.47 13.71 -11.45
C SER A 190 9.08 12.65 -12.36
N THR A 191 10.32 12.28 -12.08
CA THR A 191 11.02 11.28 -12.87
C THR A 191 10.49 9.89 -12.60
N SER A 192 10.07 9.65 -11.35
CA SER A 192 9.54 8.35 -10.96
C SER A 192 8.19 8.09 -11.63
N ILE A 193 7.27 9.04 -11.50
CA ILE A 193 5.95 8.92 -12.09
C ILE A 193 6.05 8.74 -13.60
N GLU A 194 6.99 9.45 -14.23
CA GLU A 194 7.18 9.37 -15.66
C GLU A 194 7.60 7.96 -16.09
N ASN A 195 8.03 7.17 -15.11
CA ASN A 195 8.47 5.81 -15.37
C ASN A 195 7.37 4.81 -15.03
N VAL A 196 6.44 5.24 -14.18
CA VAL A 196 5.33 4.39 -13.77
C VAL A 196 4.15 4.51 -14.72
N LEU A 197 4.07 5.65 -15.41
CA LEU A 197 2.98 5.89 -16.35
C LEU A 197 3.45 5.65 -17.78
N LYS A 198 4.70 5.21 -17.93
CA LYS A 198 5.26 4.92 -19.24
C LYS A 198 5.63 3.45 -19.36
N ARG A 199 5.69 2.76 -18.22
CA ARG A 199 6.03 1.34 -18.20
C ARG A 199 4.78 0.47 -18.26
N TYR A 200 3.63 1.12 -18.37
CA TYR A 200 2.36 0.41 -18.42
C TYR A 200 1.43 1.03 -19.46
N ARG A 201 0.90 2.20 -19.15
CA ARG A 201 0.00 2.90 -20.06
C ARG A 201 -1.25 2.08 -20.34
N ASN A 202 -1.59 1.19 -19.41
CA ASN A 202 -2.76 0.34 -19.56
C ASN A 202 -3.38 0.03 -18.20
N ILE A 203 -3.12 0.89 -17.22
CA ILE A 203 -3.66 0.71 -15.88
C ILE A 203 -5.18 0.76 -15.87
N ASN A 204 -5.80 -0.02 -15.01
CA ASN A 204 -7.25 -0.06 -14.91
C ASN A 204 -7.74 0.73 -13.70
N ALA A 205 -6.90 0.80 -12.67
CA ALA A 205 -7.22 1.53 -11.46
C ALA A 205 -5.97 1.86 -10.65
N VAL A 206 -5.86 3.12 -10.23
CA VAL A 206 -4.70 3.56 -9.45
C VAL A 206 -5.11 3.89 -8.02
N VAL A 207 -4.45 3.24 -7.06
CA VAL A 207 -4.75 3.46 -5.66
C VAL A 207 -3.59 4.18 -4.97
N PRO A 208 -3.77 5.49 -4.71
CA PRO A 208 -2.76 6.32 -4.06
C PRO A 208 -2.58 5.96 -2.59
N GLY A 209 -1.82 6.79 -1.87
CA GLY A 209 -1.58 6.53 -0.45
C GLY A 209 -2.37 7.47 0.43
N HIS A 210 -2.77 8.62 -0.11
CA HIS A 210 -3.52 9.61 0.65
C HIS A 210 -4.52 10.33 -0.25
N GLY A 211 -5.71 9.75 -0.41
CA GLY A 211 -6.73 10.36 -1.25
C GLY A 211 -7.85 9.40 -1.58
N GLU A 212 -7.79 8.82 -2.77
CA GLU A 212 -8.82 7.87 -3.22
C GLU A 212 -8.41 7.20 -4.52
N VAL A 213 -9.05 6.07 -4.83
CA VAL A 213 -8.75 5.33 -6.04
C VAL A 213 -9.25 6.08 -7.27
N GLY A 214 -8.57 5.88 -8.40
CA GLY A 214 -8.96 6.54 -9.63
C GLY A 214 -8.51 5.79 -10.86
N ASP A 215 -7.51 6.33 -11.55
CA ASP A 215 -6.98 5.71 -12.76
C ASP A 215 -5.57 6.20 -13.06
N LYS A 216 -5.06 5.86 -14.24
CA LYS A 216 -3.72 6.26 -14.65
C LYS A 216 -3.57 7.77 -14.57
N GLY A 217 -4.69 8.48 -14.64
CA GLY A 217 -4.67 9.94 -14.58
C GLY A 217 -3.92 10.45 -13.36
N LEU A 218 -4.01 9.71 -12.26
CA LEU A 218 -3.34 10.09 -11.02
C LEU A 218 -1.87 10.39 -11.27
N LEU A 219 -1.21 9.52 -12.01
CA LEU A 219 0.20 9.69 -12.33
C LEU A 219 0.45 11.01 -13.05
N LEU A 220 -0.42 11.32 -14.00
CA LEU A 220 -0.30 12.55 -14.77
C LEU A 220 -0.54 13.77 -13.88
N HIS A 221 -1.55 13.67 -13.01
CA HIS A 221 -1.88 14.75 -12.10
C HIS A 221 -0.75 14.99 -11.09
N THR A 222 -0.15 13.91 -10.63
CA THR A 222 0.95 13.99 -9.67
C THR A 222 2.04 14.94 -10.15
N LEU A 223 2.42 14.79 -11.41
CA LEU A 223 3.46 15.63 -12.00
C LEU A 223 3.12 17.12 -11.82
N ASP A 224 1.85 17.44 -12.00
CA ASP A 224 1.40 18.83 -11.86
C ASP A 224 1.59 19.32 -10.42
N LEU A 225 1.40 18.41 -9.47
CA LEU A 225 1.55 18.76 -8.06
C LEU A 225 2.98 19.18 -7.75
N LEU A 226 3.93 18.70 -8.55
CA LEU A 226 5.34 19.03 -8.38
C LEU A 226 5.71 20.28 -9.17
N LYS A 227 5.21 20.36 -10.39
CA LYS A 227 5.48 21.51 -11.25
C LYS A 227 5.13 22.81 -10.55
N SER A 1 -20.63 -24.43 3.64
CA SER A 1 -19.18 -24.53 3.57
C SER A 1 -18.56 -23.20 3.17
N GLN A 2 -19.21 -22.50 2.24
CA GLN A 2 -18.73 -21.21 1.76
C GLN A 2 -19.89 -20.32 1.33
N LYS A 3 -19.93 -19.11 1.89
CA LYS A 3 -20.99 -18.16 1.55
C LYS A 3 -20.43 -16.75 1.43
N VAL A 4 -21.04 -15.94 0.57
CA VAL A 4 -20.61 -14.57 0.37
C VAL A 4 -21.80 -13.63 0.23
N GLU A 5 -21.68 -12.44 0.81
CA GLU A 5 -22.75 -11.45 0.77
C GLU A 5 -22.28 -10.11 1.32
N LYS A 6 -22.82 -9.02 0.78
CA LYS A 6 -22.46 -7.68 1.23
C LYS A 6 -20.98 -7.41 0.98
N THR A 7 -20.60 -6.14 1.02
CA THR A 7 -19.23 -5.74 0.80
C THR A 7 -18.86 -4.51 1.62
N VAL A 8 -17.61 -4.07 1.51
CA VAL A 8 -17.14 -2.90 2.24
C VAL A 8 -17.24 -3.12 3.75
N ILE A 9 -16.14 -3.56 4.34
CA ILE A 9 -16.10 -3.81 5.78
C ILE A 9 -15.70 -2.56 6.55
N LYS A 10 -16.09 -2.49 7.82
CA LYS A 10 -15.78 -1.35 8.66
C LYS A 10 -15.57 -1.78 10.11
N ASN A 11 -14.84 -0.98 10.87
CA ASN A 11 -14.57 -1.27 12.26
C ASN A 11 -15.68 -0.75 13.16
N GLU A 12 -15.64 -1.11 14.44
CA GLU A 12 -16.64 -0.68 15.40
C GLU A 12 -16.69 0.85 15.47
N THR A 13 -15.56 1.49 15.24
CA THR A 13 -15.48 2.95 15.28
C THR A 13 -15.54 3.53 13.88
N GLY A 14 -15.00 2.80 12.90
CA GLY A 14 -15.01 3.28 11.53
C GLY A 14 -13.64 3.74 11.07
N THR A 15 -12.69 3.81 12.01
CA THR A 15 -11.34 4.24 11.70
C THR A 15 -10.76 3.46 10.52
N ILE A 16 -11.16 2.20 10.41
CA ILE A 16 -10.69 1.34 9.33
C ILE A 16 -11.86 0.75 8.54
N SER A 17 -11.62 0.46 7.27
CA SER A 17 -12.65 -0.11 6.40
C SER A 17 -12.07 -0.54 5.07
N ILE A 18 -12.82 -1.34 4.32
CA ILE A 18 -12.38 -1.83 3.02
C ILE A 18 -13.46 -1.61 1.97
N SER A 19 -13.21 -2.15 0.77
CA SER A 19 -14.17 -2.01 -0.34
C SER A 19 -13.72 -2.85 -1.53
N GLN A 20 -14.66 -3.60 -2.10
CA GLN A 20 -14.38 -4.45 -3.24
C GLN A 20 -14.06 -3.61 -4.47
N LEU A 21 -12.87 -3.79 -5.02
CA LEU A 21 -12.44 -3.05 -6.20
C LEU A 21 -12.53 -3.91 -7.45
N ASN A 22 -12.05 -5.15 -7.35
CA ASN A 22 -12.09 -6.07 -8.48
C ASN A 22 -12.30 -7.51 -8.00
N LYS A 23 -13.29 -7.69 -7.13
CA LYS A 23 -13.59 -9.02 -6.59
C LYS A 23 -12.50 -9.47 -5.63
N ASN A 24 -11.33 -9.80 -6.17
CA ASN A 24 -10.21 -10.25 -5.36
C ASN A 24 -9.37 -9.07 -4.88
N VAL A 25 -9.46 -7.96 -5.60
CA VAL A 25 -8.72 -6.75 -5.25
C VAL A 25 -9.58 -5.78 -4.44
N TRP A 26 -9.14 -5.49 -3.23
CA TRP A 26 -9.88 -4.57 -2.36
C TRP A 26 -9.00 -3.41 -1.92
N VAL A 27 -9.63 -2.33 -1.47
CA VAL A 27 -8.90 -1.16 -1.01
C VAL A 27 -9.27 -0.80 0.42
N HIS A 28 -8.34 -1.04 1.34
CA HIS A 28 -8.56 -0.75 2.75
C HIS A 28 -7.87 0.55 3.15
N THR A 29 -8.56 1.36 3.94
CA THR A 29 -8.00 2.63 4.40
C THR A 29 -8.22 2.83 5.90
N GLU A 30 -7.18 3.30 6.59
CA GLU A 30 -7.26 3.52 8.02
C GLU A 30 -6.82 4.93 8.38
N LEU A 31 -7.13 5.36 9.60
CA LEU A 31 -6.76 6.69 10.06
C LEU A 31 -5.81 6.61 11.25
N GLY A 32 -4.77 7.43 11.24
CA GLY A 32 -3.81 7.44 12.33
C GLY A 32 -3.50 8.84 12.83
N SER A 33 -3.97 9.16 14.02
CA SER A 33 -3.74 10.48 14.61
C SER A 33 -2.26 10.84 14.58
N PHE A 34 -1.94 11.94 13.90
CA PHE A 34 -0.56 12.39 13.78
C PHE A 34 -0.35 13.70 14.55
N ASN A 35 0.13 13.59 15.78
CA ASN A 35 0.37 14.76 16.61
C ASN A 35 -0.91 15.58 16.78
N GLY A 36 -2.05 14.91 16.66
CA GLY A 36 -3.33 15.59 16.81
C GLY A 36 -3.94 15.97 15.47
N GLU A 37 -3.65 15.16 14.45
CA GLU A 37 -4.17 15.43 13.11
C GLU A 37 -4.49 14.12 12.39
N ALA A 38 -5.76 13.95 12.02
CA ALA A 38 -6.19 12.74 11.31
C ALA A 38 -5.59 12.68 9.92
N VAL A 39 -5.05 11.52 9.56
CA VAL A 39 -4.45 11.33 8.25
C VAL A 39 -4.73 9.92 7.71
N PRO A 40 -5.68 9.83 6.78
CA PRO A 40 -6.07 8.55 6.16
C PRO A 40 -4.99 7.99 5.25
N SER A 41 -4.80 6.68 5.30
CA SER A 41 -3.78 6.02 4.50
C SER A 41 -4.41 4.94 3.61
N ASN A 42 -4.47 5.20 2.31
CA ASN A 42 -5.05 4.25 1.36
C ASN A 42 -4.17 3.01 1.25
N GLY A 43 -4.82 1.86 1.10
CA GLY A 43 -4.09 0.61 0.98
C GLY A 43 -4.73 -0.33 -0.03
N LEU A 44 -4.50 -1.64 0.17
CA LEU A 44 -5.06 -2.64 -0.73
C LEU A 44 -4.96 -4.04 -0.11
N VAL A 45 -5.95 -4.87 -0.38
CA VAL A 45 -5.98 -6.23 0.15
C VAL A 45 -6.21 -7.25 -0.97
N LEU A 46 -5.47 -8.34 -0.93
CA LEU A 46 -5.59 -9.39 -1.92
C LEU A 46 -6.32 -10.60 -1.36
N ASN A 47 -7.33 -11.08 -2.09
CA ASN A 47 -8.11 -12.23 -1.66
C ASN A 47 -7.64 -13.50 -2.37
N THR A 48 -6.36 -13.80 -2.24
CA THR A 48 -5.79 -14.99 -2.87
C THR A 48 -6.37 -16.27 -2.26
N SER A 49 -6.08 -17.39 -2.90
CA SER A 49 -6.58 -18.68 -2.44
C SER A 49 -5.54 -19.38 -1.57
N LYS A 50 -4.68 -18.60 -0.93
CA LYS A 50 -3.64 -19.15 -0.07
C LYS A 50 -3.30 -18.17 1.06
N GLY A 51 -4.28 -17.36 1.45
CA GLY A 51 -4.07 -16.40 2.51
C GLY A 51 -4.08 -14.97 2.02
N LEU A 52 -4.91 -14.14 2.65
CA LEU A 52 -5.01 -12.73 2.26
C LEU A 52 -3.65 -12.06 2.28
N VAL A 53 -3.58 -10.86 1.71
CA VAL A 53 -2.34 -10.10 1.66
C VAL A 53 -2.59 -8.60 1.77
N LEU A 54 -1.71 -7.90 2.45
CA LEU A 54 -1.84 -6.45 2.62
C LEU A 54 -0.70 -5.72 1.92
N VAL A 55 -1.06 -4.75 1.08
CA VAL A 55 -0.07 -3.97 0.35
C VAL A 55 0.56 -2.91 1.24
N ASP A 56 0.09 -2.82 2.48
CA ASP A 56 0.61 -1.86 3.44
C ASP A 56 -0.09 -1.99 4.78
N SER A 57 0.69 -2.03 5.86
CA SER A 57 0.15 -2.17 7.20
C SER A 57 -0.55 -0.88 7.64
N SER A 58 -0.84 -0.78 8.93
CA SER A 58 -1.51 0.40 9.47
C SER A 58 -0.49 1.40 10.00
N TRP A 59 -0.98 2.47 10.62
CA TRP A 59 -0.12 3.51 11.18
C TRP A 59 0.66 2.97 12.38
N ASP A 60 -0.02 2.20 13.22
CA ASP A 60 0.60 1.63 14.41
C ASP A 60 0.19 0.18 14.59
N ASP A 61 0.90 -0.53 15.47
CA ASP A 61 0.60 -1.93 15.73
C ASP A 61 -0.80 -2.09 16.33
N LYS A 62 -1.20 -1.12 17.15
CA LYS A 62 -2.52 -1.15 17.78
C LYS A 62 -3.62 -0.90 16.74
N LEU A 63 -3.26 -0.25 15.65
CA LEU A 63 -4.21 0.05 14.58
C LEU A 63 -4.40 -1.15 13.66
N THR A 64 -3.29 -1.71 13.20
CA THR A 64 -3.34 -2.88 12.30
C THR A 64 -4.08 -4.03 12.96
N LYS A 65 -4.00 -4.12 14.28
CA LYS A 65 -4.65 -5.18 15.03
C LYS A 65 -6.15 -5.22 14.71
N GLU A 66 -6.75 -4.04 14.55
CA GLU A 66 -8.17 -3.96 14.24
C GLU A 66 -8.41 -4.06 12.74
N LEU A 67 -7.32 -3.98 11.96
CA LEU A 67 -7.41 -4.07 10.51
C LEU A 67 -7.41 -5.51 10.05
N ILE A 68 -6.47 -6.30 10.59
CA ILE A 68 -6.36 -7.71 10.23
C ILE A 68 -7.56 -8.50 10.76
N GLU A 69 -8.34 -7.88 11.63
CA GLU A 69 -9.51 -8.52 12.21
C GLU A 69 -10.76 -8.22 11.38
N MET A 70 -10.56 -7.76 10.15
CA MET A 70 -11.66 -7.44 9.26
C MET A 70 -11.65 -8.34 8.04
N VAL A 71 -10.50 -8.42 7.37
CA VAL A 71 -10.36 -9.26 6.19
C VAL A 71 -10.55 -10.73 6.52
N GLU A 72 -10.07 -11.13 7.70
CA GLU A 72 -10.19 -12.51 8.14
C GLU A 72 -11.54 -12.76 8.81
N LYS A 73 -12.60 -12.36 8.14
CA LYS A 73 -13.95 -12.54 8.68
C LYS A 73 -14.94 -12.88 7.56
N LYS A 74 -14.78 -12.24 6.41
CA LYS A 74 -15.65 -12.48 5.27
C LYS A 74 -14.91 -13.23 4.18
N PHE A 75 -13.59 -13.11 4.17
CA PHE A 75 -12.76 -13.78 3.17
C PHE A 75 -12.36 -15.17 3.65
N GLN A 76 -12.99 -15.63 4.73
CA GLN A 76 -12.69 -16.95 5.28
C GLN A 76 -11.23 -17.31 5.08
N LYS A 77 -10.34 -16.37 5.39
CA LYS A 77 -8.91 -16.59 5.24
C LYS A 77 -8.13 -15.77 6.25
N ARG A 78 -6.80 -15.84 6.16
CA ARG A 78 -5.94 -15.10 7.08
C ARG A 78 -4.82 -14.40 6.32
N VAL A 79 -4.34 -13.28 6.88
CA VAL A 79 -3.27 -12.52 6.25
C VAL A 79 -1.90 -13.04 6.66
N THR A 80 -1.13 -13.51 5.69
CA THR A 80 0.21 -14.04 5.94
C THR A 80 1.24 -13.37 5.05
N ASP A 81 0.92 -12.19 4.56
CA ASP A 81 1.82 -11.45 3.68
C ASP A 81 1.55 -9.95 3.77
N VAL A 82 2.60 -9.16 3.90
CA VAL A 82 2.48 -7.72 3.99
C VAL A 82 3.53 -7.02 3.13
N ILE A 83 3.13 -6.58 1.94
CA ILE A 83 4.03 -5.90 1.03
C ILE A 83 4.30 -4.47 1.48
N ILE A 84 5.58 -4.13 1.63
CA ILE A 84 5.97 -2.79 2.05
C ILE A 84 6.69 -2.05 0.94
N THR A 85 6.25 -0.82 0.67
CA THR A 85 6.87 -0.01 -0.37
C THR A 85 8.02 0.81 0.18
N HIS A 86 7.75 1.58 1.24
CA HIS A 86 8.76 2.41 1.86
C HIS A 86 8.72 2.26 3.38
N ALA A 87 9.80 2.68 4.04
CA ALA A 87 9.88 2.60 5.49
C ALA A 87 9.22 3.80 6.15
N HIS A 88 7.98 3.61 6.59
CA HIS A 88 7.23 4.68 7.24
C HIS A 88 6.22 4.12 8.23
N ALA A 89 5.80 4.94 9.18
CA ALA A 89 4.83 4.52 10.18
C ALA A 89 3.54 4.02 9.54
N ASP A 90 3.28 4.49 8.31
CA ASP A 90 2.09 4.10 7.59
C ASP A 90 2.37 2.90 6.68
N ARG A 91 3.47 2.22 6.95
CA ARG A 91 3.86 1.05 6.17
C ARG A 91 4.25 -0.12 7.07
N ILE A 92 5.17 0.15 8.00
CA ILE A 92 5.62 -0.88 8.93
C ILE A 92 5.20 -0.54 10.36
N GLY A 93 4.28 0.39 10.50
CA GLY A 93 3.81 0.79 11.82
C GLY A 93 3.40 -0.40 12.67
N GLY A 94 2.84 -1.43 12.02
CA GLY A 94 2.41 -2.62 12.74
C GLY A 94 3.35 -3.78 12.53
N ILE A 95 4.57 -3.49 12.08
CA ILE A 95 5.56 -4.53 11.85
C ILE A 95 5.63 -5.51 13.01
N LYS A 96 5.37 -5.01 14.21
CA LYS A 96 5.40 -5.83 15.41
C LYS A 96 4.30 -6.88 15.38
N THR A 97 3.06 -6.43 15.19
CA THR A 97 1.93 -7.34 15.12
C THR A 97 2.09 -8.38 14.01
N LEU A 98 2.62 -7.92 12.87
CA LEU A 98 2.83 -8.81 11.74
C LEU A 98 3.79 -9.94 12.10
N LYS A 99 4.70 -9.67 13.03
CA LYS A 99 5.67 -10.66 13.47
C LYS A 99 5.23 -11.32 14.78
N GLU A 100 3.93 -11.29 15.04
CA GLU A 100 3.38 -11.88 16.25
C GLU A 100 2.49 -13.08 15.91
N ARG A 101 1.79 -13.00 14.79
CA ARG A 101 0.91 -14.08 14.36
C ARG A 101 1.61 -15.00 13.37
N GLY A 102 2.65 -14.48 12.73
CA GLY A 102 3.39 -15.27 11.77
C GLY A 102 3.39 -14.65 10.38
N ILE A 103 3.04 -13.37 10.31
CA ILE A 103 2.99 -12.66 9.04
C ILE A 103 4.38 -12.16 8.63
N LYS A 104 4.57 -11.94 7.33
CA LYS A 104 5.85 -11.46 6.83
C LYS A 104 5.68 -10.12 6.12
N ALA A 105 6.45 -9.13 6.56
CA ALA A 105 6.39 -7.80 5.97
C ALA A 105 7.40 -7.65 4.85
N HIS A 106 7.03 -8.12 3.65
CA HIS A 106 7.91 -8.04 2.49
C HIS A 106 8.42 -6.61 2.29
N SER A 107 9.67 -6.49 1.88
CA SER A 107 10.27 -5.18 1.65
C SER A 107 11.70 -5.31 1.15
N THR A 108 12.16 -4.33 0.37
CA THR A 108 13.51 -4.34 -0.17
C THR A 108 14.54 -4.11 0.92
N ALA A 109 15.77 -4.55 0.67
CA ALA A 109 16.85 -4.37 1.63
C ALA A 109 17.04 -2.91 1.99
N LEU A 110 16.62 -2.02 1.10
CA LEU A 110 16.73 -0.59 1.33
C LEU A 110 15.67 -0.09 2.31
N THR A 111 14.43 -0.51 2.07
CA THR A 111 13.32 -0.12 2.93
C THR A 111 13.59 -0.49 4.39
N ALA A 112 14.39 -1.52 4.60
CA ALA A 112 14.74 -1.96 5.94
C ALA A 112 15.85 -1.10 6.53
N GLU A 113 16.64 -0.47 5.66
CA GLU A 113 17.73 0.38 6.10
C GLU A 113 17.20 1.59 6.87
N LEU A 114 16.08 2.13 6.41
CA LEU A 114 15.47 3.29 7.05
C LEU A 114 14.57 2.88 8.21
N ALA A 115 14.08 1.64 8.14
CA ALA A 115 13.21 1.12 9.19
C ALA A 115 13.90 1.14 10.54
N LYS A 116 14.97 0.35 10.68
CA LYS A 116 15.72 0.27 11.92
C LYS A 116 16.19 1.66 12.34
N LYS A 117 16.37 2.55 11.37
CA LYS A 117 16.81 3.91 11.64
C LYS A 117 15.78 4.67 12.46
N ASN A 118 14.52 4.24 12.37
CA ASN A 118 13.44 4.89 13.10
C ASN A 118 13.17 4.17 14.41
N GLY A 119 13.39 2.86 14.43
CA GLY A 119 13.17 2.08 15.63
C GLY A 119 12.29 0.88 15.38
N TYR A 120 11.77 0.76 14.16
CA TYR A 120 10.90 -0.34 13.80
C TYR A 120 11.62 -1.68 13.98
N GLU A 121 10.97 -2.76 13.54
CA GLU A 121 11.55 -4.10 13.65
C GLU A 121 12.20 -4.51 12.34
N GLU A 122 12.11 -3.65 11.34
CA GLU A 122 12.70 -3.93 10.03
C GLU A 122 11.97 -5.10 9.36
N PRO A 123 11.51 -4.87 8.11
CA PRO A 123 10.80 -5.88 7.34
C PRO A 123 11.71 -7.02 6.90
N LEU A 124 11.19 -7.88 6.03
CA LEU A 124 11.96 -9.02 5.53
C LEU A 124 13.31 -8.57 4.99
N GLY A 125 13.33 -7.40 4.36
CA GLY A 125 14.56 -6.87 3.80
C GLY A 125 15.27 -7.87 2.91
N ASP A 126 14.55 -8.39 1.92
CA ASP A 126 15.11 -9.36 0.98
C ASP A 126 14.42 -9.27 -0.37
N LEU A 127 14.28 -8.07 -0.89
CA LEU A 127 13.63 -7.85 -2.17
C LEU A 127 14.56 -7.12 -3.14
N GLN A 128 14.01 -6.67 -4.27
CA GLN A 128 14.79 -5.96 -5.27
C GLN A 128 13.89 -5.00 -6.06
N THR A 129 14.44 -4.46 -7.15
CA THR A 129 13.70 -3.54 -8.00
C THR A 129 12.34 -4.11 -8.37
N VAL A 130 12.34 -5.21 -9.12
CA VAL A 130 11.11 -5.85 -9.54
C VAL A 130 11.07 -7.32 -9.13
N THR A 131 10.21 -7.65 -8.17
CA THR A 131 10.09 -9.01 -7.69
C THR A 131 8.73 -9.60 -8.05
N ASN A 132 8.72 -10.50 -9.04
CA ASN A 132 7.49 -11.13 -9.48
C ASN A 132 6.93 -12.05 -8.39
N LEU A 133 5.93 -11.54 -7.67
CA LEU A 133 5.30 -12.32 -6.60
C LEU A 133 4.13 -13.14 -7.14
N LYS A 134 3.83 -14.23 -6.46
CA LYS A 134 2.74 -15.11 -6.85
C LYS A 134 2.16 -15.84 -5.65
N PHE A 135 0.84 -15.76 -5.50
CA PHE A 135 0.16 -16.41 -4.38
C PHE A 135 -1.02 -17.24 -4.88
N GLY A 136 -1.89 -17.64 -3.95
CA GLY A 136 -3.04 -18.44 -4.31
C GLY A 136 -3.85 -17.82 -5.44
N ASN A 137 -3.64 -18.30 -6.65
CA ASN A 137 -4.34 -17.79 -7.82
C ASN A 137 -4.24 -16.26 -7.89
N MET A 138 -3.02 -15.75 -7.83
CA MET A 138 -2.78 -14.32 -7.87
C MET A 138 -1.41 -14.01 -8.49
N LYS A 139 -1.35 -12.95 -9.29
CA LYS A 139 -0.10 -12.55 -9.93
C LYS A 139 0.24 -11.10 -9.58
N VAL A 140 1.45 -10.90 -9.07
CA VAL A 140 1.90 -9.56 -8.69
C VAL A 140 3.36 -9.35 -9.10
N GLU A 141 3.75 -8.08 -9.25
CA GLU A 141 5.11 -7.74 -9.64
C GLU A 141 5.47 -6.34 -9.17
N THR A 142 6.57 -6.23 -8.43
CA THR A 142 7.02 -4.94 -7.91
C THR A 142 7.66 -4.11 -9.03
N PHE A 143 8.16 -2.94 -8.65
CA PHE A 143 8.80 -2.04 -9.62
C PHE A 143 9.39 -0.82 -8.91
N TYR A 144 10.60 -0.46 -9.31
CA TYR A 144 11.28 0.69 -8.72
C TYR A 144 11.59 1.75 -9.76
N PRO A 145 10.68 2.72 -9.91
CA PRO A 145 10.83 3.81 -10.88
C PRO A 145 11.95 4.78 -10.51
N GLY A 146 11.95 5.22 -9.24
CA GLY A 146 12.97 6.13 -8.78
C GLY A 146 12.69 6.64 -7.38
N LYS A 147 13.23 7.81 -7.06
CA LYS A 147 13.04 8.42 -5.74
C LYS A 147 11.92 9.44 -5.77
N GLY A 148 10.92 9.23 -4.90
CA GLY A 148 9.80 10.15 -4.84
C GLY A 148 9.44 10.53 -3.42
N HIS A 149 8.48 9.81 -2.84
CA HIS A 149 8.05 10.07 -1.47
C HIS A 149 9.11 9.66 -0.47
N THR A 150 9.90 8.65 -0.83
CA THR A 150 10.96 8.15 0.04
C THR A 150 12.11 7.57 -0.77
N GLU A 151 13.31 7.60 -0.20
CA GLU A 151 14.48 7.07 -0.87
C GLU A 151 14.27 5.62 -1.30
N ASP A 152 13.57 4.86 -0.47
CA ASP A 152 13.29 3.46 -0.76
C ASP A 152 11.81 3.26 -1.10
N ASN A 153 11.30 4.08 -2.02
CA ASN A 153 9.90 3.98 -2.43
C ASN A 153 9.76 3.23 -3.74
N ILE A 154 8.78 2.34 -3.80
CA ILE A 154 8.54 1.55 -5.00
C ILE A 154 7.05 1.46 -5.32
N VAL A 155 6.72 0.96 -6.50
CA VAL A 155 5.33 0.82 -6.92
C VAL A 155 4.99 -0.64 -7.20
N VAL A 156 3.79 -1.04 -6.81
CA VAL A 156 3.33 -2.41 -7.02
C VAL A 156 2.51 -2.53 -8.29
N TRP A 157 2.64 -3.66 -8.99
CA TRP A 157 1.91 -3.89 -10.22
C TRP A 157 1.24 -5.26 -10.21
N LEU A 158 0.08 -5.35 -10.85
CA LEU A 158 -0.66 -6.61 -10.90
C LEU A 158 -0.92 -7.02 -12.35
N PRO A 159 -0.07 -7.91 -12.88
CA PRO A 159 -0.19 -8.41 -14.26
C PRO A 159 -1.41 -9.31 -14.44
N GLN A 160 -2.60 -8.71 -14.43
CA GLN A 160 -3.84 -9.46 -14.59
C GLN A 160 -5.05 -8.54 -14.52
N TYR A 161 -4.95 -7.50 -13.69
CA TYR A 161 -6.04 -6.55 -13.53
C TYR A 161 -5.61 -5.15 -13.97
N ASN A 162 -4.30 -4.97 -14.15
CA ASN A 162 -3.76 -3.68 -14.57
C ASN A 162 -3.91 -2.64 -13.46
N ILE A 163 -4.03 -3.11 -12.22
CA ILE A 163 -4.17 -2.22 -11.07
C ILE A 163 -2.83 -1.95 -10.41
N LEU A 164 -2.40 -0.69 -10.44
CA LEU A 164 -1.13 -0.30 -9.84
C LEU A 164 -1.35 0.29 -8.46
N VAL A 165 -0.50 -0.09 -7.51
CA VAL A 165 -0.58 0.41 -6.15
C VAL A 165 0.70 1.11 -5.73
N GLY A 166 0.99 2.24 -6.37
CA GLY A 166 2.19 2.99 -6.05
C GLY A 166 2.32 3.26 -4.56
N GLY A 167 1.29 3.88 -3.98
CA GLY A 167 1.33 4.18 -2.56
C GLY A 167 1.40 5.68 -2.28
N CYS A 168 2.46 6.10 -1.61
CA CYS A 168 2.66 7.51 -1.29
C CYS A 168 3.37 8.24 -2.42
N LEU A 169 3.55 7.55 -3.54
CA LEU A 169 4.23 8.13 -4.71
C LEU A 169 3.22 8.82 -5.61
N VAL A 170 2.14 8.12 -5.95
CA VAL A 170 1.11 8.67 -6.81
C VAL A 170 0.03 9.36 -6.00
N LYS A 171 -0.18 10.65 -6.25
CA LYS A 171 -1.19 11.42 -5.55
C LYS A 171 -2.53 11.34 -6.27
N SER A 172 -3.61 11.53 -5.51
CA SER A 172 -4.96 11.49 -6.08
C SER A 172 -5.28 12.78 -6.83
N THR A 173 -6.29 12.72 -7.69
CA THR A 173 -6.70 13.88 -8.48
C THR A 173 -7.17 15.01 -7.57
N SER A 174 -7.81 14.65 -6.46
CA SER A 174 -8.30 15.64 -5.51
C SER A 174 -7.16 16.35 -4.81
N ALA A 175 -6.02 15.66 -4.70
CA ALA A 175 -4.85 16.23 -4.05
C ALA A 175 -4.42 17.53 -4.72
N LYS A 176 -3.75 18.39 -3.95
CA LYS A 176 -3.29 19.67 -4.47
C LYS A 176 -1.76 19.77 -4.40
N ASP A 177 -1.18 19.14 -3.39
CA ASP A 177 0.27 19.15 -3.21
C ASP A 177 0.79 17.75 -2.90
N LEU A 178 2.10 17.65 -2.71
CA LEU A 178 2.72 16.37 -2.40
C LEU A 178 2.53 16.01 -0.93
N GLY A 179 2.81 16.96 -0.06
CA GLY A 179 2.64 16.71 1.37
C GLY A 179 3.97 16.70 2.11
N ASN A 180 4.61 17.86 2.19
CA ASN A 180 5.89 17.98 2.87
C ASN A 180 6.96 17.13 2.17
N VAL A 181 7.84 17.78 1.43
CA VAL A 181 8.90 17.09 0.72
C VAL A 181 10.23 17.19 1.48
N ALA A 182 10.15 17.17 2.80
CA ALA A 182 11.34 17.25 3.64
C ALA A 182 12.20 16.00 3.49
N ASP A 183 11.56 14.85 3.45
CA ASP A 183 12.28 13.58 3.31
C ASP A 183 11.88 12.88 2.02
N ALA A 184 11.82 13.64 0.94
CA ALA A 184 11.45 13.09 -0.37
C ALA A 184 12.33 13.66 -1.47
N TYR A 185 12.21 13.09 -2.67
CA TYR A 185 12.99 13.55 -3.82
C TYR A 185 12.09 14.10 -4.92
N VAL A 186 11.82 15.41 -4.86
CA VAL A 186 10.97 16.06 -5.85
C VAL A 186 11.67 16.13 -7.20
N ASN A 187 12.99 16.04 -7.20
CA ASN A 187 13.78 16.09 -8.42
C ASN A 187 13.73 14.74 -9.15
N GLU A 188 13.49 13.67 -8.39
CA GLU A 188 13.43 12.34 -8.97
C GLU A 188 11.99 11.88 -9.13
N TRP A 189 11.09 12.45 -8.32
CA TRP A 189 9.68 12.10 -8.37
C TRP A 189 9.15 12.21 -9.80
N SER A 190 9.30 13.38 -10.40
CA SER A 190 8.83 13.60 -11.76
C SER A 190 9.37 12.53 -12.71
N THR A 191 10.57 12.05 -12.41
CA THR A 191 11.21 11.02 -13.24
C THR A 191 10.61 9.64 -12.94
N SER A 192 10.19 9.43 -11.70
CA SER A 192 9.60 8.16 -11.29
C SER A 192 8.24 7.95 -11.94
N ILE A 193 7.37 8.95 -11.79
CA ILE A 193 6.03 8.87 -12.36
C ILE A 193 6.08 8.63 -13.86
N GLU A 194 7.00 9.31 -14.54
CA GLU A 194 7.16 9.17 -15.98
C GLU A 194 7.52 7.73 -16.34
N ASN A 195 8.02 6.99 -15.37
CA ASN A 195 8.41 5.60 -15.58
C ASN A 195 7.29 4.65 -15.17
N VAL A 196 6.45 5.10 -14.25
CA VAL A 196 5.33 4.30 -13.77
C VAL A 196 4.11 4.43 -14.69
N LEU A 197 4.08 5.51 -15.45
CA LEU A 197 2.98 5.77 -16.37
C LEU A 197 3.36 5.40 -17.80
N LYS A 198 4.61 4.97 -17.98
CA LYS A 198 5.11 4.58 -19.30
C LYS A 198 5.48 3.10 -19.33
N ARG A 199 5.76 2.55 -18.16
CA ARG A 199 6.12 1.14 -18.05
C ARG A 199 4.92 0.24 -18.32
N TYR A 200 3.73 0.79 -18.11
CA TYR A 200 2.50 0.04 -18.33
C TYR A 200 1.65 0.68 -19.41
N ARG A 201 1.14 1.88 -19.13
CA ARG A 201 0.31 2.60 -20.09
C ARG A 201 -0.98 1.83 -20.37
N ASN A 202 -1.40 1.01 -19.42
CA ASN A 202 -2.62 0.23 -19.56
C ASN A 202 -3.29 -0.01 -18.21
N ILE A 203 -2.99 0.86 -17.25
CA ILE A 203 -3.57 0.75 -15.92
C ILE A 203 -5.09 0.85 -15.96
N ASN A 204 -5.75 0.09 -15.09
CA ASN A 204 -7.20 0.10 -15.03
C ASN A 204 -7.70 0.91 -13.84
N ALA A 205 -6.86 1.02 -12.82
CA ALA A 205 -7.21 1.78 -11.62
C ALA A 205 -5.98 2.05 -10.76
N VAL A 206 -5.79 3.30 -10.36
CA VAL A 206 -4.66 3.68 -9.53
C VAL A 206 -5.10 3.98 -8.09
N VAL A 207 -4.44 3.34 -7.13
CA VAL A 207 -4.77 3.55 -5.72
C VAL A 207 -3.65 4.29 -5.00
N PRO A 208 -3.87 5.59 -4.75
CA PRO A 208 -2.89 6.44 -4.06
C PRO A 208 -2.74 6.08 -2.59
N GLY A 209 -2.04 6.92 -1.85
CA GLY A 209 -1.83 6.68 -0.43
C GLY A 209 -2.62 7.64 0.44
N HIS A 210 -2.98 8.79 -0.11
CA HIS A 210 -3.74 9.80 0.62
C HIS A 210 -4.73 10.51 -0.29
N GLY A 211 -5.93 9.96 -0.41
CA GLY A 211 -6.94 10.56 -1.25
C GLY A 211 -8.05 9.59 -1.62
N GLU A 212 -7.90 8.92 -2.77
CA GLU A 212 -8.90 7.96 -3.23
C GLU A 212 -8.47 7.33 -4.54
N VAL A 213 -9.00 6.14 -4.83
CA VAL A 213 -8.68 5.43 -6.06
C VAL A 213 -9.23 6.17 -7.28
N GLY A 214 -8.52 6.06 -8.40
CA GLY A 214 -8.95 6.73 -9.61
C GLY A 214 -8.52 5.98 -10.86
N ASP A 215 -7.55 6.53 -11.57
CA ASP A 215 -7.04 5.91 -12.79
C ASP A 215 -5.61 6.34 -13.07
N LYS A 216 -5.11 6.00 -14.26
CA LYS A 216 -3.75 6.36 -14.65
C LYS A 216 -3.55 7.87 -14.60
N GLY A 217 -4.64 8.61 -14.64
CA GLY A 217 -4.56 10.06 -14.59
C GLY A 217 -3.83 10.56 -13.36
N LEU A 218 -3.95 9.83 -12.26
CA LEU A 218 -3.30 10.21 -11.01
C LEU A 218 -1.82 10.48 -11.24
N LEU A 219 -1.17 9.62 -12.02
CA LEU A 219 0.25 9.78 -12.32
C LEU A 219 0.52 11.11 -13.01
N LEU A 220 -0.32 11.45 -13.99
CA LEU A 220 -0.17 12.70 -14.74
C LEU A 220 -0.39 13.90 -13.81
N HIS A 221 -1.40 13.80 -12.96
CA HIS A 221 -1.71 14.89 -12.02
C HIS A 221 -0.57 15.08 -11.02
N THR A 222 0.04 13.98 -10.61
CA THR A 222 1.14 14.02 -9.65
C THR A 222 2.20 15.02 -10.08
N LEU A 223 2.55 14.97 -11.36
CA LEU A 223 3.57 15.87 -11.90
C LEU A 223 3.20 17.33 -11.65
N ASP A 224 1.91 17.64 -11.78
CA ASP A 224 1.43 19.00 -11.56
C ASP A 224 1.77 19.47 -10.14
N LEU A 225 1.86 18.52 -9.21
CA LEU A 225 2.17 18.84 -7.84
C LEU A 225 3.65 19.17 -7.67
N LEU A 226 4.48 18.66 -8.57
CA LEU A 226 5.91 18.89 -8.53
C LEU A 226 6.28 20.14 -9.32
N LYS A 227 5.60 20.33 -10.46
CA LYS A 227 5.86 21.50 -11.31
C LYS A 227 5.72 22.78 -10.51
N SER A 1 -22.45 -20.04 9.82
CA SER A 1 -23.79 -19.89 9.31
C SER A 1 -24.05 -18.45 8.86
N GLN A 2 -23.89 -18.20 7.57
CA GLN A 2 -24.11 -16.87 7.01
C GLN A 2 -24.38 -16.94 5.51
N LYS A 3 -25.14 -15.98 5.01
CA LYS A 3 -25.48 -15.93 3.59
C LYS A 3 -26.13 -14.60 3.24
N VAL A 4 -25.34 -13.68 2.70
CA VAL A 4 -25.85 -12.37 2.32
C VAL A 4 -24.84 -11.61 1.45
N GLU A 5 -25.35 -10.82 0.52
CA GLU A 5 -24.49 -10.05 -0.37
C GLU A 5 -24.16 -8.68 0.24
N LYS A 6 -22.93 -8.52 0.69
CA LYS A 6 -22.49 -7.26 1.29
C LYS A 6 -21.00 -7.02 1.03
N THR A 7 -20.62 -5.75 1.00
CA THR A 7 -19.22 -5.39 0.76
C THR A 7 -18.84 -4.13 1.54
N VAL A 8 -17.58 -3.72 1.40
CA VAL A 8 -17.09 -2.53 2.10
C VAL A 8 -17.21 -2.69 3.61
N ILE A 9 -16.13 -3.16 4.23
CA ILE A 9 -16.10 -3.35 5.67
C ILE A 9 -15.66 -2.09 6.40
N LYS A 10 -16.08 -1.95 7.65
CA LYS A 10 -15.73 -0.78 8.45
C LYS A 10 -15.54 -1.16 9.92
N ASN A 11 -14.62 -0.48 10.58
CA ASN A 11 -14.35 -0.74 11.99
C ASN A 11 -15.37 -0.05 12.89
N GLU A 12 -15.42 -0.45 14.16
CA GLU A 12 -16.35 0.13 15.11
C GLU A 12 -16.25 1.65 15.12
N THR A 13 -15.02 2.15 15.09
CA THR A 13 -14.78 3.59 15.10
C THR A 13 -14.87 4.17 13.69
N GLY A 14 -14.66 3.32 12.69
CA GLY A 14 -14.72 3.76 11.31
C GLY A 14 -13.37 4.17 10.76
N THR A 15 -12.40 4.34 11.66
CA THR A 15 -11.06 4.74 11.26
C THR A 15 -10.53 3.84 10.15
N ILE A 16 -10.93 2.57 10.17
CA ILE A 16 -10.49 1.61 9.17
C ILE A 16 -11.68 1.05 8.39
N SER A 17 -11.45 0.74 7.12
CA SER A 17 -12.50 0.20 6.26
C SER A 17 -11.92 -0.30 4.94
N ILE A 18 -12.73 -1.04 4.20
CA ILE A 18 -12.30 -1.58 2.91
C ILE A 18 -13.35 -1.35 1.83
N SER A 19 -13.13 -1.93 0.65
CA SER A 19 -14.07 -1.79 -0.45
C SER A 19 -13.65 -2.67 -1.62
N GLN A 20 -14.62 -3.39 -2.19
CA GLN A 20 -14.35 -4.27 -3.32
C GLN A 20 -14.01 -3.47 -4.57
N LEU A 21 -12.80 -3.68 -5.10
CA LEU A 21 -12.35 -2.97 -6.29
C LEU A 21 -12.45 -3.87 -7.52
N ASN A 22 -11.79 -5.01 -7.47
CA ASN A 22 -11.81 -5.95 -8.58
C ASN A 22 -11.69 -7.39 -8.09
N LYS A 23 -11.49 -8.32 -9.01
CA LYS A 23 -11.36 -9.74 -8.67
C LYS A 23 -10.29 -9.93 -7.60
N ASN A 24 -10.74 -10.24 -6.38
CA ASN A 24 -9.82 -10.47 -5.27
C ASN A 24 -8.96 -9.23 -5.02
N VAL A 25 -9.45 -8.07 -5.46
CA VAL A 25 -8.73 -6.82 -5.29
C VAL A 25 -9.57 -5.81 -4.52
N TRP A 26 -9.15 -5.51 -3.29
CA TRP A 26 -9.86 -4.55 -2.45
C TRP A 26 -8.94 -3.41 -2.03
N VAL A 27 -9.54 -2.33 -1.56
CA VAL A 27 -8.78 -1.16 -1.12
C VAL A 27 -9.14 -0.76 0.31
N HIS A 28 -8.21 -0.98 1.23
CA HIS A 28 -8.43 -0.65 2.64
C HIS A 28 -7.74 0.67 2.99
N THR A 29 -8.43 1.51 3.75
CA THR A 29 -7.89 2.80 4.17
C THR A 29 -8.09 3.03 5.66
N GLU A 30 -7.00 3.05 6.41
CA GLU A 30 -7.07 3.27 7.85
C GLU A 30 -6.74 4.71 8.20
N LEU A 31 -7.11 5.12 9.41
CA LEU A 31 -6.85 6.48 9.86
C LEU A 31 -5.84 6.49 11.01
N GLY A 32 -4.78 7.26 10.86
CA GLY A 32 -3.77 7.35 11.89
C GLY A 32 -3.65 8.74 12.50
N SER A 33 -2.66 8.93 13.35
CA SER A 33 -2.46 10.22 13.99
C SER A 33 -1.38 11.02 13.29
N PHE A 34 -1.33 12.32 13.57
CA PHE A 34 -0.34 13.21 12.96
C PHE A 34 -0.48 14.63 13.48
N ASN A 35 0.52 15.08 14.23
CA ASN A 35 0.51 16.42 14.79
C ASN A 35 -0.80 16.69 15.55
N GLY A 36 -1.26 15.68 16.28
CA GLY A 36 -2.49 15.82 17.04
C GLY A 36 -3.71 15.87 16.15
N GLU A 37 -3.62 15.24 14.98
CA GLU A 37 -4.74 15.22 14.04
C GLU A 37 -4.94 13.81 13.49
N ALA A 38 -5.81 13.70 12.48
CA ALA A 38 -6.10 12.42 11.86
C ALA A 38 -5.66 12.40 10.40
N VAL A 39 -4.88 11.38 10.04
CA VAL A 39 -4.40 11.25 8.67
C VAL A 39 -4.63 9.84 8.15
N PRO A 40 -5.45 9.72 7.10
CA PRO A 40 -5.77 8.43 6.47
C PRO A 40 -4.58 7.84 5.72
N SER A 41 -4.69 6.57 5.38
CA SER A 41 -3.62 5.87 4.65
C SER A 41 -4.19 4.79 3.75
N ASN A 42 -4.31 5.11 2.46
CA ASN A 42 -4.85 4.17 1.48
C ASN A 42 -4.11 2.83 1.56
N GLY A 43 -4.65 1.82 0.89
CA GLY A 43 -4.04 0.51 0.90
C GLY A 43 -4.67 -0.44 -0.10
N LEU A 44 -4.47 -1.74 0.11
CA LEU A 44 -5.03 -2.75 -0.78
C LEU A 44 -4.95 -4.13 -0.16
N VAL A 45 -5.99 -4.93 -0.36
CA VAL A 45 -6.05 -6.28 0.19
C VAL A 45 -6.31 -7.31 -0.91
N LEU A 46 -5.56 -8.40 -0.87
CA LEU A 46 -5.72 -9.47 -1.87
C LEU A 46 -6.48 -10.65 -1.28
N ASN A 47 -7.45 -11.14 -2.03
CA ASN A 47 -8.26 -12.27 -1.59
C ASN A 47 -7.78 -13.57 -2.23
N THR A 48 -6.51 -13.90 -2.00
CA THR A 48 -5.92 -15.12 -2.55
C THR A 48 -6.65 -16.36 -2.05
N SER A 49 -6.07 -17.52 -2.32
CA SER A 49 -6.68 -18.78 -1.90
C SER A 49 -5.80 -19.49 -0.87
N LYS A 50 -4.70 -18.83 -0.49
CA LYS A 50 -3.78 -19.39 0.49
C LYS A 50 -3.69 -18.50 1.73
N GLY A 51 -4.14 -17.25 1.58
CA GLY A 51 -4.10 -16.31 2.69
C GLY A 51 -4.11 -14.87 2.23
N LEU A 52 -4.99 -14.08 2.84
CA LEU A 52 -5.10 -12.66 2.49
C LEU A 52 -3.72 -11.99 2.47
N VAL A 53 -3.63 -10.87 1.77
CA VAL A 53 -2.38 -10.13 1.68
C VAL A 53 -2.61 -8.63 1.75
N LEU A 54 -1.69 -7.92 2.39
CA LEU A 54 -1.79 -6.47 2.53
C LEU A 54 -0.66 -5.77 1.80
N VAL A 55 -1.02 -4.80 0.97
CA VAL A 55 -0.02 -4.05 0.20
C VAL A 55 0.65 -2.99 1.08
N ASP A 56 0.19 -2.88 2.32
CA ASP A 56 0.75 -1.91 3.26
C ASP A 56 0.04 -1.99 4.61
N SER A 57 0.83 -2.17 5.66
CA SER A 57 0.29 -2.27 7.02
C SER A 57 -0.40 -0.97 7.42
N SER A 58 -0.70 -0.86 8.71
CA SER A 58 -1.36 0.34 9.23
C SER A 58 -0.35 1.34 9.77
N TRP A 59 -0.83 2.36 10.45
CA TRP A 59 0.03 3.40 11.02
C TRP A 59 0.78 2.86 12.23
N ASP A 60 0.11 2.05 13.03
CA ASP A 60 0.71 1.48 14.22
C ASP A 60 0.21 0.05 14.46
N ASP A 61 1.02 -0.75 15.15
CA ASP A 61 0.66 -2.13 15.44
C ASP A 61 -0.68 -2.19 16.16
N LYS A 62 -1.01 -1.15 16.90
CA LYS A 62 -2.26 -1.09 17.64
C LYS A 62 -3.43 -0.75 16.71
N LEU A 63 -3.12 -0.11 15.59
CA LEU A 63 -4.13 0.27 14.61
C LEU A 63 -4.39 -0.86 13.62
N THR A 64 -3.31 -1.52 13.21
CA THR A 64 -3.41 -2.63 12.27
C THR A 64 -4.15 -3.81 12.88
N LYS A 65 -4.14 -3.88 14.21
CA LYS A 65 -4.81 -4.97 14.93
C LYS A 65 -6.27 -5.06 14.51
N GLU A 66 -6.93 -3.91 14.41
CA GLU A 66 -8.34 -3.87 14.04
C GLU A 66 -8.50 -3.94 12.52
N LEU A 67 -7.39 -3.73 11.81
CA LEU A 67 -7.41 -3.78 10.35
C LEU A 67 -7.46 -5.21 9.84
N ILE A 68 -6.64 -6.07 10.45
CA ILE A 68 -6.59 -7.47 10.06
C ILE A 68 -7.81 -8.23 10.58
N GLU A 69 -8.35 -7.77 11.70
CA GLU A 69 -9.52 -8.41 12.30
C GLU A 69 -10.75 -8.21 11.42
N MET A 70 -10.63 -7.31 10.45
CA MET A 70 -11.74 -7.02 9.55
C MET A 70 -11.70 -7.94 8.33
N VAL A 71 -10.56 -7.95 7.64
CA VAL A 71 -10.40 -8.79 6.46
C VAL A 71 -10.63 -10.26 6.79
N GLU A 72 -10.16 -10.68 7.96
CA GLU A 72 -10.32 -12.06 8.39
C GLU A 72 -11.68 -12.27 9.05
N LYS A 73 -12.74 -11.84 8.37
CA LYS A 73 -14.09 -11.98 8.88
C LYS A 73 -15.06 -12.37 7.76
N LYS A 74 -14.88 -11.75 6.60
CA LYS A 74 -15.74 -12.04 5.45
C LYS A 74 -14.96 -12.77 4.37
N PHE A 75 -13.64 -12.68 4.42
CA PHE A 75 -12.78 -13.34 3.45
C PHE A 75 -12.45 -14.76 3.88
N GLN A 76 -13.12 -15.23 4.92
CA GLN A 76 -12.89 -16.57 5.44
C GLN A 76 -11.45 -17.00 5.24
N LYS A 77 -10.52 -16.13 5.64
CA LYS A 77 -9.09 -16.41 5.50
C LYS A 77 -8.28 -15.61 6.51
N ARG A 78 -6.96 -15.75 6.44
CA ARG A 78 -6.07 -15.04 7.36
C ARG A 78 -4.93 -14.37 6.60
N VAL A 79 -4.51 -13.20 7.07
CA VAL A 79 -3.42 -12.47 6.44
C VAL A 79 -2.07 -13.09 6.77
N THR A 80 -1.32 -13.46 5.74
CA THR A 80 0.00 -14.06 5.93
C THR A 80 1.03 -13.43 4.99
N ASP A 81 0.73 -12.23 4.52
CA ASP A 81 1.63 -11.51 3.61
C ASP A 81 1.43 -10.00 3.72
N VAL A 82 2.53 -9.27 3.78
CA VAL A 82 2.48 -7.82 3.88
C VAL A 82 3.56 -7.16 3.02
N ILE A 83 3.17 -6.68 1.86
CA ILE A 83 4.11 -6.03 0.94
C ILE A 83 4.38 -4.59 1.38
N ILE A 84 5.64 -4.29 1.64
CA ILE A 84 6.04 -2.95 2.06
C ILE A 84 6.75 -2.21 0.93
N THR A 85 6.31 -0.98 0.67
CA THR A 85 6.89 -0.16 -0.38
C THR A 85 8.04 0.69 0.15
N HIS A 86 7.76 1.44 1.22
CA HIS A 86 8.76 2.30 1.83
C HIS A 86 8.75 2.16 3.35
N ALA A 87 9.82 2.61 3.99
CA ALA A 87 9.92 2.53 5.44
C ALA A 87 9.23 3.73 6.10
N HIS A 88 7.99 3.51 6.54
CA HIS A 88 7.22 4.57 7.19
C HIS A 88 6.22 3.97 8.18
N ALA A 89 5.78 4.80 9.12
CA ALA A 89 4.82 4.35 10.13
C ALA A 89 3.55 3.81 9.48
N ASP A 90 3.22 4.35 8.31
CA ASP A 90 2.03 3.92 7.59
C ASP A 90 2.35 2.74 6.67
N ARG A 91 3.54 2.17 6.83
CA ARG A 91 3.97 1.04 6.02
C ARG A 91 4.32 -0.15 6.90
N ILE A 92 5.18 0.08 7.89
CA ILE A 92 5.59 -0.97 8.80
C ILE A 92 5.16 -0.68 10.24
N GLY A 93 4.20 0.23 10.37
CA GLY A 93 3.72 0.59 11.69
C GLY A 93 3.31 -0.61 12.52
N GLY A 94 2.89 -1.68 11.84
CA GLY A 94 2.48 -2.88 12.53
C GLY A 94 3.47 -4.01 12.35
N ILE A 95 4.70 -3.67 12.01
CA ILE A 95 5.75 -4.68 11.80
C ILE A 95 5.79 -5.67 12.96
N LYS A 96 5.44 -5.19 14.16
CA LYS A 96 5.44 -6.03 15.34
C LYS A 96 4.32 -7.06 15.27
N THR A 97 3.13 -6.62 14.87
CA THR A 97 1.98 -7.50 14.75
C THR A 97 2.18 -8.54 13.65
N LEU A 98 2.86 -8.14 12.58
CA LEU A 98 3.12 -9.03 11.46
C LEU A 98 3.98 -10.21 11.89
N LYS A 99 4.85 -9.98 12.89
CA LYS A 99 5.72 -11.01 13.40
C LYS A 99 5.14 -11.67 14.65
N GLU A 100 3.81 -11.57 14.78
CA GLU A 100 3.13 -12.14 15.93
C GLU A 100 2.08 -13.17 15.48
N ARG A 101 1.51 -12.93 14.31
CA ARG A 101 0.50 -13.83 13.76
C ARG A 101 1.08 -14.71 12.66
N GLY A 102 2.41 -14.70 12.55
CA GLY A 102 3.07 -15.50 11.54
C GLY A 102 3.06 -14.83 10.17
N ILE A 103 2.84 -13.52 10.16
CA ILE A 103 2.81 -12.75 8.92
C ILE A 103 4.21 -12.36 8.49
N LYS A 104 4.38 -12.09 7.21
CA LYS A 104 5.68 -11.70 6.66
C LYS A 104 5.59 -10.34 5.97
N ALA A 105 6.38 -9.39 6.45
CA ALA A 105 6.39 -8.04 5.87
C ALA A 105 7.41 -7.94 4.74
N HIS A 106 7.04 -8.45 3.57
CA HIS A 106 7.92 -8.42 2.41
C HIS A 106 8.38 -6.99 2.12
N SER A 107 9.61 -6.86 1.63
CA SER A 107 10.17 -5.56 1.32
C SER A 107 11.60 -5.69 0.80
N THR A 108 12.13 -4.60 0.26
CA THR A 108 13.49 -4.60 -0.29
C THR A 108 14.51 -4.36 0.81
N ALA A 109 15.79 -4.41 0.43
CA ALA A 109 16.87 -4.20 1.39
C ALA A 109 16.98 -2.73 1.79
N LEU A 110 16.49 -1.85 0.92
CA LEU A 110 16.53 -0.42 1.18
C LEU A 110 15.47 -0.02 2.20
N THR A 111 14.23 -0.44 1.97
CA THR A 111 13.13 -0.14 2.88
C THR A 111 13.47 -0.53 4.30
N ALA A 112 14.31 -1.55 4.45
CA ALA A 112 14.72 -2.04 5.76
C ALA A 112 15.85 -1.19 6.33
N GLU A 113 16.68 -0.66 5.44
CA GLU A 113 17.81 0.17 5.85
C GLU A 113 17.34 1.38 6.65
N LEU A 114 16.24 1.98 6.21
CA LEU A 114 15.69 3.15 6.89
C LEU A 114 14.78 2.74 8.04
N ALA A 115 14.23 1.52 7.95
CA ALA A 115 13.34 1.00 8.98
C ALA A 115 14.02 1.05 10.35
N LYS A 116 15.04 0.21 10.52
CA LYS A 116 15.77 0.15 11.79
C LYS A 116 16.33 1.52 12.15
N LYS A 117 16.55 2.36 11.15
CA LYS A 117 17.08 3.70 11.37
C LYS A 117 16.10 4.55 12.17
N ASN A 118 14.82 4.19 12.10
CA ASN A 118 13.78 4.91 12.82
C ASN A 118 13.50 4.26 14.18
N GLY A 119 13.55 2.93 14.21
CA GLY A 119 13.30 2.21 15.44
C GLY A 119 12.46 0.97 15.23
N TYR A 120 11.93 0.82 14.02
CA TYR A 120 11.09 -0.33 13.69
C TYR A 120 11.87 -1.63 13.88
N GLU A 121 11.25 -2.74 13.45
CA GLU A 121 11.89 -4.05 13.57
C GLU A 121 12.47 -4.49 12.24
N GLU A 122 12.32 -3.65 11.22
CA GLU A 122 12.84 -3.96 9.90
C GLU A 122 12.09 -5.15 9.28
N PRO A 123 11.57 -4.95 8.06
CA PRO A 123 10.83 -5.99 7.34
C PRO A 123 11.73 -7.13 6.89
N LEU A 124 11.19 -8.02 6.06
CA LEU A 124 11.94 -9.15 5.55
C LEU A 124 13.25 -8.70 4.91
N GLY A 125 13.18 -7.61 4.16
CA GLY A 125 14.37 -7.08 3.52
C GLY A 125 15.06 -8.11 2.64
N ASP A 126 14.33 -8.63 1.66
CA ASP A 126 14.87 -9.64 0.75
C ASP A 126 14.22 -9.52 -0.62
N LEU A 127 14.29 -8.33 -1.20
CA LEU A 127 13.72 -8.09 -2.53
C LEU A 127 14.67 -7.27 -3.40
N GLN A 128 14.17 -6.81 -4.53
CA GLN A 128 14.97 -6.01 -5.45
C GLN A 128 14.09 -5.04 -6.24
N THR A 129 14.67 -4.43 -7.27
CA THR A 129 13.95 -3.49 -8.10
C THR A 129 12.62 -4.07 -8.58
N VAL A 130 12.64 -5.34 -8.95
CA VAL A 130 11.44 -6.02 -9.42
C VAL A 130 11.41 -7.47 -8.96
N THR A 131 10.23 -7.95 -8.58
CA THR A 131 10.07 -9.32 -8.11
C THR A 131 8.68 -9.85 -8.44
N ASN A 132 8.59 -10.67 -9.48
CA ASN A 132 7.32 -11.25 -9.89
C ASN A 132 6.79 -12.21 -8.84
N LEU A 133 5.91 -11.70 -7.97
CA LEU A 133 5.33 -12.51 -6.91
C LEU A 133 4.09 -13.25 -7.41
N LYS A 134 3.72 -14.32 -6.71
CA LYS A 134 2.55 -15.10 -7.08
C LYS A 134 1.98 -15.83 -5.87
N PHE A 135 0.83 -15.35 -5.39
CA PHE A 135 0.18 -15.96 -4.22
C PHE A 135 -0.95 -16.88 -4.66
N GLY A 136 -1.76 -17.32 -3.69
CA GLY A 136 -2.87 -18.20 -3.99
C GLY A 136 -3.76 -17.66 -5.11
N ASN A 137 -3.59 -18.20 -6.31
CA ASN A 137 -4.38 -17.77 -7.46
C ASN A 137 -4.31 -16.25 -7.61
N MET A 138 -3.11 -15.70 -7.59
CA MET A 138 -2.92 -14.27 -7.73
C MET A 138 -1.58 -13.96 -8.41
N LYS A 139 -1.50 -12.80 -9.05
CA LYS A 139 -0.28 -12.39 -9.74
C LYS A 139 0.13 -10.98 -9.33
N VAL A 140 1.39 -10.81 -8.96
CA VAL A 140 1.91 -9.52 -8.55
C VAL A 140 3.34 -9.32 -9.04
N GLU A 141 3.77 -8.07 -9.10
CA GLU A 141 5.12 -7.74 -9.54
C GLU A 141 5.53 -6.34 -9.08
N THR A 142 6.57 -6.27 -8.26
CA THR A 142 7.05 -5.00 -7.75
C THR A 142 7.75 -4.20 -8.84
N PHE A 143 8.23 -3.01 -8.48
CA PHE A 143 8.90 -2.13 -9.44
C PHE A 143 9.46 -0.89 -8.75
N TYR A 144 10.62 -0.45 -9.19
CA TYR A 144 11.26 0.74 -8.60
C TYR A 144 11.48 1.81 -9.66
N PRO A 145 10.53 2.75 -9.75
CA PRO A 145 10.58 3.85 -10.71
C PRO A 145 11.68 4.86 -10.38
N GLY A 146 11.72 5.28 -9.12
CA GLY A 146 12.73 6.24 -8.68
C GLY A 146 12.46 6.77 -7.28
N LYS A 147 13.08 7.90 -6.96
CA LYS A 147 12.90 8.52 -5.65
C LYS A 147 11.79 9.56 -5.68
N GLY A 148 10.81 9.42 -4.79
CA GLY A 148 9.71 10.35 -4.73
C GLY A 148 9.36 10.75 -3.31
N HIS A 149 8.35 10.09 -2.75
CA HIS A 149 7.91 10.39 -1.39
C HIS A 149 8.96 9.92 -0.37
N THR A 150 9.61 8.81 -0.67
CA THR A 150 10.63 8.26 0.22
C THR A 150 11.81 7.71 -0.58
N GLU A 151 13.00 7.80 0.00
CA GLU A 151 14.21 7.31 -0.66
C GLU A 151 14.03 5.87 -1.11
N ASP A 152 13.39 5.06 -0.26
CA ASP A 152 13.16 3.66 -0.57
C ASP A 152 11.70 3.41 -0.93
N ASN A 153 11.19 4.19 -1.87
CA ASN A 153 9.79 4.06 -2.30
C ASN A 153 9.69 3.25 -3.58
N ILE A 154 8.75 2.33 -3.62
CA ILE A 154 8.54 1.49 -4.80
C ILE A 154 7.06 1.34 -5.12
N VAL A 155 6.75 0.95 -6.36
CA VAL A 155 5.38 0.77 -6.79
C VAL A 155 5.05 -0.71 -6.99
N VAL A 156 3.77 -1.05 -6.88
CA VAL A 156 3.33 -2.43 -7.05
C VAL A 156 2.51 -2.59 -8.34
N TRP A 157 2.69 -3.71 -9.01
CA TRP A 157 1.97 -3.99 -10.25
C TRP A 157 1.28 -5.34 -10.19
N LEU A 158 0.18 -5.48 -10.91
CA LEU A 158 -0.57 -6.74 -10.93
C LEU A 158 -0.87 -7.16 -12.37
N PRO A 159 -0.02 -8.06 -12.91
CA PRO A 159 -0.17 -8.57 -14.27
C PRO A 159 -1.39 -9.47 -14.42
N GLN A 160 -2.58 -8.87 -14.40
CA GLN A 160 -3.82 -9.62 -14.53
C GLN A 160 -5.03 -8.70 -14.47
N TYR A 161 -4.91 -7.65 -13.66
CA TYR A 161 -6.00 -6.69 -13.51
C TYR A 161 -5.57 -5.30 -13.97
N ASN A 162 -4.27 -5.13 -14.16
CA ASN A 162 -3.72 -3.85 -14.60
C ASN A 162 -3.85 -2.79 -13.52
N ILE A 163 -3.94 -3.25 -12.26
CA ILE A 163 -4.07 -2.35 -11.12
C ILE A 163 -2.69 -2.05 -10.52
N LEU A 164 -2.32 -0.78 -10.53
CA LEU A 164 -1.04 -0.35 -9.97
C LEU A 164 -1.22 0.30 -8.61
N VAL A 165 -0.33 -0.03 -7.67
CA VAL A 165 -0.39 0.52 -6.33
C VAL A 165 0.95 1.13 -5.92
N GLY A 166 1.20 2.35 -6.37
CA GLY A 166 2.44 3.02 -6.05
C GLY A 166 2.74 2.99 -4.55
N GLY A 167 1.93 3.71 -3.79
CA GLY A 167 2.13 3.77 -2.35
C GLY A 167 2.73 5.07 -1.89
N CYS A 168 1.88 6.04 -1.58
CA CYS A 168 2.33 7.36 -1.13
C CYS A 168 3.18 8.03 -2.20
N LEU A 169 3.09 7.53 -3.43
CA LEU A 169 3.85 8.09 -4.55
C LEU A 169 2.92 8.81 -5.53
N VAL A 170 1.81 8.17 -5.86
CA VAL A 170 0.85 8.74 -6.79
C VAL A 170 -0.28 9.44 -6.04
N LYS A 171 -0.39 10.76 -6.23
CA LYS A 171 -1.43 11.55 -5.58
C LYS A 171 -2.76 11.40 -6.32
N SER A 172 -3.85 11.45 -5.56
CA SER A 172 -5.19 11.33 -6.14
C SER A 172 -5.62 12.65 -6.77
N THR A 173 -6.63 12.58 -7.63
CA THR A 173 -7.15 13.77 -8.30
C THR A 173 -7.60 14.81 -7.30
N SER A 174 -8.38 14.38 -6.32
CA SER A 174 -8.89 15.28 -5.28
C SER A 174 -7.74 16.00 -4.57
N ALA A 175 -6.58 15.35 -4.54
CA ALA A 175 -5.40 15.92 -3.90
C ALA A 175 -4.98 17.21 -4.57
N LYS A 176 -4.25 18.06 -3.85
CA LYS A 176 -3.78 19.32 -4.39
C LYS A 176 -2.38 19.65 -3.87
N ASP A 177 -1.66 18.62 -3.45
CA ASP A 177 -0.30 18.80 -2.93
C ASP A 177 0.34 17.45 -2.64
N LEU A 178 1.67 17.46 -2.49
CA LEU A 178 2.41 16.23 -2.22
C LEU A 178 2.34 15.88 -0.73
N GLY A 179 2.15 16.89 0.10
CA GLY A 179 2.07 16.68 1.54
C GLY A 179 3.43 16.57 2.19
N ASN A 180 4.03 17.72 2.46
CA ASN A 180 5.35 17.76 3.09
C ASN A 180 6.41 17.14 2.17
N VAL A 181 7.66 17.54 2.37
CA VAL A 181 8.77 17.03 1.56
C VAL A 181 10.07 17.03 2.35
N ALA A 182 9.96 16.98 3.67
CA ALA A 182 11.12 16.97 4.54
C ALA A 182 12.01 15.76 4.25
N ASP A 183 11.38 14.62 4.03
CA ASP A 183 12.11 13.38 3.74
C ASP A 183 11.70 12.81 2.40
N ALA A 184 11.58 13.68 1.40
CA ALA A 184 11.19 13.25 0.06
C ALA A 184 12.03 13.96 -1.01
N TYR A 185 11.99 13.43 -2.22
CA TYR A 185 12.76 14.00 -3.32
C TYR A 185 11.84 14.59 -4.37
N VAL A 186 11.50 15.88 -4.22
CA VAL A 186 10.63 16.56 -5.16
C VAL A 186 11.30 16.73 -6.52
N ASN A 187 12.62 16.57 -6.54
CA ASN A 187 13.38 16.70 -7.78
C ASN A 187 13.45 15.36 -8.52
N GLU A 188 13.21 14.28 -7.79
CA GLU A 188 13.24 12.93 -8.37
C GLU A 188 11.84 12.38 -8.56
N TRP A 189 10.89 12.95 -7.82
CA TRP A 189 9.50 12.51 -7.91
C TRP A 189 9.02 12.49 -9.36
N SER A 190 9.15 13.62 -10.03
CA SER A 190 8.73 13.74 -11.43
C SER A 190 9.35 12.63 -12.27
N THR A 191 10.60 12.29 -11.98
CA THR A 191 11.31 11.25 -12.71
C THR A 191 10.72 9.87 -12.41
N SER A 192 10.30 9.68 -11.17
CA SER A 192 9.72 8.40 -10.75
C SER A 192 8.40 8.15 -11.47
N ILE A 193 7.50 9.12 -11.42
CA ILE A 193 6.20 9.00 -12.07
C ILE A 193 6.36 8.74 -13.57
N GLU A 194 7.37 9.35 -14.17
CA GLU A 194 7.63 9.19 -15.59
C GLU A 194 8.03 7.75 -15.91
N ASN A 195 8.37 7.00 -14.87
CA ASN A 195 8.77 5.61 -15.04
C ASN A 195 7.60 4.66 -14.74
N VAL A 196 6.68 5.12 -13.90
CA VAL A 196 5.51 4.33 -13.54
C VAL A 196 4.42 4.45 -14.59
N LEU A 197 4.37 5.60 -15.26
CA LEU A 197 3.37 5.84 -16.29
C LEU A 197 3.84 5.31 -17.64
N LYS A 198 5.16 5.20 -17.79
CA LYS A 198 5.74 4.70 -19.03
C LYS A 198 5.80 3.18 -19.04
N ARG A 199 6.14 2.60 -17.89
CA ARG A 199 6.24 1.16 -17.75
C ARG A 199 4.92 0.49 -18.14
N TYR A 200 3.82 0.98 -17.60
CA TYR A 200 2.50 0.43 -17.89
C TYR A 200 1.60 1.49 -18.53
N ARG A 201 1.02 1.14 -19.66
CA ARG A 201 0.13 2.06 -20.38
C ARG A 201 -1.25 1.43 -20.58
N ASN A 202 -1.61 0.51 -19.69
CA ASN A 202 -2.91 -0.17 -19.76
C ASN A 202 -3.53 -0.31 -18.38
N ILE A 203 -3.09 0.55 -17.45
CA ILE A 203 -3.61 0.52 -16.09
C ILE A 203 -5.13 0.57 -16.08
N ASN A 204 -5.73 -0.09 -15.08
CA ASN A 204 -7.18 -0.11 -14.95
C ASN A 204 -7.65 0.76 -13.80
N ALA A 205 -6.90 0.73 -12.71
CA ALA A 205 -7.23 1.52 -11.53
C ALA A 205 -5.98 1.81 -10.70
N VAL A 206 -5.76 3.09 -10.39
CA VAL A 206 -4.62 3.51 -9.61
C VAL A 206 -5.02 3.89 -8.18
N VAL A 207 -4.38 3.25 -7.21
CA VAL A 207 -4.67 3.52 -5.80
C VAL A 207 -3.56 4.33 -5.15
N PRO A 208 -3.86 5.59 -4.83
CA PRO A 208 -2.90 6.49 -4.20
C PRO A 208 -2.59 6.11 -2.76
N GLY A 209 -1.88 6.98 -2.05
CA GLY A 209 -1.53 6.70 -0.66
C GLY A 209 -2.41 7.45 0.32
N HIS A 210 -2.94 8.60 -0.12
CA HIS A 210 -3.79 9.41 0.73
C HIS A 210 -4.89 10.10 -0.10
N GLY A 211 -6.01 9.41 -0.26
CA GLY A 211 -7.11 9.95 -1.03
C GLY A 211 -8.12 8.90 -1.43
N GLU A 212 -8.14 8.57 -2.72
CA GLU A 212 -9.07 7.57 -3.24
C GLU A 212 -8.56 7.00 -4.56
N VAL A 213 -8.96 5.76 -4.85
CA VAL A 213 -8.55 5.09 -6.08
C VAL A 213 -9.17 5.76 -7.30
N GLY A 214 -8.41 5.80 -8.39
CA GLY A 214 -8.90 6.40 -9.61
C GLY A 214 -8.46 5.66 -10.85
N ASP A 215 -7.48 6.22 -11.57
CA ASP A 215 -6.96 5.59 -12.78
C ASP A 215 -5.55 6.09 -13.08
N LYS A 216 -5.06 5.76 -14.27
CA LYS A 216 -3.72 6.17 -14.68
C LYS A 216 -3.58 7.69 -14.62
N GLY A 217 -4.70 8.39 -14.64
CA GLY A 217 -4.68 9.84 -14.59
C GLY A 217 -3.94 10.36 -13.37
N LEU A 218 -4.03 9.63 -12.27
CA LEU A 218 -3.37 10.02 -11.03
C LEU A 218 -1.89 10.33 -11.28
N LEU A 219 -1.22 9.45 -12.00
CA LEU A 219 0.19 9.62 -12.32
C LEU A 219 0.44 10.98 -12.96
N LEU A 220 -0.44 11.37 -13.88
CA LEU A 220 -0.32 12.65 -14.58
C LEU A 220 -0.55 13.81 -13.62
N HIS A 221 -1.53 13.66 -12.73
CA HIS A 221 -1.86 14.69 -11.76
C HIS A 221 -0.69 14.90 -10.79
N THR A 222 -0.06 13.80 -10.40
CA THR A 222 1.06 13.86 -9.47
C THR A 222 2.11 14.87 -9.94
N LEU A 223 2.44 14.82 -11.22
CA LEU A 223 3.43 15.72 -11.80
C LEU A 223 2.98 17.17 -11.67
N ASP A 224 1.68 17.41 -11.87
CA ASP A 224 1.13 18.76 -11.77
C ASP A 224 1.41 19.35 -10.39
N LEU A 225 1.55 18.49 -9.40
CA LEU A 225 1.82 18.93 -8.03
C LEU A 225 3.28 19.36 -7.87
N LEU A 226 4.14 18.83 -8.73
CA LEU A 226 5.56 19.15 -8.69
C LEU A 226 5.88 20.35 -9.58
N LYS A 227 5.23 20.40 -10.74
CA LYS A 227 5.44 21.49 -11.67
C LYS A 227 4.55 22.68 -11.33
N SER A 1 -24.85 -22.23 0.70
CA SER A 1 -23.67 -22.77 0.04
C SER A 1 -22.40 -22.06 0.53
N GLN A 2 -22.37 -20.74 0.37
CA GLN A 2 -21.22 -19.95 0.80
C GLN A 2 -21.62 -18.51 1.06
N LYS A 3 -20.83 -17.81 1.88
CA LYS A 3 -21.10 -16.43 2.21
C LYS A 3 -20.51 -15.49 1.15
N VAL A 4 -21.38 -14.94 0.31
CA VAL A 4 -20.94 -14.03 -0.74
C VAL A 4 -21.98 -12.93 -0.97
N GLU A 5 -22.12 -12.03 0.00
CA GLU A 5 -23.08 -10.94 -0.11
C GLU A 5 -22.56 -9.70 0.63
N LYS A 6 -23.03 -8.53 0.20
CA LYS A 6 -22.62 -7.28 0.81
C LYS A 6 -21.12 -7.05 0.63
N THR A 7 -20.69 -5.79 0.78
CA THR A 7 -19.29 -5.44 0.62
C THR A 7 -18.91 -4.27 1.53
N VAL A 8 -17.65 -3.86 1.47
CA VAL A 8 -17.17 -2.74 2.28
C VAL A 8 -17.31 -3.05 3.77
N ILE A 9 -16.20 -3.44 4.39
CA ILE A 9 -16.20 -3.76 5.81
C ILE A 9 -15.77 -2.56 6.64
N LYS A 10 -16.25 -2.50 7.88
CA LYS A 10 -15.92 -1.41 8.79
C LYS A 10 -15.93 -1.88 10.24
N ASN A 11 -15.19 -1.18 11.09
CA ASN A 11 -15.12 -1.52 12.50
C ASN A 11 -16.22 -0.83 13.29
N GLU A 12 -16.12 -0.88 14.61
CA GLU A 12 -17.12 -0.25 15.48
C GLU A 12 -16.93 1.26 15.53
N THR A 13 -15.69 1.70 15.28
CA THR A 13 -15.37 3.12 15.31
C THR A 13 -15.45 3.72 13.91
N GLY A 14 -15.06 2.93 12.91
CA GLY A 14 -15.09 3.41 11.53
C GLY A 14 -13.74 3.90 11.06
N THR A 15 -12.79 4.01 11.99
CA THR A 15 -11.45 4.48 11.66
C THR A 15 -10.88 3.72 10.47
N ILE A 16 -11.25 2.45 10.36
CA ILE A 16 -10.77 1.61 9.26
C ILE A 16 -11.93 1.00 8.49
N SER A 17 -11.67 0.57 7.26
CA SER A 17 -12.69 -0.04 6.42
C SER A 17 -12.11 -0.48 5.08
N ILE A 18 -12.87 -1.28 4.35
CA ILE A 18 -12.43 -1.78 3.05
C ILE A 18 -13.49 -1.53 1.98
N SER A 19 -13.23 -2.03 0.77
CA SER A 19 -14.15 -1.86 -0.34
C SER A 19 -13.75 -2.74 -1.52
N GLN A 20 -14.70 -3.49 -2.04
CA GLN A 20 -14.45 -4.37 -3.18
C GLN A 20 -14.10 -3.57 -4.42
N LEU A 21 -12.90 -3.81 -4.96
CA LEU A 21 -12.44 -3.11 -6.15
C LEU A 21 -12.53 -4.00 -7.38
N ASN A 22 -11.61 -4.95 -7.48
CA ASN A 22 -11.60 -5.87 -8.61
C ASN A 22 -11.50 -7.33 -8.13
N LYS A 23 -11.28 -8.24 -9.07
CA LYS A 23 -11.17 -9.65 -8.74
C LYS A 23 -10.13 -9.88 -7.64
N ASN A 24 -10.61 -10.24 -6.45
CA ASN A 24 -9.73 -10.49 -5.31
C ASN A 24 -8.90 -9.25 -5.00
N VAL A 25 -9.41 -8.08 -5.39
CA VAL A 25 -8.72 -6.82 -5.15
C VAL A 25 -9.60 -5.86 -4.36
N TRP A 26 -9.16 -5.52 -3.15
CA TRP A 26 -9.91 -4.60 -2.30
C TRP A 26 -9.05 -3.42 -1.87
N VAL A 27 -9.69 -2.36 -1.40
CA VAL A 27 -8.98 -1.17 -0.95
C VAL A 27 -9.32 -0.82 0.49
N HIS A 28 -8.37 -1.05 1.39
CA HIS A 28 -8.56 -0.77 2.80
C HIS A 28 -7.91 0.56 3.19
N THR A 29 -8.61 1.34 4.01
CA THR A 29 -8.09 2.63 4.45
C THR A 29 -8.33 2.83 5.95
N GLU A 30 -7.29 3.27 6.65
CA GLU A 30 -7.38 3.51 8.08
C GLU A 30 -6.98 4.94 8.42
N LEU A 31 -7.15 5.31 9.69
CA LEU A 31 -6.82 6.66 10.15
C LEU A 31 -5.82 6.59 11.31
N GLY A 32 -4.81 7.46 11.26
CA GLY A 32 -3.82 7.49 12.33
C GLY A 32 -3.15 8.85 12.45
N SER A 33 -2.88 9.27 13.68
CA SER A 33 -2.25 10.55 13.94
C SER A 33 -0.76 10.49 13.63
N PHE A 34 -0.24 11.56 13.02
CA PHE A 34 1.17 11.63 12.67
C PHE A 34 1.94 12.50 13.66
N ASN A 35 1.27 13.51 14.19
CA ASN A 35 1.88 14.42 15.15
C ASN A 35 0.83 15.32 15.80
N GLY A 36 -0.38 14.82 15.91
CA GLY A 36 -1.47 15.59 16.51
C GLY A 36 -2.66 15.73 15.60
N GLU A 37 -2.62 15.02 14.47
CA GLU A 37 -3.72 15.07 13.51
C GLU A 37 -3.86 13.74 12.77
N ALA A 38 -5.05 13.15 12.85
CA ALA A 38 -5.32 11.88 12.21
C ALA A 38 -5.33 12.03 10.69
N VAL A 39 -4.55 11.18 10.01
CA VAL A 39 -4.47 11.22 8.55
C VAL A 39 -4.82 9.86 7.95
N PRO A 40 -5.69 9.86 6.93
CA PRO A 40 -6.11 8.64 6.24
C PRO A 40 -4.99 8.03 5.41
N SER A 41 -4.94 6.70 5.38
CA SER A 41 -3.91 5.99 4.62
C SER A 41 -4.54 4.90 3.76
N ASN A 42 -4.67 5.19 2.46
CA ASN A 42 -5.25 4.23 1.53
C ASN A 42 -4.34 3.02 1.36
N GLY A 43 -4.93 1.88 1.01
CA GLY A 43 -4.17 0.66 0.82
C GLY A 43 -4.83 -0.31 -0.14
N LEU A 44 -4.50 -1.58 -0.01
CA LEU A 44 -5.08 -2.61 -0.87
C LEU A 44 -4.91 -3.99 -0.25
N VAL A 45 -5.92 -4.83 -0.42
CA VAL A 45 -5.89 -6.18 0.12
C VAL A 45 -6.14 -7.22 -0.97
N LEU A 46 -5.31 -8.25 -1.02
CA LEU A 46 -5.45 -9.31 -2.01
C LEU A 46 -6.15 -10.52 -1.43
N ASN A 47 -7.26 -10.90 -2.04
CA ASN A 47 -8.05 -12.05 -1.58
C ASN A 47 -7.64 -13.32 -2.34
N THR A 48 -6.37 -13.69 -2.22
CA THR A 48 -5.86 -14.88 -2.89
C THR A 48 -6.50 -16.15 -2.32
N SER A 49 -6.11 -17.29 -2.87
CA SER A 49 -6.65 -18.58 -2.42
C SER A 49 -5.63 -19.32 -1.57
N LYS A 50 -4.72 -18.57 -0.93
CA LYS A 50 -3.70 -19.16 -0.09
C LYS A 50 -3.33 -18.21 1.05
N GLY A 51 -4.25 -17.32 1.39
CA GLY A 51 -3.99 -16.37 2.46
C GLY A 51 -4.03 -14.93 1.99
N LEU A 52 -4.78 -14.09 2.69
CA LEU A 52 -4.90 -12.68 2.32
C LEU A 52 -3.54 -12.00 2.37
N VAL A 53 -3.42 -10.87 1.67
CA VAL A 53 -2.17 -10.11 1.64
C VAL A 53 -2.44 -8.61 1.69
N LEU A 54 -1.61 -7.90 2.45
CA LEU A 54 -1.75 -6.45 2.58
C LEU A 54 -0.61 -5.73 1.88
N VAL A 55 -0.97 -4.79 1.01
CA VAL A 55 0.02 -4.01 0.28
C VAL A 55 0.60 -2.90 1.13
N ASP A 56 0.12 -2.80 2.37
CA ASP A 56 0.59 -1.78 3.30
C ASP A 56 -0.12 -1.90 4.64
N SER A 57 0.66 -1.99 5.71
CA SER A 57 0.11 -2.12 7.06
C SER A 57 -0.60 -0.84 7.47
N SER A 58 -0.90 -0.73 8.76
CA SER A 58 -1.59 0.44 9.29
C SER A 58 -0.60 1.46 9.85
N TRP A 59 -1.12 2.51 10.46
CA TRP A 59 -0.28 3.55 11.05
C TRP A 59 0.49 3.02 12.25
N ASP A 60 -0.20 2.23 13.08
CA ASP A 60 0.43 1.66 14.27
C ASP A 60 0.00 0.21 14.45
N ASP A 61 0.72 -0.50 15.32
CA ASP A 61 0.41 -1.91 15.59
C ASP A 61 -0.99 -2.07 16.17
N LYS A 62 -1.39 -1.10 16.99
CA LYS A 62 -2.72 -1.13 17.62
C LYS A 62 -3.80 -0.85 16.59
N LEU A 63 -3.44 -0.15 15.52
CA LEU A 63 -4.38 0.18 14.46
C LEU A 63 -4.61 -1.01 13.54
N THR A 64 -3.51 -1.61 13.08
CA THR A 64 -3.60 -2.76 12.19
C THR A 64 -4.36 -3.90 12.83
N LYS A 65 -4.29 -3.98 14.16
CA LYS A 65 -4.98 -5.03 14.91
C LYS A 65 -6.46 -5.09 14.53
N GLU A 66 -7.09 -3.92 14.44
CA GLU A 66 -8.50 -3.85 14.08
C GLU A 66 -8.69 -3.95 12.56
N LEU A 67 -7.58 -3.83 11.83
CA LEU A 67 -7.62 -3.91 10.37
C LEU A 67 -7.59 -5.37 9.91
N ILE A 68 -6.63 -6.12 10.43
CA ILE A 68 -6.49 -7.52 10.07
C ILE A 68 -7.69 -8.33 10.54
N GLU A 69 -8.45 -7.78 11.48
CA GLU A 69 -9.63 -8.45 12.01
C GLU A 69 -10.83 -8.27 11.08
N MET A 70 -10.61 -7.53 9.99
CA MET A 70 -11.66 -7.28 9.02
C MET A 70 -11.57 -8.26 7.86
N VAL A 71 -10.44 -8.28 7.19
CA VAL A 71 -10.23 -9.17 6.05
C VAL A 71 -10.41 -10.63 6.46
N GLU A 72 -9.94 -10.97 7.66
CA GLU A 72 -10.07 -12.33 8.17
C GLU A 72 -11.43 -12.55 8.83
N LYS A 73 -12.49 -12.19 8.11
CA LYS A 73 -13.84 -12.34 8.63
C LYS A 73 -14.82 -12.68 7.50
N LYS A 74 -14.64 -12.01 6.36
CA LYS A 74 -15.51 -12.24 5.21
C LYS A 74 -14.78 -13.04 4.13
N PHE A 75 -13.45 -12.98 4.16
CA PHE A 75 -12.64 -13.69 3.18
C PHE A 75 -12.29 -15.09 3.67
N GLN A 76 -12.96 -15.51 4.75
CA GLN A 76 -12.72 -16.83 5.33
C GLN A 76 -11.27 -17.25 5.15
N LYS A 77 -10.36 -16.34 5.47
CA LYS A 77 -8.93 -16.62 5.36
C LYS A 77 -8.14 -15.79 6.35
N ARG A 78 -6.81 -15.90 6.30
CA ARG A 78 -5.93 -15.17 7.20
C ARG A 78 -4.85 -14.42 6.41
N VAL A 79 -4.36 -13.33 7.00
CA VAL A 79 -3.33 -12.53 6.35
C VAL A 79 -1.94 -13.03 6.73
N THR A 80 -1.19 -13.48 5.72
CA THR A 80 0.16 -13.99 5.95
C THR A 80 1.16 -13.37 4.97
N ASP A 81 0.95 -12.09 4.67
CA ASP A 81 1.82 -11.38 3.74
C ASP A 81 1.57 -9.88 3.80
N VAL A 82 2.65 -9.11 3.95
CA VAL A 82 2.55 -7.66 4.02
C VAL A 82 3.61 -6.99 3.16
N ILE A 83 3.21 -6.52 1.99
CA ILE A 83 4.13 -5.85 1.07
C ILE A 83 4.36 -4.40 1.49
N ILE A 84 5.62 -4.06 1.77
CA ILE A 84 5.97 -2.71 2.18
C ILE A 84 6.72 -1.98 1.07
N THR A 85 6.34 -0.74 0.82
CA THR A 85 6.98 0.06 -0.22
C THR A 85 8.12 0.90 0.35
N HIS A 86 7.82 1.69 1.38
CA HIS A 86 8.83 2.52 2.01
C HIS A 86 8.76 2.40 3.53
N ALA A 87 9.81 2.85 4.21
CA ALA A 87 9.86 2.79 5.66
C ALA A 87 9.13 3.98 6.28
N HIS A 88 7.88 3.76 6.67
CA HIS A 88 7.08 4.81 7.28
C HIS A 88 6.04 4.23 8.24
N ALA A 89 5.57 5.05 9.17
CA ALA A 89 4.57 4.61 10.14
C ALA A 89 3.33 4.07 9.45
N ASP A 90 3.08 4.54 8.23
CA ASP A 90 1.92 4.10 7.47
C ASP A 90 2.28 2.90 6.58
N ARG A 91 3.42 2.28 6.87
CA ARG A 91 3.87 1.12 6.10
C ARG A 91 4.24 -0.03 7.03
N ILE A 92 5.11 0.24 8.00
CA ILE A 92 5.54 -0.77 8.94
C ILE A 92 5.04 -0.46 10.35
N GLY A 93 4.04 0.43 10.44
CA GLY A 93 3.49 0.79 11.72
C GLY A 93 3.08 -0.42 12.55
N GLY A 94 2.70 -1.50 11.86
CA GLY A 94 2.29 -2.70 12.56
C GLY A 94 3.31 -3.82 12.42
N ILE A 95 4.54 -3.47 12.09
CA ILE A 95 5.61 -4.45 11.92
C ILE A 95 5.65 -5.40 13.10
N LYS A 96 5.26 -4.92 14.28
CA LYS A 96 5.24 -5.74 15.48
C LYS A 96 4.15 -6.80 15.41
N THR A 97 2.96 -6.38 14.97
CA THR A 97 1.83 -7.29 14.86
C THR A 97 2.06 -8.34 13.77
N LEU A 98 2.78 -7.93 12.72
CA LEU A 98 3.08 -8.83 11.61
C LEU A 98 3.97 -9.99 12.07
N LYS A 99 4.81 -9.72 13.07
CA LYS A 99 5.70 -10.74 13.60
C LYS A 99 5.10 -11.40 14.85
N GLU A 100 3.78 -11.31 14.98
CA GLU A 100 3.09 -11.90 16.12
C GLU A 100 2.09 -12.95 15.66
N ARG A 101 1.58 -12.79 14.44
CA ARG A 101 0.61 -13.72 13.88
C ARG A 101 1.25 -14.59 12.80
N GLY A 102 2.56 -14.53 12.70
CA GLY A 102 3.28 -15.31 11.70
C GLY A 102 3.28 -14.64 10.35
N ILE A 103 2.99 -13.34 10.33
CA ILE A 103 2.97 -12.58 9.07
C ILE A 103 4.37 -12.13 8.69
N LYS A 104 4.55 -11.85 7.40
CA LYS A 104 5.84 -11.40 6.90
C LYS A 104 5.71 -10.06 6.18
N ALA A 105 6.47 -9.07 6.64
CA ALA A 105 6.43 -7.74 6.03
C ALA A 105 7.48 -7.61 4.93
N HIS A 106 7.15 -8.12 3.74
CA HIS A 106 8.06 -8.07 2.60
C HIS A 106 8.48 -6.62 2.32
N SER A 107 9.71 -6.45 1.84
CA SER A 107 10.23 -5.12 1.53
C SER A 107 11.66 -5.21 1.03
N THR A 108 12.10 -4.17 0.34
CA THR A 108 13.46 -4.13 -0.20
C THR A 108 14.47 -3.83 0.90
N ALA A 109 15.71 -4.26 0.69
CA ALA A 109 16.78 -4.05 1.67
C ALA A 109 16.86 -2.58 2.07
N LEU A 110 16.53 -1.70 1.13
CA LEU A 110 16.57 -0.27 1.39
C LEU A 110 15.40 0.16 2.27
N THR A 111 14.20 -0.28 1.91
CA THR A 111 13.00 0.05 2.67
C THR A 111 13.19 -0.27 4.15
N ALA A 112 14.02 -1.26 4.44
CA ALA A 112 14.28 -1.65 5.82
C ALA A 112 15.40 -0.82 6.43
N GLU A 113 16.35 -0.41 5.59
CA GLU A 113 17.47 0.39 6.05
C GLU A 113 16.98 1.64 6.81
N LEU A 114 15.97 2.29 6.27
CA LEU A 114 15.40 3.49 6.88
C LEU A 114 14.46 3.12 8.03
N ALA A 115 13.92 1.91 7.97
CA ALA A 115 13.01 1.43 9.00
C ALA A 115 13.65 1.51 10.39
N LYS A 116 14.65 0.66 10.62
CA LYS A 116 15.35 0.64 11.90
C LYS A 116 15.86 2.03 12.27
N LYS A 117 16.14 2.84 11.25
CA LYS A 117 16.63 4.19 11.47
C LYS A 117 15.63 5.00 12.29
N ASN A 118 14.38 4.60 12.26
CA ASN A 118 13.33 5.30 13.00
C ASN A 118 13.10 4.64 14.36
N GLY A 119 13.17 3.31 14.39
CA GLY A 119 12.97 2.58 15.64
C GLY A 119 12.14 1.32 15.44
N TYR A 120 11.59 1.17 14.25
CA TYR A 120 10.77 0.00 13.95
C TYR A 120 11.57 -1.29 14.11
N GLU A 121 10.97 -2.41 13.71
CA GLU A 121 11.61 -3.71 13.82
C GLU A 121 12.24 -4.11 12.49
N GLU A 122 12.07 -3.26 11.47
CA GLU A 122 12.62 -3.55 10.15
C GLU A 122 11.93 -4.75 9.52
N PRO A 123 11.47 -4.58 8.27
CA PRO A 123 10.78 -5.65 7.53
C PRO A 123 11.74 -6.78 7.13
N LEU A 124 11.25 -7.68 6.28
CA LEU A 124 12.06 -8.80 5.82
C LEU A 124 13.38 -8.32 5.23
N GLY A 125 13.33 -7.21 4.52
CA GLY A 125 14.53 -6.65 3.91
C GLY A 125 15.27 -7.68 3.07
N ASP A 126 14.59 -8.25 2.08
CA ASP A 126 15.19 -9.24 1.21
C ASP A 126 14.51 -9.24 -0.16
N LEU A 127 14.36 -8.07 -0.74
CA LEU A 127 13.72 -7.93 -2.05
C LEU A 127 14.64 -7.20 -3.03
N GLN A 128 14.10 -6.83 -4.18
CA GLN A 128 14.86 -6.12 -5.20
C GLN A 128 13.98 -5.14 -5.97
N THR A 129 14.51 -4.60 -7.05
CA THR A 129 13.76 -3.65 -7.87
C THR A 129 12.38 -4.18 -8.22
N VAL A 130 12.35 -5.29 -8.95
CA VAL A 130 11.09 -5.90 -9.36
C VAL A 130 11.03 -7.36 -8.93
N THR A 131 10.09 -7.68 -8.05
CA THR A 131 9.92 -9.04 -7.55
C THR A 131 8.57 -9.61 -7.96
N ASN A 132 8.59 -10.48 -8.97
CA ASN A 132 7.37 -11.11 -9.47
C ASN A 132 6.78 -12.05 -8.42
N LEU A 133 5.73 -11.59 -7.75
CA LEU A 133 5.06 -12.38 -6.72
C LEU A 133 3.88 -13.15 -7.31
N LYS A 134 3.58 -14.30 -6.71
CA LYS A 134 2.47 -15.13 -7.17
C LYS A 134 1.93 -15.99 -6.03
N PHE A 135 0.74 -15.65 -5.54
CA PHE A 135 0.12 -16.40 -4.46
C PHE A 135 -1.04 -17.25 -4.98
N GLY A 136 -1.84 -17.79 -4.05
CA GLY A 136 -2.95 -18.62 -4.44
C GLY A 136 -3.83 -17.96 -5.49
N ASN A 137 -3.68 -18.39 -6.74
CA ASN A 137 -4.46 -17.84 -7.84
C ASN A 137 -4.37 -16.32 -7.86
N MET A 138 -3.15 -15.80 -7.92
CA MET A 138 -2.94 -14.36 -7.94
C MET A 138 -1.63 -14.01 -8.65
N LYS A 139 -1.61 -12.85 -9.30
CA LYS A 139 -0.42 -12.40 -10.01
C LYS A 139 -0.03 -10.99 -9.60
N VAL A 140 1.21 -10.83 -9.14
CA VAL A 140 1.71 -9.52 -8.71
C VAL A 140 3.17 -9.34 -9.10
N GLU A 141 3.59 -8.08 -9.19
CA GLU A 141 4.98 -7.77 -9.55
C GLU A 141 5.35 -6.37 -9.10
N THR A 142 6.44 -6.27 -8.32
CA THR A 142 6.91 -4.99 -7.81
C THR A 142 7.58 -4.18 -8.91
N PHE A 143 8.06 -2.99 -8.55
CA PHE A 143 8.73 -2.11 -9.50
C PHE A 143 9.29 -0.88 -8.81
N TYR A 144 10.51 -0.49 -9.19
CA TYR A 144 11.17 0.66 -8.59
C TYR A 144 11.47 1.71 -9.66
N PRO A 145 10.55 2.66 -9.83
CA PRO A 145 10.70 3.74 -10.81
C PRO A 145 11.79 4.73 -10.42
N GLY A 146 11.75 5.19 -9.17
CA GLY A 146 12.73 6.13 -8.69
C GLY A 146 12.38 6.70 -7.33
N LYS A 147 13.07 7.77 -6.94
CA LYS A 147 12.82 8.41 -5.65
C LYS A 147 11.68 9.41 -5.74
N GLY A 148 10.69 9.26 -4.86
CA GLY A 148 9.56 10.17 -4.85
C GLY A 148 9.17 10.62 -3.46
N HIS A 149 8.32 9.83 -2.80
CA HIS A 149 7.88 10.16 -1.45
C HIS A 149 8.92 9.75 -0.42
N THR A 150 9.77 8.80 -0.79
CA THR A 150 10.81 8.32 0.10
C THR A 150 12.02 7.82 -0.69
N GLU A 151 13.18 7.77 -0.02
CA GLU A 151 14.40 7.32 -0.66
C GLU A 151 14.30 5.87 -1.08
N ASP A 152 13.45 5.12 -0.37
CA ASP A 152 13.26 3.70 -0.67
C ASP A 152 11.78 3.41 -0.98
N ASN A 153 11.23 4.16 -1.92
CA ASN A 153 9.83 3.99 -2.31
C ASN A 153 9.71 3.21 -3.62
N ILE A 154 8.66 2.41 -3.73
CA ILE A 154 8.45 1.61 -4.93
C ILE A 154 6.97 1.54 -5.28
N VAL A 155 6.67 0.97 -6.44
CA VAL A 155 5.27 0.83 -6.89
C VAL A 155 4.93 -0.63 -7.15
N VAL A 156 3.70 -1.00 -6.81
CA VAL A 156 3.24 -2.38 -7.02
C VAL A 156 2.44 -2.50 -8.32
N TRP A 157 2.59 -3.63 -8.98
CA TRP A 157 1.88 -3.87 -10.24
C TRP A 157 1.20 -5.24 -10.22
N LEU A 158 0.07 -5.34 -10.93
CA LEU A 158 -0.68 -6.59 -11.00
C LEU A 158 -0.91 -7.00 -12.45
N PRO A 159 -0.05 -7.88 -12.96
CA PRO A 159 -0.15 -8.38 -14.33
C PRO A 159 -1.35 -9.31 -14.53
N GLN A 160 -2.55 -8.71 -14.54
CA GLN A 160 -3.76 -9.48 -14.72
C GLN A 160 -4.99 -8.58 -14.67
N TYR A 161 -4.92 -7.54 -13.84
CA TYR A 161 -6.02 -6.60 -13.69
C TYR A 161 -5.60 -5.19 -14.11
N ASN A 162 -4.30 -5.00 -14.26
CA ASN A 162 -3.76 -3.70 -14.66
C ASN A 162 -3.91 -2.68 -13.54
N ILE A 163 -4.06 -3.18 -12.31
CA ILE A 163 -4.22 -2.30 -11.16
C ILE A 163 -2.88 -2.00 -10.50
N LEU A 164 -2.47 -0.73 -10.56
CA LEU A 164 -1.20 -0.31 -9.97
C LEU A 164 -1.42 0.33 -8.61
N VAL A 165 -0.57 -0.04 -7.64
CA VAL A 165 -0.67 0.51 -6.30
C VAL A 165 0.63 1.18 -5.87
N GLY A 166 0.97 2.26 -6.56
CA GLY A 166 2.20 2.99 -6.24
C GLY A 166 2.31 3.30 -4.76
N GLY A 167 1.24 3.84 -4.19
CA GLY A 167 1.25 4.18 -2.77
C GLY A 167 1.36 5.68 -2.54
N CYS A 168 2.28 6.08 -1.67
CA CYS A 168 2.48 7.49 -1.36
C CYS A 168 3.08 8.23 -2.55
N LEU A 169 3.68 7.47 -3.47
CA LEU A 169 4.29 8.07 -4.66
C LEU A 169 3.23 8.66 -5.57
N VAL A 170 2.17 7.90 -5.83
CA VAL A 170 1.09 8.36 -6.69
C VAL A 170 -0.01 9.03 -5.87
N LYS A 171 -0.22 10.32 -6.11
CA LYS A 171 -1.24 11.08 -5.41
C LYS A 171 -2.57 11.03 -6.15
N SER A 172 -3.66 11.06 -5.40
CA SER A 172 -5.00 11.01 -5.99
C SER A 172 -5.48 12.41 -6.36
N THR A 173 -6.42 12.48 -7.30
CA THR A 173 -6.97 13.75 -7.74
C THR A 173 -7.49 14.56 -6.56
N SER A 174 -7.94 13.87 -5.52
CA SER A 174 -8.47 14.52 -4.33
C SER A 174 -7.37 15.31 -3.61
N ALA A 175 -6.14 14.86 -3.77
CA ALA A 175 -5.00 15.52 -3.13
C ALA A 175 -4.87 16.97 -3.60
N LYS A 176 -3.76 17.59 -3.25
CA LYS A 176 -3.51 18.98 -3.63
C LYS A 176 -2.01 19.26 -3.74
N ASP A 177 -1.25 18.75 -2.77
CA ASP A 177 0.19 18.94 -2.75
C ASP A 177 0.89 17.73 -2.15
N LEU A 178 2.22 17.71 -2.24
CA LEU A 178 3.00 16.61 -1.70
C LEU A 178 3.42 16.89 -0.25
N GLY A 179 3.46 18.18 0.10
CA GLY A 179 3.85 18.56 1.44
C GLY A 179 5.15 19.33 1.47
N ASN A 180 5.95 19.09 2.51
CA ASN A 180 7.23 19.78 2.65
C ASN A 180 8.38 18.90 2.18
N VAL A 181 8.04 17.87 1.41
CA VAL A 181 9.04 16.95 0.88
C VAL A 181 10.19 16.75 1.87
N ALA A 182 9.83 16.50 3.13
CA ALA A 182 10.82 16.28 4.17
C ALA A 182 11.85 15.22 3.75
N ASP A 183 11.36 14.03 3.45
CA ASP A 183 12.23 12.93 3.03
C ASP A 183 11.90 12.49 1.61
N ALA A 184 11.37 13.41 0.82
CA ALA A 184 11.01 13.12 -0.56
C ALA A 184 12.03 13.72 -1.53
N TYR A 185 11.94 13.34 -2.80
CA TYR A 185 12.85 13.83 -3.82
C TYR A 185 12.07 14.31 -5.05
N VAL A 186 11.68 15.58 -5.04
CA VAL A 186 10.94 16.16 -6.14
C VAL A 186 11.76 16.15 -7.42
N ASN A 187 13.07 15.98 -7.28
CA ASN A 187 13.98 15.96 -8.43
C ASN A 187 13.93 14.60 -9.11
N GLU A 188 13.50 13.58 -8.37
CA GLU A 188 13.42 12.22 -8.90
C GLU A 188 11.97 11.80 -9.10
N TRP A 189 11.07 12.42 -8.32
CA TRP A 189 9.65 12.11 -8.40
C TRP A 189 9.17 12.17 -9.84
N SER A 190 9.33 13.34 -10.47
CA SER A 190 8.90 13.55 -11.85
C SER A 190 9.45 12.45 -12.75
N THR A 191 10.62 11.93 -12.40
CA THR A 191 11.26 10.87 -13.17
C THR A 191 10.65 9.51 -12.86
N SER A 192 10.25 9.32 -11.61
CA SER A 192 9.66 8.06 -11.18
C SER A 192 8.30 7.85 -11.84
N ILE A 193 7.41 8.82 -11.67
CA ILE A 193 6.07 8.74 -12.26
C ILE A 193 6.14 8.54 -13.76
N GLU A 194 7.08 9.24 -14.41
CA GLU A 194 7.25 9.14 -15.85
C GLU A 194 7.65 7.72 -16.25
N ASN A 195 8.10 6.94 -15.27
CA ASN A 195 8.52 5.56 -15.52
C ASN A 195 7.40 4.59 -15.18
N VAL A 196 6.48 5.03 -14.32
CA VAL A 196 5.36 4.19 -13.91
C VAL A 196 4.18 4.34 -14.87
N LEU A 197 4.12 5.48 -15.55
CA LEU A 197 3.04 5.74 -16.50
C LEU A 197 3.50 5.46 -17.93
N LYS A 198 4.73 5.01 -18.08
CA LYS A 198 5.29 4.69 -19.38
C LYS A 198 5.63 3.21 -19.49
N ARG A 199 5.72 2.55 -18.35
CA ARG A 199 6.05 1.12 -18.31
C ARG A 199 4.78 0.28 -18.37
N TYR A 200 3.63 0.94 -18.47
CA TYR A 200 2.35 0.25 -18.52
C TYR A 200 1.43 0.87 -19.58
N ARG A 201 0.92 2.06 -19.27
CA ARG A 201 0.04 2.77 -20.19
C ARG A 201 -1.22 1.96 -20.45
N ASN A 202 -1.58 1.10 -19.51
CA ASN A 202 -2.76 0.25 -19.64
C ASN A 202 -3.40 0.01 -18.28
N ILE A 203 -3.11 0.86 -17.32
CA ILE A 203 -3.65 0.72 -15.98
C ILE A 203 -5.17 0.77 -15.99
N ASN A 204 -5.80 0.00 -15.11
CA ASN A 204 -7.25 -0.04 -15.03
C ASN A 204 -7.75 0.76 -13.82
N ALA A 205 -6.93 0.83 -12.79
CA ALA A 205 -7.28 1.56 -11.58
C ALA A 205 -6.06 1.80 -10.70
N VAL A 206 -5.82 3.05 -10.34
CA VAL A 206 -4.68 3.41 -9.50
C VAL A 206 -5.10 3.56 -8.04
N VAL A 207 -4.39 2.86 -7.15
CA VAL A 207 -4.70 2.92 -5.72
C VAL A 207 -3.61 3.68 -4.97
N PRO A 208 -3.80 5.00 -4.85
CA PRO A 208 -2.84 5.88 -4.15
C PRO A 208 -2.85 5.64 -2.65
N GLY A 209 -1.85 6.20 -1.96
CA GLY A 209 -1.76 6.05 -0.53
C GLY A 209 -2.57 7.08 0.23
N HIS A 210 -2.96 8.14 -0.47
CA HIS A 210 -3.75 9.21 0.14
C HIS A 210 -4.72 9.82 -0.86
N GLY A 211 -6.00 9.58 -0.66
CA GLY A 211 -7.01 10.11 -1.57
C GLY A 211 -8.11 9.11 -1.87
N GLU A 212 -7.96 8.41 -3.01
CA GLU A 212 -8.94 7.42 -3.42
C GLU A 212 -8.52 6.76 -4.72
N VAL A 213 -9.19 5.65 -5.06
CA VAL A 213 -8.89 4.93 -6.29
C VAL A 213 -9.45 5.65 -7.51
N GLY A 214 -8.61 5.78 -8.54
CA GLY A 214 -9.03 6.45 -9.76
C GLY A 214 -8.56 5.74 -11.01
N ASP A 215 -7.58 6.32 -11.68
CA ASP A 215 -7.04 5.73 -12.90
C ASP A 215 -5.60 6.19 -13.13
N LYS A 216 -5.06 5.84 -14.30
CA LYS A 216 -3.70 6.21 -14.66
C LYS A 216 -3.51 7.72 -14.56
N GLY A 217 -4.61 8.47 -14.64
CA GLY A 217 -4.55 9.91 -14.56
C GLY A 217 -3.83 10.39 -13.32
N LEU A 218 -3.98 9.64 -12.22
CA LEU A 218 -3.34 10.00 -10.96
C LEU A 218 -1.86 10.29 -11.16
N LEU A 219 -1.18 9.43 -11.92
CA LEU A 219 0.24 9.60 -12.19
C LEU A 219 0.51 10.97 -12.81
N LEU A 220 -0.32 11.35 -13.77
CA LEU A 220 -0.16 12.64 -14.44
C LEU A 220 -0.38 13.79 -13.47
N HIS A 221 -1.38 13.65 -12.62
CA HIS A 221 -1.71 14.68 -11.63
C HIS A 221 -0.53 14.89 -10.67
N THR A 222 0.12 13.80 -10.29
CA THR A 222 1.26 13.87 -9.38
C THR A 222 2.28 14.89 -9.85
N LEU A 223 2.60 14.85 -11.15
CA LEU A 223 3.57 15.77 -11.72
C LEU A 223 3.21 17.22 -11.40
N ASP A 224 1.92 17.52 -11.44
CA ASP A 224 1.43 18.86 -11.14
C ASP A 224 1.81 19.27 -9.71
N LEU A 225 1.58 18.38 -8.76
CA LEU A 225 1.88 18.64 -7.36
C LEU A 225 3.35 19.01 -7.19
N LEU A 226 4.18 18.55 -8.12
CA LEU A 226 5.62 18.83 -8.07
C LEU A 226 5.94 20.15 -8.76
N LYS A 227 5.51 20.28 -10.01
CA LYS A 227 5.74 21.49 -10.78
C LYS A 227 4.90 22.65 -10.26
N SER A 1 -22.71 -20.22 7.09
CA SER A 1 -23.26 -19.93 5.77
C SER A 1 -24.56 -19.14 5.88
N GLN A 2 -24.56 -17.92 5.35
CA GLN A 2 -25.74 -17.06 5.39
C GLN A 2 -25.81 -16.19 4.13
N LYS A 3 -25.59 -16.80 2.98
CA LYS A 3 -25.63 -16.08 1.71
C LYS A 3 -24.58 -14.98 1.68
N VAL A 4 -24.44 -14.34 0.52
CA VAL A 4 -23.47 -13.26 0.36
C VAL A 4 -24.02 -12.16 -0.54
N GLU A 5 -24.04 -10.94 -0.03
CA GLU A 5 -24.54 -9.79 -0.78
C GLU A 5 -24.20 -8.48 -0.08
N LYS A 6 -23.02 -8.44 0.54
CA LYS A 6 -22.57 -7.25 1.24
C LYS A 6 -21.09 -7.00 1.00
N THR A 7 -20.70 -5.73 1.02
CA THR A 7 -19.30 -5.35 0.81
C THR A 7 -18.91 -4.17 1.67
N VAL A 8 -17.65 -3.75 1.55
CA VAL A 8 -17.15 -2.62 2.32
C VAL A 8 -17.24 -2.89 3.82
N ILE A 9 -16.13 -3.35 4.40
CA ILE A 9 -16.08 -3.65 5.82
C ILE A 9 -15.68 -2.42 6.62
N LYS A 10 -16.08 -2.39 7.89
CA LYS A 10 -15.75 -1.27 8.78
C LYS A 10 -15.66 -1.74 10.22
N ASN A 11 -15.23 -0.83 11.11
CA ASN A 11 -15.10 -1.15 12.52
C ASN A 11 -16.22 -0.52 13.32
N GLU A 12 -16.09 -0.54 14.65
CA GLU A 12 -17.11 0.03 15.53
C GLU A 12 -17.03 1.55 15.51
N THR A 13 -15.85 2.08 15.21
CA THR A 13 -15.66 3.53 15.16
C THR A 13 -15.64 4.03 13.72
N GLY A 14 -15.08 3.22 12.83
CA GLY A 14 -15.01 3.61 11.42
C GLY A 14 -13.62 4.05 11.02
N THR A 15 -12.70 4.07 11.98
CA THR A 15 -11.32 4.48 11.71
C THR A 15 -10.75 3.74 10.52
N ILE A 16 -11.17 2.48 10.34
CA ILE A 16 -10.70 1.66 9.25
C ILE A 16 -11.87 1.06 8.47
N SER A 17 -11.60 0.67 7.23
CA SER A 17 -12.64 0.08 6.37
C SER A 17 -12.04 -0.36 5.04
N ILE A 18 -12.81 -1.15 4.29
CA ILE A 18 -12.37 -1.64 2.99
C ILE A 18 -13.43 -1.41 1.92
N SER A 19 -13.19 -1.95 0.73
CA SER A 19 -14.13 -1.79 -0.37
C SER A 19 -13.73 -2.68 -1.55
N GLN A 20 -14.69 -3.44 -2.07
CA GLN A 20 -14.43 -4.32 -3.19
C GLN A 20 -14.05 -3.52 -4.45
N LEU A 21 -12.88 -3.81 -4.99
CA LEU A 21 -12.40 -3.11 -6.18
C LEU A 21 -12.49 -4.01 -7.41
N ASN A 22 -11.98 -5.24 -7.27
CA ASN A 22 -12.01 -6.21 -8.37
C ASN A 22 -12.13 -7.63 -7.84
N LYS A 23 -13.21 -7.89 -7.11
CA LYS A 23 -13.44 -9.22 -6.54
C LYS A 23 -12.37 -9.56 -5.50
N ASN A 24 -11.22 -10.01 -5.98
CA ASN A 24 -10.12 -10.38 -5.09
C ASN A 24 -9.31 -9.14 -4.69
N VAL A 25 -9.48 -8.07 -5.44
CA VAL A 25 -8.78 -6.83 -5.17
C VAL A 25 -9.63 -5.86 -4.35
N TRP A 26 -9.17 -5.52 -3.16
CA TRP A 26 -9.90 -4.62 -2.28
C TRP A 26 -9.02 -3.46 -1.84
N VAL A 27 -9.65 -2.38 -1.40
CA VAL A 27 -8.92 -1.20 -0.94
C VAL A 27 -9.25 -0.87 0.50
N HIS A 28 -8.28 -1.06 1.39
CA HIS A 28 -8.46 -0.78 2.81
C HIS A 28 -7.87 0.58 3.18
N THR A 29 -8.60 1.34 3.98
CA THR A 29 -8.15 2.66 4.41
C THR A 29 -8.35 2.85 5.91
N GLU A 30 -7.29 3.25 6.60
CA GLU A 30 -7.35 3.47 8.04
C GLU A 30 -6.97 4.91 8.38
N LEU A 31 -6.93 5.20 9.67
CA LEU A 31 -6.58 6.55 10.14
C LEU A 31 -5.59 6.48 11.30
N GLY A 32 -4.60 7.38 11.27
CA GLY A 32 -3.61 7.41 12.33
C GLY A 32 -2.99 8.78 12.50
N SER A 33 -2.85 9.21 13.75
CA SER A 33 -2.27 10.52 14.05
C SER A 33 -0.76 10.50 13.86
N PHE A 34 -0.22 11.59 13.30
CA PHE A 34 1.20 11.70 13.06
C PHE A 34 1.85 12.65 14.07
N ASN A 35 1.10 13.66 14.50
CA ASN A 35 1.60 14.63 15.46
C ASN A 35 0.47 15.53 15.96
N GLY A 36 -0.69 14.93 16.24
CA GLY A 36 -1.82 15.69 16.72
C GLY A 36 -2.92 15.82 15.68
N GLU A 37 -2.76 15.10 14.56
CA GLU A 37 -3.74 15.14 13.49
C GLU A 37 -3.83 13.78 12.80
N ALA A 38 -5.03 13.22 12.78
CA ALA A 38 -5.26 11.92 12.14
C ALA A 38 -5.15 12.03 10.61
N VAL A 39 -4.35 11.15 10.03
CA VAL A 39 -4.17 11.15 8.58
C VAL A 39 -4.58 9.82 7.97
N PRO A 40 -5.50 9.87 6.99
CA PRO A 40 -6.00 8.68 6.31
C PRO A 40 -4.95 8.02 5.43
N SER A 41 -4.95 6.70 5.39
CA SER A 41 -3.98 5.95 4.58
C SER A 41 -4.64 4.73 3.94
N ASN A 42 -4.79 4.78 2.62
CA ASN A 42 -5.40 3.67 1.89
C ASN A 42 -4.34 2.79 1.23
N GLY A 43 -4.62 1.49 1.15
CA GLY A 43 -3.67 0.57 0.55
C GLY A 43 -4.33 -0.39 -0.42
N LEU A 44 -4.34 -1.67 -0.08
CA LEU A 44 -4.93 -2.68 -0.93
C LEU A 44 -4.82 -4.07 -0.31
N VAL A 45 -5.84 -4.89 -0.52
CA VAL A 45 -5.85 -6.24 0.03
C VAL A 45 -6.14 -7.27 -1.06
N LEU A 46 -5.34 -8.33 -1.10
CA LEU A 46 -5.51 -9.38 -2.09
C LEU A 46 -6.21 -10.60 -1.47
N ASN A 47 -7.31 -11.01 -2.08
CA ASN A 47 -8.07 -12.16 -1.60
C ASN A 47 -7.67 -13.43 -2.34
N THR A 48 -6.38 -13.73 -2.34
CA THR A 48 -5.86 -14.92 -3.01
C THR A 48 -6.43 -16.19 -2.39
N SER A 49 -6.08 -17.33 -2.98
CA SER A 49 -6.55 -18.62 -2.49
C SER A 49 -5.50 -19.30 -1.62
N LYS A 50 -4.52 -18.51 -1.17
CA LYS A 50 -3.45 -19.03 -0.32
C LYS A 50 -3.10 -18.05 0.78
N GLY A 51 -4.11 -17.32 1.26
CA GLY A 51 -3.88 -16.36 2.32
C GLY A 51 -3.95 -14.93 1.82
N LEU A 52 -4.66 -14.07 2.56
CA LEU A 52 -4.80 -12.67 2.19
C LEU A 52 -3.44 -11.97 2.18
N VAL A 53 -3.36 -10.83 1.51
CA VAL A 53 -2.13 -10.07 1.44
C VAL A 53 -2.40 -8.57 1.53
N LEU A 54 -1.50 -7.86 2.20
CA LEU A 54 -1.65 -6.41 2.38
C LEU A 54 -0.52 -5.67 1.69
N VAL A 55 -0.87 -4.67 0.87
CA VAL A 55 0.11 -3.87 0.16
C VAL A 55 0.75 -2.82 1.07
N ASP A 56 0.28 -2.78 2.31
CA ASP A 56 0.80 -1.82 3.28
C ASP A 56 0.08 -1.98 4.62
N SER A 57 0.87 -2.06 5.69
CA SER A 57 0.31 -2.21 7.04
C SER A 57 -0.42 -0.95 7.47
N SER A 58 -0.73 -0.86 8.76
CA SER A 58 -1.44 0.29 9.29
C SER A 58 -0.46 1.32 9.86
N TRP A 59 -0.99 2.35 10.49
CA TRP A 59 -0.16 3.41 11.07
C TRP A 59 0.59 2.89 12.29
N ASP A 60 -0.07 2.02 13.06
CA ASP A 60 0.54 1.46 14.26
C ASP A 60 0.09 0.01 14.46
N ASP A 61 0.82 -0.71 15.31
CA ASP A 61 0.49 -2.10 15.59
C ASP A 61 -0.89 -2.23 16.23
N LYS A 62 -1.30 -1.19 16.94
CA LYS A 62 -2.59 -1.18 17.61
C LYS A 62 -3.72 -0.88 16.62
N LEU A 63 -3.37 -0.19 15.53
CA LEU A 63 -4.34 0.16 14.51
C LEU A 63 -4.54 -1.00 13.53
N THR A 64 -3.44 -1.58 13.07
CA THR A 64 -3.48 -2.69 12.14
C THR A 64 -4.33 -3.83 12.68
N LYS A 65 -4.39 -3.94 14.00
CA LYS A 65 -5.17 -4.99 14.65
C LYS A 65 -6.62 -4.95 14.20
N GLU A 66 -7.17 -3.74 14.12
CA GLU A 66 -8.56 -3.56 13.70
C GLU A 66 -8.67 -3.58 12.17
N LEU A 67 -7.54 -3.75 11.51
CA LEU A 67 -7.50 -3.78 10.05
C LEU A 67 -7.46 -5.22 9.54
N ILE A 68 -6.53 -6.00 10.07
CA ILE A 68 -6.38 -7.40 9.67
C ILE A 68 -7.61 -8.21 10.06
N GLU A 69 -8.21 -7.88 11.20
CA GLU A 69 -9.39 -8.58 11.68
C GLU A 69 -10.55 -8.39 10.71
N MET A 70 -10.44 -7.41 9.83
CA MET A 70 -11.49 -7.14 8.85
C MET A 70 -11.44 -8.16 7.71
N VAL A 71 -10.31 -8.22 7.02
CA VAL A 71 -10.13 -9.16 5.91
C VAL A 71 -10.30 -10.60 6.38
N GLU A 72 -9.89 -10.87 7.62
CA GLU A 72 -10.01 -12.21 8.18
C GLU A 72 -11.37 -12.42 8.84
N LYS A 73 -12.43 -12.08 8.11
CA LYS A 73 -13.79 -12.23 8.62
C LYS A 73 -14.76 -12.55 7.50
N LYS A 74 -14.58 -11.90 6.36
CA LYS A 74 -15.44 -12.12 5.20
C LYS A 74 -14.73 -12.97 4.15
N PHE A 75 -13.41 -12.91 4.14
CA PHE A 75 -12.61 -13.66 3.18
C PHE A 75 -12.27 -15.04 3.74
N GLN A 76 -12.91 -15.40 4.85
CA GLN A 76 -12.66 -16.69 5.49
C GLN A 76 -11.21 -17.13 5.30
N LYS A 77 -10.28 -16.21 5.54
CA LYS A 77 -8.87 -16.50 5.40
C LYS A 77 -8.04 -15.71 6.42
N ARG A 78 -6.72 -15.89 6.37
CA ARG A 78 -5.83 -15.20 7.29
C ARG A 78 -4.69 -14.52 6.53
N VAL A 79 -4.30 -13.33 7.00
CA VAL A 79 -3.23 -12.58 6.37
C VAL A 79 -1.87 -13.18 6.70
N THR A 80 -1.05 -13.39 5.67
CA THR A 80 0.28 -13.95 5.86
C THR A 80 1.28 -13.32 4.90
N ASP A 81 0.99 -12.09 4.48
CA ASP A 81 1.88 -11.37 3.56
C ASP A 81 1.63 -9.87 3.65
N VAL A 82 2.72 -9.11 3.73
CA VAL A 82 2.63 -7.65 3.82
C VAL A 82 3.71 -6.98 2.98
N ILE A 83 3.33 -6.50 1.80
CA ILE A 83 4.26 -5.83 0.92
C ILE A 83 4.52 -4.40 1.36
N ILE A 84 5.76 -4.14 1.77
CA ILE A 84 6.14 -2.80 2.22
C ILE A 84 6.90 -2.05 1.13
N THR A 85 6.40 -0.85 0.79
CA THR A 85 7.03 -0.03 -0.24
C THR A 85 8.19 0.76 0.33
N HIS A 86 7.92 1.58 1.34
CA HIS A 86 8.95 2.40 1.97
C HIS A 86 8.94 2.21 3.48
N ALA A 87 9.77 2.97 4.17
CA ALA A 87 9.86 2.90 5.62
C ALA A 87 9.14 4.07 6.28
N HIS A 88 7.92 3.82 6.75
CA HIS A 88 7.12 4.85 7.39
C HIS A 88 6.12 4.24 8.37
N ALA A 89 5.61 5.06 9.29
CA ALA A 89 4.66 4.59 10.28
C ALA A 89 3.42 3.99 9.61
N ASP A 90 3.12 4.48 8.42
CA ASP A 90 1.96 3.99 7.66
C ASP A 90 2.36 2.82 6.76
N ARG A 91 3.55 2.29 6.98
CA ARG A 91 4.05 1.18 6.18
C ARG A 91 4.44 0.01 7.07
N ILE A 92 5.25 0.28 8.09
CA ILE A 92 5.70 -0.74 9.01
C ILE A 92 5.25 -0.43 10.44
N GLY A 93 4.30 0.48 10.57
CA GLY A 93 3.80 0.85 11.89
C GLY A 93 3.41 -0.35 12.72
N GLY A 94 2.84 -1.37 12.06
CA GLY A 94 2.42 -2.57 12.76
C GLY A 94 3.37 -3.73 12.54
N ILE A 95 4.58 -3.42 12.10
CA ILE A 95 5.59 -4.45 11.85
C ILE A 95 5.63 -5.46 12.98
N LYS A 96 5.35 -5.00 14.20
CA LYS A 96 5.36 -5.87 15.36
C LYS A 96 4.26 -6.93 15.27
N THR A 97 3.02 -6.47 15.09
CA THR A 97 1.88 -7.39 14.98
C THR A 97 2.08 -8.38 13.83
N LEU A 98 2.60 -7.89 12.72
CA LEU A 98 2.84 -8.73 11.55
C LEU A 98 3.79 -9.88 11.88
N LYS A 99 4.66 -9.64 12.86
CA LYS A 99 5.61 -10.66 13.29
C LYS A 99 5.15 -11.34 14.57
N GLU A 100 3.84 -11.30 14.82
CA GLU A 100 3.27 -11.92 16.01
C GLU A 100 2.31 -13.05 15.63
N ARG A 101 1.54 -12.84 14.58
CA ARG A 101 0.58 -13.84 14.11
C ARG A 101 1.24 -14.80 13.11
N GLY A 102 2.32 -14.34 12.49
CA GLY A 102 3.02 -15.16 11.52
C GLY A 102 3.06 -14.54 10.14
N ILE A 103 2.83 -13.23 10.08
CA ILE A 103 2.85 -12.51 8.81
C ILE A 103 4.27 -12.10 8.44
N LYS A 104 4.49 -11.89 7.14
CA LYS A 104 5.81 -11.49 6.64
C LYS A 104 5.73 -10.14 5.94
N ALA A 105 6.47 -9.17 6.46
CA ALA A 105 6.49 -7.83 5.88
C ALA A 105 7.53 -7.74 4.76
N HIS A 106 7.17 -8.24 3.58
CA HIS A 106 8.07 -8.22 2.44
C HIS A 106 8.56 -6.79 2.16
N SER A 107 9.80 -6.68 1.72
CA SER A 107 10.39 -5.37 1.43
C SER A 107 11.84 -5.52 0.97
N THR A 108 12.35 -4.48 0.32
CA THR A 108 13.73 -4.50 -0.18
C THR A 108 14.72 -4.25 0.96
N ALA A 109 16.00 -4.19 0.62
CA ALA A 109 17.05 -3.97 1.61
C ALA A 109 17.08 -2.50 2.04
N LEU A 110 16.72 -1.61 1.13
CA LEU A 110 16.71 -0.18 1.42
C LEU A 110 15.51 0.18 2.29
N THR A 111 14.34 -0.31 1.93
CA THR A 111 13.12 -0.03 2.67
C THR A 111 13.28 -0.39 4.14
N ALA A 112 14.17 -1.34 4.42
CA ALA A 112 14.42 -1.78 5.78
C ALA A 112 15.54 -0.97 6.41
N GLU A 113 16.51 -0.57 5.61
CA GLU A 113 17.64 0.22 6.08
C GLU A 113 17.17 1.46 6.81
N LEU A 114 16.13 2.09 6.27
CA LEU A 114 15.57 3.31 6.87
C LEU A 114 14.60 2.97 7.99
N ALA A 115 14.04 1.76 7.93
CA ALA A 115 13.08 1.32 8.94
C ALA A 115 13.70 1.36 10.33
N LYS A 116 14.68 0.49 10.57
CA LYS A 116 15.35 0.43 11.86
C LYS A 116 15.88 1.80 12.26
N LYS A 117 16.19 2.63 11.27
CA LYS A 117 16.71 3.97 11.52
C LYS A 117 15.73 4.77 12.37
N ASN A 118 14.46 4.39 12.33
CA ASN A 118 13.43 5.07 13.09
C ASN A 118 13.18 4.38 14.43
N GLY A 119 13.35 3.05 14.44
CA GLY A 119 13.15 2.30 15.66
C GLY A 119 12.28 1.07 15.43
N TYR A 120 11.72 0.95 14.24
CA TYR A 120 10.86 -0.19 13.90
C TYR A 120 11.63 -1.50 14.04
N GLU A 121 11.00 -2.59 13.63
CA GLU A 121 11.61 -3.91 13.70
C GLU A 121 12.23 -4.30 12.37
N GLU A 122 12.06 -3.46 11.37
CA GLU A 122 12.59 -3.71 10.04
C GLU A 122 11.91 -4.92 9.40
N PRO A 123 11.48 -4.75 8.14
CA PRO A 123 10.82 -5.81 7.38
C PRO A 123 11.75 -6.96 7.03
N LEU A 124 11.27 -7.87 6.19
CA LEU A 124 12.07 -9.01 5.76
C LEU A 124 13.41 -8.58 5.21
N GLY A 125 13.40 -7.52 4.40
CA GLY A 125 14.63 -7.01 3.82
C GLY A 125 15.30 -8.02 2.91
N ASP A 126 14.55 -8.51 1.93
CA ASP A 126 15.09 -9.50 0.98
C ASP A 126 14.36 -9.40 -0.35
N LEU A 127 14.25 -8.19 -0.87
CA LEU A 127 13.58 -7.96 -2.15
C LEU A 127 14.42 -7.07 -3.06
N GLN A 128 14.05 -7.00 -4.33
CA GLN A 128 14.77 -6.18 -5.30
C GLN A 128 13.83 -5.23 -6.02
N THR A 129 14.32 -4.61 -7.08
CA THR A 129 13.52 -3.66 -7.85
C THR A 129 12.16 -4.25 -8.22
N VAL A 130 12.20 -5.40 -8.90
CA VAL A 130 10.98 -6.08 -9.30
C VAL A 130 11.02 -7.56 -8.94
N THR A 131 9.86 -8.11 -8.60
CA THR A 131 9.76 -9.51 -8.22
C THR A 131 8.37 -10.06 -8.50
N ASN A 132 8.28 -10.98 -9.45
CA ASN A 132 7.01 -11.59 -9.83
C ASN A 132 6.48 -12.49 -8.71
N LEU A 133 5.75 -11.90 -7.77
CA LEU A 133 5.20 -12.65 -6.65
C LEU A 133 3.95 -13.42 -7.07
N LYS A 134 3.59 -14.43 -6.30
CA LYS A 134 2.41 -15.25 -6.59
C LYS A 134 1.91 -15.94 -5.33
N PHE A 135 0.60 -15.83 -5.08
CA PHE A 135 0.00 -16.45 -3.91
C PHE A 135 -1.21 -17.29 -4.31
N GLY A 136 -1.05 -18.09 -5.37
CA GLY A 136 -2.14 -18.93 -5.82
C GLY A 136 -3.31 -18.13 -6.35
N ASN A 137 -3.54 -18.20 -7.66
CA ASN A 137 -4.64 -17.48 -8.29
C ASN A 137 -4.44 -15.96 -8.14
N MET A 138 -3.18 -15.54 -8.07
CA MET A 138 -2.86 -14.13 -7.94
C MET A 138 -1.46 -13.84 -8.47
N LYS A 139 -1.37 -12.89 -9.40
CA LYS A 139 -0.09 -12.51 -9.98
C LYS A 139 0.28 -11.08 -9.61
N VAL A 140 1.44 -10.92 -8.98
CA VAL A 140 1.92 -9.61 -8.57
C VAL A 140 3.36 -9.38 -9.01
N GLU A 141 3.76 -8.11 -9.08
CA GLU A 141 5.11 -7.77 -9.48
C GLU A 141 5.47 -6.36 -9.00
N THR A 142 6.55 -6.26 -8.22
CA THR A 142 7.00 -4.98 -7.70
C THR A 142 7.61 -4.13 -8.81
N PHE A 143 8.09 -2.94 -8.43
CA PHE A 143 8.70 -2.03 -9.39
C PHE A 143 9.28 -0.81 -8.69
N TYR A 144 10.49 -0.42 -9.08
CA TYR A 144 11.16 0.73 -8.47
C TYR A 144 11.48 1.79 -9.53
N PRO A 145 10.57 2.76 -9.68
CA PRO A 145 10.73 3.86 -10.64
C PRO A 145 11.86 4.80 -10.27
N GLY A 146 11.87 5.25 -9.01
CA GLY A 146 12.89 6.16 -8.55
C GLY A 146 12.60 6.71 -7.17
N LYS A 147 13.16 7.87 -6.86
CA LYS A 147 12.96 8.50 -5.56
C LYS A 147 11.80 9.49 -5.62
N GLY A 148 10.81 9.29 -4.75
CA GLY A 148 9.66 10.18 -4.71
C GLY A 148 9.27 10.56 -3.29
N HIS A 149 8.27 9.86 -2.74
CA HIS A 149 7.80 10.13 -1.39
C HIS A 149 8.86 9.73 -0.36
N THR A 150 9.68 8.76 -0.71
CA THR A 150 10.73 8.28 0.18
C THR A 150 11.92 7.74 -0.60
N GLU A 151 13.10 7.79 0.02
CA GLU A 151 14.32 7.31 -0.63
C GLU A 151 14.17 5.86 -1.07
N ASP A 152 13.40 5.08 -0.31
CA ASP A 152 13.16 3.68 -0.62
C ASP A 152 11.69 3.43 -0.93
N ASN A 153 11.14 4.22 -1.85
CA ASN A 153 9.75 4.08 -2.24
C ASN A 153 9.62 3.30 -3.54
N ILE A 154 8.63 2.41 -3.61
CA ILE A 154 8.40 1.61 -4.80
C ILE A 154 6.91 1.47 -5.09
N VAL A 155 6.59 0.99 -6.29
CA VAL A 155 5.20 0.82 -6.70
C VAL A 155 4.90 -0.65 -6.97
N VAL A 156 3.66 -1.06 -6.70
CA VAL A 156 3.23 -2.43 -6.91
C VAL A 156 2.44 -2.57 -8.21
N TRP A 157 2.65 -3.68 -8.91
CA TRP A 157 1.96 -3.93 -10.16
C TRP A 157 1.30 -5.30 -10.16
N LEU A 158 0.16 -5.41 -10.84
CA LEU A 158 -0.57 -6.67 -10.91
C LEU A 158 -0.81 -7.08 -12.36
N PRO A 159 0.08 -7.94 -12.89
CA PRO A 159 -0.01 -8.43 -14.26
C PRO A 159 -1.20 -9.38 -14.47
N GLN A 160 -2.40 -8.81 -14.47
CA GLN A 160 -3.62 -9.61 -14.65
C GLN A 160 -4.85 -8.73 -14.59
N TYR A 161 -4.80 -7.69 -13.76
CA TYR A 161 -5.93 -6.77 -13.61
C TYR A 161 -5.54 -5.37 -14.06
N ASN A 162 -4.24 -5.14 -14.22
CA ASN A 162 -3.74 -3.84 -14.64
C ASN A 162 -3.93 -2.80 -13.55
N ILE A 163 -3.99 -3.26 -12.30
CA ILE A 163 -4.16 -2.38 -11.16
C ILE A 163 -2.83 -2.07 -10.49
N LEU A 164 -2.45 -0.80 -10.48
CA LEU A 164 -1.20 -0.37 -9.87
C LEU A 164 -1.44 0.27 -8.51
N VAL A 165 -0.60 -0.08 -7.54
CA VAL A 165 -0.73 0.46 -6.19
C VAL A 165 0.52 1.24 -5.80
N GLY A 166 0.77 2.35 -6.49
CA GLY A 166 1.92 3.16 -6.20
C GLY A 166 2.01 3.55 -4.74
N GLY A 167 0.94 4.11 -4.20
CA GLY A 167 0.92 4.51 -2.81
C GLY A 167 1.07 6.00 -2.63
N CYS A 168 1.97 6.40 -1.73
CA CYS A 168 2.21 7.81 -1.47
C CYS A 168 2.80 8.50 -2.70
N LEU A 169 3.44 7.72 -3.56
CA LEU A 169 4.05 8.25 -4.77
C LEU A 169 2.99 8.83 -5.70
N VAL A 170 1.96 8.04 -6.00
CA VAL A 170 0.89 8.47 -6.87
C VAL A 170 -0.21 9.17 -6.08
N LYS A 171 -0.31 10.49 -6.26
CA LYS A 171 -1.33 11.28 -5.56
C LYS A 171 -2.67 11.18 -6.27
N SER A 172 -3.75 11.29 -5.50
CA SER A 172 -5.10 11.21 -6.06
C SER A 172 -5.44 12.47 -6.85
N THR A 173 -6.49 12.39 -7.66
CA THR A 173 -6.91 13.53 -8.47
C THR A 173 -7.45 14.65 -7.60
N SER A 174 -8.01 14.29 -6.45
CA SER A 174 -8.58 15.26 -5.53
C SER A 174 -7.48 16.06 -4.84
N ALA A 175 -6.30 15.46 -4.73
CA ALA A 175 -5.16 16.11 -4.09
C ALA A 175 -4.83 17.42 -4.79
N LYS A 176 -4.11 18.30 -4.10
CA LYS A 176 -3.73 19.59 -4.65
C LYS A 176 -2.20 19.71 -4.72
N ASP A 177 -1.51 19.06 -3.79
CA ASP A 177 -0.06 19.10 -3.76
C ASP A 177 0.50 17.83 -3.11
N LEU A 178 1.82 17.72 -3.08
CA LEU A 178 2.48 16.57 -2.48
C LEU A 178 2.52 16.68 -0.96
N GLY A 179 2.78 17.88 -0.47
CA GLY A 179 2.84 18.10 0.96
C GLY A 179 4.26 18.12 1.49
N ASN A 180 4.43 17.76 2.76
CA ASN A 180 5.75 17.74 3.38
C ASN A 180 6.73 16.92 2.56
N VAL A 181 7.92 17.46 2.34
CA VAL A 181 8.95 16.77 1.57
C VAL A 181 10.28 16.74 2.32
N ALA A 182 10.19 16.69 3.65
CA ALA A 182 11.39 16.65 4.48
C ALA A 182 12.29 15.48 4.10
N ASP A 183 11.68 14.32 3.86
CA ASP A 183 12.43 13.13 3.49
C ASP A 183 11.98 12.61 2.13
N ALA A 184 11.62 13.52 1.24
CA ALA A 184 11.17 13.16 -0.10
C ALA A 184 12.01 13.84 -1.17
N TYR A 185 11.93 13.34 -2.39
CA TYR A 185 12.69 13.90 -3.51
C TYR A 185 11.75 14.47 -4.57
N VAL A 186 11.46 15.76 -4.46
CA VAL A 186 10.57 16.43 -5.41
C VAL A 186 11.23 16.54 -6.79
N ASN A 187 12.55 16.44 -6.82
CA ASN A 187 13.30 16.53 -8.07
C ASN A 187 13.33 15.18 -8.77
N GLU A 188 13.21 14.10 -8.00
CA GLU A 188 13.22 12.75 -8.55
C GLU A 188 11.81 12.22 -8.72
N TRP A 189 10.87 12.81 -8.00
CA TRP A 189 9.47 12.39 -8.07
C TRP A 189 8.99 12.35 -9.52
N SER A 190 9.12 13.48 -10.22
CA SER A 190 8.69 13.57 -11.61
C SER A 190 9.31 12.46 -12.44
N THR A 191 10.56 12.11 -12.12
CA THR A 191 11.27 11.06 -12.84
C THR A 191 10.70 9.68 -12.50
N SER A 192 10.26 9.51 -11.26
CA SER A 192 9.69 8.24 -10.82
C SER A 192 8.37 7.97 -11.53
N ILE A 193 7.47 8.93 -11.48
CA ILE A 193 6.16 8.79 -12.12
C ILE A 193 6.31 8.48 -13.61
N GLU A 194 7.30 9.10 -14.24
CA GLU A 194 7.55 8.89 -15.66
C GLU A 194 7.90 7.43 -15.94
N ASN A 195 8.41 6.75 -14.92
CA ASN A 195 8.80 5.35 -15.05
C ASN A 195 7.62 4.43 -14.73
N VAL A 196 6.70 4.93 -13.92
CA VAL A 196 5.52 4.15 -13.53
C VAL A 196 4.45 4.22 -14.61
N LEU A 197 4.36 5.35 -15.30
CA LEU A 197 3.37 5.55 -16.35
C LEU A 197 3.85 4.92 -17.65
N LYS A 198 5.17 4.82 -17.80
CA LYS A 198 5.76 4.24 -19.01
C LYS A 198 5.79 2.72 -18.93
N ARG A 199 6.19 2.20 -17.77
CA ARG A 199 6.26 0.76 -17.56
C ARG A 199 4.91 0.11 -17.84
N TYR A 200 3.84 0.85 -17.62
CA TYR A 200 2.50 0.34 -17.84
C TYR A 200 1.59 1.43 -18.42
N ARG A 201 1.06 1.18 -19.62
CA ARG A 201 0.18 2.13 -20.27
C ARG A 201 -1.19 1.52 -20.52
N ASN A 202 -1.63 0.67 -19.61
CA ASN A 202 -2.93 0.02 -19.72
C ASN A 202 -3.58 -0.16 -18.35
N ILE A 203 -3.15 0.66 -17.39
CA ILE A 203 -3.69 0.59 -16.04
C ILE A 203 -5.21 0.67 -16.05
N ASN A 204 -5.84 -0.02 -15.10
CA ASN A 204 -7.29 -0.03 -15.00
C ASN A 204 -7.77 0.75 -13.78
N ALA A 205 -6.89 0.85 -12.77
CA ALA A 205 -7.23 1.57 -11.55
C ALA A 205 -5.96 1.87 -10.74
N VAL A 206 -5.83 3.12 -10.29
CA VAL A 206 -4.68 3.54 -9.51
C VAL A 206 -5.09 3.93 -8.09
N VAL A 207 -4.51 3.26 -7.11
CA VAL A 207 -4.80 3.54 -5.71
C VAL A 207 -3.66 4.31 -5.04
N PRO A 208 -3.91 5.59 -4.74
CA PRO A 208 -2.93 6.46 -4.09
C PRO A 208 -2.66 6.06 -2.64
N GLY A 209 -1.97 6.94 -1.91
CA GLY A 209 -1.67 6.66 -0.53
C GLY A 209 -2.63 7.34 0.43
N HIS A 210 -3.12 8.51 0.03
CA HIS A 210 -4.05 9.27 0.86
C HIS A 210 -5.17 9.87 0.02
N GLY A 211 -6.33 9.23 0.03
CA GLY A 211 -7.46 9.71 -0.74
C GLY A 211 -8.39 8.60 -1.17
N GLU A 212 -8.46 8.36 -2.48
CA GLU A 212 -9.33 7.32 -3.01
C GLU A 212 -8.78 6.78 -4.34
N VAL A 213 -9.34 5.67 -4.80
CA VAL A 213 -8.91 5.06 -6.05
C VAL A 213 -9.36 5.89 -7.25
N GLY A 214 -8.57 5.83 -8.32
CA GLY A 214 -8.91 6.59 -9.52
C GLY A 214 -8.51 5.86 -10.79
N ASP A 215 -7.46 6.34 -11.44
CA ASP A 215 -6.98 5.73 -12.67
C ASP A 215 -5.56 6.19 -12.99
N LYS A 216 -5.09 5.86 -14.20
CA LYS A 216 -3.74 6.24 -14.62
C LYS A 216 -3.56 7.74 -14.56
N GLY A 217 -4.66 8.48 -14.56
CA GLY A 217 -4.60 9.93 -14.51
C GLY A 217 -3.84 10.43 -13.30
N LEU A 218 -3.94 9.69 -12.19
CA LEU A 218 -3.26 10.07 -10.95
C LEU A 218 -1.78 10.34 -11.22
N LEU A 219 -1.15 9.46 -11.98
CA LEU A 219 0.26 9.61 -12.30
C LEU A 219 0.54 10.96 -12.95
N LEU A 220 -0.33 11.35 -13.88
CA LEU A 220 -0.20 12.63 -14.57
C LEU A 220 -0.38 13.80 -13.62
N HIS A 221 -1.36 13.68 -12.73
CA HIS A 221 -1.64 14.72 -11.76
C HIS A 221 -0.45 14.96 -10.84
N THR A 222 0.21 13.86 -10.44
CA THR A 222 1.37 13.95 -9.57
C THR A 222 2.39 14.94 -10.10
N LEU A 223 2.62 14.90 -11.41
CA LEU A 223 3.59 15.80 -12.05
C LEU A 223 3.17 17.26 -11.86
N ASP A 224 1.87 17.51 -11.98
CA ASP A 224 1.34 18.86 -11.83
C ASP A 224 1.69 19.43 -10.45
N LEU A 225 1.62 18.58 -9.43
CA LEU A 225 1.93 18.99 -8.07
C LEU A 225 3.39 19.39 -7.94
N LEU A 226 4.23 18.83 -8.80
CA LEU A 226 5.65 19.12 -8.78
C LEU A 226 5.97 20.37 -9.60
N LYS A 227 5.33 20.49 -10.76
CA LYS A 227 5.53 21.63 -11.64
C LYS A 227 5.31 22.94 -10.88
N SER A 1 -25.97 -23.24 5.01
CA SER A 1 -26.20 -21.95 4.37
C SER A 1 -24.88 -21.33 3.92
N GLN A 2 -24.85 -20.85 2.68
CA GLN A 2 -23.65 -20.24 2.14
C GLN A 2 -24.00 -19.25 1.02
N LYS A 3 -23.67 -17.98 1.23
CA LYS A 3 -23.94 -16.95 0.25
C LYS A 3 -23.27 -15.63 0.63
N VAL A 4 -23.22 -14.70 -0.32
CA VAL A 4 -22.61 -13.40 -0.08
C VAL A 4 -23.37 -12.29 -0.79
N GLU A 5 -23.61 -11.19 -0.08
CA GLU A 5 -24.33 -10.05 -0.65
C GLU A 5 -24.00 -8.77 0.11
N LYS A 6 -22.82 -8.73 0.72
CA LYS A 6 -22.39 -7.57 1.47
C LYS A 6 -20.91 -7.26 1.22
N THR A 7 -20.57 -5.98 1.28
CA THR A 7 -19.18 -5.56 1.05
C THR A 7 -18.83 -4.35 1.91
N VAL A 8 -17.59 -3.88 1.77
CA VAL A 8 -17.14 -2.72 2.53
C VAL A 8 -17.21 -2.99 4.04
N ILE A 9 -16.10 -3.40 4.62
CA ILE A 9 -16.03 -3.68 6.05
C ILE A 9 -15.63 -2.45 6.83
N LYS A 10 -16.04 -2.39 8.09
CA LYS A 10 -15.72 -1.26 8.96
C LYS A 10 -15.53 -1.72 10.40
N ASN A 11 -15.08 -0.80 11.26
CA ASN A 11 -14.86 -1.11 12.66
C ASN A 11 -15.93 -0.47 13.54
N GLU A 12 -15.84 -0.70 14.84
CA GLU A 12 -16.80 -0.13 15.78
C GLU A 12 -16.73 1.39 15.79
N THR A 13 -15.55 1.92 15.47
CA THR A 13 -15.35 3.36 15.44
C THR A 13 -15.36 3.89 14.01
N GLY A 14 -14.86 3.08 13.08
CA GLY A 14 -14.82 3.49 11.69
C GLY A 14 -13.43 3.91 11.24
N THR A 15 -12.51 3.97 12.19
CA THR A 15 -11.13 4.36 11.89
C THR A 15 -10.58 3.56 10.73
N ILE A 16 -11.01 2.31 10.61
CA ILE A 16 -10.54 1.44 9.54
C ILE A 16 -11.72 0.85 8.77
N SER A 17 -11.51 0.56 7.49
CA SER A 17 -12.55 -0.01 6.64
C SER A 17 -11.99 -0.44 5.30
N ILE A 18 -12.74 -1.27 4.58
CA ILE A 18 -12.31 -1.74 3.27
C ILE A 18 -13.41 -1.53 2.23
N SER A 19 -13.16 -2.03 1.01
CA SER A 19 -14.13 -1.89 -0.07
C SER A 19 -13.75 -2.79 -1.25
N GLN A 20 -14.74 -3.48 -1.80
CA GLN A 20 -14.51 -4.37 -2.93
C GLN A 20 -14.21 -3.58 -4.20
N LEU A 21 -13.01 -3.78 -4.75
CA LEU A 21 -12.60 -3.08 -5.96
C LEU A 21 -12.77 -3.99 -7.18
N ASN A 22 -11.89 -4.97 -7.31
CA ASN A 22 -11.92 -5.90 -8.43
C ASN A 22 -11.80 -7.35 -7.94
N LYS A 23 -11.63 -8.27 -8.88
CA LYS A 23 -11.49 -9.68 -8.54
C LYS A 23 -10.40 -9.89 -7.50
N ASN A 24 -10.80 -10.25 -6.29
CA ASN A 24 -9.86 -10.49 -5.21
C ASN A 24 -9.03 -9.24 -4.93
N VAL A 25 -9.57 -8.09 -5.30
CA VAL A 25 -8.87 -6.82 -5.09
C VAL A 25 -9.72 -5.86 -4.26
N TRP A 26 -9.23 -5.54 -3.07
CA TRP A 26 -9.94 -4.63 -2.17
C TRP A 26 -9.05 -3.46 -1.77
N VAL A 27 -9.67 -2.38 -1.30
CA VAL A 27 -8.93 -1.20 -0.87
C VAL A 27 -9.25 -0.84 0.57
N HIS A 28 -8.28 -1.06 1.46
CA HIS A 28 -8.47 -0.76 2.88
C HIS A 28 -7.76 0.54 3.25
N THR A 29 -8.42 1.35 4.06
CA THR A 29 -7.86 2.62 4.50
C THR A 29 -8.14 2.88 5.98
N GLU A 30 -7.07 2.96 6.76
CA GLU A 30 -7.21 3.21 8.19
C GLU A 30 -6.93 4.67 8.53
N LEU A 31 -6.87 4.97 9.82
CA LEU A 31 -6.62 6.33 10.28
C LEU A 31 -5.72 6.34 11.51
N GLY A 32 -4.67 7.15 11.46
CA GLY A 32 -3.74 7.23 12.59
C GLY A 32 -3.44 8.67 12.98
N SER A 33 -3.51 8.95 14.28
CA SER A 33 -3.25 10.29 14.78
C SER A 33 -1.91 10.81 14.26
N PHE A 34 -1.83 12.13 14.06
CA PHE A 34 -0.62 12.76 13.56
C PHE A 34 -0.75 14.27 13.58
N ASN A 35 0.13 14.92 14.35
CA ASN A 35 0.12 16.37 14.46
C ASN A 35 -1.20 16.87 15.08
N GLY A 36 -1.70 16.11 16.06
CA GLY A 36 -2.93 16.49 16.72
C GLY A 36 -4.11 16.51 15.77
N GLU A 37 -4.11 15.61 14.79
CA GLU A 37 -5.18 15.54 13.81
C GLU A 37 -5.34 14.12 13.29
N ALA A 38 -6.20 13.96 12.28
CA ALA A 38 -6.44 12.65 11.68
C ALA A 38 -5.89 12.59 10.26
N VAL A 39 -5.17 11.52 9.95
CA VAL A 39 -4.59 11.33 8.64
C VAL A 39 -4.84 9.91 8.12
N PRO A 40 -5.79 9.78 7.19
CA PRO A 40 -6.13 8.47 6.59
C PRO A 40 -5.03 7.94 5.69
N SER A 41 -4.83 6.63 5.72
CA SER A 41 -3.80 5.99 4.91
C SER A 41 -4.41 4.93 4.00
N ASN A 42 -4.35 5.16 2.69
CA ASN A 42 -4.89 4.22 1.72
C ASN A 42 -4.20 2.86 1.82
N GLY A 43 -4.75 1.88 1.13
CA GLY A 43 -4.17 0.55 1.16
C GLY A 43 -4.83 -0.39 0.16
N LEU A 44 -4.55 -1.68 0.31
CA LEU A 44 -5.12 -2.69 -0.59
C LEU A 44 -5.00 -4.09 0.02
N VAL A 45 -5.99 -4.93 -0.25
CA VAL A 45 -6.00 -6.29 0.27
C VAL A 45 -6.27 -7.30 -0.85
N LEU A 46 -5.48 -8.36 -0.88
CA LEU A 46 -5.63 -9.40 -1.90
C LEU A 46 -6.34 -10.63 -1.32
N ASN A 47 -7.41 -11.05 -1.98
CA ASN A 47 -8.17 -12.21 -1.53
C ASN A 47 -7.75 -13.47 -2.29
N THR A 48 -6.47 -13.82 -2.19
CA THR A 48 -5.94 -14.99 -2.88
C THR A 48 -6.52 -16.28 -2.28
N SER A 49 -6.23 -17.40 -2.94
CA SER A 49 -6.71 -18.69 -2.48
C SER A 49 -5.65 -19.41 -1.67
N LYS A 50 -4.79 -18.64 -1.00
CA LYS A 50 -3.73 -19.21 -0.18
C LYS A 50 -3.29 -18.22 0.90
N GLY A 51 -4.25 -17.46 1.43
CA GLY A 51 -3.93 -16.49 2.46
C GLY A 51 -3.98 -15.07 1.95
N LEU A 52 -4.76 -14.23 2.62
CA LEU A 52 -4.89 -12.83 2.23
C LEU A 52 -3.53 -12.14 2.20
N VAL A 53 -3.51 -10.91 1.70
CA VAL A 53 -2.27 -10.14 1.62
C VAL A 53 -2.55 -8.64 1.73
N LEU A 54 -1.65 -7.93 2.40
CA LEU A 54 -1.78 -6.49 2.58
C LEU A 54 -0.68 -5.73 1.85
N VAL A 55 -1.07 -4.75 1.04
CA VAL A 55 -0.10 -3.96 0.29
C VAL A 55 0.56 -2.92 1.19
N ASP A 56 0.11 -2.85 2.44
CA ASP A 56 0.66 -1.89 3.39
C ASP A 56 -0.04 -2.01 4.74
N SER A 57 0.75 -2.01 5.81
CA SER A 57 0.21 -2.13 7.15
C SER A 57 -0.47 -0.83 7.58
N SER A 58 -0.76 -0.71 8.87
CA SER A 58 -1.41 0.47 9.41
C SER A 58 -0.39 1.43 10.01
N TRP A 59 -0.88 2.51 10.61
CA TRP A 59 0.00 3.50 11.23
C TRP A 59 0.75 2.90 12.40
N ASP A 60 0.08 2.05 13.17
CA ASP A 60 0.69 1.41 14.32
C ASP A 60 0.20 -0.03 14.47
N ASP A 61 0.88 -0.80 15.32
CA ASP A 61 0.51 -2.19 15.54
C ASP A 61 -0.89 -2.29 16.14
N LYS A 62 -1.23 -1.34 17.00
CA LYS A 62 -2.54 -1.32 17.63
C LYS A 62 -3.64 -1.01 16.62
N LEU A 63 -3.26 -0.36 15.53
CA LEU A 63 -4.22 0.00 14.48
C LEU A 63 -4.44 -1.16 13.52
N THR A 64 -3.33 -1.73 13.02
CA THR A 64 -3.40 -2.86 12.10
C THR A 64 -4.09 -4.05 12.74
N LYS A 65 -3.98 -4.16 14.06
CA LYS A 65 -4.60 -5.26 14.78
C LYS A 65 -6.10 -5.32 14.51
N GLU A 66 -6.73 -4.15 14.46
CA GLU A 66 -8.17 -4.08 14.20
C GLU A 66 -8.45 -4.01 12.70
N LEU A 67 -7.39 -4.11 11.90
CA LEU A 67 -7.52 -4.08 10.45
C LEU A 67 -7.51 -5.48 9.86
N ILE A 68 -6.62 -6.32 10.38
CA ILE A 68 -6.52 -7.69 9.91
C ILE A 68 -7.78 -8.49 10.22
N GLU A 69 -8.40 -8.18 11.36
CA GLU A 69 -9.62 -8.86 11.77
C GLU A 69 -10.79 -8.49 10.86
N MET A 70 -10.58 -7.47 10.03
CA MET A 70 -11.62 -7.03 9.10
C MET A 70 -11.65 -7.90 7.86
N VAL A 71 -10.48 -8.09 7.25
CA VAL A 71 -10.38 -8.90 6.04
C VAL A 71 -10.66 -10.36 6.33
N GLU A 72 -10.21 -10.82 7.50
CA GLU A 72 -10.42 -12.21 7.91
C GLU A 72 -11.83 -12.41 8.43
N LYS A 73 -12.82 -11.99 7.65
CA LYS A 73 -14.22 -12.13 8.03
C LYS A 73 -15.07 -12.61 6.86
N LYS A 74 -14.82 -12.03 5.69
CA LYS A 74 -15.54 -12.40 4.48
C LYS A 74 -14.68 -13.24 3.54
N PHE A 75 -13.37 -13.16 3.74
CA PHE A 75 -12.43 -13.91 2.92
C PHE A 75 -12.11 -15.26 3.54
N GLN A 76 -12.81 -15.59 4.63
CA GLN A 76 -12.61 -16.84 5.32
C GLN A 76 -11.16 -17.30 5.22
N LYS A 77 -10.24 -16.38 5.51
CA LYS A 77 -8.81 -16.67 5.45
C LYS A 77 -8.03 -15.81 6.43
N ARG A 78 -6.71 -15.97 6.44
CA ARG A 78 -5.86 -15.20 7.34
C ARG A 78 -4.69 -14.58 6.57
N VAL A 79 -4.37 -13.33 6.90
CA VAL A 79 -3.28 -12.62 6.25
C VAL A 79 -1.94 -13.19 6.65
N THR A 80 -1.08 -13.43 5.66
CA THR A 80 0.25 -13.98 5.90
C THR A 80 1.30 -13.32 5.03
N ASP A 81 0.93 -12.18 4.43
CA ASP A 81 1.84 -11.45 3.56
C ASP A 81 1.56 -9.95 3.63
N VAL A 82 2.62 -9.17 3.81
CA VAL A 82 2.50 -7.72 3.90
C VAL A 82 3.56 -7.02 3.04
N ILE A 83 3.16 -6.60 1.85
CA ILE A 83 4.07 -5.92 0.94
C ILE A 83 4.34 -4.49 1.41
N ILE A 84 5.61 -4.19 1.66
CA ILE A 84 6.01 -2.86 2.12
C ILE A 84 6.75 -2.11 1.01
N THR A 85 6.30 -0.89 0.73
CA THR A 85 6.92 -0.07 -0.31
C THR A 85 8.11 0.71 0.25
N HIS A 86 7.86 1.51 1.28
CA HIS A 86 8.91 2.31 1.91
C HIS A 86 8.91 2.12 3.42
N ALA A 87 9.77 2.86 4.10
CA ALA A 87 9.86 2.78 5.56
C ALA A 87 9.16 3.95 6.23
N HIS A 88 7.95 3.70 6.72
CA HIS A 88 7.17 4.75 7.39
C HIS A 88 6.18 4.13 8.37
N ALA A 89 5.70 4.95 9.31
CA ALA A 89 4.74 4.49 10.30
C ALA A 89 3.50 3.91 9.64
N ASP A 90 3.19 4.40 8.45
CA ASP A 90 2.02 3.93 7.71
C ASP A 90 2.39 2.78 6.79
N ARG A 91 3.58 2.22 6.99
CA ARG A 91 4.05 1.10 6.18
C ARG A 91 4.45 -0.08 7.06
N ILE A 92 5.27 0.19 8.06
CA ILE A 92 5.73 -0.86 8.98
C ILE A 92 5.31 -0.56 10.41
N GLY A 93 4.37 0.37 10.56
CA GLY A 93 3.89 0.73 11.88
C GLY A 93 3.48 -0.47 12.70
N GLY A 94 2.89 -1.47 12.05
CA GLY A 94 2.46 -2.66 12.74
C GLY A 94 3.40 -3.84 12.51
N ILE A 95 4.61 -3.53 12.06
CA ILE A 95 5.61 -4.57 11.80
C ILE A 95 5.67 -5.57 12.96
N LYS A 96 5.40 -5.10 14.16
CA LYS A 96 5.43 -5.95 15.34
C LYS A 96 4.31 -7.00 15.28
N THR A 97 3.08 -6.54 15.10
CA THR A 97 1.93 -7.43 15.03
C THR A 97 2.10 -8.45 13.90
N LEU A 98 2.62 -7.98 12.76
CA LEU A 98 2.83 -8.85 11.61
C LEU A 98 3.76 -10.00 11.97
N LYS A 99 4.66 -9.77 12.90
CA LYS A 99 5.61 -10.79 13.33
C LYS A 99 5.15 -11.43 14.64
N GLU A 100 3.85 -11.37 14.91
CA GLU A 100 3.29 -11.94 16.13
C GLU A 100 2.36 -13.10 15.80
N ARG A 101 1.72 -13.03 14.63
CA ARG A 101 0.79 -14.07 14.20
C ARG A 101 1.45 -15.00 13.20
N GLY A 102 2.51 -14.52 12.55
CA GLY A 102 3.22 -15.32 11.58
C GLY A 102 3.25 -14.68 10.20
N ILE A 103 2.90 -13.40 10.14
CA ILE A 103 2.89 -12.66 8.88
C ILE A 103 4.29 -12.18 8.52
N LYS A 104 4.52 -11.96 7.23
CA LYS A 104 5.81 -11.50 6.74
C LYS A 104 5.67 -10.15 6.02
N ALA A 105 6.43 -9.16 6.49
CA ALA A 105 6.39 -7.83 5.89
C ALA A 105 7.41 -7.71 4.77
N HIS A 106 7.04 -8.18 3.58
CA HIS A 106 7.92 -8.13 2.42
C HIS A 106 8.46 -6.71 2.21
N SER A 107 9.71 -6.61 1.78
CA SER A 107 10.33 -5.31 1.55
C SER A 107 11.77 -5.49 1.06
N THR A 108 12.25 -4.52 0.28
CA THR A 108 13.60 -4.57 -0.25
C THR A 108 14.63 -4.25 0.82
N ALA A 109 15.91 -4.36 0.47
CA ALA A 109 16.99 -4.08 1.41
C ALA A 109 17.02 -2.60 1.77
N LEU A 110 16.74 -1.74 0.79
CA LEU A 110 16.74 -0.31 1.02
C LEU A 110 15.64 0.10 1.98
N THR A 111 14.43 -0.43 1.76
CA THR A 111 13.30 -0.13 2.61
C THR A 111 13.61 -0.38 4.07
N ALA A 112 14.32 -1.47 4.33
CA ALA A 112 14.70 -1.83 5.70
C ALA A 112 15.80 -0.91 6.22
N GLU A 113 16.53 -0.28 5.31
CA GLU A 113 17.61 0.62 5.68
C GLU A 113 17.08 1.79 6.51
N LEU A 114 15.92 2.31 6.13
CA LEU A 114 15.31 3.43 6.84
C LEU A 114 14.43 2.93 7.98
N ALA A 115 13.94 1.71 7.86
CA ALA A 115 13.09 1.11 8.87
C ALA A 115 13.78 1.13 10.23
N LYS A 116 14.88 0.38 10.36
CA LYS A 116 15.62 0.32 11.60
C LYS A 116 16.13 1.69 12.01
N LYS A 117 16.27 2.58 11.03
CA LYS A 117 16.75 3.94 11.27
C LYS A 117 15.78 4.70 12.17
N ASN A 118 14.53 4.26 12.18
CA ASN A 118 13.50 4.90 13.00
C ASN A 118 13.33 4.18 14.33
N GLY A 119 13.42 2.85 14.29
CA GLY A 119 13.28 2.07 15.51
C GLY A 119 12.39 0.85 15.30
N TYR A 120 11.80 0.74 14.13
CA TYR A 120 10.93 -0.39 13.81
C TYR A 120 11.68 -1.71 13.93
N GLU A 121 11.02 -2.80 13.52
CA GLU A 121 11.63 -4.12 13.58
C GLU A 121 12.25 -4.50 12.23
N GLU A 122 12.09 -3.62 11.24
CA GLU A 122 12.62 -3.86 9.91
C GLU A 122 11.92 -5.05 9.25
N PRO A 123 11.48 -4.84 8.01
CA PRO A 123 10.79 -5.89 7.24
C PRO A 123 11.73 -7.03 6.83
N LEU A 124 11.23 -7.91 5.97
CA LEU A 124 12.02 -9.04 5.50
C LEU A 124 13.36 -8.57 4.92
N GLY A 125 13.34 -7.40 4.29
CA GLY A 125 14.56 -6.86 3.71
C GLY A 125 15.25 -7.85 2.80
N ASP A 126 14.47 -8.59 2.02
CA ASP A 126 15.02 -9.58 1.11
C ASP A 126 14.30 -9.52 -0.25
N LEU A 127 14.36 -8.35 -0.87
CA LEU A 127 13.72 -8.15 -2.17
C LEU A 127 14.62 -7.36 -3.11
N GLN A 128 14.07 -6.94 -4.25
CA GLN A 128 14.83 -6.17 -5.22
C GLN A 128 13.92 -5.18 -5.95
N THR A 129 14.44 -4.58 -7.02
CA THR A 129 13.68 -3.61 -7.80
C THR A 129 12.30 -4.16 -8.16
N VAL A 130 12.28 -5.21 -8.98
CA VAL A 130 11.04 -5.82 -9.40
C VAL A 130 10.97 -7.29 -8.99
N THR A 131 10.08 -7.60 -8.06
CA THR A 131 9.92 -8.98 -7.58
C THR A 131 8.57 -9.55 -7.97
N ASN A 132 8.58 -10.53 -8.87
CA ASN A 132 7.35 -11.16 -9.33
C ASN A 132 6.77 -12.07 -8.26
N LEU A 133 5.77 -11.55 -7.54
CA LEU A 133 5.12 -12.32 -6.47
C LEU A 133 3.97 -13.15 -7.03
N LYS A 134 3.69 -14.28 -6.38
CA LYS A 134 2.61 -15.15 -6.80
C LYS A 134 1.98 -15.87 -5.60
N PHE A 135 0.66 -15.78 -5.49
CA PHE A 135 -0.06 -16.42 -4.39
C PHE A 135 -1.23 -17.24 -4.91
N GLY A 136 -2.12 -17.64 -4.00
CA GLY A 136 -3.28 -18.43 -4.40
C GLY A 136 -4.05 -17.80 -5.53
N ASN A 137 -3.80 -18.27 -6.75
CA ASN A 137 -4.48 -17.75 -7.92
C ASN A 137 -4.36 -16.23 -8.00
N MET A 138 -3.12 -15.75 -7.99
CA MET A 138 -2.86 -14.32 -8.05
C MET A 138 -1.50 -14.04 -8.69
N LYS A 139 -1.38 -12.88 -9.33
CA LYS A 139 -0.14 -12.49 -9.99
C LYS A 139 0.21 -11.04 -9.67
N VAL A 140 1.36 -10.85 -9.01
CA VAL A 140 1.81 -9.51 -8.65
C VAL A 140 3.27 -9.30 -9.05
N GLU A 141 3.64 -8.03 -9.23
CA GLU A 141 5.01 -7.70 -9.61
C GLU A 141 5.38 -6.31 -9.13
N THR A 142 6.45 -6.21 -8.36
CA THR A 142 6.91 -4.94 -7.84
C THR A 142 7.58 -4.10 -8.92
N PHE A 143 8.09 -2.93 -8.54
CA PHE A 143 8.75 -2.03 -9.48
C PHE A 143 9.32 -0.82 -8.76
N TYR A 144 10.54 -0.44 -9.14
CA TYR A 144 11.19 0.71 -8.53
C TYR A 144 11.53 1.77 -9.58
N PRO A 145 10.65 2.76 -9.73
CA PRO A 145 10.83 3.85 -10.69
C PRO A 145 11.96 4.79 -10.29
N GLY A 146 11.96 5.23 -9.04
CA GLY A 146 13.00 6.12 -8.57
C GLY A 146 12.71 6.66 -7.18
N LYS A 147 13.28 7.82 -6.86
CA LYS A 147 13.08 8.43 -5.55
C LYS A 147 11.95 9.46 -5.61
N GLY A 148 10.96 9.29 -4.74
CA GLY A 148 9.85 10.22 -4.70
C GLY A 148 9.44 10.58 -3.28
N HIS A 149 8.46 9.85 -2.74
CA HIS A 149 7.98 10.11 -1.39
C HIS A 149 9.03 9.70 -0.36
N THR A 150 9.86 8.72 -0.71
CA THR A 150 10.90 8.24 0.18
C THR A 150 12.09 7.69 -0.60
N GLU A 151 13.25 7.64 0.04
CA GLU A 151 14.46 7.14 -0.59
C GLU A 151 14.29 5.68 -1.01
N ASP A 152 13.39 4.98 -0.32
CA ASP A 152 13.13 3.57 -0.61
C ASP A 152 11.66 3.35 -0.96
N ASN A 153 11.15 4.17 -1.88
CA ASN A 153 9.76 4.07 -2.29
C ASN A 153 9.64 3.29 -3.60
N ILE A 154 8.64 2.43 -3.69
CA ILE A 154 8.43 1.63 -4.88
C ILE A 154 6.94 1.54 -5.22
N VAL A 155 6.63 0.99 -6.39
CA VAL A 155 5.26 0.84 -6.84
C VAL A 155 4.91 -0.62 -7.10
N VAL A 156 3.67 -0.99 -6.80
CA VAL A 156 3.23 -2.37 -7.01
C VAL A 156 2.42 -2.49 -8.30
N TRP A 157 2.59 -3.60 -8.99
CA TRP A 157 1.88 -3.85 -10.25
C TRP A 157 1.19 -5.21 -10.23
N LEU A 158 0.07 -5.31 -10.92
CA LEU A 158 -0.68 -6.56 -11.00
C LEU A 158 -0.92 -6.98 -12.44
N PRO A 159 -0.04 -7.83 -12.97
CA PRO A 159 -0.13 -8.32 -14.34
C PRO A 159 -1.31 -9.26 -14.54
N GLN A 160 -2.53 -8.71 -14.53
CA GLN A 160 -3.73 -9.51 -14.71
C GLN A 160 -4.97 -8.63 -14.63
N TYR A 161 -4.92 -7.59 -13.80
CA TYR A 161 -6.04 -6.68 -13.64
C TYR A 161 -5.66 -5.27 -14.07
N ASN A 162 -4.36 -5.04 -14.25
CA ASN A 162 -3.87 -3.73 -14.66
C ASN A 162 -4.03 -2.71 -13.54
N ILE A 163 -4.09 -3.20 -12.30
CA ILE A 163 -4.24 -2.33 -11.14
C ILE A 163 -2.89 -2.02 -10.50
N LEU A 164 -2.53 -0.74 -10.49
CA LEU A 164 -1.26 -0.32 -9.90
C LEU A 164 -1.49 0.31 -8.53
N VAL A 165 -0.63 -0.02 -7.58
CA VAL A 165 -0.73 0.50 -6.22
C VAL A 165 0.54 1.25 -5.83
N GLY A 166 0.83 2.33 -6.55
CA GLY A 166 2.02 3.11 -6.25
C GLY A 166 2.11 3.51 -4.79
N GLY A 167 1.09 4.20 -4.31
CA GLY A 167 1.07 4.62 -2.92
C GLY A 167 1.26 6.12 -2.78
N CYS A 168 2.11 6.52 -1.83
CA CYS A 168 2.38 7.93 -1.60
C CYS A 168 2.98 8.59 -2.83
N LEU A 169 3.63 7.78 -3.66
CA LEU A 169 4.25 8.29 -4.88
C LEU A 169 3.20 8.85 -5.84
N VAL A 170 2.18 8.07 -6.11
CA VAL A 170 1.10 8.49 -7.01
C VAL A 170 -0.01 9.19 -6.24
N LYS A 171 -0.04 10.52 -6.34
CA LYS A 171 -1.06 11.31 -5.64
C LYS A 171 -2.41 11.18 -6.34
N SER A 172 -3.48 11.32 -5.57
CA SER A 172 -4.83 11.22 -6.12
C SER A 172 -5.19 12.48 -6.92
N THR A 173 -6.31 12.42 -7.64
CA THR A 173 -6.76 13.55 -8.43
C THR A 173 -7.26 14.68 -7.55
N SER A 174 -7.92 14.33 -6.45
CA SER A 174 -8.46 15.32 -5.53
C SER A 174 -7.34 16.15 -4.92
N ALA A 175 -6.21 15.52 -4.64
CA ALA A 175 -5.06 16.20 -4.07
C ALA A 175 -4.63 17.38 -4.93
N LYS A 176 -3.73 18.20 -4.41
CA LYS A 176 -3.24 19.37 -5.13
C LYS A 176 -1.89 19.81 -4.58
N ASP A 177 -1.16 18.89 -3.95
CA ASP A 177 0.14 19.19 -3.39
C ASP A 177 0.82 17.92 -2.88
N LEU A 178 2.14 17.96 -2.79
CA LEU A 178 2.91 16.82 -2.32
C LEU A 178 3.03 16.82 -0.80
N GLY A 179 3.09 18.01 -0.22
CA GLY A 179 3.19 18.13 1.23
C GLY A 179 4.63 18.17 1.69
N ASN A 180 4.83 18.01 3.01
CA ASN A 180 6.17 18.02 3.58
C ASN A 180 7.08 17.04 2.86
N VAL A 181 8.09 17.58 2.16
CA VAL A 181 9.03 16.76 1.42
C VAL A 181 10.39 16.75 2.10
N ALA A 182 10.40 16.84 3.43
CA ALA A 182 11.64 16.84 4.19
C ALA A 182 12.48 15.62 3.87
N ASP A 183 11.84 14.47 3.77
CA ASP A 183 12.53 13.23 3.46
C ASP A 183 12.08 12.66 2.11
N ALA A 184 11.83 13.55 1.16
CA ALA A 184 11.37 13.13 -0.17
C ALA A 184 12.22 13.79 -1.25
N TYR A 185 12.14 13.25 -2.47
CA TYR A 185 12.90 13.78 -3.59
C TYR A 185 11.97 14.34 -4.67
N VAL A 186 11.69 15.62 -4.59
CA VAL A 186 10.82 16.28 -5.56
C VAL A 186 11.47 16.37 -6.93
N ASN A 187 12.80 16.30 -6.94
CA ASN A 187 13.56 16.37 -8.19
C ASN A 187 13.58 15.01 -8.89
N GLU A 188 13.44 13.95 -8.11
CA GLU A 188 13.44 12.60 -8.66
C GLU A 188 12.01 12.09 -8.84
N TRP A 189 11.08 12.67 -8.09
CA TRP A 189 9.68 12.27 -8.17
C TRP A 189 9.19 12.27 -9.62
N SER A 190 9.31 13.43 -10.26
CA SER A 190 8.87 13.56 -11.65
C SER A 190 9.48 12.47 -12.53
N THR A 191 10.73 12.11 -12.22
CA THR A 191 11.42 11.07 -12.98
C THR A 191 10.86 9.69 -12.67
N SER A 192 10.40 9.51 -11.43
CA SER A 192 9.84 8.23 -11.01
C SER A 192 8.51 7.96 -11.71
N ILE A 193 7.60 8.93 -11.62
CA ILE A 193 6.29 8.79 -12.24
C ILE A 193 6.40 8.48 -13.72
N GLU A 194 7.35 9.15 -14.39
CA GLU A 194 7.56 8.93 -15.81
C GLU A 194 7.96 7.49 -16.10
N ASN A 195 8.43 6.80 -15.06
CA ASN A 195 8.84 5.41 -15.20
C ASN A 195 7.69 4.46 -14.85
N VAL A 196 6.75 4.95 -14.05
CA VAL A 196 5.60 4.15 -13.65
C VAL A 196 4.48 4.23 -14.70
N LEU A 197 4.46 5.33 -15.44
CA LEU A 197 3.44 5.52 -16.47
C LEU A 197 3.91 4.95 -17.81
N LYS A 198 5.23 4.87 -17.98
CA LYS A 198 5.80 4.34 -19.22
C LYS A 198 5.82 2.82 -19.20
N ARG A 199 5.96 2.25 -18.00
CA ARG A 199 5.99 0.80 -17.85
C ARG A 199 4.61 0.20 -18.05
N TYR A 200 3.58 0.98 -17.74
CA TYR A 200 2.21 0.53 -17.89
C TYR A 200 1.31 1.66 -18.39
N ARG A 201 0.74 1.46 -19.58
CA ARG A 201 -0.14 2.45 -20.18
C ARG A 201 -1.54 1.89 -20.41
N ASN A 202 -1.90 0.89 -19.61
CA ASN A 202 -3.21 0.26 -19.72
C ASN A 202 -3.82 0.04 -18.34
N ILE A 203 -3.37 0.81 -17.36
CA ILE A 203 -3.88 0.70 -16.00
C ILE A 203 -5.40 0.77 -15.98
N ASN A 204 -6.00 0.04 -15.03
CA ASN A 204 -7.46 0.02 -14.90
C ASN A 204 -7.90 0.80 -13.67
N ALA A 205 -7.01 0.90 -12.69
CA ALA A 205 -7.31 1.63 -11.46
C ALA A 205 -6.05 1.94 -10.67
N VAL A 206 -5.92 3.18 -10.23
CA VAL A 206 -4.75 3.60 -9.46
C VAL A 206 -5.13 3.95 -8.03
N VAL A 207 -4.48 3.30 -7.07
CA VAL A 207 -4.75 3.55 -5.66
C VAL A 207 -3.60 4.31 -5.01
N PRO A 208 -3.82 5.60 -4.76
CA PRO A 208 -2.82 6.47 -4.13
C PRO A 208 -2.59 6.13 -2.66
N GLY A 209 -1.67 6.86 -2.03
CA GLY A 209 -1.37 6.61 -0.64
C GLY A 209 -2.33 7.31 0.30
N HIS A 210 -2.88 8.44 -0.15
CA HIS A 210 -3.83 9.20 0.65
C HIS A 210 -4.92 9.81 -0.22
N GLY A 211 -6.14 9.33 -0.04
CA GLY A 211 -7.26 9.84 -0.82
C GLY A 211 -8.22 8.75 -1.25
N GLU A 212 -8.27 8.47 -2.54
CA GLU A 212 -9.17 7.45 -3.07
C GLU A 212 -8.64 6.90 -4.40
N VAL A 213 -9.21 5.78 -4.84
CA VAL A 213 -8.80 5.16 -6.09
C VAL A 213 -9.29 5.96 -7.28
N GLY A 214 -8.53 5.91 -8.38
CA GLY A 214 -8.91 6.64 -9.58
C GLY A 214 -8.51 5.91 -10.85
N ASP A 215 -7.50 6.43 -11.54
CA ASP A 215 -7.02 5.82 -12.77
C ASP A 215 -5.59 6.24 -13.08
N LYS A 216 -5.10 5.87 -14.25
CA LYS A 216 -3.74 6.20 -14.65
C LYS A 216 -3.52 7.72 -14.61
N GLY A 217 -4.61 8.47 -14.67
CA GLY A 217 -4.52 9.91 -14.64
C GLY A 217 -3.76 10.42 -13.42
N LEU A 218 -3.88 9.69 -12.32
CA LEU A 218 -3.20 10.07 -11.08
C LEU A 218 -1.71 10.35 -11.33
N LEU A 219 -1.07 9.45 -12.06
CA LEU A 219 0.35 9.59 -12.37
C LEU A 219 0.62 10.94 -13.04
N LEU A 220 -0.24 11.31 -13.99
CA LEU A 220 -0.09 12.57 -14.70
C LEU A 220 -0.30 13.75 -13.76
N HIS A 221 -1.30 13.64 -12.90
CA HIS A 221 -1.61 14.71 -11.94
C HIS A 221 -0.43 14.96 -11.01
N THR A 222 0.25 13.88 -10.62
CA THR A 222 1.40 13.98 -9.73
C THR A 222 2.41 15.01 -10.25
N LEU A 223 2.69 14.95 -11.54
CA LEU A 223 3.64 15.87 -12.17
C LEU A 223 3.20 17.32 -11.96
N ASP A 224 1.90 17.56 -12.07
CA ASP A 224 1.35 18.90 -11.89
C ASP A 224 1.67 19.44 -10.51
N LEU A 225 1.62 18.56 -9.51
CA LEU A 225 1.91 18.94 -8.13
C LEU A 225 3.38 19.31 -7.95
N LEU A 226 4.23 18.74 -8.80
CA LEU A 226 5.66 19.01 -8.75
C LEU A 226 6.02 20.25 -9.56
N LYS A 227 5.40 20.38 -10.73
CA LYS A 227 5.65 21.53 -11.60
C LYS A 227 4.78 22.72 -11.19
N SER A 1 -19.58 -24.44 -1.99
CA SER A 1 -20.71 -24.51 -1.08
C SER A 1 -20.64 -23.40 -0.03
N GLN A 2 -20.47 -22.17 -0.50
CA GLN A 2 -20.38 -21.01 0.40
C GLN A 2 -21.05 -19.79 -0.22
N LYS A 3 -21.92 -19.15 0.55
CA LYS A 3 -22.63 -17.97 0.07
C LYS A 3 -21.77 -16.71 0.25
N VAL A 4 -22.28 -15.59 -0.25
CA VAL A 4 -21.56 -14.33 -0.14
C VAL A 4 -22.45 -13.16 -0.55
N GLU A 5 -22.24 -12.01 0.10
CA GLU A 5 -23.03 -10.81 -0.20
C GLU A 5 -22.49 -9.61 0.56
N LYS A 6 -22.95 -8.42 0.18
CA LYS A 6 -22.52 -7.19 0.83
C LYS A 6 -21.01 -6.96 0.62
N THR A 7 -20.58 -5.72 0.79
CA THR A 7 -19.17 -5.37 0.63
C THR A 7 -18.79 -4.22 1.53
N VAL A 8 -17.53 -3.80 1.45
CA VAL A 8 -17.02 -2.70 2.27
C VAL A 8 -17.15 -3.00 3.75
N ILE A 9 -16.05 -3.43 4.36
CA ILE A 9 -16.04 -3.76 5.78
C ILE A 9 -15.60 -2.55 6.62
N LYS A 10 -16.05 -2.53 7.87
CA LYS A 10 -15.71 -1.44 8.78
C LYS A 10 -15.63 -1.93 10.21
N ASN A 11 -15.01 -1.12 11.08
CA ASN A 11 -14.88 -1.48 12.49
C ASN A 11 -16.01 -0.88 13.32
N GLU A 12 -15.87 -0.94 14.64
CA GLU A 12 -16.88 -0.40 15.55
C GLU A 12 -16.79 1.12 15.61
N THR A 13 -15.62 1.66 15.27
CA THR A 13 -15.41 3.10 15.29
C THR A 13 -15.42 3.68 13.87
N GLY A 14 -14.88 2.91 12.92
CA GLY A 14 -14.86 3.36 11.55
C GLY A 14 -13.47 3.82 11.12
N THR A 15 -12.54 3.83 12.07
CA THR A 15 -11.17 4.26 11.79
C THR A 15 -10.61 3.54 10.57
N ILE A 16 -11.02 2.28 10.39
CA ILE A 16 -10.55 1.48 9.27
C ILE A 16 -11.72 0.89 8.49
N SER A 17 -11.47 0.51 7.24
CA SER A 17 -12.51 -0.07 6.41
C SER A 17 -11.93 -0.51 5.06
N ILE A 18 -12.71 -1.30 4.32
CA ILE A 18 -12.28 -1.78 3.02
C ILE A 18 -13.35 -1.53 1.95
N SER A 19 -13.08 -2.01 0.74
CA SER A 19 -14.03 -1.83 -0.37
C SER A 19 -13.63 -2.70 -1.56
N GLN A 20 -14.59 -3.46 -2.07
CA GLN A 20 -14.34 -4.33 -3.22
C GLN A 20 -14.00 -3.53 -4.46
N LEU A 21 -12.81 -3.76 -5.01
CA LEU A 21 -12.37 -3.05 -6.21
C LEU A 21 -12.48 -3.95 -7.44
N ASN A 22 -11.99 -5.17 -7.32
CA ASN A 22 -12.05 -6.12 -8.43
C ASN A 22 -12.18 -7.55 -7.91
N LYS A 23 -13.20 -7.79 -7.09
CA LYS A 23 -13.44 -9.11 -6.53
C LYS A 23 -12.34 -9.50 -5.55
N ASN A 24 -11.20 -9.91 -6.09
CA ASN A 24 -10.06 -10.32 -5.27
C ASN A 24 -9.24 -9.10 -4.85
N VAL A 25 -9.41 -7.99 -5.57
CA VAL A 25 -8.69 -6.76 -5.26
C VAL A 25 -9.55 -5.81 -4.43
N TRP A 26 -9.08 -5.50 -3.23
CA TRP A 26 -9.80 -4.60 -2.34
C TRP A 26 -8.92 -3.44 -1.91
N VAL A 27 -9.55 -2.36 -1.47
CA VAL A 27 -8.82 -1.18 -1.02
C VAL A 27 -9.17 -0.83 0.43
N HIS A 28 -8.22 -1.04 1.33
CA HIS A 28 -8.44 -0.74 2.75
C HIS A 28 -7.74 0.56 3.13
N THR A 29 -8.42 1.36 3.94
CA THR A 29 -7.86 2.63 4.40
C THR A 29 -8.09 2.84 5.88
N GLU A 30 -7.05 3.25 6.59
CA GLU A 30 -7.15 3.49 8.02
C GLU A 30 -6.71 4.91 8.38
N LEU A 31 -6.86 5.26 9.65
CA LEU A 31 -6.49 6.60 10.12
C LEU A 31 -5.44 6.51 11.21
N GLY A 32 -4.56 7.52 11.28
CA GLY A 32 -3.52 7.54 12.28
C GLY A 32 -3.39 8.89 12.96
N SER A 33 -2.19 9.46 12.87
CA SER A 33 -1.93 10.77 13.47
C SER A 33 -0.99 11.60 12.60
N PHE A 34 -1.14 12.92 12.67
CA PHE A 34 -0.31 13.83 11.89
C PHE A 34 -0.55 15.27 12.30
N ASN A 35 0.43 15.87 12.98
CA ASN A 35 0.33 17.24 13.43
C ASN A 35 -0.97 17.47 14.19
N GLY A 36 -1.20 16.64 15.20
CA GLY A 36 -2.42 16.76 15.99
C GLY A 36 -3.67 16.56 15.17
N GLU A 37 -3.55 15.81 14.09
CA GLU A 37 -4.69 15.54 13.21
C GLU A 37 -4.53 14.20 12.51
N ALA A 38 -5.50 13.31 12.72
CA ALA A 38 -5.46 11.99 12.10
C ALA A 38 -5.27 12.09 10.59
N VAL A 39 -4.45 11.20 10.05
CA VAL A 39 -4.18 11.18 8.61
C VAL A 39 -4.50 9.83 8.00
N PRO A 40 -5.33 9.83 6.95
CA PRO A 40 -5.73 8.61 6.25
C PRO A 40 -4.58 7.98 5.48
N SER A 41 -4.54 6.64 5.46
CA SER A 41 -3.49 5.92 4.76
C SER A 41 -4.08 4.85 3.85
N ASN A 42 -4.27 5.19 2.59
CA ASN A 42 -4.83 4.24 1.62
C ASN A 42 -4.06 2.92 1.63
N GLY A 43 -4.68 1.89 1.08
CA GLY A 43 -4.05 0.58 1.04
C GLY A 43 -4.71 -0.36 0.05
N LEU A 44 -4.45 -1.65 0.19
CA LEU A 44 -5.02 -2.66 -0.69
C LEU A 44 -4.91 -4.05 -0.07
N VAL A 45 -5.89 -4.89 -0.38
CA VAL A 45 -5.90 -6.26 0.14
C VAL A 45 -6.15 -7.27 -0.98
N LEU A 46 -5.43 -8.37 -0.95
CA LEU A 46 -5.57 -9.43 -1.95
C LEU A 46 -6.32 -10.62 -1.38
N ASN A 47 -7.25 -11.17 -2.17
CA ASN A 47 -8.03 -12.32 -1.74
C ASN A 47 -7.64 -13.56 -2.54
N THR A 48 -6.45 -14.09 -2.26
CA THR A 48 -5.96 -15.28 -2.94
C THR A 48 -6.59 -16.55 -2.37
N SER A 49 -6.11 -17.70 -2.83
CA SER A 49 -6.62 -18.98 -2.36
C SER A 49 -5.61 -19.67 -1.45
N LYS A 50 -4.78 -18.88 -0.78
CA LYS A 50 -3.77 -19.42 0.12
C LYS A 50 -3.41 -18.39 1.20
N GLY A 51 -4.34 -17.49 1.49
CA GLY A 51 -4.10 -16.47 2.50
C GLY A 51 -4.15 -15.06 1.93
N LEU A 52 -4.79 -14.16 2.66
CA LEU A 52 -4.91 -12.77 2.21
C LEU A 52 -3.56 -12.08 2.25
N VAL A 53 -3.48 -10.92 1.58
CA VAL A 53 -2.23 -10.15 1.55
C VAL A 53 -2.51 -8.66 1.65
N LEU A 54 -1.62 -7.95 2.33
CA LEU A 54 -1.77 -6.51 2.51
C LEU A 54 -0.65 -5.75 1.80
N VAL A 55 -1.02 -4.75 1.02
CA VAL A 55 -0.04 -3.94 0.28
C VAL A 55 0.59 -2.90 1.19
N ASP A 56 0.15 -2.86 2.45
CA ASP A 56 0.68 -1.91 3.41
C ASP A 56 -0.01 -2.07 4.77
N SER A 57 0.79 -2.16 5.83
CA SER A 57 0.26 -2.32 7.17
C SER A 57 -0.50 -1.07 7.61
N SER A 58 -0.81 -1.00 8.90
CA SER A 58 -1.53 0.14 9.45
C SER A 58 -0.57 1.16 10.03
N TRP A 59 -1.12 2.18 10.70
CA TRP A 59 -0.31 3.23 11.30
C TRP A 59 0.42 2.71 12.53
N ASP A 60 -0.30 1.98 13.38
CA ASP A 60 0.28 1.42 14.59
C ASP A 60 -0.08 -0.05 14.76
N ASP A 61 0.79 -0.80 15.41
CA ASP A 61 0.56 -2.23 15.63
C ASP A 61 -0.79 -2.47 16.30
N LYS A 62 -1.21 -1.50 17.11
CA LYS A 62 -2.49 -1.60 17.82
C LYS A 62 -3.65 -1.31 16.88
N LEU A 63 -3.39 -0.52 15.85
CA LEU A 63 -4.42 -0.17 14.87
C LEU A 63 -4.63 -1.29 13.88
N THR A 64 -3.54 -1.83 13.35
CA THR A 64 -3.60 -2.92 12.39
C THR A 64 -4.39 -4.11 12.94
N LYS A 65 -4.43 -4.22 14.27
CA LYS A 65 -5.15 -5.30 14.92
C LYS A 65 -6.61 -5.33 14.48
N GLU A 66 -7.22 -4.16 14.41
CA GLU A 66 -8.62 -4.06 13.99
C GLU A 66 -8.74 -4.08 12.47
N LEU A 67 -7.59 -4.11 11.79
CA LEU A 67 -7.57 -4.13 10.33
C LEU A 67 -7.47 -5.57 9.83
N ILE A 68 -6.58 -6.35 10.42
CA ILE A 68 -6.38 -7.73 10.03
C ILE A 68 -7.59 -8.58 10.42
N GLU A 69 -8.21 -8.25 11.54
CA GLU A 69 -9.38 -8.98 12.03
C GLU A 69 -10.57 -8.78 11.09
N MET A 70 -10.45 -7.82 10.19
CA MET A 70 -11.52 -7.53 9.23
C MET A 70 -11.42 -8.45 8.02
N VAL A 71 -10.29 -8.38 7.32
CA VAL A 71 -10.08 -9.20 6.13
C VAL A 71 -10.27 -10.69 6.45
N GLU A 72 -9.85 -11.09 7.65
CA GLU A 72 -9.98 -12.47 8.08
C GLU A 72 -11.34 -12.72 8.74
N LYS A 73 -12.40 -12.28 8.07
CA LYS A 73 -13.75 -12.45 8.58
C LYS A 73 -14.73 -12.73 7.45
N LYS A 74 -14.58 -12.01 6.34
CA LYS A 74 -15.44 -12.18 5.18
C LYS A 74 -14.74 -12.99 4.09
N PHE A 75 -13.41 -12.95 4.10
CA PHE A 75 -12.63 -13.69 3.11
C PHE A 75 -12.31 -15.10 3.61
N GLN A 76 -12.97 -15.50 4.69
CA GLN A 76 -12.76 -16.83 5.26
C GLN A 76 -11.32 -17.28 5.07
N LYS A 77 -10.38 -16.39 5.37
CA LYS A 77 -8.96 -16.71 5.23
C LYS A 77 -8.12 -15.93 6.25
N ARG A 78 -6.81 -16.10 6.18
CA ARG A 78 -5.91 -15.42 7.10
C ARG A 78 -4.81 -14.69 6.34
N VAL A 79 -4.33 -13.57 6.89
CA VAL A 79 -3.28 -12.79 6.27
C VAL A 79 -1.91 -13.31 6.64
N THR A 80 -1.09 -13.58 5.62
CA THR A 80 0.26 -14.08 5.85
C THR A 80 1.26 -13.42 4.90
N ASP A 81 0.93 -12.22 4.43
CA ASP A 81 1.78 -11.49 3.52
C ASP A 81 1.55 -9.98 3.63
N VAL A 82 2.62 -9.21 3.72
CA VAL A 82 2.53 -7.77 3.83
C VAL A 82 3.60 -7.08 3.00
N ILE A 83 3.20 -6.56 1.84
CA ILE A 83 4.13 -5.88 0.95
C ILE A 83 4.39 -4.45 1.43
N ILE A 84 5.64 -4.19 1.79
CA ILE A 84 6.03 -2.86 2.27
C ILE A 84 6.81 -2.10 1.19
N THR A 85 6.30 -0.94 0.82
CA THR A 85 6.94 -0.11 -0.20
C THR A 85 8.12 0.66 0.39
N HIS A 86 7.85 1.47 1.41
CA HIS A 86 8.89 2.26 2.06
C HIS A 86 8.88 2.03 3.56
N ALA A 87 9.72 2.78 4.28
CA ALA A 87 9.80 2.67 5.73
C ALA A 87 9.09 3.84 6.42
N HIS A 88 7.87 3.59 6.87
CA HIS A 88 7.09 4.62 7.54
C HIS A 88 6.08 4.00 8.50
N ALA A 89 5.61 4.79 9.46
CA ALA A 89 4.66 4.31 10.44
C ALA A 89 3.38 3.82 9.77
N ASP A 90 3.13 4.30 8.55
CA ASP A 90 1.95 3.90 7.80
C ASP A 90 2.26 2.70 6.91
N ARG A 91 3.47 2.18 7.02
CA ARG A 91 3.89 1.03 6.22
C ARG A 91 4.24 -0.15 7.12
N ILE A 92 5.11 0.08 8.09
CA ILE A 92 5.53 -0.96 9.01
C ILE A 92 5.07 -0.65 10.43
N GLY A 93 4.08 0.22 10.55
CA GLY A 93 3.56 0.58 11.86
C GLY A 93 3.19 -0.63 12.69
N GLY A 94 2.80 -1.71 12.02
CA GLY A 94 2.43 -2.92 12.72
C GLY A 94 3.41 -4.05 12.51
N ILE A 95 4.64 -3.69 12.14
CA ILE A 95 5.68 -4.68 11.90
C ILE A 95 5.70 -5.73 13.01
N LYS A 96 5.36 -5.32 14.22
CA LYS A 96 5.34 -6.22 15.37
C LYS A 96 4.26 -7.28 15.21
N THR A 97 3.02 -6.83 14.98
CA THR A 97 1.90 -7.73 14.82
C THR A 97 2.16 -8.73 13.69
N LEU A 98 2.75 -8.23 12.60
CA LEU A 98 3.05 -9.08 11.45
C LEU A 98 3.97 -10.23 11.84
N LYS A 99 4.88 -9.96 12.77
CA LYS A 99 5.82 -10.98 13.25
C LYS A 99 5.29 -11.67 14.49
N GLU A 100 3.98 -11.56 14.72
CA GLU A 100 3.35 -12.19 15.88
C GLU A 100 2.32 -13.23 15.45
N ARG A 101 1.77 -13.05 14.24
CA ARG A 101 0.77 -13.97 13.71
C ARG A 101 1.37 -14.85 12.62
N GLY A 102 2.69 -14.75 12.44
CA GLY A 102 3.36 -15.54 11.43
C GLY A 102 3.34 -14.87 10.05
N ILE A 103 3.00 -13.58 10.04
CA ILE A 103 2.95 -12.83 8.80
C ILE A 103 4.35 -12.38 8.37
N LYS A 104 4.51 -12.17 7.06
CA LYS A 104 5.80 -11.74 6.52
C LYS A 104 5.67 -10.37 5.85
N ALA A 105 6.43 -9.40 6.36
CA ALA A 105 6.40 -8.05 5.82
C ALA A 105 7.44 -7.88 4.72
N HIS A 106 7.09 -8.33 3.51
CA HIS A 106 8.00 -8.22 2.38
C HIS A 106 8.46 -6.79 2.18
N SER A 107 9.69 -6.62 1.70
CA SER A 107 10.25 -5.30 1.46
C SER A 107 11.68 -5.40 0.92
N THR A 108 12.13 -4.34 0.25
CA THR A 108 13.46 -4.32 -0.32
C THR A 108 14.51 -3.94 0.73
N ALA A 109 15.75 -4.31 0.47
CA ALA A 109 16.84 -4.01 1.39
C ALA A 109 16.86 -2.53 1.75
N LEU A 110 16.59 -1.68 0.78
CA LEU A 110 16.58 -0.23 0.99
C LEU A 110 15.44 0.16 1.93
N THR A 111 14.28 -0.46 1.73
CA THR A 111 13.11 -0.17 2.56
C THR A 111 13.42 -0.38 4.04
N ALA A 112 14.14 -1.45 4.35
CA ALA A 112 14.51 -1.75 5.72
C ALA A 112 15.58 -0.81 6.23
N GLU A 113 16.33 -0.22 5.30
CA GLU A 113 17.40 0.71 5.66
C GLU A 113 16.87 1.87 6.48
N LEU A 114 15.70 2.37 6.09
CA LEU A 114 15.07 3.49 6.80
C LEU A 114 14.27 2.99 8.00
N ALA A 115 13.79 1.75 7.91
CA ALA A 115 13.02 1.16 9.00
C ALA A 115 13.78 1.22 10.32
N LYS A 116 14.84 0.44 10.41
CA LYS A 116 15.66 0.39 11.61
C LYS A 116 16.15 1.80 11.99
N LYS A 117 16.26 2.65 10.99
CA LYS A 117 16.72 4.03 11.21
C LYS A 117 15.73 4.78 12.09
N ASN A 118 14.47 4.35 12.10
CA ASN A 118 13.44 4.99 12.90
C ASN A 118 13.30 4.30 14.25
N GLY A 119 13.41 2.98 14.26
CA GLY A 119 13.29 2.23 15.49
C GLY A 119 12.45 0.97 15.33
N TYR A 120 11.84 0.82 14.15
CA TYR A 120 11.00 -0.33 13.88
C TYR A 120 11.79 -1.63 14.00
N GLU A 121 11.17 -2.74 13.62
CA GLU A 121 11.82 -4.04 13.69
C GLU A 121 12.40 -4.44 12.33
N GLU A 122 12.19 -3.59 11.34
CA GLU A 122 12.69 -3.84 10.00
C GLU A 122 11.98 -5.04 9.38
N PRO A 123 11.48 -4.87 8.14
CA PRO A 123 10.78 -5.93 7.41
C PRO A 123 11.72 -7.05 6.98
N LEU A 124 11.21 -7.93 6.13
CA LEU A 124 12.00 -9.06 5.63
C LEU A 124 13.33 -8.58 5.07
N GLY A 125 13.27 -7.53 4.25
CA GLY A 125 14.47 -6.99 3.64
C GLY A 125 15.17 -7.99 2.73
N ASP A 126 14.45 -8.46 1.73
CA ASP A 126 15.00 -9.43 0.78
C ASP A 126 14.32 -9.31 -0.58
N LEU A 127 14.26 -8.09 -1.10
CA LEU A 127 13.63 -7.83 -2.39
C LEU A 127 14.56 -7.02 -3.29
N GLN A 128 14.07 -6.68 -4.48
CA GLN A 128 14.84 -5.89 -5.44
C GLN A 128 13.95 -4.93 -6.21
N THR A 129 14.50 -4.34 -7.26
CA THR A 129 13.75 -3.39 -8.08
C THR A 129 12.40 -3.97 -8.48
N VAL A 130 12.40 -5.22 -8.91
CA VAL A 130 11.17 -5.89 -9.33
C VAL A 130 11.15 -7.34 -8.88
N THR A 131 9.97 -7.83 -8.48
CA THR A 131 9.83 -9.20 -8.02
C THR A 131 8.43 -9.73 -8.33
N ASN A 132 8.35 -10.67 -9.26
CA ASN A 132 7.07 -11.26 -9.65
C ASN A 132 6.54 -12.18 -8.54
N LEU A 133 5.63 -11.66 -7.74
CA LEU A 133 5.04 -12.43 -6.65
C LEU A 133 3.81 -13.19 -7.12
N LYS A 134 3.55 -14.34 -6.50
CA LYS A 134 2.39 -15.16 -6.86
C LYS A 134 1.88 -15.92 -5.64
N PHE A 135 0.71 -15.52 -5.15
CA PHE A 135 0.10 -16.18 -3.99
C PHE A 135 -1.17 -16.92 -4.39
N GLY A 136 -1.12 -18.25 -4.29
CA GLY A 136 -2.28 -19.06 -4.64
C GLY A 136 -2.77 -18.78 -6.06
N ASN A 137 -3.83 -18.00 -6.16
CA ASN A 137 -4.42 -17.66 -7.45
C ASN A 137 -4.40 -16.15 -7.67
N MET A 138 -3.22 -15.55 -7.55
CA MET A 138 -3.06 -14.11 -7.74
C MET A 138 -1.76 -13.78 -8.46
N LYS A 139 -1.73 -12.64 -9.13
CA LYS A 139 -0.53 -12.22 -9.84
C LYS A 139 -0.10 -10.82 -9.41
N VAL A 140 1.12 -10.73 -8.88
CA VAL A 140 1.66 -9.46 -8.42
C VAL A 140 3.10 -9.28 -8.86
N GLU A 141 3.57 -8.03 -8.87
CA GLU A 141 4.94 -7.74 -9.26
C GLU A 141 5.34 -6.33 -8.81
N THR A 142 6.43 -6.25 -8.04
CA THR A 142 6.92 -4.98 -7.54
C THR A 142 7.57 -4.17 -8.65
N PHE A 143 8.02 -2.96 -8.31
CA PHE A 143 8.66 -2.08 -9.28
C PHE A 143 9.24 -0.85 -8.60
N TYR A 144 10.47 -0.50 -8.97
CA TYR A 144 11.14 0.66 -8.39
C TYR A 144 11.43 1.71 -9.45
N PRO A 145 10.49 2.66 -9.62
CA PRO A 145 10.61 3.74 -10.60
C PRO A 145 11.70 4.74 -10.21
N GLY A 146 11.66 5.19 -8.96
CA GLY A 146 12.65 6.15 -8.50
C GLY A 146 12.32 6.70 -7.13
N LYS A 147 13.06 7.73 -6.71
CA LYS A 147 12.84 8.35 -5.40
C LYS A 147 11.72 9.38 -5.48
N GLY A 148 10.72 9.22 -4.62
CA GLY A 148 9.60 10.16 -4.60
C GLY A 148 9.21 10.56 -3.20
N HIS A 149 8.34 9.77 -2.58
CA HIS A 149 7.87 10.05 -1.22
C HIS A 149 8.92 9.64 -0.20
N THR A 150 9.73 8.64 -0.55
CA THR A 150 10.77 8.16 0.35
C THR A 150 11.98 7.66 -0.43
N GLU A 151 13.12 7.59 0.23
CA GLU A 151 14.36 7.15 -0.41
C GLU A 151 14.24 5.69 -0.84
N ASP A 152 13.34 4.96 -0.19
CA ASP A 152 13.14 3.54 -0.50
C ASP A 152 11.67 3.27 -0.82
N ASN A 153 11.11 4.05 -1.75
CA ASN A 153 9.71 3.89 -2.13
C ASN A 153 9.60 3.10 -3.44
N ILE A 154 8.51 2.35 -3.58
CA ILE A 154 8.28 1.56 -4.78
C ILE A 154 6.79 1.46 -5.09
N VAL A 155 6.48 1.08 -6.33
CA VAL A 155 5.09 0.94 -6.76
C VAL A 155 4.72 -0.53 -6.96
N VAL A 156 3.52 -0.89 -6.54
CA VAL A 156 3.05 -2.27 -6.67
C VAL A 156 2.24 -2.45 -7.96
N TRP A 157 2.60 -3.46 -8.73
CA TRP A 157 1.91 -3.73 -9.99
C TRP A 157 1.23 -5.09 -9.95
N LEU A 158 0.14 -5.23 -10.69
CA LEU A 158 -0.61 -6.48 -10.74
C LEU A 158 -0.81 -6.94 -12.18
N PRO A 159 0.06 -7.85 -12.64
CA PRO A 159 -0.01 -8.39 -14.01
C PRO A 159 -1.22 -9.30 -14.21
N GLN A 160 -2.41 -8.69 -14.24
CA GLN A 160 -3.64 -9.44 -14.43
C GLN A 160 -4.85 -8.51 -14.42
N TYR A 161 -4.78 -7.46 -13.61
CA TYR A 161 -5.86 -6.50 -13.49
C TYR A 161 -5.41 -5.10 -13.92
N ASN A 162 -4.09 -4.94 -14.07
CA ASN A 162 -3.52 -3.66 -14.48
C ASN A 162 -3.71 -2.62 -13.38
N ILE A 163 -3.90 -3.08 -12.15
CA ILE A 163 -4.09 -2.18 -11.02
C ILE A 163 -2.75 -1.76 -10.43
N LEU A 164 -2.46 -0.47 -10.51
CA LEU A 164 -1.21 0.07 -9.98
C LEU A 164 -1.43 0.71 -8.61
N VAL A 165 -0.68 0.22 -7.62
CA VAL A 165 -0.79 0.74 -6.27
C VAL A 165 0.53 1.37 -5.81
N GLY A 166 0.83 2.55 -6.35
CA GLY A 166 2.06 3.23 -5.99
C GLY A 166 2.08 3.64 -4.53
N GLY A 167 0.98 4.21 -4.06
CA GLY A 167 0.90 4.64 -2.68
C GLY A 167 1.10 6.13 -2.51
N CYS A 168 1.97 6.52 -1.60
CA CYS A 168 2.25 7.93 -1.35
C CYS A 168 2.87 8.58 -2.58
N LEU A 169 3.47 7.77 -3.43
CA LEU A 169 4.10 8.27 -4.65
C LEU A 169 3.06 8.88 -5.60
N VAL A 170 2.00 8.12 -5.84
CA VAL A 170 0.93 8.59 -6.73
C VAL A 170 -0.18 9.27 -5.94
N LYS A 171 -0.33 10.58 -6.14
CA LYS A 171 -1.35 11.36 -5.45
C LYS A 171 -2.69 11.24 -6.16
N SER A 172 -3.77 11.43 -5.41
CA SER A 172 -5.11 11.34 -5.96
C SER A 172 -5.47 12.60 -6.74
N THR A 173 -6.49 12.51 -7.59
CA THR A 173 -6.93 13.64 -8.38
C THR A 173 -7.50 14.75 -7.50
N SER A 174 -8.00 14.36 -6.33
CA SER A 174 -8.59 15.31 -5.39
C SER A 174 -7.50 16.19 -4.75
N ALA A 175 -6.32 15.61 -4.60
CA ALA A 175 -5.19 16.33 -4.00
C ALA A 175 -4.79 17.52 -4.87
N LYS A 176 -3.90 18.36 -4.33
CA LYS A 176 -3.43 19.53 -5.06
C LYS A 176 -2.02 19.92 -4.61
N ASP A 177 -1.30 18.95 -4.06
CA ASP A 177 0.06 19.20 -3.59
C ASP A 177 0.71 17.90 -3.13
N LEU A 178 2.02 17.94 -2.89
CA LEU A 178 2.76 16.77 -2.45
C LEU A 178 2.87 16.74 -0.93
N GLY A 179 3.01 17.92 -0.32
CA GLY A 179 3.11 18.00 1.12
C GLY A 179 4.55 18.09 1.59
N ASN A 180 4.76 17.91 2.89
CA ASN A 180 6.10 17.97 3.46
C ASN A 180 7.07 17.06 2.70
N VAL A 181 8.12 17.65 2.15
CA VAL A 181 9.11 16.88 1.40
C VAL A 181 10.45 16.84 2.14
N ALA A 182 10.38 16.85 3.47
CA ALA A 182 11.58 16.81 4.30
C ALA A 182 12.42 15.57 3.99
N ASP A 183 11.74 14.44 3.83
CA ASP A 183 12.43 13.18 3.54
C ASP A 183 11.96 12.62 2.19
N ALA A 184 11.67 13.51 1.26
CA ALA A 184 11.22 13.10 -0.07
C ALA A 184 12.09 13.69 -1.16
N TYR A 185 11.98 13.15 -2.37
CA TYR A 185 12.76 13.63 -3.50
C TYR A 185 11.85 14.19 -4.60
N VAL A 186 11.61 15.50 -4.54
CA VAL A 186 10.76 16.15 -5.52
C VAL A 186 11.44 16.20 -6.89
N ASN A 187 12.77 16.13 -6.89
CA ASN A 187 13.54 16.17 -8.12
C ASN A 187 13.53 14.82 -8.81
N GLU A 188 13.36 13.75 -8.03
CA GLU A 188 13.33 12.40 -8.57
C GLU A 188 11.89 11.93 -8.77
N TRP A 189 10.97 12.51 -8.01
CA TRP A 189 9.56 12.15 -8.11
C TRP A 189 9.08 12.19 -9.55
N SER A 190 9.29 13.33 -10.21
CA SER A 190 8.87 13.50 -11.60
C SER A 190 9.42 12.37 -12.46
N THR A 191 10.61 11.89 -12.13
CA THR A 191 11.24 10.81 -12.88
C THR A 191 10.58 9.47 -12.57
N SER A 192 10.17 9.30 -11.32
CA SER A 192 9.52 8.06 -10.90
C SER A 192 8.17 7.88 -11.59
N ILE A 193 7.31 8.88 -11.44
CA ILE A 193 5.99 8.84 -12.06
C ILE A 193 6.08 8.57 -13.56
N GLU A 194 6.97 9.30 -14.22
CA GLU A 194 7.16 9.15 -15.66
C GLU A 194 7.55 7.71 -16.00
N ASN A 195 8.10 7.00 -15.02
CA ASN A 195 8.52 5.62 -15.22
C ASN A 195 7.39 4.66 -14.88
N VAL A 196 6.48 5.10 -14.01
CA VAL A 196 5.35 4.27 -13.61
C VAL A 196 4.21 4.36 -14.61
N LEU A 197 4.17 5.46 -15.36
CA LEU A 197 3.13 5.67 -16.35
C LEU A 197 3.61 5.25 -17.73
N LYS A 198 4.89 4.93 -17.84
CA LYS A 198 5.48 4.50 -19.10
C LYS A 198 5.91 3.04 -19.04
N ARG A 199 5.81 2.45 -17.86
CA ARG A 199 6.18 1.06 -17.66
C ARG A 199 5.01 0.13 -17.94
N TYR A 200 3.80 0.67 -17.82
CA TYR A 200 2.59 -0.11 -18.05
C TYR A 200 1.79 0.46 -19.21
N ARG A 201 1.35 1.71 -19.05
CA ARG A 201 0.57 2.38 -20.07
C ARG A 201 -0.73 1.63 -20.34
N ASN A 202 -1.20 0.90 -19.35
CA ASN A 202 -2.44 0.13 -19.48
C ASN A 202 -3.11 -0.04 -18.12
N ILE A 203 -2.78 0.85 -17.18
CA ILE A 203 -3.36 0.78 -15.84
C ILE A 203 -4.88 0.82 -15.90
N ASN A 204 -5.52 0.10 -14.98
CA ASN A 204 -6.98 0.04 -14.92
C ASN A 204 -7.51 0.84 -13.75
N ALA A 205 -6.73 0.89 -12.67
CA ALA A 205 -7.12 1.63 -11.48
C ALA A 205 -5.91 1.96 -10.61
N VAL A 206 -5.63 3.24 -10.43
CA VAL A 206 -4.50 3.69 -9.62
C VAL A 206 -4.94 4.01 -8.20
N VAL A 207 -4.28 3.37 -7.23
CA VAL A 207 -4.59 3.60 -5.82
C VAL A 207 -3.50 4.41 -5.13
N PRO A 208 -3.84 5.67 -4.81
CA PRO A 208 -2.91 6.60 -4.14
C PRO A 208 -2.63 6.18 -2.70
N GLY A 209 -1.95 7.06 -1.96
CA GLY A 209 -1.63 6.78 -0.58
C GLY A 209 -2.48 7.57 0.39
N HIS A 210 -2.99 8.71 -0.06
CA HIS A 210 -3.82 9.56 0.77
C HIS A 210 -4.90 10.26 -0.06
N GLY A 211 -6.00 9.56 -0.29
CA GLY A 211 -7.09 10.13 -1.07
C GLY A 211 -8.13 9.09 -1.46
N GLU A 212 -8.06 8.63 -2.71
CA GLU A 212 -9.01 7.64 -3.21
C GLU A 212 -8.56 7.09 -4.55
N VAL A 213 -8.86 5.82 -4.80
CA VAL A 213 -8.49 5.17 -6.05
C VAL A 213 -9.09 5.90 -7.25
N GLY A 214 -8.33 5.94 -8.34
CA GLY A 214 -8.81 6.61 -9.53
C GLY A 214 -8.40 5.90 -10.81
N ASP A 215 -7.38 6.43 -11.49
CA ASP A 215 -6.88 5.83 -12.72
C ASP A 215 -5.48 6.33 -13.04
N LYS A 216 -5.02 6.02 -14.25
CA LYS A 216 -3.68 6.43 -14.68
C LYS A 216 -3.53 7.95 -14.59
N GLY A 217 -4.66 8.65 -14.59
CA GLY A 217 -4.63 10.10 -14.50
C GLY A 217 -3.85 10.59 -13.30
N LEU A 218 -3.92 9.84 -12.21
CA LEU A 218 -3.21 10.21 -10.98
C LEU A 218 -1.75 10.52 -11.27
N LEU A 219 -1.09 9.63 -11.99
CA LEU A 219 0.32 9.80 -12.33
C LEU A 219 0.55 11.15 -13.00
N LEU A 220 -0.35 11.52 -13.90
CA LEU A 220 -0.26 12.79 -14.61
C LEU A 220 -0.46 13.97 -13.66
N HIS A 221 -1.44 13.83 -12.76
CA HIS A 221 -1.74 14.88 -11.78
C HIS A 221 -0.54 15.13 -10.87
N THR A 222 0.18 14.06 -10.55
CA THR A 222 1.35 14.16 -9.68
C THR A 222 2.38 15.12 -10.26
N LEU A 223 2.64 14.99 -11.56
CA LEU A 223 3.61 15.84 -12.23
C LEU A 223 3.25 17.32 -12.07
N ASP A 224 1.95 17.61 -12.12
CA ASP A 224 1.47 18.97 -11.98
C ASP A 224 1.86 19.56 -10.63
N LEU A 225 1.73 18.75 -9.57
CA LEU A 225 2.07 19.18 -8.23
C LEU A 225 3.56 19.52 -8.12
N LEU A 226 4.37 18.77 -8.85
CA LEU A 226 5.82 18.99 -8.85
C LEU A 226 6.19 20.17 -9.73
N LYS A 227 5.39 20.41 -10.76
CA LYS A 227 5.63 21.52 -11.68
C LYS A 227 5.43 22.86 -10.98
#